data_2RMN
#
_entry.id   2RMN
#
loop_
_entity.id
_entity.type
_entity.pdbx_description
1 polymer 'Tumor protein 63'
2 non-polymer 'ZINC ION'
#
_entity_poly.entity_id   1
_entity_poly.type   'polypeptide(L)'
_entity_poly.pdbx_seq_one_letter_code
;GSSTFDALSPSPAIPSNTDYPGPHSFDVSFQQSSTAKSATWTYSTELKKLYCQIAKTCPIQIKVMTPPPQGAVIRAMPVY
KKAEHVTEVVKRCPNHELSREFNEGQIAPPSHLIRVEGNSHAQYVEDPITGRQSVLVPYEPPQVGTEFTTVLYNFMCNSS
CVGGMNRRPILIIVTLETRDGQVLGRRCFEARICACPGRDRKADEDSIRKQQVSDSTKNGDAFRQNTHGIQMT
;
_entity_poly.pdbx_strand_id   A
#
loop_
_chem_comp.id
_chem_comp.type
_chem_comp.name
_chem_comp.formula
ZN non-polymer 'ZINC ION' 'Zn 2'
#
# COMPACT_ATOMS: atom_id res chain seq x y z
N GLY A 1 6.84 31.26 18.02
CA GLY A 1 5.44 31.09 18.49
C GLY A 1 5.40 30.00 19.57
N SER A 2 4.71 30.26 20.66
CA SER A 2 4.63 29.25 21.76
C SER A 2 3.55 28.21 21.45
N SER A 3 2.57 28.56 20.66
CA SER A 3 1.48 27.60 20.32
C SER A 3 2.06 26.35 19.66
N THR A 4 3.13 26.52 18.89
CA THR A 4 3.85 25.37 18.24
C THR A 4 2.89 24.30 17.69
N PHE A 5 1.82 24.73 17.07
CA PHE A 5 0.82 23.76 16.49
C PHE A 5 0.38 22.73 17.54
N ASP A 6 -0.36 21.74 17.14
CA ASP A 6 -0.85 20.69 18.10
C ASP A 6 -1.58 21.34 19.28
N ALA A 7 -2.43 22.29 19.01
CA ALA A 7 -3.19 22.96 20.10
C ALA A 7 -4.31 23.82 19.52
N LEU A 8 -5.55 23.46 19.80
CA LEU A 8 -6.71 24.22 19.24
C LEU A 8 -6.65 24.28 17.70
N SER A 9 -5.97 25.25 17.14
CA SER A 9 -5.90 25.36 15.65
C SER A 9 -4.46 25.69 15.21
N PRO A 10 -4.17 25.57 13.92
CA PRO A 10 -5.02 24.79 12.97
C PRO A 10 -4.98 23.31 13.32
N SER A 11 -6.02 22.58 12.98
CA SER A 11 -6.05 21.12 13.27
C SER A 11 -5.29 20.35 12.18
N PRO A 12 -4.63 19.27 12.57
CA PRO A 12 -3.84 18.48 11.58
C PRO A 12 -4.76 17.96 10.47
N ALA A 13 -4.25 17.87 9.27
CA ALA A 13 -5.07 17.32 8.14
C ALA A 13 -5.19 15.81 8.25
N ILE A 14 -6.31 15.26 7.87
CA ILE A 14 -6.52 13.78 7.98
C ILE A 14 -6.80 13.19 6.59
N PRO A 15 -5.80 12.60 5.97
CA PRO A 15 -6.00 12.02 4.63
C PRO A 15 -7.06 10.91 4.67
N SER A 16 -7.80 10.73 3.61
CA SER A 16 -8.86 9.68 3.58
C SER A 16 -8.55 8.62 2.51
N ASN A 17 -8.89 7.39 2.78
CA ASN A 17 -8.61 6.30 1.79
C ASN A 17 -9.84 6.03 0.92
N THR A 18 -10.69 7.02 0.75
CA THR A 18 -11.93 6.81 -0.07
C THR A 18 -11.58 6.69 -1.55
N ASP A 19 -12.00 5.62 -2.18
CA ASP A 19 -11.65 5.41 -3.62
C ASP A 19 -12.42 6.39 -4.51
N TYR A 20 -11.80 6.85 -5.57
CA TYR A 20 -12.48 7.78 -6.51
C TYR A 20 -11.89 7.65 -7.92
N PRO A 21 -12.55 6.91 -8.78
CA PRO A 21 -11.99 6.66 -10.14
C PRO A 21 -11.78 7.98 -10.89
N GLY A 22 -12.70 8.89 -10.76
CA GLY A 22 -12.55 10.22 -11.43
C GLY A 22 -12.82 10.08 -12.94
N PRO A 23 -12.27 10.97 -13.72
CA PRO A 23 -12.56 10.97 -15.18
C PRO A 23 -11.81 9.84 -15.89
N HIS A 24 -10.56 9.63 -15.54
CA HIS A 24 -9.73 8.64 -16.28
C HIS A 24 -9.89 7.23 -15.71
N SER A 25 -10.79 7.02 -14.78
CA SER A 25 -10.95 5.68 -14.13
C SER A 25 -9.60 5.19 -13.58
N PHE A 26 -9.04 5.92 -12.65
CA PHE A 26 -7.71 5.53 -12.08
C PHE A 26 -7.88 4.40 -11.07
N ASP A 27 -7.27 3.27 -11.33
CA ASP A 27 -7.41 2.10 -10.43
C ASP A 27 -6.04 1.53 -10.09
N VAL A 28 -5.95 0.76 -9.04
CA VAL A 28 -4.65 0.12 -8.67
C VAL A 28 -4.84 -1.39 -8.52
N SER A 29 -3.84 -2.15 -8.88
CA SER A 29 -3.92 -3.63 -8.73
C SER A 29 -2.51 -4.22 -8.61
N PHE A 30 -2.42 -5.41 -8.09
CA PHE A 30 -1.08 -6.04 -7.85
C PHE A 30 -1.02 -7.41 -8.50
N GLN A 31 -0.05 -7.64 -9.34
CA GLN A 31 -0.02 -8.92 -10.13
C GLN A 31 -0.04 -10.13 -9.20
N GLN A 32 -0.64 -11.21 -9.63
CA GLN A 32 -0.76 -12.42 -8.76
C GLN A 32 0.30 -13.46 -9.14
N SER A 33 0.79 -14.18 -8.18
CA SER A 33 1.82 -15.23 -8.46
C SER A 33 1.59 -16.45 -7.56
N SER A 34 2.17 -17.58 -7.90
CA SER A 34 2.00 -18.80 -7.07
C SER A 34 2.57 -18.55 -5.67
N THR A 35 2.12 -19.32 -4.70
CA THR A 35 2.63 -19.15 -3.31
C THR A 35 4.07 -19.65 -3.19
N ALA A 36 4.98 -19.02 -3.89
CA ALA A 36 6.40 -19.47 -3.86
C ALA A 36 7.03 -19.15 -2.50
N LYS A 37 8.01 -19.91 -2.10
CA LYS A 37 8.69 -19.64 -0.80
C LYS A 37 9.63 -18.45 -0.94
N SER A 38 9.92 -17.76 0.16
CA SER A 38 10.80 -16.55 0.10
C SER A 38 10.29 -15.55 -0.93
N ALA A 39 8.99 -15.53 -1.16
CA ALA A 39 8.42 -14.55 -2.13
C ALA A 39 8.70 -13.12 -1.67
N THR A 40 9.17 -12.29 -2.56
CA THR A 40 9.42 -10.86 -2.22
C THR A 40 8.11 -10.19 -1.78
N TRP A 41 7.01 -10.60 -2.36
CA TRP A 41 5.69 -10.00 -2.01
C TRP A 41 4.56 -10.78 -2.67
N THR A 42 3.45 -10.90 -1.98
CA THR A 42 2.30 -11.68 -2.53
C THR A 42 0.98 -10.98 -2.16
N TYR A 43 0.02 -11.00 -3.05
CA TYR A 43 -1.21 -10.18 -2.84
C TYR A 43 -2.46 -11.06 -2.94
N SER A 44 -3.42 -10.83 -2.08
CA SER A 44 -4.70 -11.59 -2.14
C SER A 44 -5.85 -10.66 -2.58
N THR A 45 -6.54 -11.02 -3.62
CA THR A 45 -7.63 -10.14 -4.14
C THR A 45 -8.83 -10.13 -3.18
N GLU A 46 -9.12 -11.26 -2.58
CA GLU A 46 -10.30 -11.36 -1.67
C GLU A 46 -10.18 -10.35 -0.52
N LEU A 47 -8.98 -10.13 -0.06
CA LEU A 47 -8.79 -9.23 1.12
C LEU A 47 -8.23 -7.86 0.68
N LYS A 48 -7.79 -7.73 -0.55
CA LYS A 48 -7.27 -6.42 -1.05
C LYS A 48 -6.08 -5.98 -0.19
N LYS A 49 -5.12 -6.83 -0.01
CA LYS A 49 -3.99 -6.53 0.93
C LYS A 49 -2.67 -7.12 0.40
N LEU A 50 -1.58 -6.53 0.76
CA LEU A 50 -0.25 -6.96 0.22
C LEU A 50 0.72 -7.26 1.37
N TYR A 51 1.46 -8.34 1.26
CA TYR A 51 2.53 -8.61 2.27
C TYR A 51 3.89 -8.57 1.57
N CYS A 52 4.86 -7.93 2.17
CA CYS A 52 6.18 -7.78 1.48
C CYS A 52 7.34 -7.99 2.48
N GLN A 53 8.50 -8.32 1.99
CA GLN A 53 9.70 -8.41 2.87
C GLN A 53 10.60 -7.20 2.67
N ILE A 54 11.22 -6.73 3.73
CA ILE A 54 12.01 -5.45 3.64
C ILE A 54 13.03 -5.48 2.50
N ALA A 55 13.28 -4.35 1.89
CA ALA A 55 14.32 -4.23 0.80
C ALA A 55 13.97 -5.07 -0.44
N LYS A 56 12.78 -5.60 -0.53
CA LYS A 56 12.37 -6.34 -1.77
C LYS A 56 11.57 -5.43 -2.70
N THR A 57 11.58 -5.72 -3.97
CA THR A 57 10.88 -4.85 -4.96
C THR A 57 9.39 -5.23 -5.06
N CYS A 58 8.51 -4.28 -4.88
CA CYS A 58 7.06 -4.54 -5.07
C CYS A 58 6.52 -3.72 -6.26
N PRO A 59 6.57 -4.28 -7.44
CA PRO A 59 5.96 -3.62 -8.62
C PRO A 59 4.44 -3.47 -8.42
N ILE A 60 3.92 -2.30 -8.65
CA ILE A 60 2.44 -2.08 -8.58
C ILE A 60 1.96 -1.47 -9.90
N GLN A 61 0.79 -1.84 -10.36
CA GLN A 61 0.30 -1.36 -11.68
C GLN A 61 -0.85 -0.37 -11.51
N ILE A 62 -0.82 0.72 -12.23
CA ILE A 62 -2.02 1.62 -12.32
C ILE A 62 -2.84 1.26 -13.56
N LYS A 63 -4.14 1.17 -13.43
CA LYS A 63 -5.00 0.92 -14.63
C LYS A 63 -5.93 2.11 -14.86
N VAL A 64 -5.93 2.64 -16.06
CA VAL A 64 -6.90 3.74 -16.39
C VAL A 64 -7.50 3.49 -17.78
N MET A 65 -8.63 4.10 -18.05
CA MET A 65 -9.28 3.92 -19.39
C MET A 65 -8.52 4.70 -20.46
N THR A 66 -8.08 5.89 -20.13
CA THR A 66 -7.31 6.72 -21.09
C THR A 66 -6.10 7.35 -20.38
N PRO A 67 -4.99 7.44 -21.08
CA PRO A 67 -3.73 7.90 -20.42
C PRO A 67 -3.94 9.27 -19.74
N PRO A 68 -3.37 9.45 -18.57
CA PRO A 68 -3.49 10.75 -17.86
C PRO A 68 -2.86 11.88 -18.67
N PRO A 69 -3.13 13.11 -18.30
CA PRO A 69 -2.58 14.27 -19.04
C PRO A 69 -1.04 14.24 -18.99
N GLN A 70 -0.41 14.86 -19.95
CA GLN A 70 1.09 14.95 -19.93
C GLN A 70 1.53 15.96 -18.87
N GLY A 71 2.57 15.64 -18.14
CA GLY A 71 2.99 16.51 -17.00
C GLY A 71 2.43 15.98 -15.69
N ALA A 72 1.35 15.23 -15.75
CA ALA A 72 0.76 14.63 -14.51
C ALA A 72 1.82 13.88 -13.70
N VAL A 73 1.64 13.82 -12.40
CA VAL A 73 2.59 13.07 -11.54
C VAL A 73 1.83 12.11 -10.63
N ILE A 74 2.47 11.07 -10.18
CA ILE A 74 1.81 10.10 -9.26
C ILE A 74 2.40 10.23 -7.86
N ARG A 75 1.56 10.24 -6.86
CA ARG A 75 2.05 10.47 -5.46
C ARG A 75 1.82 9.21 -4.63
N ALA A 76 2.70 8.92 -3.70
CA ALA A 76 2.44 7.79 -2.76
C ALA A 76 2.90 8.15 -1.34
N MET A 77 2.03 7.99 -0.37
CA MET A 77 2.37 8.39 1.03
C MET A 77 1.90 7.32 2.04
N PRO A 78 2.71 7.05 3.04
CA PRO A 78 2.33 6.08 4.10
C PRO A 78 1.62 6.81 5.26
N VAL A 79 0.57 6.22 5.78
CA VAL A 79 -0.08 6.80 7.00
C VAL A 79 -0.67 5.67 7.86
N TYR A 80 -0.82 5.90 9.14
CA TYR A 80 -1.39 4.85 10.04
C TYR A 80 -2.83 4.51 9.63
N LYS A 81 -3.37 3.44 10.15
CA LYS A 81 -4.72 2.98 9.70
C LYS A 81 -5.82 3.70 10.47
N LYS A 82 -5.84 3.56 11.77
CA LYS A 82 -6.96 4.16 12.57
C LYS A 82 -6.72 5.65 12.79
N ALA A 83 -7.77 6.42 12.95
CA ALA A 83 -7.61 7.90 13.07
C ALA A 83 -6.66 8.25 14.24
N GLU A 84 -6.75 7.53 15.31
CA GLU A 84 -5.91 7.84 16.51
C GLU A 84 -4.42 7.84 16.14
N HIS A 85 -4.07 7.13 15.10
CA HIS A 85 -2.63 7.07 14.71
C HIS A 85 -2.38 7.82 13.40
N VAL A 86 -3.40 8.05 12.60
CA VAL A 86 -3.17 8.72 11.27
C VAL A 86 -2.74 10.18 11.48
N THR A 87 -3.01 10.73 12.63
CA THR A 87 -2.51 12.11 12.92
C THR A 87 -1.03 12.09 13.33
N GLU A 88 -0.52 10.94 13.70
CA GLU A 88 0.94 10.82 14.01
C GLU A 88 1.72 10.50 12.73
N VAL A 89 2.84 11.15 12.53
CA VAL A 89 3.67 10.88 11.31
C VAL A 89 4.37 9.53 11.45
N VAL A 90 4.49 8.80 10.37
CA VAL A 90 5.33 7.56 10.38
C VAL A 90 6.80 7.93 10.14
N LYS A 91 7.70 7.34 10.88
CA LYS A 91 9.12 7.85 10.87
C LYS A 91 10.11 6.69 10.78
N ARG A 92 11.37 6.99 10.96
CA ARG A 92 12.41 5.92 10.92
C ARG A 92 12.72 5.42 12.33
N CYS A 93 13.28 4.24 12.46
CA CYS A 93 13.70 3.72 13.79
C CYS A 93 15.01 4.40 14.20
N PRO A 94 15.30 4.44 15.49
CA PRO A 94 16.59 5.01 15.95
C PRO A 94 17.75 4.17 15.40
N ASN A 95 17.67 2.88 15.53
CA ASN A 95 18.78 1.99 15.05
C ASN A 95 18.91 2.06 13.51
N HIS A 96 17.80 2.04 12.81
CA HIS A 96 17.86 1.99 11.32
C HIS A 96 18.07 3.39 10.73
N GLU A 97 17.63 4.42 11.41
CA GLU A 97 17.94 5.81 10.98
C GLU A 97 19.43 6.12 11.16
N LEU A 98 20.01 5.63 12.25
CA LEU A 98 21.44 5.95 12.55
C LEU A 98 22.35 5.53 11.38
N SER A 99 22.03 4.44 10.73
CA SER A 99 22.85 3.98 9.56
C SER A 99 23.11 5.13 8.58
N ARG A 100 24.30 5.20 8.02
CA ARG A 100 24.65 6.33 7.12
C ARG A 100 23.70 6.35 5.91
N GLU A 101 23.31 7.51 5.47
CA GLU A 101 22.33 7.61 4.34
C GLU A 101 22.94 7.06 3.05
N PHE A 102 24.23 7.23 2.88
CA PHE A 102 24.90 6.82 1.60
C PHE A 102 24.16 7.42 0.39
N ASN A 103 23.87 8.69 0.43
CA ASN A 103 23.06 9.31 -0.67
C ASN A 103 23.90 9.49 -1.94
N GLU A 104 25.20 9.28 -1.86
CA GLU A 104 26.06 9.50 -3.06
C GLU A 104 25.62 8.61 -4.23
N GLY A 105 25.11 9.21 -5.27
CA GLY A 105 24.77 8.43 -6.50
C GLY A 105 23.49 7.61 -6.28
N GLN A 106 22.69 7.97 -5.30
CA GLN A 106 21.43 7.21 -5.05
C GLN A 106 20.21 8.08 -5.31
N ILE A 107 19.18 7.52 -5.91
CA ILE A 107 17.95 8.30 -6.17
C ILE A 107 17.03 8.29 -4.95
N ALA A 108 17.15 7.29 -4.11
CA ALA A 108 16.23 7.17 -2.93
C ALA A 108 17.02 7.07 -1.63
N PRO A 109 17.24 8.20 -0.98
CA PRO A 109 17.97 8.19 0.32
C PRO A 109 17.12 7.48 1.39
N PRO A 110 17.77 6.76 2.29
CA PRO A 110 17.03 6.01 3.33
C PRO A 110 16.14 6.93 4.17
N SER A 111 16.39 8.22 4.17
CA SER A 111 15.60 9.17 5.01
C SER A 111 14.09 8.99 4.78
N HIS A 112 13.70 8.52 3.62
CA HIS A 112 12.26 8.33 3.34
C HIS A 112 11.89 6.84 3.44
N LEU A 113 10.84 6.53 4.17
CA LEU A 113 10.44 5.11 4.35
C LEU A 113 10.12 4.47 2.99
N ILE A 114 9.49 5.22 2.12
CA ILE A 114 9.13 4.66 0.78
C ILE A 114 10.13 5.16 -0.27
N ARG A 115 10.57 4.29 -1.14
CA ARG A 115 11.55 4.70 -2.19
C ARG A 115 11.09 4.20 -3.56
N VAL A 116 11.55 4.83 -4.62
CA VAL A 116 11.21 4.36 -5.99
C VAL A 116 12.40 3.62 -6.60
N GLU A 117 12.13 2.62 -7.41
CA GLU A 117 13.22 1.97 -8.19
C GLU A 117 12.96 2.12 -9.69
N GLY A 118 13.93 2.63 -10.41
CA GLY A 118 13.86 2.59 -11.90
C GLY A 118 13.33 3.91 -12.46
N ASN A 119 13.41 4.98 -11.69
CA ASN A 119 13.03 6.33 -12.23
C ASN A 119 14.02 7.38 -11.75
N SER A 120 14.90 7.83 -12.62
CA SER A 120 15.93 8.84 -12.22
C SER A 120 15.27 10.16 -11.78
N HIS A 121 14.02 10.35 -12.09
CA HIS A 121 13.34 11.63 -11.72
C HIS A 121 12.55 11.47 -10.41
N ALA A 122 12.69 10.36 -9.71
CA ALA A 122 12.01 10.22 -8.40
C ALA A 122 12.50 11.29 -7.42
N GLN A 123 11.58 11.97 -6.79
CA GLN A 123 11.97 13.01 -5.78
C GLN A 123 11.03 12.94 -4.58
N TYR A 124 11.46 13.44 -3.45
CA TYR A 124 10.63 13.33 -2.22
C TYR A 124 10.26 14.72 -1.69
N VAL A 125 9.13 14.84 -1.04
CA VAL A 125 8.72 16.13 -0.44
C VAL A 125 8.30 15.93 1.02
N GLU A 126 8.31 16.98 1.80
CA GLU A 126 7.87 16.86 3.23
C GLU A 126 6.68 17.79 3.49
N ASP A 127 5.64 17.27 4.09
CA ASP A 127 4.46 18.12 4.42
C ASP A 127 4.87 19.21 5.40
N PRO A 128 4.72 20.46 5.01
CA PRO A 128 5.25 21.57 5.84
C PRO A 128 4.57 21.61 7.21
N ILE A 129 3.36 21.13 7.30
CA ILE A 129 2.57 21.33 8.55
C ILE A 129 2.53 20.04 9.39
N THR A 130 2.19 18.93 8.78
CA THR A 130 1.97 17.69 9.58
C THR A 130 3.12 16.69 9.44
N GLY A 131 4.23 17.10 8.86
CA GLY A 131 5.47 16.25 8.94
C GLY A 131 5.48 15.17 7.85
N ARG A 132 4.33 14.74 7.37
CA ARG A 132 4.23 13.52 6.50
C ARG A 132 5.31 13.48 5.41
N GLN A 133 5.83 12.31 5.13
CA GLN A 133 6.80 12.18 4.00
C GLN A 133 6.12 11.49 2.81
N SER A 134 6.50 11.84 1.61
CA SER A 134 5.91 11.19 0.40
C SER A 134 6.87 11.28 -0.77
N VAL A 135 6.69 10.43 -1.76
CA VAL A 135 7.58 10.46 -2.95
C VAL A 135 6.75 10.65 -4.22
N LEU A 136 7.29 11.31 -5.21
CA LEU A 136 6.50 11.62 -6.43
C LEU A 136 7.28 11.19 -7.68
N VAL A 137 6.58 10.91 -8.75
CA VAL A 137 7.27 10.59 -10.04
C VAL A 137 6.38 10.99 -11.23
N PRO A 138 7.00 11.31 -12.34
CA PRO A 138 6.20 11.66 -13.55
C PRO A 138 5.52 10.40 -14.12
N TYR A 139 4.29 10.51 -14.54
CA TYR A 139 3.59 9.33 -15.10
C TYR A 139 4.04 9.07 -16.54
N GLU A 140 4.49 7.88 -16.83
CA GLU A 140 4.89 7.54 -18.23
C GLU A 140 3.78 6.77 -18.94
N PRO A 141 3.81 6.75 -20.25
CA PRO A 141 2.77 6.01 -21.02
C PRO A 141 2.77 4.53 -20.63
N PRO A 142 1.68 3.84 -20.89
CA PRO A 142 1.58 2.41 -20.50
C PRO A 142 2.68 1.59 -21.19
N GLN A 143 3.13 0.54 -20.55
CA GLN A 143 4.22 -0.30 -21.14
C GLN A 143 3.77 -0.89 -22.48
N VAL A 144 4.69 -1.07 -23.39
CA VAL A 144 4.30 -1.44 -24.79
C VAL A 144 3.75 -2.88 -24.82
N GLY A 145 2.59 -3.05 -25.38
CA GLY A 145 1.98 -4.42 -25.46
C GLY A 145 0.88 -4.59 -24.40
N THR A 146 0.76 -3.67 -23.47
CA THR A 146 -0.35 -3.74 -22.48
C THR A 146 -0.87 -2.34 -22.13
N GLU A 147 -1.92 -2.26 -21.38
CA GLU A 147 -2.63 -0.95 -21.21
C GLU A 147 -2.39 -0.36 -19.81
N PHE A 148 -1.43 -0.88 -19.06
CA PHE A 148 -1.25 -0.39 -17.66
C PHE A 148 0.15 0.20 -17.46
N THR A 149 0.36 0.87 -16.36
CA THR A 149 1.69 1.49 -16.08
C THR A 149 2.30 0.87 -14.82
N THR A 150 3.60 0.73 -14.79
CA THR A 150 4.25 0.04 -13.63
C THR A 150 5.13 1.00 -12.83
N VAL A 151 5.03 0.94 -11.53
CA VAL A 151 5.95 1.72 -10.65
C VAL A 151 6.55 0.79 -9.60
N LEU A 152 7.83 0.91 -9.33
CA LEU A 152 8.49 -0.07 -8.42
C LEU A 152 8.74 0.57 -7.06
N TYR A 153 8.15 0.01 -6.02
CA TYR A 153 8.31 0.62 -4.66
C TYR A 153 9.26 -0.22 -3.81
N ASN A 154 9.93 0.41 -2.87
CA ASN A 154 10.86 -0.32 -1.96
C ASN A 154 10.67 0.18 -0.53
N PHE A 155 10.76 -0.71 0.43
CA PHE A 155 10.55 -0.30 1.86
C PHE A 155 11.86 -0.39 2.64
N MET A 156 12.22 0.64 3.37
CA MET A 156 13.53 0.64 4.08
C MET A 156 13.37 0.29 5.58
N CYS A 157 12.19 -0.10 6.01
CA CYS A 157 12.03 -0.62 7.39
C CYS A 157 10.99 -1.74 7.42
N ASN A 158 10.94 -2.51 8.47
CA ASN A 158 9.96 -3.63 8.55
C ASN A 158 9.03 -3.45 9.75
N SER A 159 7.92 -4.14 9.75
CA SER A 159 6.81 -3.77 10.67
C SER A 159 7.25 -3.81 12.13
N SER A 160 8.15 -4.69 12.46
CA SER A 160 8.36 -5.03 13.90
C SER A 160 9.59 -4.31 14.47
N CYS A 161 10.15 -3.34 13.78
CA CYS A 161 11.31 -2.61 14.35
C CYS A 161 10.84 -1.33 15.06
N VAL A 162 11.09 -1.25 16.35
CA VAL A 162 10.47 -0.18 17.17
C VAL A 162 10.97 1.20 16.73
N GLY A 163 10.10 2.18 16.70
CA GLY A 163 10.52 3.56 16.33
C GLY A 163 10.18 3.85 14.86
N GLY A 164 9.70 2.87 14.12
CA GLY A 164 9.17 3.16 12.75
C GLY A 164 7.74 2.63 12.66
N MET A 165 7.57 1.48 12.05
CA MET A 165 6.22 0.85 11.96
C MET A 165 5.71 0.49 13.36
N ASN A 166 6.62 0.15 14.26
CA ASN A 166 6.27 -0.13 15.69
C ASN A 166 5.00 -1.00 15.83
N ARG A 167 4.95 -2.11 15.13
CA ARG A 167 3.80 -3.06 15.28
C ARG A 167 2.46 -2.35 15.03
N ARG A 168 2.47 -1.30 14.25
CA ARG A 168 1.20 -0.61 13.90
C ARG A 168 0.96 -0.66 12.38
N PRO A 169 0.03 -1.50 11.95
CA PRO A 169 -0.23 -1.62 10.49
C PRO A 169 -0.66 -0.28 9.91
N ILE A 170 -0.30 -0.02 8.66
CA ILE A 170 -0.62 1.30 8.04
C ILE A 170 -1.25 1.11 6.66
N LEU A 171 -1.61 2.20 6.03
CA LEU A 171 -2.20 2.14 4.67
C LEU A 171 -1.36 3.01 3.73
N ILE A 172 -1.30 2.66 2.48
CA ILE A 172 -0.54 3.51 1.52
C ILE A 172 -1.51 4.10 0.49
N ILE A 173 -1.44 5.38 0.27
CA ILE A 173 -2.40 6.04 -0.65
C ILE A 173 -1.66 6.47 -1.92
N VAL A 174 -2.16 6.07 -3.06
CA VAL A 174 -1.52 6.47 -4.35
C VAL A 174 -2.51 7.26 -5.18
N THR A 175 -2.13 8.44 -5.62
CA THR A 175 -3.09 9.32 -6.34
C THR A 175 -2.53 9.73 -7.70
N LEU A 176 -3.39 10.01 -8.64
CA LEU A 176 -2.96 10.66 -9.90
C LEU A 176 -3.32 12.15 -9.87
N GLU A 177 -2.35 13.01 -10.08
CA GLU A 177 -2.58 14.47 -9.89
C GLU A 177 -2.07 15.24 -11.11
N THR A 178 -2.68 16.35 -11.42
CA THR A 178 -2.23 17.17 -12.58
C THR A 178 -1.19 18.19 -12.13
N ARG A 179 -0.42 18.71 -13.04
CA ARG A 179 0.67 19.67 -12.66
C ARG A 179 0.12 20.86 -11.86
N ASP A 180 -1.14 21.19 -12.05
CA ASP A 180 -1.70 22.42 -11.41
C ASP A 180 -2.28 22.14 -10.02
N GLY A 181 -2.07 20.96 -9.49
CA GLY A 181 -2.45 20.70 -8.07
C GLY A 181 -3.90 20.20 -7.99
N GLN A 182 -4.44 19.69 -9.06
CA GLN A 182 -5.86 19.22 -9.04
C GLN A 182 -5.90 17.69 -9.08
N VAL A 183 -6.79 17.08 -8.33
CA VAL A 183 -6.78 15.59 -8.20
C VAL A 183 -7.63 14.97 -9.30
N LEU A 184 -7.11 13.96 -9.96
CA LEU A 184 -7.89 13.28 -11.03
C LEU A 184 -8.50 11.96 -10.50
N GLY A 185 -7.75 11.24 -9.70
CA GLY A 185 -8.28 9.94 -9.18
C GLY A 185 -7.45 9.48 -7.98
N ARG A 186 -8.06 8.76 -7.07
CA ARG A 186 -7.33 8.29 -5.86
C ARG A 186 -7.63 6.82 -5.58
N ARG A 187 -6.62 6.04 -5.28
CA ARG A 187 -6.84 4.63 -4.84
C ARG A 187 -5.92 4.31 -3.66
N CYS A 188 -6.25 3.31 -2.87
CA CYS A 188 -5.44 3.01 -1.66
C CYS A 188 -5.34 1.50 -1.43
N PHE A 189 -4.32 1.06 -0.75
CA PHE A 189 -4.20 -0.39 -0.41
C PHE A 189 -3.56 -0.55 0.98
N GLU A 190 -3.66 -1.71 1.56
CA GLU A 190 -3.10 -1.92 2.93
C GLU A 190 -1.82 -2.75 2.85
N ALA A 191 -0.80 -2.35 3.57
CA ALA A 191 0.54 -2.97 3.39
C ALA A 191 1.07 -3.53 4.70
N ARG A 192 1.75 -4.64 4.65
CA ARG A 192 2.42 -5.19 5.87
C ARG A 192 3.80 -5.72 5.50
N ILE A 193 4.78 -5.48 6.33
CA ILE A 193 6.14 -6.05 6.08
C ILE A 193 6.39 -7.21 7.06
N CYS A 194 6.67 -8.38 6.55
CA CYS A 194 6.72 -9.59 7.44
C CYS A 194 7.81 -10.56 6.98
N ALA A 195 8.12 -11.54 7.80
CA ALA A 195 9.20 -12.51 7.44
C ALA A 195 8.77 -13.40 6.27
N CYS A 196 7.53 -13.82 6.25
CA CYS A 196 7.03 -14.67 5.13
C CYS A 196 5.69 -14.12 4.59
N PRO A 197 5.77 -13.22 3.63
CA PRO A 197 4.53 -12.73 2.97
C PRO A 197 3.72 -13.89 2.38
N GLY A 198 4.39 -14.96 2.01
CA GLY A 198 3.66 -16.15 1.49
C GLY A 198 2.83 -16.76 2.62
N ARG A 199 3.36 -16.76 3.82
CA ARG A 199 2.69 -17.47 4.94
C ARG A 199 1.46 -16.68 5.39
N ASP A 200 1.57 -15.37 5.45
CA ASP A 200 0.43 -14.54 5.91
C ASP A 200 -0.70 -14.57 4.89
N ARG A 201 -0.38 -14.53 3.61
CA ARG A 201 -1.43 -14.60 2.57
C ARG A 201 -2.20 -15.93 2.67
N LYS A 202 -1.49 -17.02 2.85
CA LYS A 202 -2.17 -18.34 2.98
C LYS A 202 -3.03 -18.38 4.26
N ALA A 203 -2.53 -17.82 5.32
CA ALA A 203 -3.25 -17.96 6.63
C ALA A 203 -4.64 -17.32 6.56
N ASP A 204 -4.72 -16.10 6.08
CA ASP A 204 -6.04 -15.41 6.01
C ASP A 204 -7.00 -16.20 5.11
N GLU A 205 -6.49 -16.75 4.03
CA GLU A 205 -7.37 -17.57 3.13
C GLU A 205 -7.89 -18.79 3.87
N ASP A 206 -7.08 -19.43 4.65
CA ASP A 206 -7.53 -20.63 5.43
C ASP A 206 -8.64 -20.23 6.39
N SER A 207 -8.57 -19.05 6.95
CA SER A 207 -9.62 -18.60 7.91
C SER A 207 -10.98 -18.51 7.20
N ILE A 208 -10.98 -18.16 5.95
CA ILE A 208 -12.28 -18.01 5.21
C ILE A 208 -12.82 -19.38 4.81
N ARG A 209 -11.97 -20.24 4.32
CA ARG A 209 -12.42 -21.61 3.91
C ARG A 209 -13.01 -22.35 5.11
N LYS A 210 -12.42 -22.21 6.26
CA LYS A 210 -12.95 -22.90 7.47
C LYS A 210 -14.37 -22.41 7.78
N GLN A 211 -14.58 -21.12 7.71
CA GLN A 211 -15.94 -20.56 7.97
C GLN A 211 -16.92 -21.06 6.92
N GLN A 212 -16.47 -21.25 5.70
CA GLN A 212 -17.38 -21.65 4.59
C GLN A 212 -17.33 -23.16 4.36
N VAL A 213 -18.45 -23.82 4.41
CA VAL A 213 -18.47 -25.29 4.16
C VAL A 213 -19.13 -25.58 2.81
N SER A 214 -18.49 -26.36 1.98
CA SER A 214 -19.03 -26.64 0.62
C SER A 214 -19.85 -27.94 0.63
N ASP A 215 -20.96 -27.95 -0.07
CA ASP A 215 -21.79 -29.18 -0.14
C ASP A 215 -21.27 -30.11 -1.23
N SER A 216 -20.97 -31.33 -0.89
CA SER A 216 -20.44 -32.30 -1.91
C SER A 216 -21.47 -32.51 -3.02
N THR A 217 -21.02 -32.76 -4.22
CA THR A 217 -21.96 -32.91 -5.37
C THR A 217 -22.20 -34.39 -5.69
N LYS A 218 -21.97 -35.27 -4.74
CA LYS A 218 -22.20 -36.72 -4.99
C LYS A 218 -23.67 -36.97 -5.36
N ASN A 219 -24.57 -36.25 -4.75
CA ASN A 219 -26.02 -36.42 -5.07
C ASN A 219 -26.53 -35.16 -5.78
N GLY A 220 -27.35 -35.33 -6.80
CA GLY A 220 -27.90 -34.17 -7.54
C GLY A 220 -28.71 -33.28 -6.59
N ASP A 221 -29.41 -33.88 -5.66
CA ASP A 221 -30.22 -33.09 -4.68
C ASP A 221 -30.53 -33.93 -3.44
N ALA A 222 -30.87 -33.29 -2.35
CA ALA A 222 -31.21 -34.03 -1.10
C ALA A 222 -32.71 -34.38 -1.10
N PHE A 223 -33.03 -35.62 -0.83
CA PHE A 223 -34.47 -36.03 -0.81
C PHE A 223 -35.17 -35.45 0.43
N ARG A 224 -34.53 -35.55 1.58
CA ARG A 224 -35.18 -35.10 2.85
C ARG A 224 -34.95 -33.60 3.05
N GLN A 225 -33.78 -33.11 2.70
CA GLN A 225 -33.45 -31.66 2.91
C GLN A 225 -33.68 -31.26 4.37
N ASN A 226 -33.21 -32.05 5.29
CA ASN A 226 -33.44 -31.76 6.74
C ASN A 226 -32.19 -31.13 7.36
N THR A 227 -32.36 -30.07 8.11
CA THR A 227 -31.20 -29.40 8.76
C THR A 227 -31.06 -29.87 10.21
N HIS A 228 -31.52 -31.06 10.50
CA HIS A 228 -31.46 -31.58 11.90
C HIS A 228 -30.00 -31.85 12.30
N GLY A 229 -29.70 -31.80 13.57
CA GLY A 229 -28.30 -32.04 14.03
C GLY A 229 -27.59 -30.71 14.25
N ILE A 230 -26.43 -30.74 14.86
CA ILE A 230 -25.68 -29.47 15.11
C ILE A 230 -24.67 -29.22 13.99
N GLN A 231 -24.59 -27.99 13.53
CA GLN A 231 -23.64 -27.67 12.41
C GLN A 231 -22.25 -27.37 12.96
N MET A 232 -22.18 -26.72 14.09
CA MET A 232 -20.85 -26.36 14.68
C MET A 232 -20.85 -26.56 16.19
N THR A 233 -21.19 -27.75 16.63
CA THR A 233 -21.21 -28.04 18.10
C THR A 233 -22.06 -27.02 18.86
ZN ZN B . 13.02 0.21 11.24
N GLY A 1 11.66 31.23 13.95
CA GLY A 1 11.62 30.43 15.20
C GLY A 1 10.25 29.76 15.34
N SER A 2 10.14 28.53 14.93
CA SER A 2 8.84 27.81 15.03
C SER A 2 8.67 27.15 16.40
N SER A 3 9.54 27.43 17.34
CA SER A 3 9.43 26.79 18.69
C SER A 3 8.10 27.17 19.35
N THR A 4 7.58 28.33 19.01
CA THR A 4 6.28 28.78 19.62
C THR A 4 5.25 29.05 18.52
N PHE A 5 3.99 29.09 18.88
CA PHE A 5 2.93 29.36 17.88
C PHE A 5 1.94 30.40 18.41
N ASP A 6 1.32 31.14 17.54
CA ASP A 6 0.34 32.18 17.97
C ASP A 6 -1.06 31.57 18.08
N ALA A 7 -1.64 31.60 19.25
CA ALA A 7 -3.04 31.09 19.44
C ALA A 7 -3.21 29.70 18.83
N LEU A 8 -2.84 28.67 19.56
CA LEU A 8 -3.00 27.27 19.06
C LEU A 8 -2.37 27.11 17.66
N SER A 9 -2.50 25.95 17.07
CA SER A 9 -1.93 25.74 15.70
C SER A 9 -2.99 25.10 14.78
N PRO A 10 -2.79 25.21 13.49
CA PRO A 10 -3.75 24.62 12.53
C PRO A 10 -3.85 23.11 12.73
N SER A 11 -4.97 22.53 12.41
CA SER A 11 -5.14 21.06 12.58
C SER A 11 -4.52 20.31 11.38
N PRO A 12 -3.89 19.18 11.64
CA PRO A 12 -3.21 18.45 10.54
C PRO A 12 -4.24 17.93 9.53
N ALA A 13 -3.88 17.91 8.27
CA ALA A 13 -4.81 17.38 7.23
C ALA A 13 -4.82 15.84 7.28
N ILE A 14 -5.97 15.24 7.09
CA ILE A 14 -6.06 13.75 7.16
C ILE A 14 -6.64 13.20 5.85
N PRO A 15 -5.79 12.71 4.97
CA PRO A 15 -6.27 12.17 3.67
C PRO A 15 -7.22 10.98 3.91
N SER A 16 -8.12 10.74 3.00
CA SER A 16 -9.10 9.63 3.17
C SER A 16 -8.77 8.49 2.20
N ASN A 17 -9.05 7.27 2.59
CA ASN A 17 -8.74 6.11 1.72
C ASN A 17 -9.94 5.72 0.85
N THR A 18 -10.86 6.64 0.63
CA THR A 18 -12.06 6.32 -0.19
C THR A 18 -11.69 6.26 -1.68
N ASP A 19 -12.00 5.18 -2.33
CA ASP A 19 -11.62 5.01 -3.76
C ASP A 19 -12.45 5.96 -4.64
N TYR A 20 -11.84 6.48 -5.69
CA TYR A 20 -12.59 7.38 -6.62
C TYR A 20 -11.97 7.31 -8.03
N PRO A 21 -12.59 6.58 -8.92
CA PRO A 21 -12.01 6.39 -10.27
C PRO A 21 -11.84 7.73 -10.98
N GLY A 22 -12.80 8.61 -10.84
CA GLY A 22 -12.69 9.96 -11.47
C GLY A 22 -12.93 9.84 -12.98
N PRO A 23 -12.40 10.77 -13.75
CA PRO A 23 -12.68 10.80 -15.20
C PRO A 23 -11.90 9.71 -15.93
N HIS A 24 -10.65 9.54 -15.60
CA HIS A 24 -9.78 8.60 -16.38
C HIS A 24 -9.89 7.16 -15.83
N SER A 25 -10.81 6.91 -14.92
CA SER A 25 -10.91 5.55 -14.31
C SER A 25 -9.57 5.10 -13.74
N PHE A 26 -9.03 5.85 -12.80
CA PHE A 26 -7.70 5.51 -12.22
C PHE A 26 -7.85 4.37 -11.22
N ASP A 27 -7.23 3.25 -11.49
CA ASP A 27 -7.35 2.07 -10.58
C ASP A 27 -5.96 1.51 -10.25
N VAL A 28 -5.86 0.77 -9.18
CA VAL A 28 -4.55 0.14 -8.82
C VAL A 28 -4.73 -1.37 -8.63
N SER A 29 -3.73 -2.13 -8.98
CA SER A 29 -3.81 -3.60 -8.78
C SER A 29 -2.40 -4.19 -8.66
N PHE A 30 -2.30 -5.38 -8.12
CA PHE A 30 -0.97 -6.00 -7.89
C PHE A 30 -0.92 -7.38 -8.52
N GLN A 31 0.06 -7.62 -9.37
CA GLN A 31 0.12 -8.93 -10.09
C GLN A 31 0.17 -10.10 -9.10
N GLN A 32 -0.46 -11.20 -9.43
CA GLN A 32 -0.58 -12.31 -8.44
C GLN A 32 0.07 -13.59 -8.99
N SER A 33 0.48 -14.47 -8.12
CA SER A 33 1.09 -15.75 -8.56
C SER A 33 0.77 -16.87 -7.56
N SER A 34 0.99 -18.10 -7.95
CA SER A 34 0.69 -19.24 -7.03
C SER A 34 1.54 -19.13 -5.77
N THR A 35 1.16 -19.84 -4.72
CA THR A 35 1.92 -19.74 -3.44
C THR A 35 3.37 -20.16 -3.64
N ALA A 36 4.24 -19.21 -3.91
CA ALA A 36 5.68 -19.54 -4.15
C ALA A 36 6.45 -19.49 -2.83
N LYS A 37 7.47 -20.29 -2.69
CA LYS A 37 8.28 -20.28 -1.43
C LYS A 37 9.15 -19.01 -1.38
N SER A 38 9.22 -18.38 -0.24
CA SER A 38 10.03 -17.13 -0.09
C SER A 38 9.64 -16.09 -1.14
N ALA A 39 8.36 -15.81 -1.25
CA ALA A 39 7.90 -14.77 -2.22
C ALA A 39 8.33 -13.38 -1.75
N THR A 40 8.89 -12.59 -2.63
CA THR A 40 9.24 -11.18 -2.27
C THR A 40 7.99 -10.41 -1.85
N TRP A 41 6.86 -10.74 -2.44
CA TRP A 41 5.57 -10.09 -2.06
C TRP A 41 4.40 -10.80 -2.73
N THR A 42 3.30 -10.91 -2.04
CA THR A 42 2.12 -11.63 -2.59
C THR A 42 0.83 -10.91 -2.19
N TYR A 43 -0.15 -10.87 -3.08
CA TYR A 43 -1.36 -10.05 -2.82
C TYR A 43 -2.62 -10.91 -2.93
N SER A 44 -3.57 -10.69 -2.06
CA SER A 44 -4.86 -11.44 -2.16
C SER A 44 -5.99 -10.48 -2.53
N THR A 45 -6.70 -10.78 -3.58
CA THR A 45 -7.79 -9.87 -4.05
C THR A 45 -8.97 -9.90 -3.07
N GLU A 46 -9.27 -11.05 -2.52
CA GLU A 46 -10.43 -11.16 -1.58
C GLU A 46 -10.25 -10.24 -0.39
N LEU A 47 -9.03 -10.04 0.04
CA LEU A 47 -8.79 -9.22 1.27
C LEU A 47 -8.24 -7.83 0.89
N LYS A 48 -7.85 -7.63 -0.33
CA LYS A 48 -7.34 -6.28 -0.78
C LYS A 48 -6.13 -5.88 0.06
N LYS A 49 -5.17 -6.76 0.16
CA LYS A 49 -4.01 -6.50 1.08
C LYS A 49 -2.73 -7.11 0.50
N LEU A 50 -1.60 -6.55 0.84
CA LEU A 50 -0.30 -7.02 0.27
C LEU A 50 0.68 -7.35 1.40
N TYR A 51 1.39 -8.45 1.28
CA TYR A 51 2.46 -8.76 2.26
C TYR A 51 3.82 -8.73 1.55
N CYS A 52 4.80 -8.12 2.16
CA CYS A 52 6.13 -7.97 1.47
C CYS A 52 7.27 -8.23 2.45
N GLN A 53 8.43 -8.56 1.94
CA GLN A 53 9.64 -8.64 2.80
C GLN A 53 10.54 -7.42 2.58
N ILE A 54 11.12 -6.92 3.63
CA ILE A 54 11.89 -5.64 3.54
C ILE A 54 12.94 -5.67 2.41
N ALA A 55 13.20 -4.53 1.81
CA ALA A 55 14.25 -4.41 0.74
C ALA A 55 13.90 -5.23 -0.52
N LYS A 56 12.70 -5.74 -0.63
CA LYS A 56 12.29 -6.43 -1.90
C LYS A 56 11.54 -5.47 -2.82
N THR A 57 11.57 -5.74 -4.10
CA THR A 57 10.87 -4.84 -5.08
C THR A 57 9.39 -5.22 -5.20
N CYS A 58 8.51 -4.26 -5.01
CA CYS A 58 7.06 -4.52 -5.18
C CYS A 58 6.51 -3.71 -6.37
N PRO A 59 6.53 -4.28 -7.54
CA PRO A 59 5.96 -3.59 -8.72
C PRO A 59 4.44 -3.43 -8.57
N ILE A 60 3.93 -2.25 -8.79
CA ILE A 60 2.46 -2.03 -8.73
C ILE A 60 1.99 -1.42 -10.07
N GLN A 61 0.84 -1.82 -10.53
CA GLN A 61 0.35 -1.33 -11.87
C GLN A 61 -0.82 -0.36 -11.70
N ILE A 62 -0.79 0.74 -12.40
CA ILE A 62 -1.99 1.63 -12.48
C ILE A 62 -2.80 1.28 -13.73
N LYS A 63 -4.10 1.18 -13.61
CA LYS A 63 -4.95 0.95 -14.82
C LYS A 63 -5.87 2.15 -15.05
N VAL A 64 -5.87 2.70 -16.23
CA VAL A 64 -6.82 3.80 -16.57
C VAL A 64 -7.41 3.57 -17.97
N MET A 65 -8.52 4.18 -18.25
CA MET A 65 -9.14 4.02 -19.60
C MET A 65 -8.39 4.87 -20.62
N THR A 66 -8.01 6.07 -20.24
CA THR A 66 -7.25 6.96 -21.17
C THR A 66 -6.06 7.59 -20.43
N PRO A 67 -4.95 7.74 -21.13
CA PRO A 67 -3.70 8.21 -20.46
C PRO A 67 -3.95 9.54 -19.72
N PRO A 68 -3.38 9.69 -18.54
CA PRO A 68 -3.51 10.96 -17.79
C PRO A 68 -2.93 12.13 -18.61
N PRO A 69 -3.23 13.34 -18.20
CA PRO A 69 -2.77 14.53 -18.96
C PRO A 69 -1.24 14.59 -18.97
N GLN A 70 -0.66 15.23 -19.95
CA GLN A 70 0.82 15.45 -19.95
C GLN A 70 1.22 16.36 -18.78
N GLY A 71 2.28 16.03 -18.10
CA GLY A 71 2.70 16.83 -16.91
C GLY A 71 2.18 16.17 -15.62
N ALA A 72 1.12 15.40 -15.72
CA ALA A 72 0.55 14.72 -14.51
C ALA A 72 1.63 13.98 -13.71
N VAL A 73 1.47 13.90 -12.42
CA VAL A 73 2.44 13.14 -11.58
C VAL A 73 1.71 12.15 -10.68
N ILE A 74 2.37 11.11 -10.26
CA ILE A 74 1.73 10.13 -9.35
C ILE A 74 2.32 10.25 -7.95
N ARG A 75 1.50 10.25 -6.94
CA ARG A 75 1.99 10.49 -5.55
C ARG A 75 1.79 9.22 -4.71
N ALA A 76 2.68 8.95 -3.79
CA ALA A 76 2.44 7.81 -2.85
C ALA A 76 2.90 8.19 -1.43
N MET A 77 2.03 8.04 -0.46
CA MET A 77 2.38 8.46 0.94
C MET A 77 1.91 7.40 1.96
N PRO A 78 2.72 7.13 2.95
CA PRO A 78 2.33 6.17 4.01
C PRO A 78 1.66 6.90 5.19
N VAL A 79 0.60 6.34 5.72
CA VAL A 79 -0.02 6.92 6.95
C VAL A 79 -0.59 5.81 7.83
N TYR A 80 -0.71 6.04 9.11
CA TYR A 80 -1.25 4.98 10.02
C TYR A 80 -2.67 4.59 9.61
N LYS A 81 -3.13 3.46 10.06
CA LYS A 81 -4.47 2.96 9.60
C LYS A 81 -5.61 3.68 10.32
N LYS A 82 -5.65 3.58 11.63
CA LYS A 82 -6.79 4.17 12.40
C LYS A 82 -6.58 5.68 12.58
N ALA A 83 -7.65 6.43 12.67
CA ALA A 83 -7.52 7.92 12.78
C ALA A 83 -6.64 8.32 13.97
N GLU A 84 -6.75 7.60 15.06
CA GLU A 84 -5.97 7.95 16.28
C GLU A 84 -4.47 7.98 15.97
N HIS A 85 -4.04 7.28 14.96
CA HIS A 85 -2.58 7.25 14.63
C HIS A 85 -2.30 8.00 13.33
N VAL A 86 -3.30 8.19 12.48
CA VAL A 86 -3.03 8.86 11.16
C VAL A 86 -2.65 10.34 11.36
N THR A 87 -3.00 10.90 12.50
CA THR A 87 -2.55 12.29 12.80
C THR A 87 -1.09 12.31 13.27
N GLU A 88 -0.56 11.18 13.67
CA GLU A 88 0.89 11.10 14.01
C GLU A 88 1.70 10.77 12.75
N VAL A 89 2.82 11.42 12.56
CA VAL A 89 3.69 11.11 11.39
C VAL A 89 4.40 9.77 11.59
N VAL A 90 4.54 9.01 10.53
CA VAL A 90 5.41 7.79 10.59
C VAL A 90 6.86 8.18 10.32
N LYS A 91 7.79 7.61 11.05
CA LYS A 91 9.20 8.10 10.98
C LYS A 91 10.18 6.93 10.87
N ARG A 92 11.44 7.20 11.01
CA ARG A 92 12.47 6.11 10.94
C ARG A 92 12.81 5.62 12.35
N CYS A 93 13.26 4.39 12.47
CA CYS A 93 13.64 3.85 13.81
C CYS A 93 14.96 4.50 14.25
N PRO A 94 15.20 4.56 15.55
CA PRO A 94 16.49 5.11 16.04
C PRO A 94 17.65 4.25 15.54
N ASN A 95 17.54 2.95 15.68
CA ASN A 95 18.64 2.04 15.24
C ASN A 95 18.83 2.09 13.71
N HIS A 96 17.75 2.07 12.96
CA HIS A 96 17.88 2.00 11.48
C HIS A 96 18.12 3.39 10.87
N GLU A 97 17.65 4.43 11.52
CA GLU A 97 18.00 5.81 11.08
C GLU A 97 19.48 6.10 11.32
N LEU A 98 20.01 5.60 12.41
CA LEU A 98 21.45 5.89 12.77
C LEU A 98 22.38 5.48 11.62
N SER A 99 22.04 4.44 10.91
CA SER A 99 22.90 3.99 9.75
C SER A 99 23.25 5.17 8.83
N ARG A 100 24.43 5.15 8.25
CA ARG A 100 24.90 6.30 7.43
C ARG A 100 23.93 6.54 6.26
N GLU A 101 23.69 7.77 5.92
CA GLU A 101 22.75 8.08 4.80
C GLU A 101 23.26 7.49 3.50
N PHE A 102 24.56 7.55 3.27
CA PHE A 102 25.16 6.97 2.04
C PHE A 102 24.42 7.44 0.78
N ASN A 103 24.22 8.73 0.65
CA ASN A 103 23.48 9.27 -0.53
C ASN A 103 24.33 9.22 -1.80
N GLU A 104 25.61 8.95 -1.69
CA GLU A 104 26.49 8.96 -2.90
C GLU A 104 25.99 7.95 -3.95
N GLY A 105 25.54 8.45 -5.07
CA GLY A 105 25.16 7.54 -6.21
C GLY A 105 23.83 6.86 -5.91
N GLN A 106 23.03 7.40 -5.02
CA GLN A 106 21.71 6.77 -4.70
C GLN A 106 20.57 7.70 -5.12
N ILE A 107 19.52 7.14 -5.68
CA ILE A 107 18.34 7.96 -6.08
C ILE A 107 17.36 8.10 -4.90
N ALA A 108 17.37 7.16 -3.99
CA ALA A 108 16.40 7.20 -2.85
C ALA A 108 17.13 7.10 -1.51
N PRO A 109 17.37 8.22 -0.88
CA PRO A 109 18.06 8.22 0.43
C PRO A 109 17.22 7.49 1.48
N PRO A 110 17.86 6.78 2.39
CA PRO A 110 17.11 6.00 3.41
C PRO A 110 16.19 6.92 4.24
N SER A 111 16.45 8.20 4.26
CA SER A 111 15.64 9.14 5.11
C SER A 111 14.14 8.99 4.81
N HIS A 112 13.79 8.49 3.65
CA HIS A 112 12.34 8.29 3.33
C HIS A 112 11.97 6.81 3.44
N LEU A 113 10.90 6.51 4.15
CA LEU A 113 10.48 5.09 4.32
C LEU A 113 10.17 4.45 2.96
N ILE A 114 9.57 5.22 2.07
CA ILE A 114 9.23 4.68 0.72
C ILE A 114 10.22 5.19 -0.32
N ARG A 115 10.67 4.34 -1.20
CA ARG A 115 11.62 4.77 -2.26
C ARG A 115 11.15 4.26 -3.63
N VAL A 116 11.58 4.90 -4.68
CA VAL A 116 11.22 4.43 -6.06
C VAL A 116 12.41 3.71 -6.68
N GLU A 117 12.16 2.71 -7.48
CA GLU A 117 13.24 2.07 -8.29
C GLU A 117 12.95 2.24 -9.79
N GLY A 118 13.93 2.70 -10.53
CA GLY A 118 13.83 2.64 -12.02
C GLY A 118 13.24 3.93 -12.58
N ASN A 119 13.31 5.01 -11.85
CA ASN A 119 12.86 6.33 -12.40
C ASN A 119 13.87 7.42 -12.01
N SER A 120 14.65 7.88 -12.95
CA SER A 120 15.68 8.92 -12.63
C SER A 120 15.03 10.22 -12.15
N HIS A 121 13.75 10.39 -12.35
CA HIS A 121 13.07 11.64 -11.91
C HIS A 121 12.38 11.45 -10.55
N ALA A 122 12.63 10.35 -9.88
CA ALA A 122 12.04 10.15 -8.52
C ALA A 122 12.54 11.24 -7.57
N GLN A 123 11.64 11.93 -6.92
CA GLN A 123 12.06 12.96 -5.92
C GLN A 123 11.12 12.91 -4.71
N TYR A 124 11.59 13.34 -3.57
CA TYR A 124 10.77 13.24 -2.33
C TYR A 124 10.46 14.63 -1.77
N VAL A 125 9.34 14.76 -1.11
CA VAL A 125 9.00 16.07 -0.48
C VAL A 125 8.58 15.85 0.98
N GLU A 126 8.64 16.88 1.79
CA GLU A 126 8.20 16.76 3.20
C GLU A 126 7.09 17.79 3.50
N ASP A 127 6.00 17.35 4.07
CA ASP A 127 4.91 18.29 4.45
C ASP A 127 5.43 19.26 5.55
N PRO A 128 5.61 20.51 5.20
CA PRO A 128 6.24 21.46 6.16
C PRO A 128 5.44 21.57 7.45
N ILE A 129 4.16 21.29 7.40
CA ILE A 129 3.29 21.55 8.59
C ILE A 129 3.04 20.26 9.38
N THR A 130 2.64 19.20 8.73
CA THR A 130 2.26 17.96 9.48
C THR A 130 3.33 16.87 9.36
N GLY A 131 4.50 17.19 8.87
CA GLY A 131 5.63 16.22 8.95
C GLY A 131 5.59 15.17 7.83
N ARG A 132 4.42 14.89 7.28
CA ARG A 132 4.23 13.71 6.38
C ARG A 132 5.35 13.59 5.32
N GLN A 133 5.76 12.38 5.03
CA GLN A 133 6.75 12.17 3.93
C GLN A 133 6.08 11.52 2.72
N SER A 134 6.49 11.87 1.53
CA SER A 134 5.90 11.24 0.31
C SER A 134 6.89 11.31 -0.85
N VAL A 135 6.70 10.49 -1.85
CA VAL A 135 7.57 10.52 -3.05
C VAL A 135 6.73 10.73 -4.30
N LEU A 136 7.25 11.40 -5.30
CA LEU A 136 6.45 11.71 -6.51
C LEU A 136 7.21 11.30 -7.77
N VAL A 137 6.51 11.02 -8.83
CA VAL A 137 7.19 10.72 -10.13
C VAL A 137 6.30 11.14 -11.30
N PRO A 138 6.89 11.48 -12.42
CA PRO A 138 6.10 11.83 -13.62
C PRO A 138 5.43 10.58 -14.20
N TYR A 139 4.20 10.67 -14.61
CA TYR A 139 3.50 9.47 -15.18
C TYR A 139 3.97 9.25 -16.62
N GLU A 140 4.43 8.07 -16.93
CA GLU A 140 4.86 7.75 -18.32
C GLU A 140 3.75 6.96 -19.04
N PRO A 141 3.78 6.96 -20.36
CA PRO A 141 2.76 6.21 -21.13
C PRO A 141 2.80 4.72 -20.75
N PRO A 142 1.73 4.00 -21.02
CA PRO A 142 1.66 2.57 -20.65
C PRO A 142 2.78 1.78 -21.32
N GLN A 143 3.25 0.73 -20.69
CA GLN A 143 4.36 -0.08 -21.28
C GLN A 143 3.94 -0.66 -22.63
N VAL A 144 4.87 -0.81 -23.54
CA VAL A 144 4.50 -1.17 -24.94
C VAL A 144 3.98 -2.61 -25.00
N GLY A 145 2.82 -2.79 -25.57
CA GLY A 145 2.22 -4.16 -25.68
C GLY A 145 1.12 -4.36 -24.64
N THR A 146 0.98 -3.45 -23.70
CA THR A 146 -0.16 -3.55 -22.73
C THR A 146 -0.67 -2.15 -22.36
N GLU A 147 -1.75 -2.09 -21.62
CA GLU A 147 -2.46 -0.80 -21.44
C GLU A 147 -2.25 -0.22 -20.03
N PHE A 148 -1.30 -0.74 -19.27
CA PHE A 148 -1.14 -0.28 -17.86
C PHE A 148 0.26 0.31 -17.64
N THR A 149 0.45 0.97 -16.52
CA THR A 149 1.76 1.60 -16.21
C THR A 149 2.36 0.97 -14.95
N THR A 150 3.66 0.84 -14.90
CA THR A 150 4.30 0.13 -13.74
C THR A 150 5.18 1.09 -12.93
N VAL A 151 5.07 1.02 -11.63
CA VAL A 151 5.98 1.80 -10.74
C VAL A 151 6.58 0.87 -9.69
N LEU A 152 7.86 0.99 -9.42
CA LEU A 152 8.54 0.00 -8.53
C LEU A 152 8.77 0.62 -7.16
N TYR A 153 8.19 0.06 -6.12
CA TYR A 153 8.33 0.64 -4.76
C TYR A 153 9.30 -0.20 -3.92
N ASN A 154 9.96 0.42 -2.98
CA ASN A 154 10.90 -0.32 -2.09
C ASN A 154 10.70 0.15 -0.64
N PHE A 155 10.80 -0.74 0.31
CA PHE A 155 10.58 -0.35 1.73
C PHE A 155 11.88 -0.46 2.53
N MET A 156 12.24 0.58 3.25
CA MET A 156 13.54 0.58 3.98
C MET A 156 13.36 0.21 5.47
N CYS A 157 12.15 -0.02 5.91
CA CYS A 157 11.93 -0.50 7.31
C CYS A 157 10.75 -1.47 7.35
N ASN A 158 10.69 -2.29 8.36
CA ASN A 158 9.54 -3.25 8.49
C ASN A 158 8.69 -2.90 9.72
N SER A 159 7.44 -3.23 9.69
CA SER A 159 6.48 -2.70 10.72
C SER A 159 6.96 -3.04 12.13
N SER A 160 7.71 -4.10 12.28
CA SER A 160 7.95 -4.66 13.65
C SER A 160 9.24 -4.11 14.28
N CYS A 161 9.89 -3.15 13.67
CA CYS A 161 11.12 -2.59 14.29
C CYS A 161 10.80 -1.37 15.16
N VAL A 162 11.04 -1.49 16.44
CA VAL A 162 10.49 -0.48 17.41
C VAL A 162 11.20 0.87 17.24
N GLY A 163 10.45 1.93 17.40
CA GLY A 163 11.06 3.29 17.29
C GLY A 163 10.79 3.90 15.90
N GLY A 164 10.20 3.15 15.00
CA GLY A 164 9.72 3.74 13.72
C GLY A 164 8.27 3.33 13.48
N MET A 165 8.07 2.27 12.76
CA MET A 165 6.69 1.74 12.53
C MET A 165 6.08 1.24 13.85
N ASN A 166 6.92 0.78 14.75
CA ASN A 166 6.49 0.41 16.14
C ASN A 166 5.19 -0.40 16.15
N ARG A 167 5.14 -1.47 15.40
CA ARG A 167 3.96 -2.40 15.45
C ARG A 167 2.64 -1.66 15.19
N ARG A 168 2.69 -0.64 14.37
CA ARG A 168 1.43 0.04 13.95
C ARG A 168 1.18 -0.16 12.45
N PRO A 169 0.24 -1.03 12.11
CA PRO A 169 -0.06 -1.27 10.67
C PRO A 169 -0.53 0.01 9.99
N ILE A 170 -0.19 0.19 8.75
CA ILE A 170 -0.52 1.48 8.06
C ILE A 170 -1.16 1.24 6.69
N LEU A 171 -1.55 2.29 6.03
CA LEU A 171 -2.14 2.19 4.67
C LEU A 171 -1.33 3.06 3.72
N ILE A 172 -1.25 2.69 2.48
CA ILE A 172 -0.49 3.52 1.49
C ILE A 172 -1.47 4.08 0.46
N ILE A 173 -1.41 5.36 0.23
CA ILE A 173 -2.38 6.01 -0.70
C ILE A 173 -1.65 6.44 -1.97
N VAL A 174 -2.14 6.01 -3.11
CA VAL A 174 -1.50 6.42 -4.39
C VAL A 174 -2.52 7.21 -5.23
N THR A 175 -2.17 8.38 -5.66
CA THR A 175 -3.15 9.24 -6.39
C THR A 175 -2.60 9.66 -7.75
N LEU A 176 -3.46 9.91 -8.70
CA LEU A 176 -3.05 10.58 -9.96
C LEU A 176 -3.44 12.06 -9.90
N GLU A 177 -2.50 12.94 -10.10
CA GLU A 177 -2.76 14.39 -9.89
C GLU A 177 -2.27 15.19 -11.09
N THR A 178 -2.89 16.30 -11.39
CA THR A 178 -2.43 17.16 -12.51
C THR A 178 -1.40 18.18 -12.00
N ARG A 179 -0.60 18.73 -12.89
CA ARG A 179 0.44 19.72 -12.47
C ARG A 179 -0.22 20.89 -11.71
N ASP A 180 -1.47 21.16 -11.98
CA ASP A 180 -2.14 22.36 -11.38
C ASP A 180 -2.74 22.05 -10.00
N GLY A 181 -2.46 20.89 -9.44
CA GLY A 181 -2.85 20.64 -8.02
C GLY A 181 -4.28 20.08 -7.94
N GLN A 182 -4.80 19.55 -9.03
CA GLN A 182 -6.19 19.00 -9.01
C GLN A 182 -6.16 17.47 -9.01
N VAL A 183 -7.04 16.86 -8.26
CA VAL A 183 -7.02 15.36 -8.15
C VAL A 183 -7.87 14.73 -9.25
N LEU A 184 -7.33 13.78 -9.95
CA LEU A 184 -8.10 13.09 -11.02
C LEU A 184 -8.65 11.76 -10.52
N GLY A 185 -7.86 11.02 -9.77
CA GLY A 185 -8.33 9.70 -9.26
C GLY A 185 -7.49 9.26 -8.06
N ARG A 186 -8.10 8.54 -7.14
CA ARG A 186 -7.36 8.10 -5.92
C ARG A 186 -7.65 6.63 -5.62
N ARG A 187 -6.62 5.87 -5.32
CA ARG A 187 -6.82 4.47 -4.85
C ARG A 187 -5.89 4.17 -3.68
N CYS A 188 -6.20 3.17 -2.89
CA CYS A 188 -5.39 2.89 -1.67
C CYS A 188 -5.25 1.39 -1.43
N PHE A 189 -4.21 0.98 -0.73
CA PHE A 189 -4.07 -0.46 -0.37
C PHE A 189 -3.43 -0.59 1.01
N GLU A 190 -3.58 -1.72 1.66
CA GLU A 190 -3.02 -1.89 3.03
C GLU A 190 -1.76 -2.76 2.98
N ALA A 191 -0.73 -2.37 3.68
CA ALA A 191 0.59 -3.03 3.50
C ALA A 191 1.05 -3.70 4.79
N ARG A 192 1.70 -4.84 4.68
CA ARG A 192 2.32 -5.48 5.87
C ARG A 192 3.70 -6.03 5.49
N ILE A 193 4.66 -5.86 6.36
CA ILE A 193 6.02 -6.42 6.08
C ILE A 193 6.32 -7.56 7.04
N CYS A 194 6.62 -8.73 6.52
CA CYS A 194 6.68 -9.94 7.39
C CYS A 194 7.77 -10.90 6.92
N ALA A 195 8.05 -11.93 7.69
CA ALA A 195 9.11 -12.90 7.30
C ALA A 195 8.66 -13.74 6.09
N CYS A 196 7.43 -14.14 6.06
CA CYS A 196 6.92 -14.94 4.90
C CYS A 196 5.59 -14.37 4.40
N PRO A 197 5.65 -13.45 3.47
CA PRO A 197 4.40 -12.93 2.83
C PRO A 197 3.58 -14.08 2.24
N GLY A 198 4.22 -15.13 1.81
CA GLY A 198 3.47 -16.31 1.27
C GLY A 198 2.65 -16.94 2.40
N ARG A 199 3.21 -16.97 3.58
CA ARG A 199 2.56 -17.71 4.71
C ARG A 199 1.35 -16.93 5.21
N ASP A 200 1.47 -15.63 5.29
CA ASP A 200 0.34 -14.81 5.82
C ASP A 200 -0.81 -14.80 4.82
N ARG A 201 -0.53 -14.71 3.55
CA ARG A 201 -1.62 -14.75 2.53
C ARG A 201 -2.39 -16.08 2.61
N LYS A 202 -1.68 -17.17 2.74
CA LYS A 202 -2.35 -18.50 2.87
C LYS A 202 -3.14 -18.56 4.18
N ALA A 203 -2.61 -17.99 5.24
CA ALA A 203 -3.25 -18.14 6.58
C ALA A 203 -4.65 -17.53 6.58
N ASP A 204 -4.78 -16.32 6.10
CA ASP A 204 -6.13 -15.66 6.10
C ASP A 204 -7.11 -16.47 5.25
N GLU A 205 -6.65 -17.02 4.15
CA GLU A 205 -7.55 -17.87 3.31
C GLU A 205 -8.01 -19.10 4.09
N ASP A 206 -7.12 -19.69 4.84
CA ASP A 206 -7.50 -20.90 5.65
C ASP A 206 -8.57 -20.52 6.68
N SER A 207 -8.48 -19.33 7.21
CA SER A 207 -9.48 -18.88 8.24
C SER A 207 -10.89 -18.86 7.62
N ILE A 208 -10.99 -18.54 6.36
CA ILE A 208 -12.34 -18.48 5.70
C ILE A 208 -12.84 -19.89 5.40
N ARG A 209 -11.99 -20.73 4.84
CA ARG A 209 -12.42 -22.11 4.49
C ARG A 209 -12.87 -22.87 5.74
N LYS A 210 -12.20 -22.66 6.85
CA LYS A 210 -12.57 -23.37 8.11
C LYS A 210 -14.01 -23.02 8.51
N GLN A 211 -14.39 -21.77 8.35
CA GLN A 211 -15.79 -21.37 8.66
C GLN A 211 -16.76 -22.14 7.76
N GLN A 212 -16.37 -22.45 6.55
CA GLN A 212 -17.27 -23.17 5.61
C GLN A 212 -16.95 -24.67 5.62
N VAL A 213 -17.93 -25.49 5.87
CA VAL A 213 -17.70 -26.97 5.90
C VAL A 213 -18.48 -27.64 4.76
N SER A 214 -17.83 -28.46 3.99
CA SER A 214 -18.52 -29.16 2.86
C SER A 214 -18.98 -30.55 3.31
N ASP A 215 -20.16 -30.95 2.91
CA ASP A 215 -20.67 -32.31 3.30
C ASP A 215 -19.94 -33.39 2.50
N SER A 216 -19.55 -34.46 3.16
CA SER A 216 -18.85 -35.57 2.45
C SER A 216 -19.86 -36.46 1.73
N THR A 217 -19.41 -37.18 0.73
CA THR A 217 -20.33 -38.08 -0.02
C THR A 217 -20.14 -39.54 0.41
N LYS A 218 -19.56 -39.76 1.56
CA LYS A 218 -19.30 -41.17 2.02
C LYS A 218 -20.62 -41.94 2.14
N ASN A 219 -21.65 -41.28 2.60
CA ASN A 219 -22.98 -41.96 2.73
C ASN A 219 -23.46 -42.46 1.36
N GLY A 220 -23.16 -41.72 0.32
CA GLY A 220 -23.62 -42.11 -1.05
C GLY A 220 -24.89 -41.34 -1.41
N ASP A 221 -25.65 -40.94 -0.43
CA ASP A 221 -26.87 -40.09 -0.68
C ASP A 221 -27.84 -40.81 -1.61
N ALA A 222 -28.62 -41.72 -1.08
CA ALA A 222 -29.61 -42.45 -1.93
C ALA A 222 -30.96 -41.74 -1.88
N PHE A 223 -31.45 -41.29 -3.02
CA PHE A 223 -32.76 -40.58 -3.04
C PHE A 223 -33.88 -41.51 -2.55
N ARG A 224 -33.88 -42.75 -3.00
CA ARG A 224 -34.98 -43.70 -2.65
C ARG A 224 -36.35 -43.13 -3.05
N GLN A 225 -37.34 -43.97 -3.15
CA GLN A 225 -38.70 -43.49 -3.52
C GLN A 225 -39.21 -42.48 -2.47
N ASN A 226 -38.89 -42.70 -1.23
CA ASN A 226 -39.36 -41.77 -0.16
C ASN A 226 -38.22 -40.88 0.33
N THR A 227 -38.44 -39.60 0.39
CA THR A 227 -37.37 -38.68 0.86
C THR A 227 -37.92 -37.72 1.92
N HIS A 228 -37.05 -37.17 2.73
CA HIS A 228 -37.52 -36.24 3.81
C HIS A 228 -36.82 -34.88 3.66
N GLY A 229 -37.51 -33.82 3.99
CA GLY A 229 -36.90 -32.46 3.88
C GLY A 229 -35.88 -32.26 4.99
N ILE A 230 -34.83 -33.03 4.99
CA ILE A 230 -33.79 -32.89 6.06
C ILE A 230 -32.68 -31.94 5.61
N GLN A 231 -32.21 -31.09 6.49
CA GLN A 231 -31.14 -30.13 6.11
C GLN A 231 -29.76 -30.74 6.39
N MET A 232 -28.85 -30.59 5.46
CA MET A 232 -27.48 -31.15 5.65
C MET A 232 -26.82 -30.54 6.89
N THR A 233 -27.07 -29.28 7.14
CA THR A 233 -26.47 -28.60 8.32
C THR A 233 -27.51 -27.77 9.06
ZN ZN B . 13.02 0.29 11.23
N GLY A 1 10.36 32.94 26.99
CA GLY A 1 9.19 32.04 26.77
C GLY A 1 8.58 31.65 28.12
N SER A 2 7.84 32.55 28.71
CA SER A 2 7.20 32.24 30.04
C SER A 2 5.92 31.43 29.85
N SER A 3 5.30 31.53 28.69
CA SER A 3 4.05 30.76 28.44
C SER A 3 4.25 29.81 27.26
N THR A 4 3.58 28.67 27.28
CA THR A 4 3.74 27.70 26.16
C THR A 4 2.38 27.44 25.50
N PHE A 5 2.36 27.29 24.20
CA PHE A 5 1.07 27.04 23.48
C PHE A 5 1.06 25.64 22.87
N ASP A 6 -0.09 25.04 22.75
CA ASP A 6 -0.18 23.66 22.19
C ASP A 6 -0.33 23.69 20.65
N ALA A 7 -0.13 24.84 20.04
CA ALA A 7 -0.36 24.97 18.56
C ALA A 7 -1.81 24.60 18.20
N LEU A 8 -2.10 23.33 18.04
CA LEU A 8 -3.47 22.89 17.63
C LEU A 8 -3.87 23.56 16.31
N SER A 9 -4.43 24.75 16.34
CA SER A 9 -4.87 25.42 15.09
C SER A 9 -3.64 25.92 14.30
N PRO A 10 -3.74 25.98 12.98
CA PRO A 10 -4.73 25.20 12.19
C PRO A 10 -4.54 23.70 12.43
N SER A 11 -5.57 22.92 12.24
CA SER A 11 -5.49 21.46 12.53
C SER A 11 -4.81 20.73 11.36
N PRO A 12 -4.08 19.68 11.66
CA PRO A 12 -3.36 18.94 10.59
C PRO A 12 -4.35 18.36 9.58
N ALA A 13 -3.96 18.31 8.33
CA ALA A 13 -4.86 17.72 7.29
C ALA A 13 -4.86 16.20 7.39
N ILE A 14 -6.01 15.59 7.19
CA ILE A 14 -6.10 14.10 7.30
C ILE A 14 -6.63 13.50 5.99
N PRO A 15 -5.73 12.98 5.17
CA PRO A 15 -6.16 12.39 3.88
C PRO A 15 -7.11 11.21 4.12
N SER A 16 -7.99 10.97 3.18
CA SER A 16 -8.97 9.85 3.34
C SER A 16 -8.66 8.71 2.37
N ASN A 17 -8.93 7.50 2.77
CA ASN A 17 -8.61 6.32 1.89
C ASN A 17 -9.85 5.92 1.07
N THR A 18 -10.75 6.84 0.83
CA THR A 18 -11.98 6.52 0.04
C THR A 18 -11.63 6.41 -1.45
N ASP A 19 -11.97 5.30 -2.06
CA ASP A 19 -11.60 5.09 -3.49
C ASP A 19 -12.44 6.01 -4.39
N TYR A 20 -11.85 6.49 -5.46
CA TYR A 20 -12.59 7.37 -6.41
C TYR A 20 -11.94 7.33 -7.80
N PRO A 21 -12.53 6.59 -8.72
CA PRO A 21 -11.90 6.41 -10.05
C PRO A 21 -11.73 7.76 -10.75
N GLY A 22 -12.70 8.63 -10.64
CA GLY A 22 -12.58 9.98 -11.27
C GLY A 22 -12.85 9.87 -12.78
N PRO A 23 -12.33 10.80 -13.54
CA PRO A 23 -12.62 10.83 -14.99
C PRO A 23 -11.91 9.70 -15.73
N HIS A 24 -10.62 9.54 -15.48
CA HIS A 24 -9.83 8.52 -16.25
C HIS A 24 -9.98 7.12 -15.63
N SER A 25 -10.81 6.96 -14.62
CA SER A 25 -10.93 5.63 -13.92
C SER A 25 -9.57 5.14 -13.45
N PHE A 26 -8.91 5.88 -12.59
CA PHE A 26 -7.57 5.48 -12.09
C PHE A 26 -7.71 4.38 -11.02
N ASP A 27 -7.14 3.24 -11.28
CA ASP A 27 -7.28 2.09 -10.34
C ASP A 27 -5.91 1.50 -10.01
N VAL A 28 -5.82 0.78 -8.93
CA VAL A 28 -4.52 0.12 -8.57
C VAL A 28 -4.74 -1.37 -8.38
N SER A 29 -3.76 -2.16 -8.73
CA SER A 29 -3.87 -3.64 -8.53
C SER A 29 -2.47 -4.25 -8.42
N PHE A 30 -2.40 -5.45 -7.90
CA PHE A 30 -1.08 -6.10 -7.67
C PHE A 30 -1.05 -7.47 -8.34
N GLN A 31 -0.08 -7.71 -9.19
CA GLN A 31 -0.07 -8.98 -9.99
C GLN A 31 -0.13 -10.20 -9.07
N GLN A 32 -0.81 -11.23 -9.50
CA GLN A 32 -0.99 -12.43 -8.63
C GLN A 32 0.05 -13.51 -8.98
N SER A 33 0.68 -14.08 -7.99
CA SER A 33 1.66 -15.16 -8.23
C SER A 33 1.30 -16.41 -7.41
N SER A 34 1.67 -17.57 -7.90
CA SER A 34 1.39 -18.82 -7.14
C SER A 34 2.08 -18.79 -5.77
N THR A 35 1.62 -19.58 -4.84
CA THR A 35 2.23 -19.57 -3.48
C THR A 35 3.68 -20.03 -3.54
N ALA A 36 4.58 -19.13 -3.82
CA ALA A 36 6.03 -19.49 -3.90
C ALA A 36 6.69 -19.32 -2.53
N LYS A 37 7.76 -20.03 -2.29
CA LYS A 37 8.48 -19.90 -0.99
C LYS A 37 9.39 -18.67 -1.02
N SER A 38 9.61 -18.04 0.11
CA SER A 38 10.46 -16.82 0.17
C SER A 38 9.99 -15.77 -0.85
N ALA A 39 8.70 -15.68 -1.08
CA ALA A 39 8.18 -14.66 -2.04
C ALA A 39 8.54 -13.25 -1.57
N THR A 40 9.04 -12.44 -2.46
CA THR A 40 9.31 -11.01 -2.10
C THR A 40 8.02 -10.32 -1.67
N TRP A 41 6.92 -10.69 -2.26
CA TRP A 41 5.61 -10.07 -1.90
C TRP A 41 4.46 -10.83 -2.57
N THR A 42 3.36 -10.95 -1.89
CA THR A 42 2.20 -11.70 -2.45
C THR A 42 0.89 -11.01 -2.06
N TYR A 43 -0.09 -10.99 -2.93
CA TYR A 43 -1.31 -10.18 -2.68
C TYR A 43 -2.56 -11.05 -2.79
N SER A 44 -3.51 -10.83 -1.92
CA SER A 44 -4.80 -11.58 -1.99
C SER A 44 -5.93 -10.64 -2.42
N THR A 45 -6.62 -10.98 -3.47
CA THR A 45 -7.71 -10.08 -3.98
C THR A 45 -8.90 -10.09 -3.02
N GLU A 46 -9.21 -11.22 -2.43
CA GLU A 46 -10.39 -11.30 -1.51
C GLU A 46 -10.24 -10.32 -0.35
N LEU A 47 -9.02 -10.10 0.10
CA LEU A 47 -8.80 -9.23 1.29
C LEU A 47 -8.25 -7.86 0.87
N LYS A 48 -7.82 -7.71 -0.37
CA LYS A 48 -7.32 -6.38 -0.85
C LYS A 48 -6.14 -5.94 -0.01
N LYS A 49 -5.18 -6.82 0.17
CA LYS A 49 -4.04 -6.51 1.09
C LYS A 49 -2.76 -7.16 0.60
N LEU A 50 -1.63 -6.59 0.94
CA LEU A 50 -0.32 -7.07 0.38
C LEU A 50 0.65 -7.38 1.50
N TYR A 51 1.38 -8.47 1.39
CA TYR A 51 2.43 -8.79 2.38
C TYR A 51 3.79 -8.74 1.70
N CYS A 52 4.76 -8.10 2.31
CA CYS A 52 6.09 -7.93 1.64
C CYS A 52 7.23 -8.16 2.63
N GLN A 53 8.39 -8.46 2.13
CA GLN A 53 9.59 -8.53 3.02
C GLN A 53 10.48 -7.30 2.81
N ILE A 54 11.06 -6.79 3.87
CA ILE A 54 11.83 -5.52 3.78
C ILE A 54 12.88 -5.55 2.66
N ALA A 55 13.15 -4.42 2.04
CA ALA A 55 14.20 -4.31 0.98
C ALA A 55 13.86 -5.14 -0.27
N LYS A 56 12.66 -5.67 -0.37
CA LYS A 56 12.26 -6.39 -1.61
C LYS A 56 11.49 -5.47 -2.56
N THR A 57 11.51 -5.76 -3.84
CA THR A 57 10.81 -4.89 -4.83
C THR A 57 9.32 -5.27 -4.92
N CYS A 58 8.45 -4.31 -4.76
CA CYS A 58 7.00 -4.58 -4.96
C CYS A 58 6.47 -3.75 -6.14
N PRO A 59 6.52 -4.33 -7.33
CA PRO A 59 5.90 -3.67 -8.51
C PRO A 59 4.39 -3.51 -8.31
N ILE A 60 3.87 -2.34 -8.54
CA ILE A 60 2.39 -2.13 -8.47
C ILE A 60 1.91 -1.53 -9.79
N GLN A 61 0.76 -1.93 -10.26
CA GLN A 61 0.29 -1.47 -11.60
C GLN A 61 -0.86 -0.46 -11.47
N ILE A 62 -0.82 0.60 -12.23
CA ILE A 62 -2.00 1.51 -12.34
C ILE A 62 -2.84 1.13 -13.55
N LYS A 63 -4.14 1.07 -13.39
CA LYS A 63 -5.03 0.81 -14.58
C LYS A 63 -5.97 1.99 -14.81
N VAL A 64 -6.02 2.48 -16.02
CA VAL A 64 -6.99 3.57 -16.35
C VAL A 64 -7.66 3.28 -17.70
N MET A 65 -8.80 3.89 -17.94
CA MET A 65 -9.49 3.69 -19.25
C MET A 65 -8.82 4.53 -20.34
N THR A 66 -8.42 5.73 -20.01
CA THR A 66 -7.71 6.59 -21.00
C THR A 66 -6.51 7.26 -20.32
N PRO A 67 -5.43 7.42 -21.05
CA PRO A 67 -4.16 7.90 -20.43
C PRO A 67 -4.39 9.25 -19.72
N PRO A 68 -3.78 9.42 -18.57
CA PRO A 68 -3.92 10.72 -17.84
C PRO A 68 -3.27 11.86 -18.64
N PRO A 69 -3.51 13.09 -18.21
CA PRO A 69 -2.94 14.25 -18.93
C PRO A 69 -1.41 14.20 -18.92
N GLN A 70 -0.78 14.88 -19.84
CA GLN A 70 0.71 14.95 -19.85
C GLN A 70 1.19 15.97 -18.81
N GLY A 71 2.22 15.64 -18.08
CA GLY A 71 2.67 16.53 -16.96
C GLY A 71 2.14 15.98 -15.63
N ALA A 72 1.07 15.24 -15.66
CA ALA A 72 0.52 14.62 -14.41
C ALA A 72 1.62 13.88 -13.62
N VAL A 73 1.48 13.81 -12.33
CA VAL A 73 2.45 13.04 -11.50
C VAL A 73 1.71 12.08 -10.58
N ILE A 74 2.35 11.03 -10.16
CA ILE A 74 1.72 10.06 -9.23
C ILE A 74 2.33 10.20 -7.83
N ARG A 75 1.52 10.18 -6.81
CA ARG A 75 2.04 10.42 -5.42
C ARG A 75 1.86 9.15 -4.60
N ALA A 76 2.76 8.87 -3.68
CA ALA A 76 2.52 7.74 -2.73
C ALA A 76 3.00 8.11 -1.33
N MET A 77 2.14 8.00 -0.34
CA MET A 77 2.49 8.40 1.05
C MET A 77 2.01 7.37 2.08
N PRO A 78 2.82 7.10 3.09
CA PRO A 78 2.40 6.17 4.17
C PRO A 78 1.69 6.93 5.29
N VAL A 79 0.62 6.36 5.81
CA VAL A 79 -0.03 6.96 7.02
C VAL A 79 -0.63 5.87 7.90
N TYR A 80 -0.77 6.12 9.18
CA TYR A 80 -1.33 5.07 10.10
C TYR A 80 -2.76 4.71 9.70
N LYS A 81 -3.24 3.58 10.17
CA LYS A 81 -4.60 3.10 9.74
C LYS A 81 -5.70 3.86 10.48
N LYS A 82 -5.72 3.76 11.79
CA LYS A 82 -6.83 4.38 12.57
C LYS A 82 -6.58 5.88 12.74
N ALA A 83 -7.63 6.66 12.86
CA ALA A 83 -7.46 8.15 12.94
C ALA A 83 -6.55 8.53 14.11
N GLU A 84 -6.65 7.82 15.20
CA GLU A 84 -5.84 8.18 16.41
C GLU A 84 -4.36 8.20 16.08
N HIS A 85 -3.94 7.47 15.07
CA HIS A 85 -2.50 7.43 14.72
C HIS A 85 -2.23 8.16 13.40
N VAL A 86 -3.24 8.34 12.57
CA VAL A 86 -2.99 8.98 11.24
C VAL A 86 -2.58 10.45 11.41
N THR A 87 -2.89 11.03 12.54
CA THR A 87 -2.44 12.43 12.80
C THR A 87 -0.97 12.45 13.24
N GLU A 88 -0.43 11.33 13.64
CA GLU A 88 1.03 11.24 13.93
C GLU A 88 1.79 10.88 12.66
N VAL A 89 2.91 11.53 12.41
CA VAL A 89 3.73 11.19 11.20
C VAL A 89 4.44 9.85 11.40
N VAL A 90 4.54 9.06 10.36
CA VAL A 90 5.38 7.83 10.43
C VAL A 90 6.83 8.19 10.10
N LYS A 91 7.78 7.65 10.83
CA LYS A 91 9.19 8.09 10.67
C LYS A 91 10.15 6.89 10.62
N ARG A 92 11.43 7.15 10.68
CA ARG A 92 12.42 6.04 10.69
C ARG A 92 12.81 5.67 12.12
N CYS A 93 13.33 4.49 12.32
CA CYS A 93 13.75 4.06 13.68
C CYS A 93 15.07 4.74 14.05
N PRO A 94 15.35 4.85 15.33
CA PRO A 94 16.66 5.44 15.75
C PRO A 94 17.81 4.55 15.26
N ASN A 95 17.70 3.26 15.47
CA ASN A 95 18.79 2.33 15.04
C ASN A 95 18.91 2.29 13.51
N HIS A 96 17.81 2.23 12.81
CA HIS A 96 17.86 2.09 11.32
C HIS A 96 18.10 3.45 10.64
N GLU A 97 17.69 4.52 11.27
CA GLU A 97 18.03 5.88 10.75
C GLU A 97 19.53 6.15 10.93
N LEU A 98 20.09 5.74 12.03
CA LEU A 98 21.54 5.99 12.31
C LEU A 98 22.41 5.38 11.20
N SER A 99 22.01 4.25 10.66
CA SER A 99 22.81 3.59 9.58
C SER A 99 23.19 4.59 8.47
N ARG A 100 24.35 4.43 7.91
CA ARG A 100 24.83 5.41 6.88
C ARG A 100 23.87 5.40 5.67
N GLU A 101 23.58 6.56 5.13
CA GLU A 101 22.61 6.63 3.99
C GLU A 101 23.13 5.86 2.77
N PHE A 102 24.44 5.83 2.59
CA PHE A 102 25.03 5.18 1.38
C PHE A 102 24.38 5.72 0.10
N ASN A 103 24.27 7.03 -0.02
CA ASN A 103 23.58 7.63 -1.20
C ASN A 103 24.48 7.55 -2.45
N GLU A 104 25.73 7.17 -2.30
CA GLU A 104 26.64 7.14 -3.49
C GLU A 104 26.10 6.20 -4.58
N GLY A 105 25.73 6.75 -5.71
CA GLY A 105 25.31 5.90 -6.85
C GLY A 105 23.91 5.33 -6.62
N GLN A 106 23.13 5.92 -5.75
CA GLN A 106 21.76 5.39 -5.47
C GLN A 106 20.71 6.41 -5.91
N ILE A 107 19.63 5.93 -6.50
CA ILE A 107 18.52 6.85 -6.92
C ILE A 107 17.56 7.09 -5.74
N ALA A 108 17.49 6.19 -4.81
CA ALA A 108 16.47 6.30 -3.73
C ALA A 108 17.15 6.25 -2.34
N PRO A 109 17.40 7.41 -1.77
CA PRO A 109 18.12 7.46 -0.46
C PRO A 109 17.26 6.82 0.64
N PRO A 110 17.89 6.07 1.53
CA PRO A 110 17.13 5.41 2.62
C PRO A 110 16.42 6.44 3.51
N SER A 111 16.81 7.69 3.45
CA SER A 111 16.20 8.74 4.33
C SER A 111 14.67 8.72 4.22
N HIS A 112 14.13 8.23 3.12
CA HIS A 112 12.65 8.18 2.98
C HIS A 112 12.15 6.75 3.20
N LEU A 113 11.11 6.59 3.99
CA LEU A 113 10.59 5.22 4.29
C LEU A 113 10.14 4.54 2.99
N ILE A 114 9.51 5.27 2.11
CA ILE A 114 9.14 4.70 0.78
C ILE A 114 10.10 5.22 -0.29
N ARG A 115 10.54 4.35 -1.17
CA ARG A 115 11.49 4.77 -2.24
C ARG A 115 11.05 4.21 -3.59
N VAL A 116 11.50 4.81 -4.67
CA VAL A 116 11.16 4.30 -6.02
C VAL A 116 12.36 3.55 -6.62
N GLU A 117 12.09 2.53 -7.40
CA GLU A 117 13.17 1.87 -8.18
C GLU A 117 12.91 2.00 -9.68
N GLY A 118 13.88 2.47 -10.41
CA GLY A 118 13.81 2.38 -11.90
C GLY A 118 13.23 3.66 -12.49
N ASN A 119 13.30 4.76 -11.79
CA ASN A 119 12.86 6.07 -12.37
C ASN A 119 13.89 7.15 -12.04
N SER A 120 14.65 7.56 -13.02
CA SER A 120 15.71 8.59 -12.77
C SER A 120 15.11 9.91 -12.31
N HIS A 121 13.81 10.10 -12.48
CA HIS A 121 13.18 11.40 -12.10
C HIS A 121 12.47 11.29 -10.74
N ALA A 122 12.57 10.17 -10.06
CA ALA A 122 11.93 10.05 -8.71
C ALA A 122 12.52 11.08 -7.75
N GLN A 123 11.67 11.80 -7.06
CA GLN A 123 12.16 12.78 -6.05
C GLN A 123 11.26 12.73 -4.82
N TYR A 124 11.75 13.17 -3.69
CA TYR A 124 10.93 13.09 -2.44
C TYR A 124 10.63 14.49 -1.92
N VAL A 125 9.51 14.65 -1.25
CA VAL A 125 9.16 15.98 -0.65
C VAL A 125 8.77 15.80 0.82
N GLU A 126 8.82 16.87 1.57
CA GLU A 126 8.35 16.82 2.99
C GLU A 126 7.15 17.76 3.17
N ASP A 127 6.08 17.26 3.76
CA ASP A 127 4.89 18.12 3.99
C ASP A 127 5.25 19.26 4.97
N PRO A 128 5.17 20.50 4.50
CA PRO A 128 5.66 21.63 5.33
C PRO A 128 4.88 21.72 6.65
N ILE A 129 3.65 21.27 6.66
CA ILE A 129 2.78 21.51 7.85
C ILE A 129 2.70 20.26 8.75
N THR A 130 2.41 19.12 8.17
CA THR A 130 2.14 17.92 9.02
C THR A 130 3.31 16.93 8.99
N GLY A 131 4.45 17.32 8.47
CA GLY A 131 5.68 16.48 8.60
C GLY A 131 5.73 15.35 7.56
N ARG A 132 4.58 14.92 7.05
CA ARG A 132 4.50 13.64 6.27
C ARG A 132 5.62 13.50 5.22
N GLN A 133 6.13 12.32 5.04
CA GLN A 133 7.08 12.07 3.93
C GLN A 133 6.34 11.46 2.72
N SER A 134 6.75 11.79 1.53
CA SER A 134 6.12 11.17 0.32
C SER A 134 7.09 11.20 -0.86
N VAL A 135 6.86 10.35 -1.84
CA VAL A 135 7.71 10.36 -3.06
C VAL A 135 6.85 10.57 -4.30
N LEU A 136 7.36 11.22 -5.31
CA LEU A 136 6.54 11.53 -6.51
C LEU A 136 7.27 11.09 -7.78
N VAL A 137 6.54 10.82 -8.83
CA VAL A 137 7.18 10.49 -10.14
C VAL A 137 6.26 10.92 -11.29
N PRO A 138 6.85 11.24 -12.42
CA PRO A 138 6.03 11.61 -13.60
C PRO A 138 5.32 10.38 -14.16
N TYR A 139 4.07 10.52 -14.55
CA TYR A 139 3.33 9.35 -15.11
C TYR A 139 3.71 9.15 -16.59
N GLU A 140 4.19 7.99 -16.92
CA GLU A 140 4.53 7.68 -18.34
C GLU A 140 3.40 6.87 -19.00
N PRO A 141 3.37 6.88 -20.32
CA PRO A 141 2.34 6.10 -21.04
C PRO A 141 2.45 4.60 -20.67
N PRO A 142 1.40 3.85 -20.90
CA PRO A 142 1.40 2.41 -20.50
C PRO A 142 2.53 1.66 -21.20
N GLN A 143 3.06 0.65 -20.57
CA GLN A 143 4.21 -0.11 -21.17
C GLN A 143 3.78 -0.75 -22.49
N VAL A 144 4.70 -0.85 -23.43
CA VAL A 144 4.32 -1.28 -24.80
C VAL A 144 3.93 -2.76 -24.81
N GLY A 145 2.77 -3.07 -25.33
CA GLY A 145 2.32 -4.49 -25.39
C GLY A 145 1.28 -4.77 -24.29
N THR A 146 1.08 -3.85 -23.37
CA THR A 146 0.03 -4.05 -22.33
C THR A 146 -0.65 -2.72 -21.99
N GLU A 147 -1.75 -2.77 -21.30
CA GLU A 147 -2.60 -1.55 -21.15
C GLU A 147 -2.42 -0.90 -19.77
N PHE A 148 -1.41 -1.29 -19.02
CA PHE A 148 -1.24 -0.72 -17.64
C PHE A 148 0.17 -0.16 -17.45
N THR A 149 0.37 0.58 -16.38
CA THR A 149 1.69 1.20 -16.11
C THR A 149 2.27 0.65 -14.80
N THR A 150 3.58 0.53 -14.73
CA THR A 150 4.20 -0.12 -13.55
C THR A 150 5.07 0.87 -12.76
N VAL A 151 4.97 0.86 -11.46
CA VAL A 151 5.89 1.66 -10.61
C VAL A 151 6.48 0.75 -9.53
N LEU A 152 7.76 0.85 -9.27
CA LEU A 152 8.42 -0.13 -8.36
C LEU A 152 8.68 0.52 -7.00
N TYR A 153 8.12 -0.03 -5.95
CA TYR A 153 8.27 0.59 -4.61
C TYR A 153 9.23 -0.22 -3.74
N ASN A 154 9.90 0.43 -2.82
CA ASN A 154 10.84 -0.29 -1.91
C ASN A 154 10.64 0.22 -0.48
N PHE A 155 10.74 -0.64 0.51
CA PHE A 155 10.54 -0.21 1.92
C PHE A 155 11.84 -0.34 2.71
N MET A 156 12.23 0.69 3.42
CA MET A 156 13.53 0.66 4.16
C MET A 156 13.34 0.32 5.65
N CYS A 157 12.12 0.09 6.09
CA CYS A 157 11.89 -0.38 7.49
C CYS A 157 10.72 -1.36 7.53
N ASN A 158 10.67 -2.17 8.56
CA ASN A 158 9.54 -3.14 8.68
C ASN A 158 8.68 -2.80 9.90
N SER A 159 7.43 -3.18 9.88
CA SER A 159 6.46 -2.64 10.88
C SER A 159 6.93 -2.91 12.30
N SER A 160 7.71 -3.94 12.52
CA SER A 160 7.94 -4.44 13.90
C SER A 160 9.22 -3.86 14.52
N CYS A 161 9.88 -2.92 13.86
CA CYS A 161 11.12 -2.34 14.47
C CYS A 161 10.79 -1.08 15.27
N VAL A 162 11.06 -1.13 16.56
CA VAL A 162 10.54 -0.07 17.48
C VAL A 162 11.25 1.26 17.22
N GLY A 163 10.52 2.33 17.32
CA GLY A 163 11.14 3.69 17.12
C GLY A 163 10.85 4.20 15.70
N GLY A 164 10.23 3.39 14.86
CA GLY A 164 9.73 3.92 13.56
C GLY A 164 8.27 3.49 13.37
N MET A 165 8.06 2.41 12.68
CA MET A 165 6.66 1.88 12.51
C MET A 165 6.09 1.44 13.85
N ASN A 166 6.96 1.05 14.77
CA ASN A 166 6.54 0.73 16.18
C ASN A 166 5.25 -0.11 16.25
N ARG A 167 5.21 -1.19 15.52
CA ARG A 167 4.05 -2.14 15.63
C ARG A 167 2.71 -1.42 15.39
N ARG A 168 2.70 -0.43 14.53
CA ARG A 168 1.41 0.21 14.13
C ARG A 168 1.15 -0.02 12.63
N PRO A 169 0.23 -0.92 12.31
CA PRO A 169 -0.07 -1.19 10.88
C PRO A 169 -0.57 0.07 10.19
N ILE A 170 -0.22 0.25 8.93
CA ILE A 170 -0.55 1.52 8.22
C ILE A 170 -1.18 1.25 6.85
N LEU A 171 -1.54 2.30 6.17
CA LEU A 171 -2.11 2.17 4.80
C LEU A 171 -1.26 3.02 3.84
N ILE A 172 -1.17 2.62 2.61
CA ILE A 172 -0.41 3.45 1.63
C ILE A 172 -1.37 4.04 0.61
N ILE A 173 -1.30 5.32 0.40
CA ILE A 173 -2.28 6.00 -0.50
C ILE A 173 -1.57 6.43 -1.78
N VAL A 174 -2.09 6.02 -2.91
CA VAL A 174 -1.48 6.43 -4.20
C VAL A 174 -2.50 7.23 -5.01
N THR A 175 -2.15 8.41 -5.44
CA THR A 175 -3.13 9.29 -6.13
C THR A 175 -2.61 9.72 -7.51
N LEU A 176 -3.50 10.04 -8.40
CA LEU A 176 -3.09 10.68 -9.68
C LEU A 176 -3.46 12.17 -9.65
N GLU A 177 -2.50 13.03 -9.89
CA GLU A 177 -2.75 14.49 -9.72
C GLU A 177 -2.24 15.25 -10.95
N THR A 178 -2.86 16.35 -11.28
CA THR A 178 -2.41 17.15 -12.45
C THR A 178 -1.37 18.18 -12.00
N ARG A 179 -0.60 18.70 -12.93
CA ARG A 179 0.49 19.65 -12.56
C ARG A 179 -0.05 20.84 -11.76
N ASP A 180 -1.31 21.18 -11.95
CA ASP A 180 -1.85 22.43 -11.31
C ASP A 180 -2.45 22.15 -9.93
N GLY A 181 -2.25 20.97 -9.38
CA GLY A 181 -2.64 20.72 -7.97
C GLY A 181 -4.09 20.22 -7.88
N GLN A 182 -4.63 19.71 -8.96
CA GLN A 182 -6.05 19.22 -8.92
C GLN A 182 -6.07 17.69 -8.95
N VAL A 183 -6.96 17.09 -8.18
CA VAL A 183 -6.93 15.60 -8.03
C VAL A 183 -7.81 14.94 -9.10
N LEU A 184 -7.29 13.94 -9.76
CA LEU A 184 -8.09 13.23 -10.81
C LEU A 184 -8.68 11.93 -10.25
N GLY A 185 -7.92 11.22 -9.46
CA GLY A 185 -8.43 9.92 -8.91
C GLY A 185 -7.59 9.48 -7.71
N ARG A 186 -8.17 8.73 -6.80
CA ARG A 186 -7.42 8.27 -5.60
C ARG A 186 -7.67 6.78 -5.35
N ARG A 187 -6.64 6.04 -5.05
CA ARG A 187 -6.82 4.62 -4.63
C ARG A 187 -5.88 4.29 -3.46
N CYS A 188 -6.21 3.31 -2.66
CA CYS A 188 -5.39 3.02 -1.44
C CYS A 188 -5.31 1.51 -1.20
N PHE A 189 -4.28 1.06 -0.52
CA PHE A 189 -4.19 -0.37 -0.13
C PHE A 189 -3.52 -0.51 1.24
N GLU A 190 -3.67 -1.66 1.87
CA GLU A 190 -3.08 -1.84 3.23
C GLU A 190 -1.83 -2.73 3.15
N ALA A 191 -0.80 -2.36 3.86
CA ALA A 191 0.51 -3.06 3.67
C ALA A 191 0.96 -3.74 4.97
N ARG A 192 1.60 -4.88 4.85
CA ARG A 192 2.20 -5.54 6.04
C ARG A 192 3.59 -6.07 5.69
N ILE A 193 4.54 -5.91 6.58
CA ILE A 193 5.92 -6.42 6.31
C ILE A 193 6.22 -7.58 7.25
N CYS A 194 6.56 -8.73 6.71
CA CYS A 194 6.70 -9.95 7.55
C CYS A 194 7.82 -10.84 7.02
N ALA A 195 8.15 -11.90 7.73
CA ALA A 195 9.23 -12.81 7.28
C ALA A 195 8.76 -13.68 6.11
N CYS A 196 7.53 -14.14 6.15
CA CYS A 196 6.99 -14.98 5.03
C CYS A 196 5.67 -14.41 4.53
N PRO A 197 5.73 -13.48 3.61
CA PRO A 197 4.48 -12.95 2.98
C PRO A 197 3.68 -14.09 2.36
N GLY A 198 4.34 -15.14 1.95
CA GLY A 198 3.59 -16.32 1.38
C GLY A 198 2.77 -16.97 2.49
N ARG A 199 3.31 -17.01 3.69
CA ARG A 199 2.64 -17.76 4.79
C ARG A 199 1.42 -17.00 5.27
N ASP A 200 1.53 -15.70 5.37
CA ASP A 200 0.38 -14.88 5.89
C ASP A 200 -0.75 -14.88 4.86
N ARG A 201 -0.43 -14.76 3.59
CA ARG A 201 -1.50 -14.79 2.55
C ARG A 201 -2.25 -16.12 2.58
N LYS A 202 -1.53 -17.21 2.71
CA LYS A 202 -2.20 -18.55 2.74
C LYS A 202 -3.09 -18.67 3.98
N ALA A 203 -2.64 -18.16 5.10
CA ALA A 203 -3.39 -18.36 6.38
C ALA A 203 -4.78 -17.72 6.28
N ASP A 204 -4.85 -16.47 5.90
CA ASP A 204 -6.18 -15.78 5.84
C ASP A 204 -7.09 -16.50 4.84
N GLU A 205 -6.54 -16.96 3.74
CA GLU A 205 -7.38 -17.68 2.74
C GLU A 205 -7.91 -19.00 3.33
N ASP A 206 -7.10 -19.69 4.09
CA ASP A 206 -7.55 -20.97 4.69
C ASP A 206 -8.73 -20.72 5.65
N SER A 207 -8.71 -19.61 6.33
CA SER A 207 -9.81 -19.30 7.29
C SER A 207 -11.15 -19.18 6.53
N ILE A 208 -11.11 -18.68 5.32
CA ILE A 208 -12.37 -18.49 4.55
C ILE A 208 -12.81 -19.83 3.94
N ARG A 209 -11.88 -20.58 3.40
CA ARG A 209 -12.23 -21.89 2.79
C ARG A 209 -12.89 -22.81 3.81
N LYS A 210 -12.43 -22.78 5.04
CA LYS A 210 -13.04 -23.65 6.10
C LYS A 210 -14.51 -23.31 6.27
N GLN A 211 -14.86 -22.04 6.25
CA GLN A 211 -16.29 -21.64 6.31
C GLN A 211 -17.05 -22.18 5.10
N GLN A 212 -16.39 -22.27 3.97
CA GLN A 212 -17.08 -22.74 2.73
C GLN A 212 -16.89 -24.25 2.57
N VAL A 213 -17.98 -24.98 2.44
CA VAL A 213 -17.88 -26.45 2.25
C VAL A 213 -18.13 -26.81 0.77
N SER A 214 -17.27 -27.59 0.19
CA SER A 214 -17.40 -27.94 -1.25
C SER A 214 -18.14 -29.26 -1.41
N ASP A 215 -19.02 -29.35 -2.38
CA ASP A 215 -19.80 -30.60 -2.60
C ASP A 215 -18.98 -31.62 -3.39
N SER A 216 -18.74 -32.77 -2.82
CA SER A 216 -17.96 -33.82 -3.55
C SER A 216 -18.90 -34.77 -4.28
N THR A 217 -18.46 -35.37 -5.34
CA THR A 217 -19.33 -36.30 -6.13
C THR A 217 -19.21 -37.73 -5.60
N LYS A 218 -18.09 -38.06 -5.01
CA LYS A 218 -17.92 -39.41 -4.39
C LYS A 218 -18.95 -39.60 -3.28
N ASN A 219 -19.26 -38.55 -2.55
CA ASN A 219 -20.28 -38.65 -1.47
C ASN A 219 -21.50 -37.82 -1.83
N GLY A 220 -22.68 -38.30 -1.50
CA GLY A 220 -23.94 -37.56 -1.86
C GLY A 220 -23.91 -36.17 -1.22
N ASP A 221 -23.40 -36.05 -0.02
CA ASP A 221 -23.25 -34.72 0.63
C ASP A 221 -24.60 -34.02 0.76
N ALA A 222 -25.38 -34.40 1.75
CA ALA A 222 -26.71 -33.76 1.95
C ALA A 222 -26.56 -32.41 2.64
N PHE A 223 -27.02 -31.36 2.01
CA PHE A 223 -26.90 -29.99 2.63
C PHE A 223 -27.70 -29.94 3.93
N ARG A 224 -28.83 -30.60 3.98
CA ARG A 224 -29.71 -30.55 5.19
C ARG A 224 -30.00 -29.09 5.59
N GLN A 225 -30.80 -28.90 6.62
CA GLN A 225 -31.14 -27.51 7.06
C GLN A 225 -29.86 -26.76 7.46
N ASN A 226 -28.92 -27.44 8.06
CA ASN A 226 -27.63 -26.80 8.46
C ASN A 226 -27.89 -25.54 9.31
N THR A 227 -28.78 -25.64 10.27
CA THR A 227 -29.08 -24.46 11.14
C THR A 227 -27.86 -24.07 11.96
N HIS A 228 -27.06 -25.03 12.34
CA HIS A 228 -25.82 -24.73 13.12
C HIS A 228 -24.62 -25.47 12.52
N GLY A 229 -23.56 -24.75 12.23
CA GLY A 229 -22.35 -25.39 11.64
C GLY A 229 -21.46 -25.92 12.76
N ILE A 230 -20.37 -26.57 12.40
CA ILE A 230 -19.44 -27.09 13.44
C ILE A 230 -18.00 -27.06 12.91
N GLN A 231 -17.04 -27.07 13.80
CA GLN A 231 -15.61 -27.05 13.36
C GLN A 231 -15.06 -28.48 13.18
N MET A 232 -15.89 -29.49 13.31
CA MET A 232 -15.40 -30.90 13.15
C MET A 232 -14.84 -31.11 11.74
N THR A 233 -15.44 -30.47 10.77
CA THR A 233 -14.95 -30.63 9.36
C THR A 233 -14.90 -29.27 8.66
ZN ZN B . 12.99 0.44 11.34
N GLY A 1 8.79 29.46 14.89
CA GLY A 1 8.67 29.13 16.34
C GLY A 1 7.57 28.08 16.53
N SER A 2 7.42 27.56 17.73
CA SER A 2 6.38 26.53 17.98
C SER A 2 5.03 27.20 18.28
N SER A 3 3.96 26.48 18.14
CA SER A 3 2.61 27.07 18.41
C SER A 3 2.49 27.47 19.87
N THR A 4 1.65 28.43 20.17
CA THR A 4 1.47 28.88 21.59
C THR A 4 0.96 27.71 22.44
N PHE A 5 0.10 26.89 21.90
CA PHE A 5 -0.46 25.74 22.67
C PHE A 5 -0.06 24.42 22.02
N ASP A 6 -0.01 23.36 22.79
CA ASP A 6 0.40 22.04 22.23
C ASP A 6 -0.80 21.31 21.62
N ALA A 7 -0.72 20.96 20.37
CA ALA A 7 -1.82 20.20 19.70
C ALA A 7 -3.16 20.93 19.86
N LEU A 8 -3.17 22.23 19.71
CA LEU A 8 -4.45 23.00 19.81
C LEU A 8 -5.18 22.99 18.46
N SER A 9 -6.47 22.74 18.48
CA SER A 9 -7.24 22.69 17.21
C SER A 9 -7.17 24.04 16.47
N PRO A 10 -7.78 24.15 15.31
CA PRO A 10 -8.31 22.98 14.55
C PRO A 10 -7.17 22.06 14.12
N SER A 11 -7.44 20.79 13.97
CA SER A 11 -6.37 19.83 13.56
C SER A 11 -6.16 19.87 12.05
N PRO A 12 -4.97 19.54 11.61
CA PRO A 12 -4.68 19.52 10.14
C PRO A 12 -5.62 18.54 9.42
N ALA A 13 -5.87 18.77 8.16
CA ALA A 13 -6.77 17.86 7.40
C ALA A 13 -6.06 16.55 7.09
N ILE A 14 -6.79 15.47 6.98
CA ILE A 14 -6.17 14.14 6.72
C ILE A 14 -6.70 13.56 5.41
N PRO A 15 -5.85 12.93 4.63
CA PRO A 15 -6.30 12.32 3.35
C PRO A 15 -7.33 11.22 3.61
N SER A 16 -8.19 10.96 2.67
CA SER A 16 -9.22 9.90 2.85
C SER A 16 -8.87 8.68 2.00
N ASN A 17 -9.17 7.50 2.49
CA ASN A 17 -8.82 6.26 1.73
C ASN A 17 -10.03 5.79 0.89
N THR A 18 -10.93 6.68 0.56
CA THR A 18 -12.11 6.30 -0.27
C THR A 18 -11.71 6.22 -1.74
N ASP A 19 -11.96 5.11 -2.38
CA ASP A 19 -11.54 4.94 -3.81
C ASP A 19 -12.38 5.84 -4.71
N TYR A 20 -11.78 6.35 -5.76
CA TYR A 20 -12.53 7.22 -6.72
C TYR A 20 -11.83 7.22 -8.09
N PRO A 21 -12.37 6.46 -9.02
CA PRO A 21 -11.69 6.32 -10.35
C PRO A 21 -11.55 7.69 -11.03
N GLY A 22 -12.55 8.53 -10.91
CA GLY A 22 -12.46 9.89 -11.52
C GLY A 22 -12.74 9.80 -13.04
N PRO A 23 -12.22 10.76 -13.78
CA PRO A 23 -12.54 10.84 -15.23
C PRO A 23 -11.83 9.73 -16.01
N HIS A 24 -10.55 9.56 -15.78
CA HIS A 24 -9.77 8.58 -16.59
C HIS A 24 -9.85 7.17 -15.99
N SER A 25 -10.68 6.96 -14.99
CA SER A 25 -10.75 5.62 -14.30
C SER A 25 -9.35 5.21 -13.82
N PHE A 26 -8.74 6.00 -12.99
CA PHE A 26 -7.37 5.68 -12.50
C PHE A 26 -7.45 4.64 -11.38
N ASP A 27 -6.91 3.48 -11.62
CA ASP A 27 -7.05 2.37 -10.63
C ASP A 27 -5.69 1.75 -10.32
N VAL A 28 -5.58 1.06 -9.22
CA VAL A 28 -4.33 0.32 -8.89
C VAL A 28 -4.63 -1.16 -8.70
N SER A 29 -3.67 -2.01 -9.00
CA SER A 29 -3.85 -3.46 -8.77
C SER A 29 -2.49 -4.14 -8.59
N PHE A 30 -2.49 -5.37 -8.17
CA PHE A 30 -1.22 -6.09 -7.89
C PHE A 30 -1.18 -7.40 -8.65
N GLN A 31 -0.16 -7.62 -9.44
CA GLN A 31 -0.08 -8.87 -10.27
C GLN A 31 -0.16 -10.10 -9.38
N GLN A 32 -0.80 -11.15 -9.86
CA GLN A 32 -1.03 -12.35 -9.00
C GLN A 32 0.08 -13.39 -9.24
N SER A 33 0.52 -14.03 -8.19
CA SER A 33 1.57 -15.09 -8.33
C SER A 33 1.28 -16.25 -7.39
N SER A 34 1.71 -17.44 -7.75
CA SER A 34 1.47 -18.63 -6.87
C SER A 34 2.17 -18.44 -5.52
N THR A 35 1.79 -19.22 -4.53
CA THR A 35 2.40 -19.08 -3.18
C THR A 35 3.84 -19.62 -3.20
N ALA A 36 4.71 -18.99 -3.95
CA ALA A 36 6.12 -19.46 -4.04
C ALA A 36 6.82 -19.29 -2.68
N LYS A 37 7.76 -20.14 -2.38
CA LYS A 37 8.48 -20.03 -1.07
C LYS A 37 9.28 -18.72 -1.02
N SER A 38 9.29 -18.08 0.12
CA SER A 38 10.06 -16.81 0.29
C SER A 38 9.73 -15.80 -0.82
N ALA A 39 8.47 -15.60 -1.08
CA ALA A 39 8.06 -14.58 -2.11
C ALA A 39 8.45 -13.18 -1.65
N THR A 40 8.98 -12.39 -2.53
CA THR A 40 9.28 -10.96 -2.19
C THR A 40 7.99 -10.24 -1.78
N TRP A 41 6.89 -10.62 -2.36
CA TRP A 41 5.58 -10.00 -2.00
C TRP A 41 4.43 -10.77 -2.66
N THR A 42 3.33 -10.89 -1.97
CA THR A 42 2.18 -11.66 -2.51
C THR A 42 0.86 -10.97 -2.14
N TYR A 43 -0.10 -10.99 -3.02
CA TYR A 43 -1.35 -10.19 -2.78
C TYR A 43 -2.58 -11.08 -2.89
N SER A 44 -3.54 -10.87 -2.02
CA SER A 44 -4.81 -11.64 -2.11
C SER A 44 -5.95 -10.69 -2.52
N THR A 45 -6.63 -11.01 -3.59
CA THR A 45 -7.74 -10.13 -4.07
C THR A 45 -8.94 -10.19 -3.12
N GLU A 46 -9.22 -11.35 -2.57
CA GLU A 46 -10.37 -11.49 -1.64
C GLU A 46 -10.21 -10.55 -0.44
N LEU A 47 -8.99 -10.32 -0.02
CA LEU A 47 -8.76 -9.50 1.20
C LEU A 47 -8.26 -8.10 0.82
N LYS A 48 -7.87 -7.90 -0.42
CA LYS A 48 -7.44 -6.53 -0.88
C LYS A 48 -6.25 -6.06 -0.05
N LYS A 49 -5.26 -6.90 0.11
CA LYS A 49 -4.13 -6.57 1.02
C LYS A 49 -2.82 -7.19 0.52
N LEU A 50 -1.71 -6.59 0.85
CA LEU A 50 -0.41 -7.03 0.29
C LEU A 50 0.59 -7.32 1.41
N TYR A 51 1.34 -8.38 1.29
CA TYR A 51 2.43 -8.67 2.27
C TYR A 51 3.78 -8.60 1.57
N CYS A 52 4.74 -7.94 2.15
CA CYS A 52 6.06 -7.78 1.46
C CYS A 52 7.22 -7.97 2.44
N GLN A 53 8.38 -8.27 1.94
CA GLN A 53 9.60 -8.33 2.79
C GLN A 53 10.48 -7.10 2.57
N ILE A 54 11.06 -6.58 3.61
CA ILE A 54 11.82 -5.30 3.51
C ILE A 54 12.90 -5.36 2.41
N ALA A 55 13.17 -4.25 1.77
CA ALA A 55 14.25 -4.15 0.73
C ALA A 55 13.94 -5.02 -0.51
N LYS A 56 12.74 -5.55 -0.62
CA LYS A 56 12.37 -6.29 -1.87
C LYS A 56 11.59 -5.39 -2.83
N THR A 57 11.63 -5.70 -4.11
CA THR A 57 10.90 -4.85 -5.11
C THR A 57 9.42 -5.21 -5.13
N CYS A 58 8.56 -4.23 -4.96
CA CYS A 58 7.10 -4.49 -5.10
C CYS A 58 6.52 -3.67 -6.27
N PRO A 59 6.51 -4.25 -7.45
CA PRO A 59 5.91 -3.57 -8.62
C PRO A 59 4.39 -3.43 -8.44
N ILE A 60 3.88 -2.24 -8.60
CA ILE A 60 2.40 -2.04 -8.60
C ILE A 60 1.98 -1.37 -9.92
N GLN A 61 0.87 -1.77 -10.47
CA GLN A 61 0.48 -1.27 -11.83
C GLN A 61 -0.72 -0.31 -11.73
N ILE A 62 -0.66 0.77 -12.46
CA ILE A 62 -1.85 1.68 -12.57
C ILE A 62 -2.66 1.33 -13.81
N LYS A 63 -3.95 1.27 -13.70
CA LYS A 63 -4.81 1.01 -14.90
C LYS A 63 -5.74 2.19 -15.16
N VAL A 64 -5.79 2.67 -16.37
CA VAL A 64 -6.76 3.75 -16.73
C VAL A 64 -7.42 3.44 -18.08
N MET A 65 -8.55 4.03 -18.34
CA MET A 65 -9.22 3.85 -19.66
C MET A 65 -8.52 4.71 -20.72
N THR A 66 -8.15 5.91 -20.35
CA THR A 66 -7.41 6.78 -21.30
C THR A 66 -6.23 7.46 -20.58
N PRO A 67 -5.12 7.62 -21.28
CA PRO A 67 -3.89 8.12 -20.62
C PRO A 67 -4.14 9.45 -19.91
N PRO A 68 -3.58 9.62 -18.72
CA PRO A 68 -3.75 10.90 -17.99
C PRO A 68 -3.10 12.06 -18.74
N PRO A 69 -3.37 13.28 -18.30
CA PRO A 69 -2.80 14.46 -18.98
C PRO A 69 -1.27 14.43 -18.94
N GLN A 70 -0.62 15.11 -19.85
CA GLN A 70 0.86 15.22 -19.80
C GLN A 70 1.28 16.24 -18.74
N GLY A 71 2.32 15.95 -18.01
CA GLY A 71 2.73 16.86 -16.89
C GLY A 71 2.18 16.30 -15.57
N ALA A 72 1.12 15.54 -15.62
CA ALA A 72 0.57 14.89 -14.38
C ALA A 72 1.67 14.17 -13.59
N VAL A 73 1.49 14.08 -12.30
CA VAL A 73 2.47 13.32 -11.46
C VAL A 73 1.73 12.34 -10.56
N ILE A 74 2.39 11.29 -10.15
CA ILE A 74 1.74 10.31 -9.22
C ILE A 74 2.34 10.47 -7.82
N ARG A 75 1.51 10.45 -6.81
CA ARG A 75 1.99 10.69 -5.42
C ARG A 75 1.81 9.42 -4.59
N ALA A 76 2.72 9.11 -3.71
CA ALA A 76 2.56 7.90 -2.84
C ALA A 76 3.04 8.19 -1.43
N MET A 77 2.18 8.00 -0.45
CA MET A 77 2.54 8.35 0.96
C MET A 77 2.06 7.27 1.93
N PRO A 78 2.89 6.93 2.90
CA PRO A 78 2.47 5.96 3.95
C PRO A 78 1.82 6.67 5.13
N VAL A 79 0.75 6.13 5.66
CA VAL A 79 0.13 6.73 6.88
C VAL A 79 -0.47 5.62 7.76
N TYR A 80 -0.60 5.87 9.04
CA TYR A 80 -1.22 4.85 9.95
C TYR A 80 -2.65 4.54 9.50
N LYS A 81 -3.18 3.41 9.93
CA LYS A 81 -4.53 2.99 9.46
C LYS A 81 -5.62 3.82 10.13
N LYS A 82 -5.68 3.79 11.44
CA LYS A 82 -6.79 4.49 12.16
C LYS A 82 -6.49 5.98 12.26
N ALA A 83 -7.52 6.81 12.27
CA ALA A 83 -7.30 8.29 12.28
C ALA A 83 -6.44 8.71 13.48
N GLU A 84 -6.65 8.09 14.60
CA GLU A 84 -5.91 8.49 15.84
C GLU A 84 -4.40 8.43 15.61
N HIS A 85 -3.96 7.62 14.68
CA HIS A 85 -2.50 7.49 14.43
C HIS A 85 -2.10 8.11 13.09
N VAL A 86 -3.05 8.28 12.17
CA VAL A 86 -2.69 8.82 10.82
C VAL A 86 -2.23 10.28 10.92
N THR A 87 -2.59 10.95 11.99
CA THR A 87 -2.08 12.34 12.20
C THR A 87 -0.64 12.33 12.73
N GLU A 88 -0.18 11.21 13.23
CA GLU A 88 1.26 11.08 13.61
C GLU A 88 2.08 10.61 12.40
N VAL A 89 3.24 11.19 12.20
CA VAL A 89 4.09 10.77 11.05
C VAL A 89 4.72 9.39 11.33
N VAL A 90 4.83 8.57 10.31
CA VAL A 90 5.63 7.32 10.45
C VAL A 90 7.11 7.63 10.19
N LYS A 91 7.99 7.05 10.96
CA LYS A 91 9.41 7.53 10.97
C LYS A 91 10.40 6.36 10.90
N ARG A 92 11.66 6.63 11.11
CA ARG A 92 12.70 5.57 11.04
C ARG A 92 12.99 5.01 12.45
N CYS A 93 13.45 3.80 12.52
CA CYS A 93 13.91 3.24 13.83
C CYS A 93 15.29 3.82 14.17
N PRO A 94 15.68 3.76 15.42
CA PRO A 94 17.03 4.24 15.80
C PRO A 94 18.10 3.38 15.12
N ASN A 95 17.95 2.08 15.20
CA ASN A 95 18.94 1.17 14.56
C ASN A 95 18.94 1.31 13.03
N HIS A 96 17.77 1.36 12.43
CA HIS A 96 17.69 1.38 10.94
C HIS A 96 17.94 2.78 10.38
N GLU A 97 17.63 3.81 11.14
CA GLU A 97 17.99 5.19 10.72
C GLU A 97 19.51 5.39 10.76
N LEU A 98 20.15 4.88 11.78
CA LEU A 98 21.64 4.97 11.86
C LEU A 98 22.29 4.05 10.81
N SER A 99 21.62 2.96 10.48
CA SER A 99 22.22 1.95 9.54
C SER A 99 22.80 2.60 8.28
N ARG A 100 22.16 3.64 7.79
CA ARG A 100 22.68 4.33 6.58
C ARG A 100 22.82 5.83 6.84
N GLU A 101 23.90 6.42 6.38
CA GLU A 101 24.10 7.89 6.60
C GLU A 101 24.69 8.53 5.33
N PHE A 102 24.99 9.80 5.38
CA PHE A 102 25.61 10.50 4.21
C PHE A 102 24.75 10.30 2.95
N ASN A 103 23.65 10.99 2.86
CA ASN A 103 22.74 10.83 1.67
C ASN A 103 23.44 11.32 0.39
N GLU A 104 24.57 11.97 0.49
CA GLU A 104 25.33 12.35 -0.74
C GLU A 104 25.69 11.11 -1.55
N GLY A 105 25.26 11.06 -2.79
CA GLY A 105 25.58 9.89 -3.66
C GLY A 105 24.44 8.85 -3.64
N GLN A 106 23.36 9.12 -2.92
CA GLN A 106 22.23 8.15 -2.90
C GLN A 106 20.99 8.78 -3.54
N ILE A 107 20.26 8.01 -4.30
CA ILE A 107 19.05 8.55 -4.99
C ILE A 107 17.83 8.50 -4.07
N ALA A 108 17.84 7.60 -3.10
CA ALA A 108 16.66 7.45 -2.20
C ALA A 108 17.09 7.60 -0.73
N PRO A 109 16.96 8.79 -0.19
CA PRO A 109 17.41 9.02 1.20
C PRO A 109 16.57 8.18 2.18
N PRO A 110 17.22 7.57 3.16
CA PRO A 110 16.49 6.71 4.13
C PRO A 110 15.38 7.51 4.84
N SER A 111 15.49 8.81 4.87
CA SER A 111 14.51 9.64 5.65
C SER A 111 13.07 9.33 5.22
N HIS A 112 12.88 8.80 4.03
CA HIS A 112 11.51 8.46 3.57
C HIS A 112 11.28 6.95 3.65
N LEU A 113 10.23 6.55 4.33
CA LEU A 113 9.95 5.08 4.47
C LEU A 113 9.73 4.46 3.08
N ILE A 114 9.10 5.19 2.19
CA ILE A 114 8.88 4.66 0.81
C ILE A 114 9.95 5.21 -0.13
N ARG A 115 10.47 4.38 -0.98
CA ARG A 115 11.46 4.85 -2.01
C ARG A 115 11.07 4.32 -3.39
N VAL A 116 11.55 4.94 -4.44
CA VAL A 116 11.20 4.51 -5.81
C VAL A 116 12.39 3.79 -6.46
N GLU A 117 12.12 2.81 -7.29
CA GLU A 117 13.20 2.17 -8.09
C GLU A 117 12.89 2.30 -9.58
N GLY A 118 13.84 2.75 -10.35
CA GLY A 118 13.70 2.69 -11.84
C GLY A 118 13.19 4.02 -12.39
N ASN A 119 13.32 5.10 -11.66
CA ASN A 119 12.94 6.43 -12.19
C ASN A 119 13.97 7.48 -11.74
N SER A 120 14.84 7.88 -12.64
CA SER A 120 15.90 8.87 -12.27
C SER A 120 15.27 10.21 -11.85
N HIS A 121 14.03 10.44 -12.16
CA HIS A 121 13.39 11.74 -11.80
C HIS A 121 12.58 11.61 -10.50
N ALA A 122 12.71 10.52 -9.78
CA ALA A 122 12.00 10.39 -8.47
C ALA A 122 12.52 11.46 -7.50
N GLN A 123 11.61 12.14 -6.85
CA GLN A 123 12.01 13.17 -5.84
C GLN A 123 11.10 13.09 -4.62
N TYR A 124 11.54 13.59 -3.50
CA TYR A 124 10.72 13.48 -2.26
C TYR A 124 10.28 14.87 -1.79
N VAL A 125 9.15 14.95 -1.14
CA VAL A 125 8.68 16.26 -0.58
C VAL A 125 8.28 16.09 0.89
N GLU A 126 8.23 17.17 1.62
CA GLU A 126 7.77 17.10 3.03
C GLU A 126 6.53 17.98 3.23
N ASP A 127 5.51 17.44 3.84
CA ASP A 127 4.28 18.25 4.11
C ASP A 127 4.61 19.40 5.07
N PRO A 128 4.22 20.60 4.73
CA PRO A 128 4.69 21.78 5.50
C PRO A 128 4.18 21.75 6.94
N ILE A 129 3.05 21.13 7.16
CA ILE A 129 2.36 21.30 8.48
C ILE A 129 2.62 20.09 9.39
N THR A 130 2.38 18.89 8.90
CA THR A 130 2.50 17.69 9.79
C THR A 130 3.78 16.90 9.50
N GLY A 131 4.71 17.44 8.76
CA GLY A 131 6.02 16.76 8.55
C GLY A 131 5.89 15.52 7.64
N ARG A 132 4.69 15.15 7.24
CA ARG A 132 4.47 13.87 6.47
C ARG A 132 5.49 13.69 5.33
N GLN A 133 5.95 12.49 5.11
CA GLN A 133 6.90 12.23 4.00
C GLN A 133 6.18 11.60 2.81
N SER A 134 6.55 11.97 1.62
CA SER A 134 5.95 11.32 0.40
C SER A 134 6.91 11.42 -0.78
N VAL A 135 6.73 10.58 -1.77
CA VAL A 135 7.61 10.62 -2.97
C VAL A 135 6.77 10.82 -4.23
N LEU A 136 7.31 11.49 -5.22
CA LEU A 136 6.50 11.82 -6.42
C LEU A 136 7.26 11.41 -7.69
N VAL A 137 6.56 11.14 -8.75
CA VAL A 137 7.23 10.84 -10.06
C VAL A 137 6.33 11.28 -11.22
N PRO A 138 6.92 11.63 -12.34
CA PRO A 138 6.12 12.00 -13.53
C PRO A 138 5.43 10.75 -14.11
N TYR A 139 4.19 10.87 -14.49
CA TYR A 139 3.48 9.69 -15.08
C TYR A 139 3.91 9.49 -16.54
N GLU A 140 4.42 8.33 -16.86
CA GLU A 140 4.84 8.04 -18.26
C GLU A 140 3.75 7.21 -18.98
N PRO A 141 3.77 7.23 -20.29
CA PRO A 141 2.79 6.43 -21.06
C PRO A 141 2.92 4.94 -20.70
N PRO A 142 1.88 4.18 -20.98
CA PRO A 142 1.89 2.74 -20.61
C PRO A 142 3.07 2.01 -21.27
N GLN A 143 3.58 0.99 -20.63
CA GLN A 143 4.76 0.26 -21.20
C GLN A 143 4.41 -0.33 -22.57
N VAL A 144 5.38 -0.40 -23.45
CA VAL A 144 5.08 -0.76 -24.87
C VAL A 144 4.67 -2.24 -24.95
N GLY A 145 3.54 -2.51 -25.56
CA GLY A 145 3.07 -3.92 -25.70
C GLY A 145 1.96 -4.23 -24.68
N THR A 146 1.73 -3.36 -23.73
CA THR A 146 0.60 -3.56 -22.78
C THR A 146 -0.06 -2.23 -22.41
N GLU A 147 -1.13 -2.28 -21.67
CA GLU A 147 -1.99 -1.06 -21.50
C GLU A 147 -1.87 -0.47 -20.09
N PHE A 148 -0.89 -0.89 -19.32
CA PHE A 148 -0.80 -0.39 -17.91
C PHE A 148 0.57 0.25 -17.64
N THR A 149 0.70 0.93 -16.54
CA THR A 149 2.00 1.58 -16.17
C THR A 149 2.54 0.98 -14.87
N THR A 150 3.83 0.87 -14.74
CA THR A 150 4.41 0.19 -13.55
C THR A 150 5.25 1.16 -12.71
N VAL A 151 5.09 1.12 -11.41
CA VAL A 151 5.99 1.88 -10.50
C VAL A 151 6.57 0.93 -9.46
N LEU A 152 7.84 1.04 -9.17
CA LEU A 152 8.50 0.04 -8.27
C LEU A 152 8.74 0.67 -6.89
N TYR A 153 8.18 0.08 -5.86
CA TYR A 153 8.38 0.64 -4.49
C TYR A 153 9.46 -0.14 -3.74
N ASN A 154 10.06 0.49 -2.76
CA ASN A 154 10.99 -0.24 -1.84
C ASN A 154 10.71 0.20 -0.39
N PHE A 155 10.80 -0.71 0.54
CA PHE A 155 10.51 -0.36 1.97
C PHE A 155 11.79 -0.38 2.79
N MET A 156 12.06 0.67 3.53
CA MET A 156 13.32 0.74 4.32
C MET A 156 13.13 0.28 5.77
N CYS A 157 11.94 -0.10 6.15
CA CYS A 157 11.73 -0.64 7.54
C CYS A 157 10.67 -1.76 7.50
N ASN A 158 10.59 -2.53 8.56
CA ASN A 158 9.60 -3.65 8.59
C ASN A 158 8.65 -3.48 9.78
N SER A 159 7.55 -4.19 9.77
CA SER A 159 6.42 -3.85 10.68
C SER A 159 6.87 -3.90 12.14
N SER A 160 7.77 -4.79 12.48
CA SER A 160 7.98 -5.13 13.91
C SER A 160 9.26 -4.49 14.46
N CYS A 161 9.84 -3.53 13.79
CA CYS A 161 11.07 -2.87 14.33
C CYS A 161 10.71 -1.59 15.09
N VAL A 162 11.00 -1.56 16.36
CA VAL A 162 10.53 -0.43 17.24
C VAL A 162 11.14 0.89 16.76
N GLY A 163 10.35 1.94 16.76
CA GLY A 163 10.87 3.27 16.36
C GLY A 163 10.50 3.58 14.90
N GLY A 164 9.92 2.64 14.19
CA GLY A 164 9.39 2.96 12.84
C GLY A 164 7.95 2.46 12.73
N MET A 165 7.75 1.30 12.14
CA MET A 165 6.37 0.73 12.03
C MET A 165 5.80 0.46 13.42
N ASN A 166 6.64 0.11 14.36
CA ASN A 166 6.23 -0.08 15.79
C ASN A 166 4.90 -0.87 15.92
N ARG A 167 4.80 -1.99 15.24
CA ARG A 167 3.61 -2.88 15.40
C ARG A 167 2.30 -2.12 15.15
N ARG A 168 2.34 -1.12 14.31
CA ARG A 168 1.08 -0.41 13.91
C ARG A 168 0.85 -0.54 12.40
N PRO A 169 -0.09 -1.35 12.00
CA PRO A 169 -0.36 -1.53 10.54
C PRO A 169 -0.72 -0.18 9.89
N ILE A 170 -0.36 0.00 8.65
CA ILE A 170 -0.61 1.30 7.96
C ILE A 170 -1.26 1.10 6.60
N LEU A 171 -1.57 2.18 5.94
CA LEU A 171 -2.15 2.11 4.56
C LEU A 171 -1.28 2.92 3.62
N ILE A 172 -1.22 2.55 2.37
CA ILE A 172 -0.45 3.35 1.40
C ILE A 172 -1.42 3.99 0.39
N ILE A 173 -1.32 5.27 0.20
CA ILE A 173 -2.28 5.97 -0.70
C ILE A 173 -1.53 6.42 -1.96
N VAL A 174 -2.03 6.04 -3.11
CA VAL A 174 -1.42 6.50 -4.38
C VAL A 174 -2.46 7.31 -5.18
N THR A 175 -2.13 8.50 -5.57
CA THR A 175 -3.12 9.37 -6.25
C THR A 175 -2.59 9.86 -7.61
N LEU A 176 -3.47 10.17 -8.51
CA LEU A 176 -3.06 10.85 -9.77
C LEU A 176 -3.45 12.33 -9.71
N GLU A 177 -2.52 13.22 -9.93
CA GLU A 177 -2.80 14.66 -9.76
C GLU A 177 -2.27 15.44 -10.97
N THR A 178 -2.89 16.54 -11.30
CA THR A 178 -2.40 17.38 -12.44
C THR A 178 -1.39 18.40 -11.92
N ARG A 179 -0.56 18.93 -12.79
CA ARG A 179 0.46 19.93 -12.35
C ARG A 179 -0.20 21.12 -11.65
N ASP A 180 -1.45 21.38 -11.96
CA ASP A 180 -2.13 22.59 -11.39
C ASP A 180 -2.77 22.31 -10.03
N GLY A 181 -2.53 21.16 -9.44
CA GLY A 181 -2.95 20.92 -8.03
C GLY A 181 -4.39 20.38 -7.99
N GLN A 182 -4.88 19.83 -9.08
CA GLN A 182 -6.28 19.30 -9.09
C GLN A 182 -6.25 17.77 -9.07
N VAL A 183 -7.15 17.16 -8.33
CA VAL A 183 -7.10 15.67 -8.15
C VAL A 183 -7.90 14.99 -9.27
N LEU A 184 -7.32 14.00 -9.90
CA LEU A 184 -8.05 13.26 -10.98
C LEU A 184 -8.62 11.94 -10.44
N GLY A 185 -7.87 11.26 -9.61
CA GLY A 185 -8.37 9.96 -9.07
C GLY A 185 -7.53 9.52 -7.87
N ARG A 186 -8.10 8.75 -6.97
CA ARG A 186 -7.34 8.28 -5.79
C ARG A 186 -7.60 6.78 -5.54
N ARG A 187 -6.56 6.04 -5.26
CA ARG A 187 -6.74 4.61 -4.85
C ARG A 187 -5.88 4.30 -3.61
N CYS A 188 -6.29 3.34 -2.82
CA CYS A 188 -5.52 3.04 -1.56
C CYS A 188 -5.50 1.53 -1.31
N PHE A 189 -4.48 1.06 -0.64
CA PHE A 189 -4.44 -0.38 -0.23
C PHE A 189 -3.74 -0.52 1.12
N GLU A 190 -3.85 -1.67 1.75
CA GLU A 190 -3.24 -1.86 3.09
C GLU A 190 -1.97 -2.72 2.98
N ALA A 191 -0.92 -2.32 3.66
CA ALA A 191 0.40 -2.98 3.42
C ALA A 191 0.96 -3.54 4.74
N ARG A 192 1.62 -4.66 4.67
CA ARG A 192 2.31 -5.21 5.87
C ARG A 192 3.69 -5.74 5.50
N ILE A 193 4.68 -5.48 6.31
CA ILE A 193 6.03 -6.04 6.03
C ILE A 193 6.32 -7.18 7.02
N CYS A 194 6.62 -8.35 6.52
CA CYS A 194 6.71 -9.55 7.41
C CYS A 194 7.79 -10.51 6.93
N ALA A 195 8.16 -11.46 7.75
CA ALA A 195 9.25 -12.42 7.38
C ALA A 195 8.82 -13.31 6.21
N CYS A 196 7.59 -13.75 6.22
CA CYS A 196 7.08 -14.61 5.09
C CYS A 196 5.73 -14.10 4.58
N PRO A 197 5.77 -13.21 3.62
CA PRO A 197 4.50 -12.75 2.98
C PRO A 197 3.71 -13.94 2.42
N GLY A 198 4.38 -14.99 2.04
CA GLY A 198 3.69 -16.21 1.56
C GLY A 198 2.90 -16.83 2.72
N ARG A 199 3.48 -16.80 3.90
CA ARG A 199 2.85 -17.52 5.05
C ARG A 199 1.61 -16.77 5.52
N ASP A 200 1.67 -15.46 5.54
CA ASP A 200 0.50 -14.67 6.00
C ASP A 200 -0.65 -14.77 5.00
N ARG A 201 -0.35 -14.78 3.72
CA ARG A 201 -1.43 -14.91 2.69
C ARG A 201 -2.15 -16.26 2.86
N LYS A 202 -1.40 -17.31 3.09
CA LYS A 202 -2.04 -18.64 3.33
C LYS A 202 -2.85 -18.62 4.63
N ALA A 203 -2.34 -17.96 5.65
CA ALA A 203 -3.00 -18.02 6.99
C ALA A 203 -4.42 -17.45 6.92
N ASP A 204 -4.59 -16.29 6.34
CA ASP A 204 -5.94 -15.68 6.27
C ASP A 204 -6.88 -16.58 5.46
N GLU A 205 -6.39 -17.20 4.43
CA GLU A 205 -7.22 -18.14 3.63
C GLU A 205 -7.69 -19.30 4.51
N ASP A 206 -6.82 -19.81 5.34
CA ASP A 206 -7.21 -20.93 6.26
C ASP A 206 -8.31 -20.46 7.21
N SER A 207 -8.26 -19.21 7.61
CA SER A 207 -9.29 -18.68 8.56
C SER A 207 -10.68 -18.74 7.90
N ILE A 208 -10.74 -18.56 6.61
CA ILE A 208 -12.05 -18.56 5.90
C ILE A 208 -12.54 -20.01 5.73
N ARG A 209 -11.67 -20.89 5.33
CA ARG A 209 -12.06 -22.33 5.15
C ARG A 209 -12.60 -22.90 6.48
N LYS A 210 -11.98 -22.56 7.57
CA LYS A 210 -12.44 -23.09 8.90
C LYS A 210 -13.88 -22.66 9.17
N GLN A 211 -14.22 -21.44 8.84
CA GLN A 211 -15.62 -20.97 9.04
C GLN A 211 -16.59 -21.82 8.22
N GLN A 212 -16.16 -22.31 7.08
CA GLN A 212 -17.07 -23.11 6.21
C GLN A 212 -16.73 -24.60 6.30
N VAL A 213 -17.70 -25.42 6.63
CA VAL A 213 -17.45 -26.88 6.73
C VAL A 213 -18.35 -27.64 5.75
N SER A 214 -17.79 -28.52 4.97
CA SER A 214 -18.61 -29.30 3.99
C SER A 214 -18.99 -30.66 4.59
N ASP A 215 -20.20 -31.10 4.37
CA ASP A 215 -20.65 -32.42 4.91
C ASP A 215 -20.59 -33.48 3.82
N SER A 216 -20.22 -34.69 4.17
CA SER A 216 -20.15 -35.79 3.16
C SER A 216 -21.45 -36.58 3.16
N THR A 217 -21.76 -37.22 2.06
CA THR A 217 -23.00 -38.05 1.99
C THR A 217 -22.69 -39.52 2.26
N LYS A 218 -21.45 -39.93 2.08
CA LYS A 218 -21.09 -41.37 2.30
C LYS A 218 -21.36 -41.76 3.74
N ASN A 219 -21.19 -40.86 4.67
CA ASN A 219 -21.40 -41.18 6.11
C ASN A 219 -22.86 -40.94 6.53
N GLY A 220 -23.75 -40.76 5.58
CA GLY A 220 -25.18 -40.51 5.92
C GLY A 220 -26.07 -40.91 4.75
N ASP A 221 -26.88 -41.92 4.93
CA ASP A 221 -27.79 -42.36 3.82
C ASP A 221 -29.08 -41.55 3.83
N ALA A 222 -29.34 -40.80 2.79
CA ALA A 222 -30.59 -39.98 2.73
C ALA A 222 -31.10 -39.92 1.29
N PHE A 223 -32.39 -39.75 1.13
CA PHE A 223 -32.97 -39.67 -0.25
C PHE A 223 -33.66 -38.32 -0.46
N ARG A 224 -33.73 -37.86 -1.68
CA ARG A 224 -34.41 -36.56 -1.98
C ARG A 224 -33.89 -35.44 -1.07
N GLN A 225 -32.92 -34.68 -1.54
CA GLN A 225 -32.37 -33.56 -0.72
C GLN A 225 -33.48 -32.54 -0.42
N ASN A 226 -34.39 -32.36 -1.34
CA ASN A 226 -35.51 -31.38 -1.12
C ASN A 226 -36.31 -31.75 0.12
N THR A 227 -36.40 -33.02 0.42
CA THR A 227 -37.19 -33.48 1.60
C THR A 227 -36.28 -33.68 2.81
N HIS A 228 -35.18 -32.97 2.86
CA HIS A 228 -34.24 -33.12 4.01
C HIS A 228 -34.36 -31.91 4.95
N GLY A 229 -33.91 -32.04 6.17
CA GLY A 229 -34.04 -30.93 7.15
C GLY A 229 -32.92 -29.90 6.90
N ILE A 230 -32.86 -28.88 7.71
CA ILE A 230 -31.82 -27.82 7.52
C ILE A 230 -30.58 -28.15 8.35
N GLN A 231 -29.41 -27.90 7.80
CA GLN A 231 -28.15 -28.20 8.53
C GLN A 231 -27.82 -27.07 9.52
N MET A 232 -28.18 -25.86 9.18
CA MET A 232 -27.90 -24.70 10.08
C MET A 232 -29.16 -24.33 10.86
N THR A 233 -29.00 -23.96 12.11
CA THR A 233 -30.17 -23.57 12.94
C THR A 233 -29.87 -22.30 13.74
ZN ZN B . 12.76 -0.06 11.26
N GLY A 1 -0.36 21.42 25.95
CA GLY A 1 -0.65 22.14 24.68
C GLY A 1 0.66 22.68 24.10
N SER A 2 0.99 22.28 22.90
CA SER A 2 2.25 22.76 22.25
C SER A 2 2.13 22.66 20.73
N SER A 3 2.79 23.54 20.01
CA SER A 3 2.73 23.50 18.52
C SER A 3 3.27 22.17 18.00
N THR A 4 4.25 21.62 18.68
CA THR A 4 4.83 20.31 18.23
C THR A 4 3.75 19.23 18.22
N PHE A 5 2.86 19.25 19.18
CA PHE A 5 1.78 18.23 19.25
C PHE A 5 0.45 18.85 18.82
N ASP A 6 -0.32 18.14 18.03
CA ASP A 6 -1.62 18.67 17.56
C ASP A 6 -2.71 18.44 18.60
N ALA A 7 -3.59 19.39 18.78
CA ALA A 7 -4.69 19.23 19.78
C ALA A 7 -5.77 20.29 19.56
N LEU A 8 -6.99 20.01 19.95
CA LEU A 8 -8.11 20.98 19.76
C LEU A 8 -8.19 21.46 18.30
N SER A 9 -9.11 22.33 18.00
CA SER A 9 -9.26 22.85 16.61
C SER A 9 -8.16 23.89 16.31
N PRO A 10 -7.90 24.15 15.03
CA PRO A 10 -8.34 23.26 13.92
C PRO A 10 -7.63 21.91 13.99
N SER A 11 -8.25 20.87 13.48
CA SER A 11 -7.61 19.52 13.51
C SER A 11 -6.62 19.38 12.33
N PRO A 12 -5.59 18.61 12.52
CA PRO A 12 -4.61 18.37 11.41
C PRO A 12 -5.31 17.75 10.21
N ALA A 13 -4.73 17.88 9.04
CA ALA A 13 -5.35 17.31 7.81
C ALA A 13 -5.21 15.79 7.81
N ILE A 14 -6.27 15.09 7.48
CA ILE A 14 -6.22 13.59 7.50
C ILE A 14 -6.64 13.03 6.13
N PRO A 15 -5.69 12.54 5.37
CA PRO A 15 -6.01 11.99 4.02
C PRO A 15 -7.00 10.82 4.15
N SER A 16 -7.85 10.65 3.17
CA SER A 16 -8.88 9.57 3.24
C SER A 16 -8.57 8.47 2.23
N ASN A 17 -8.91 7.24 2.57
CA ASN A 17 -8.62 6.11 1.64
C ASN A 17 -9.84 5.78 0.78
N THR A 18 -10.71 6.75 0.57
CA THR A 18 -11.93 6.50 -0.24
C THR A 18 -11.58 6.42 -1.73
N ASP A 19 -11.95 5.34 -2.38
CA ASP A 19 -11.59 5.17 -3.82
C ASP A 19 -12.38 6.16 -4.69
N TYR A 20 -11.77 6.65 -5.74
CA TYR A 20 -12.48 7.60 -6.65
C TYR A 20 -11.88 7.53 -8.06
N PRO A 21 -12.52 6.79 -8.95
CA PRO A 21 -11.96 6.61 -10.31
C PRO A 21 -11.79 7.96 -11.02
N GLY A 22 -12.73 8.85 -10.86
CA GLY A 22 -12.62 10.20 -11.48
C GLY A 22 -12.88 10.09 -13.00
N PRO A 23 -12.33 11.03 -13.75
CA PRO A 23 -12.63 11.08 -15.21
C PRO A 23 -11.90 9.97 -15.96
N HIS A 24 -10.63 9.77 -15.67
CA HIS A 24 -9.81 8.80 -16.45
C HIS A 24 -9.95 7.38 -15.90
N SER A 25 -10.85 7.16 -14.96
CA SER A 25 -10.97 5.80 -14.32
C SER A 25 -9.62 5.33 -13.78
N PHE A 26 -9.04 6.07 -12.87
CA PHE A 26 -7.71 5.70 -12.32
C PHE A 26 -7.87 4.56 -11.30
N ASP A 27 -7.26 3.44 -11.56
CA ASP A 27 -7.39 2.27 -10.65
C ASP A 27 -6.00 1.70 -10.31
N VAL A 28 -5.91 0.97 -9.25
CA VAL A 28 -4.61 0.32 -8.89
C VAL A 28 -4.81 -1.19 -8.73
N SER A 29 -3.81 -1.95 -9.07
CA SER A 29 -3.89 -3.43 -8.86
C SER A 29 -2.48 -4.02 -8.80
N PHE A 30 -2.37 -5.27 -8.45
CA PHE A 30 -1.03 -5.93 -8.37
C PHE A 30 -1.04 -7.20 -9.21
N GLN A 31 -0.12 -7.32 -10.13
CA GLN A 31 -0.12 -8.51 -11.05
C GLN A 31 -0.06 -9.81 -10.24
N GLN A 32 -0.63 -10.87 -10.76
CA GLN A 32 -0.79 -12.11 -9.95
C GLN A 32 0.57 -12.77 -9.72
N SER A 33 0.82 -13.21 -8.51
CA SER A 33 2.12 -13.90 -8.20
C SER A 33 1.86 -15.18 -7.41
N SER A 34 2.66 -16.19 -7.64
CA SER A 34 2.46 -17.48 -6.92
C SER A 34 2.82 -17.32 -5.44
N THR A 35 2.44 -18.28 -4.62
CA THR A 35 2.78 -18.21 -3.16
C THR A 35 4.04 -19.04 -2.88
N ALA A 36 4.90 -19.17 -3.85
CA ALA A 36 6.12 -20.03 -3.67
C ALA A 36 6.97 -19.50 -2.53
N LYS A 37 7.82 -20.33 -1.98
CA LYS A 37 8.70 -19.89 -0.85
C LYS A 37 9.58 -18.72 -1.28
N SER A 38 10.05 -17.94 -0.34
CA SER A 38 10.91 -16.75 -0.67
C SER A 38 10.21 -15.84 -1.69
N ALA A 39 8.91 -15.76 -1.63
CA ALA A 39 8.18 -14.78 -2.49
C ALA A 39 8.45 -13.35 -2.02
N THR A 40 8.89 -12.50 -2.91
CA THR A 40 9.16 -11.08 -2.53
C THR A 40 7.89 -10.42 -2.00
N TRP A 41 6.77 -10.80 -2.54
CA TRP A 41 5.46 -10.22 -2.08
C TRP A 41 4.30 -10.98 -2.71
N THR A 42 3.21 -11.07 -2.00
CA THR A 42 2.02 -11.79 -2.53
C THR A 42 0.74 -11.06 -2.12
N TYR A 43 -0.24 -11.01 -2.99
CA TYR A 43 -1.45 -10.18 -2.72
C TYR A 43 -2.72 -11.03 -2.83
N SER A 44 -3.66 -10.80 -1.94
CA SER A 44 -4.97 -11.49 -2.04
C SER A 44 -6.06 -10.49 -2.44
N THR A 45 -6.74 -10.75 -3.53
CA THR A 45 -7.79 -9.80 -4.00
C THR A 45 -9.00 -9.83 -3.07
N GLU A 46 -9.34 -10.98 -2.55
CA GLU A 46 -10.52 -11.08 -1.63
C GLU A 46 -10.30 -10.19 -0.40
N LEU A 47 -9.08 -10.02 0.02
CA LEU A 47 -8.80 -9.24 1.26
C LEU A 47 -8.25 -7.85 0.92
N LYS A 48 -7.87 -7.61 -0.31
CA LYS A 48 -7.39 -6.25 -0.73
C LYS A 48 -6.17 -5.86 0.11
N LYS A 49 -5.21 -6.75 0.22
CA LYS A 49 -4.05 -6.50 1.10
C LYS A 49 -2.77 -7.12 0.52
N LEU A 50 -1.63 -6.58 0.85
CA LEU A 50 -0.35 -7.06 0.27
C LEU A 50 0.65 -7.41 1.37
N TYR A 51 1.35 -8.50 1.23
CA TYR A 51 2.40 -8.85 2.22
C TYR A 51 3.76 -8.85 1.53
N CYS A 52 4.74 -8.22 2.11
CA CYS A 52 6.06 -8.08 1.43
C CYS A 52 7.21 -8.30 2.40
N GLN A 53 8.37 -8.64 1.88
CA GLN A 53 9.58 -8.70 2.74
C GLN A 53 10.48 -7.48 2.48
N ILE A 54 11.06 -6.94 3.52
CA ILE A 54 11.84 -5.67 3.39
C ILE A 54 12.89 -5.77 2.28
N ALA A 55 13.19 -4.66 1.64
CA ALA A 55 14.24 -4.61 0.55
C ALA A 55 13.84 -5.42 -0.69
N LYS A 56 12.62 -5.91 -0.76
CA LYS A 56 12.16 -6.61 -1.99
C LYS A 56 11.37 -5.65 -2.90
N THR A 57 11.34 -5.93 -4.18
CA THR A 57 10.65 -5.03 -5.14
C THR A 57 9.15 -5.35 -5.19
N CYS A 58 8.31 -4.35 -5.00
CA CYS A 58 6.84 -4.56 -5.16
C CYS A 58 6.33 -3.75 -6.36
N PRO A 59 6.33 -4.36 -7.53
CA PRO A 59 5.79 -3.67 -8.73
C PRO A 59 4.28 -3.44 -8.57
N ILE A 60 3.82 -2.24 -8.84
CA ILE A 60 2.36 -1.97 -8.80
C ILE A 60 1.91 -1.35 -10.13
N GLN A 61 0.74 -1.71 -10.59
CA GLN A 61 0.29 -1.20 -11.93
C GLN A 61 -0.88 -0.22 -11.76
N ILE A 62 -0.84 0.89 -12.48
CA ILE A 62 -2.03 1.78 -12.54
C ILE A 62 -2.85 1.44 -13.79
N LYS A 63 -4.15 1.35 -13.68
CA LYS A 63 -5.00 1.11 -14.87
C LYS A 63 -5.94 2.30 -15.11
N VAL A 64 -5.96 2.82 -16.30
CA VAL A 64 -6.92 3.92 -16.64
C VAL A 64 -7.54 3.66 -18.01
N MET A 65 -8.67 4.25 -18.29
CA MET A 65 -9.32 4.07 -19.62
C MET A 65 -8.58 4.88 -20.69
N THR A 66 -8.17 6.08 -20.35
CA THR A 66 -7.41 6.92 -21.31
C THR A 66 -6.20 7.55 -20.61
N PRO A 67 -5.10 7.66 -21.32
CA PRO A 67 -3.83 8.11 -20.67
C PRO A 67 -4.02 9.45 -19.94
N PRO A 68 -3.44 9.59 -18.78
CA PRO A 68 -3.57 10.86 -18.02
C PRO A 68 -2.93 12.03 -18.80
N PRO A 69 -3.20 13.24 -18.36
CA PRO A 69 -2.63 14.42 -19.06
C PRO A 69 -1.10 14.39 -19.01
N GLN A 70 -0.46 15.02 -19.95
CA GLN A 70 1.04 15.11 -19.92
C GLN A 70 1.48 16.08 -18.81
N GLY A 71 2.51 15.74 -18.09
CA GLY A 71 2.93 16.57 -16.93
C GLY A 71 2.37 15.99 -15.64
N ALA A 72 1.28 15.26 -15.72
CA ALA A 72 0.69 14.62 -14.50
C ALA A 72 1.74 13.85 -13.70
N VAL A 73 1.58 13.79 -12.40
CA VAL A 73 2.53 13.01 -11.55
C VAL A 73 1.74 12.07 -10.63
N ILE A 74 2.35 11.01 -10.19
CA ILE A 74 1.68 10.11 -9.21
C ILE A 74 2.31 10.28 -7.83
N ARG A 75 1.49 10.32 -6.81
CA ARG A 75 2.01 10.57 -5.43
C ARG A 75 1.78 9.33 -4.58
N ALA A 76 2.70 8.99 -3.71
CA ALA A 76 2.48 7.83 -2.79
C ALA A 76 2.95 8.17 -1.37
N MET A 77 2.08 8.02 -0.40
CA MET A 77 2.45 8.41 1.00
C MET A 77 1.96 7.35 2.00
N PRO A 78 2.78 7.04 2.99
CA PRO A 78 2.38 6.08 4.05
C PRO A 78 1.70 6.80 5.22
N VAL A 79 0.64 6.24 5.75
CA VAL A 79 0.00 6.81 6.97
C VAL A 79 -0.60 5.69 7.82
N TYR A 80 -0.74 5.90 9.11
CA TYR A 80 -1.27 4.82 10.00
C TYR A 80 -2.69 4.44 9.58
N LYS A 81 -3.18 3.32 10.06
CA LYS A 81 -4.49 2.80 9.59
C LYS A 81 -5.65 3.45 10.38
N LYS A 82 -5.66 3.27 11.67
CA LYS A 82 -6.81 3.76 12.49
C LYS A 82 -6.66 5.26 12.76
N ALA A 83 -7.77 5.95 12.95
CA ALA A 83 -7.71 7.44 13.10
C ALA A 83 -6.77 7.83 14.26
N GLU A 84 -6.81 7.09 15.33
CA GLU A 84 -5.98 7.44 16.52
C GLU A 84 -4.50 7.54 16.14
N HIS A 85 -4.10 6.86 15.10
CA HIS A 85 -2.67 6.90 14.69
C HIS A 85 -2.48 7.69 13.39
N VAL A 86 -3.52 7.86 12.60
CA VAL A 86 -3.34 8.56 11.28
C VAL A 86 -3.01 10.04 11.49
N THR A 87 -3.30 10.58 12.65
CA THR A 87 -2.88 11.98 12.95
C THR A 87 -1.40 12.03 13.36
N GLU A 88 -0.83 10.91 13.72
CA GLU A 88 0.63 10.86 14.03
C GLU A 88 1.43 10.59 12.75
N VAL A 89 2.52 11.27 12.56
CA VAL A 89 3.40 11.00 11.37
C VAL A 89 4.14 9.68 11.57
N VAL A 90 4.39 8.96 10.50
CA VAL A 90 5.26 7.74 10.59
C VAL A 90 6.72 8.17 10.47
N LYS A 91 7.59 7.56 11.24
CA LYS A 91 8.97 8.11 11.37
C LYS A 91 10.02 6.99 11.27
N ARG A 92 11.26 7.30 11.56
CA ARG A 92 12.34 6.29 11.46
C ARG A 92 12.60 5.63 12.83
N CYS A 93 13.09 4.43 12.82
CA CYS A 93 13.50 3.78 14.11
C CYS A 93 14.84 4.35 14.56
N PRO A 94 15.19 4.17 15.82
CA PRO A 94 16.52 4.63 16.30
C PRO A 94 17.63 3.87 15.58
N ASN A 95 17.52 2.58 15.50
CA ASN A 95 18.55 1.76 14.80
C ASN A 95 18.58 2.07 13.30
N HIS A 96 17.43 2.17 12.67
CA HIS A 96 17.39 2.34 11.18
C HIS A 96 17.60 3.81 10.78
N GLU A 97 17.24 4.73 11.64
CA GLU A 97 17.56 6.17 11.37
C GLU A 97 19.07 6.40 11.48
N LEU A 98 19.70 5.78 12.45
CA LEU A 98 21.16 6.02 12.69
C LEU A 98 21.97 5.75 11.42
N SER A 99 21.57 4.77 10.63
CA SER A 99 22.30 4.46 9.36
C SER A 99 22.55 5.73 8.54
N ARG A 100 23.76 5.89 8.05
CA ARG A 100 24.10 7.14 7.31
C ARG A 100 23.23 7.26 6.06
N GLU A 101 22.85 8.47 5.71
CA GLU A 101 21.98 8.68 4.50
C GLU A 101 22.70 8.17 3.25
N PHE A 102 23.99 8.43 3.14
CA PHE A 102 24.78 7.95 1.97
C PHE A 102 24.09 8.33 0.65
N ASN A 103 23.74 9.57 0.49
CA ASN A 103 23.05 10.01 -0.77
C ASN A 103 24.04 10.12 -1.93
N GLU A 104 25.32 10.03 -1.67
CA GLU A 104 26.32 10.11 -2.78
C GLU A 104 26.10 8.98 -3.79
N GLY A 105 25.77 9.33 -5.01
CA GLY A 105 25.62 8.31 -6.07
C GLY A 105 24.26 7.59 -5.93
N GLN A 106 23.32 8.19 -5.24
CA GLN A 106 21.97 7.56 -5.11
C GLN A 106 20.88 8.62 -5.14
N ILE A 107 19.78 8.34 -5.81
CA ILE A 107 18.66 9.33 -5.88
C ILE A 107 17.71 9.15 -4.69
N ALA A 108 17.66 7.97 -4.12
CA ALA A 108 16.68 7.69 -3.04
C ALA A 108 17.40 7.18 -1.78
N PRO A 109 17.79 8.08 -0.91
CA PRO A 109 18.51 7.67 0.33
C PRO A 109 17.60 6.79 1.21
N PRO A 110 18.19 5.82 1.88
CA PRO A 110 17.38 4.90 2.72
C PRO A 110 16.61 5.66 3.80
N SER A 111 17.01 6.88 4.11
CA SER A 111 16.31 7.66 5.19
C SER A 111 14.79 7.71 4.95
N HIS A 112 14.38 7.64 3.70
CA HIS A 112 12.92 7.71 3.40
C HIS A 112 12.31 6.30 3.41
N LEU A 113 11.22 6.13 4.13
CA LEU A 113 10.63 4.76 4.27
C LEU A 113 10.29 4.18 2.89
N ILE A 114 9.74 4.98 2.02
CA ILE A 114 9.34 4.47 0.67
C ILE A 114 10.33 4.98 -0.39
N ARG A 115 10.72 4.11 -1.29
CA ARG A 115 11.69 4.51 -2.36
C ARG A 115 11.20 4.04 -3.72
N VAL A 116 11.66 4.66 -4.78
CA VAL A 116 11.28 4.20 -6.15
C VAL A 116 12.44 3.46 -6.81
N GLU A 117 12.13 2.48 -7.62
CA GLU A 117 13.18 1.83 -8.46
C GLU A 117 12.86 1.99 -9.95
N GLY A 118 13.78 2.49 -10.72
CA GLY A 118 13.64 2.45 -12.20
C GLY A 118 13.10 3.79 -12.72
N ASN A 119 13.24 4.85 -11.97
CA ASN A 119 12.84 6.19 -12.49
C ASN A 119 13.86 7.24 -12.04
N SER A 120 14.69 7.70 -12.95
CA SER A 120 15.73 8.69 -12.58
C SER A 120 15.10 10.01 -12.11
N HIS A 121 13.83 10.22 -12.36
CA HIS A 121 13.18 11.49 -11.94
C HIS A 121 12.44 11.32 -10.61
N ALA A 122 12.63 10.20 -9.92
CA ALA A 122 12.01 10.04 -8.58
C ALA A 122 12.56 11.10 -7.62
N GLN A 123 11.68 11.82 -6.96
CA GLN A 123 12.12 12.83 -5.96
C GLN A 123 11.19 12.79 -4.75
N TYR A 124 11.66 13.25 -3.61
CA TYR A 124 10.82 13.18 -2.38
C TYR A 124 10.53 14.58 -1.84
N VAL A 125 9.40 14.74 -1.19
CA VAL A 125 9.04 16.06 -0.61
C VAL A 125 8.63 15.91 0.86
N GLU A 126 8.67 16.98 1.61
CA GLU A 126 8.19 16.94 3.01
C GLU A 126 6.98 17.87 3.19
N ASP A 127 5.92 17.37 3.77
CA ASP A 127 4.71 18.23 4.00
C ASP A 127 5.07 19.39 4.93
N PRO A 128 4.71 20.59 4.54
CA PRO A 128 5.19 21.79 5.31
C PRO A 128 4.60 21.81 6.72
N ILE A 129 3.41 21.25 6.89
CA ILE A 129 2.67 21.48 8.17
C ILE A 129 2.75 20.24 9.08
N THR A 130 2.44 19.08 8.55
CA THR A 130 2.35 17.87 9.43
C THR A 130 3.56 16.93 9.25
N GLY A 131 4.60 17.39 8.59
CA GLY A 131 5.87 16.60 8.55
C GLY A 131 5.76 15.36 7.64
N ARG A 132 4.59 15.05 7.12
CA ARG A 132 4.40 13.81 6.28
C ARG A 132 5.52 13.65 5.24
N GLN A 133 5.95 12.44 5.00
CA GLN A 133 6.93 12.19 3.91
C GLN A 133 6.25 11.52 2.72
N SER A 134 6.65 11.86 1.52
CA SER A 134 6.05 11.21 0.31
C SER A 134 7.03 11.25 -0.87
N VAL A 135 6.82 10.40 -1.84
CA VAL A 135 7.70 10.40 -3.04
C VAL A 135 6.84 10.59 -4.30
N LEU A 136 7.38 11.24 -5.30
CA LEU A 136 6.56 11.56 -6.51
C LEU A 136 7.31 11.11 -7.76
N VAL A 137 6.59 10.83 -8.82
CA VAL A 137 7.24 10.51 -10.12
C VAL A 137 6.34 10.94 -11.29
N PRO A 138 6.94 11.25 -12.42
CA PRO A 138 6.13 11.62 -13.61
C PRO A 138 5.43 10.37 -14.16
N TYR A 139 4.18 10.49 -14.54
CA TYR A 139 3.46 9.32 -15.13
C TYR A 139 3.90 9.12 -16.59
N GLU A 140 4.36 7.95 -16.92
CA GLU A 140 4.78 7.67 -18.33
C GLU A 140 3.67 6.92 -19.08
N PRO A 141 3.71 6.95 -20.39
CA PRO A 141 2.69 6.22 -21.19
C PRO A 141 2.71 4.73 -20.86
N PRO A 142 1.63 4.03 -21.15
CA PRO A 142 1.54 2.59 -20.80
C PRO A 142 2.67 1.80 -21.46
N GLN A 143 3.11 0.74 -20.84
CA GLN A 143 4.22 -0.09 -21.42
C GLN A 143 3.80 -0.65 -22.78
N VAL A 144 4.72 -0.84 -23.67
CA VAL A 144 4.37 -1.18 -25.09
C VAL A 144 3.78 -2.60 -25.15
N GLY A 145 2.62 -2.73 -25.74
CA GLY A 145 1.98 -4.08 -25.87
C GLY A 145 0.87 -4.24 -24.82
N THR A 146 0.76 -3.34 -23.87
CA THR A 146 -0.36 -3.42 -22.90
C THR A 146 -0.83 -2.01 -22.50
N GLU A 147 -1.87 -1.92 -21.72
CA GLU A 147 -2.55 -0.60 -21.53
C GLU A 147 -2.34 -0.05 -20.11
N PHE A 148 -1.43 -0.60 -19.34
CA PHE A 148 -1.25 -0.12 -17.94
C PHE A 148 0.17 0.42 -17.71
N THR A 149 0.38 1.08 -16.60
CA THR A 149 1.71 1.67 -16.30
C THR A 149 2.30 1.04 -15.03
N THR A 150 3.59 0.88 -14.97
CA THR A 150 4.21 0.17 -13.81
C THR A 150 5.13 1.10 -13.02
N VAL A 151 5.03 1.06 -11.72
CA VAL A 151 5.99 1.80 -10.86
C VAL A 151 6.51 0.86 -9.76
N LEU A 152 7.79 0.91 -9.49
CA LEU A 152 8.39 -0.11 -8.58
C LEU A 152 8.66 0.52 -7.20
N TYR A 153 8.10 -0.05 -6.17
CA TYR A 153 8.27 0.54 -4.81
C TYR A 153 9.23 -0.33 -3.97
N ASN A 154 9.95 0.29 -3.07
CA ASN A 154 10.90 -0.47 -2.21
C ASN A 154 10.79 0.02 -0.76
N PHE A 155 10.90 -0.86 0.20
CA PHE A 155 10.77 -0.45 1.63
C PHE A 155 12.11 -0.62 2.36
N MET A 156 12.54 0.39 3.06
CA MET A 156 13.86 0.30 3.78
C MET A 156 13.67 -0.02 5.27
N CYS A 157 12.44 -0.15 5.73
CA CYS A 157 12.21 -0.52 7.16
C CYS A 157 10.97 -1.42 7.23
N ASN A 158 10.85 -2.19 8.29
CA ASN A 158 9.73 -3.17 8.40
C ASN A 158 8.87 -2.85 9.61
N SER A 159 7.61 -3.19 9.57
CA SER A 159 6.65 -2.72 10.62
C SER A 159 7.11 -3.16 12.02
N SER A 160 7.87 -4.22 12.11
CA SER A 160 8.10 -4.86 13.44
C SER A 160 9.33 -4.25 14.15
N CYS A 161 9.97 -3.27 13.58
CA CYS A 161 11.19 -2.70 14.26
C CYS A 161 10.79 -1.63 15.28
N VAL A 162 11.10 -1.86 16.53
CA VAL A 162 10.59 -0.98 17.62
C VAL A 162 11.20 0.42 17.50
N GLY A 163 10.40 1.42 17.75
CA GLY A 163 10.93 2.82 17.72
C GLY A 163 10.57 3.51 16.40
N GLY A 164 9.97 2.81 15.47
CA GLY A 164 9.41 3.48 14.26
C GLY A 164 7.98 3.02 14.04
N MET A 165 7.78 2.07 13.16
CA MET A 165 6.41 1.54 12.90
C MET A 165 5.86 0.87 14.16
N ASN A 166 6.73 0.30 14.97
CA ASN A 166 6.33 -0.27 16.30
C ASN A 166 5.04 -1.11 16.21
N ARG A 167 5.01 -2.07 15.32
CA ARG A 167 3.83 -3.00 15.23
C ARG A 167 2.52 -2.22 15.06
N ARG A 168 2.56 -1.12 14.36
CA ARG A 168 1.28 -0.45 13.97
C ARG A 168 1.09 -0.53 12.45
N PRO A 169 0.18 -1.38 12.01
CA PRO A 169 -0.05 -1.53 10.54
C PRO A 169 -0.51 -0.20 9.93
N ILE A 170 -0.17 0.03 8.68
CA ILE A 170 -0.52 1.34 8.04
C ILE A 170 -1.15 1.11 6.66
N LEU A 171 -1.52 2.18 6.02
CA LEU A 171 -2.10 2.09 4.65
C LEU A 171 -1.26 2.97 3.71
N ILE A 172 -1.18 2.61 2.46
CA ILE A 172 -0.43 3.45 1.50
C ILE A 172 -1.40 4.04 0.47
N ILE A 173 -1.34 5.33 0.28
CA ILE A 173 -2.33 6.00 -0.63
C ILE A 173 -1.61 6.45 -1.90
N VAL A 174 -2.12 6.05 -3.04
CA VAL A 174 -1.52 6.48 -4.32
C VAL A 174 -2.54 7.27 -5.13
N THR A 175 -2.18 8.46 -5.55
CA THR A 175 -3.16 9.33 -6.26
C THR A 175 -2.62 9.77 -7.63
N LEU A 176 -3.49 10.04 -8.55
CA LEU A 176 -3.05 10.68 -9.84
C LEU A 176 -3.41 12.17 -9.81
N GLU A 177 -2.44 13.03 -10.04
CA GLU A 177 -2.67 14.49 -9.87
C GLU A 177 -2.13 15.24 -11.09
N THR A 178 -2.71 16.37 -11.42
CA THR A 178 -2.20 17.19 -12.55
C THR A 178 -1.16 18.17 -12.06
N ARG A 179 -0.32 18.66 -12.94
CA ARG A 179 0.76 19.61 -12.51
C ARG A 179 0.17 20.83 -11.78
N ASP A 180 -1.05 21.17 -12.07
CA ASP A 180 -1.64 22.42 -11.49
C ASP A 180 -2.38 22.15 -10.17
N GLY A 181 -2.21 20.99 -9.58
CA GLY A 181 -2.68 20.77 -8.18
C GLY A 181 -4.13 20.28 -8.16
N GLN A 182 -4.62 19.73 -9.25
CA GLN A 182 -6.02 19.20 -9.26
C GLN A 182 -6.01 17.67 -9.21
N VAL A 183 -6.91 17.08 -8.47
CA VAL A 183 -6.88 15.61 -8.27
C VAL A 183 -7.73 14.91 -9.34
N LEU A 184 -7.18 13.91 -9.98
CA LEU A 184 -7.94 13.19 -11.04
C LEU A 184 -8.53 11.88 -10.50
N GLY A 185 -7.79 11.17 -9.69
CA GLY A 185 -8.31 9.87 -9.16
C GLY A 185 -7.51 9.44 -7.92
N ARG A 186 -8.12 8.65 -7.07
CA ARG A 186 -7.42 8.19 -5.84
C ARG A 186 -7.65 6.68 -5.63
N ARG A 187 -6.61 5.95 -5.29
CA ARG A 187 -6.79 4.54 -4.84
C ARG A 187 -5.82 4.22 -3.70
N CYS A 188 -6.12 3.21 -2.91
CA CYS A 188 -5.29 2.92 -1.71
C CYS A 188 -5.17 1.41 -1.49
N PHE A 189 -4.14 0.98 -0.79
CA PHE A 189 -4.03 -0.46 -0.43
C PHE A 189 -3.38 -0.61 0.95
N GLU A 190 -3.54 -1.75 1.57
CA GLU A 190 -2.99 -1.94 2.95
C GLU A 190 -1.74 -2.81 2.90
N ALA A 191 -0.71 -2.44 3.64
CA ALA A 191 0.61 -3.11 3.47
C ALA A 191 1.05 -3.78 4.77
N ARG A 192 1.68 -4.91 4.66
CA ARG A 192 2.29 -5.56 5.86
C ARG A 192 3.66 -6.12 5.51
N ILE A 193 4.63 -5.96 6.37
CA ILE A 193 5.99 -6.49 6.08
C ILE A 193 6.31 -7.66 7.02
N CYS A 194 6.61 -8.81 6.48
CA CYS A 194 6.76 -10.04 7.33
C CYS A 194 7.85 -10.95 6.78
N ALA A 195 8.18 -11.99 7.50
CA ALA A 195 9.25 -12.93 7.03
C ALA A 195 8.74 -13.80 5.87
N CYS A 196 7.52 -14.25 5.95
CA CYS A 196 6.95 -15.09 4.86
C CYS A 196 5.61 -14.51 4.39
N PRO A 197 5.66 -13.59 3.46
CA PRO A 197 4.41 -13.06 2.84
C PRO A 197 3.56 -14.20 2.26
N GLY A 198 4.20 -15.26 1.84
CA GLY A 198 3.44 -16.43 1.30
C GLY A 198 2.64 -17.06 2.44
N ARG A 199 3.21 -17.10 3.62
CA ARG A 199 2.57 -17.84 4.75
C ARG A 199 1.36 -17.06 5.25
N ASP A 200 1.49 -15.75 5.33
CA ASP A 200 0.36 -14.92 5.85
C ASP A 200 -0.81 -14.91 4.86
N ARG A 201 -0.52 -14.88 3.57
CA ARG A 201 -1.62 -14.91 2.57
C ARG A 201 -2.40 -16.23 2.68
N LYS A 202 -1.71 -17.32 2.84
CA LYS A 202 -2.41 -18.62 3.06
C LYS A 202 -3.18 -18.61 4.38
N ALA A 203 -2.62 -17.99 5.39
CA ALA A 203 -3.23 -18.06 6.75
C ALA A 203 -4.63 -17.45 6.75
N ASP A 204 -4.77 -16.26 6.20
CA ASP A 204 -6.12 -15.60 6.19
C ASP A 204 -7.11 -16.45 5.41
N GLU A 205 -6.68 -17.07 4.34
CA GLU A 205 -7.60 -17.95 3.57
C GLU A 205 -8.06 -19.14 4.43
N ASP A 206 -7.15 -19.70 5.19
CA ASP A 206 -7.53 -20.84 6.09
C ASP A 206 -8.55 -20.36 7.13
N SER A 207 -8.44 -19.15 7.57
CA SER A 207 -9.39 -18.62 8.60
C SER A 207 -10.81 -18.57 8.02
N ILE A 208 -10.94 -18.33 6.74
CA ILE A 208 -12.29 -18.21 6.13
C ILE A 208 -12.91 -19.60 5.95
N ARG A 209 -12.17 -20.53 5.40
CA ARG A 209 -12.73 -21.90 5.18
C ARG A 209 -13.12 -22.54 6.51
N LYS A 210 -12.33 -22.34 7.54
CA LYS A 210 -12.65 -22.95 8.86
C LYS A 210 -14.00 -22.44 9.38
N GLN A 211 -14.23 -21.15 9.25
CA GLN A 211 -15.55 -20.59 9.68
C GLN A 211 -16.68 -21.19 8.86
N GLN A 212 -16.42 -21.51 7.62
CA GLN A 212 -17.48 -22.07 6.74
C GLN A 212 -17.44 -23.60 6.76
N VAL A 213 -18.55 -24.23 7.08
CA VAL A 213 -18.59 -25.72 7.11
C VAL A 213 -19.64 -26.21 6.10
N SER A 214 -19.26 -27.15 5.26
CA SER A 214 -20.21 -27.66 4.22
C SER A 214 -20.95 -28.89 4.74
N ASP A 215 -22.23 -28.99 4.45
CA ASP A 215 -23.02 -30.18 4.91
C ASP A 215 -22.94 -31.30 3.88
N SER A 216 -22.46 -32.45 4.28
CA SER A 216 -22.39 -33.60 3.33
C SER A 216 -23.79 -34.12 3.00
N THR A 217 -24.00 -34.54 1.77
CA THR A 217 -25.36 -35.00 1.36
C THR A 217 -25.26 -36.34 0.63
N LYS A 218 -26.37 -37.02 0.48
CA LYS A 218 -26.36 -38.32 -0.25
C LYS A 218 -26.56 -38.10 -1.75
N ASN A 219 -26.09 -39.02 -2.56
CA ASN A 219 -26.23 -38.86 -4.04
C ASN A 219 -27.71 -38.74 -4.44
N GLY A 220 -28.59 -39.31 -3.65
CA GLY A 220 -30.05 -39.22 -3.95
C GLY A 220 -30.85 -39.77 -2.77
N ASP A 221 -32.16 -39.78 -2.88
CA ASP A 221 -33.03 -40.36 -1.81
C ASP A 221 -32.79 -39.63 -0.49
N ALA A 222 -33.39 -38.48 -0.32
CA ALA A 222 -33.21 -37.71 0.94
C ALA A 222 -34.27 -36.59 1.04
N PHE A 223 -35.28 -36.80 1.85
CA PHE A 223 -36.33 -35.76 2.01
C PHE A 223 -36.36 -35.24 3.46
N ARG A 224 -36.71 -33.99 3.64
CA ARG A 224 -36.78 -33.40 5.02
C ARG A 224 -35.47 -33.65 5.78
N GLN A 225 -34.57 -32.69 5.77
CA GLN A 225 -33.29 -32.86 6.51
C GLN A 225 -33.19 -31.83 7.64
N ASN A 226 -32.61 -32.22 8.76
CA ASN A 226 -32.45 -31.28 9.91
C ASN A 226 -33.81 -30.66 10.30
N THR A 227 -34.85 -31.46 10.33
CA THR A 227 -36.20 -30.93 10.68
C THR A 227 -36.24 -30.50 12.15
N HIS A 228 -35.50 -31.19 12.99
CA HIS A 228 -35.47 -30.83 14.45
C HIS A 228 -34.97 -29.39 14.63
N GLY A 229 -33.96 -29.02 13.89
CA GLY A 229 -33.41 -27.63 14.01
C GLY A 229 -32.59 -27.50 15.29
N ILE A 230 -32.01 -28.59 15.75
CA ILE A 230 -31.19 -28.53 17.00
C ILE A 230 -30.05 -29.56 16.92
N GLN A 231 -28.92 -29.24 17.51
CA GLN A 231 -27.77 -30.19 17.50
C GLN A 231 -27.80 -31.07 18.76
N MET A 232 -27.82 -32.37 18.59
CA MET A 232 -27.85 -33.28 19.77
C MET A 232 -26.62 -33.07 20.65
N THR A 233 -25.49 -32.77 20.04
CA THR A 233 -24.24 -32.54 20.83
C THR A 233 -23.87 -31.06 20.81
ZN ZN B . 12.54 0.62 11.29
N GLY A 1 -3.47 38.66 21.21
CA GLY A 1 -4.66 38.88 20.34
C GLY A 1 -5.48 37.59 20.26
N SER A 2 -4.87 36.52 19.80
CA SER A 2 -5.60 35.22 19.70
C SER A 2 -5.59 34.49 21.04
N SER A 3 -6.49 33.56 21.22
CA SER A 3 -6.54 32.80 22.50
C SER A 3 -6.41 31.29 22.23
N THR A 4 -5.92 30.55 23.18
CA THR A 4 -5.72 29.09 22.98
C THR A 4 -6.30 28.29 24.16
N PHE A 5 -7.26 28.85 24.85
CA PHE A 5 -7.87 28.12 26.01
C PHE A 5 -8.50 26.81 25.54
N ASP A 6 -9.11 26.81 24.38
CA ASP A 6 -9.74 25.57 23.85
C ASP A 6 -8.68 24.67 23.21
N ALA A 7 -7.63 25.25 22.69
CA ALA A 7 -6.54 24.44 22.04
C ALA A 7 -7.12 23.45 21.02
N LEU A 8 -6.34 22.47 20.63
CA LEU A 8 -6.77 21.50 19.56
C LEU A 8 -6.99 22.23 18.22
N SER A 9 -8.01 23.03 18.11
CA SER A 9 -8.31 23.70 16.81
C SER A 9 -7.16 24.64 16.41
N PRO A 10 -7.03 24.97 15.13
CA PRO A 10 -7.64 24.16 14.03
C PRO A 10 -7.05 22.75 14.02
N SER A 11 -7.80 21.78 13.56
CA SER A 11 -7.29 20.38 13.53
C SER A 11 -6.41 20.17 12.28
N PRO A 12 -5.38 19.36 12.41
CA PRO A 12 -4.51 19.08 11.24
C PRO A 12 -5.29 18.34 10.15
N ALA A 13 -4.98 18.57 8.91
CA ALA A 13 -5.68 17.87 7.80
C ALA A 13 -5.18 16.42 7.69
N ILE A 14 -6.07 15.49 7.46
CA ILE A 14 -5.65 14.06 7.37
C ILE A 14 -6.05 13.48 6.00
N PRO A 15 -5.18 12.68 5.42
CA PRO A 15 -5.48 12.08 4.10
C PRO A 15 -6.69 11.14 4.21
N SER A 16 -7.42 10.98 3.13
CA SER A 16 -8.61 10.08 3.15
C SER A 16 -8.37 8.84 2.28
N ASN A 17 -8.85 7.71 2.71
CA ASN A 17 -8.64 6.45 1.92
C ASN A 17 -9.90 6.11 1.10
N THR A 18 -10.70 7.10 0.80
CA THR A 18 -11.95 6.84 0.02
C THR A 18 -11.62 6.66 -1.47
N ASP A 19 -12.02 5.56 -2.04
CA ASP A 19 -11.70 5.29 -3.48
C ASP A 19 -12.49 6.23 -4.40
N TYR A 20 -11.91 6.64 -5.48
CA TYR A 20 -12.63 7.53 -6.45
C TYR A 20 -11.97 7.45 -7.83
N PRO A 21 -12.58 6.69 -8.74
CA PRO A 21 -11.95 6.48 -10.08
C PRO A 21 -11.73 7.81 -10.79
N GLY A 22 -12.67 8.71 -10.69
CA GLY A 22 -12.51 10.05 -11.35
C GLY A 22 -12.82 9.92 -12.85
N PRO A 23 -12.28 10.82 -13.64
CA PRO A 23 -12.60 10.85 -15.08
C PRO A 23 -11.91 9.70 -15.82
N HIS A 24 -10.66 9.46 -15.52
CA HIS A 24 -9.89 8.42 -16.28
C HIS A 24 -10.04 7.03 -15.65
N SER A 25 -10.87 6.89 -14.64
CA SER A 25 -10.99 5.57 -13.94
C SER A 25 -9.62 5.07 -13.48
N PHE A 26 -8.97 5.81 -12.62
CA PHE A 26 -7.60 5.40 -12.14
C PHE A 26 -7.73 4.30 -11.08
N ASP A 27 -7.14 3.16 -11.34
CA ASP A 27 -7.24 2.02 -10.40
C ASP A 27 -5.86 1.45 -10.10
N VAL A 28 -5.73 0.73 -9.01
CA VAL A 28 -4.42 0.10 -8.68
C VAL A 28 -4.59 -1.42 -8.52
N SER A 29 -3.58 -2.15 -8.90
CA SER A 29 -3.61 -3.63 -8.70
C SER A 29 -2.19 -4.18 -8.66
N PHE A 30 -2.04 -5.43 -8.31
CA PHE A 30 -0.68 -6.04 -8.24
C PHE A 30 -0.64 -7.31 -9.09
N GLN A 31 0.28 -7.39 -10.01
CA GLN A 31 0.33 -8.57 -10.93
C GLN A 31 0.44 -9.88 -10.14
N GLN A 32 -0.27 -10.89 -10.56
CA GLN A 32 -0.40 -12.12 -9.71
C GLN A 32 0.85 -12.99 -9.81
N SER A 33 1.23 -13.61 -8.73
CA SER A 33 2.41 -14.53 -8.74
C SER A 33 2.14 -15.74 -7.84
N SER A 34 2.89 -16.80 -8.02
CA SER A 34 2.70 -18.01 -7.17
C SER A 34 2.99 -17.68 -5.71
N THR A 35 2.54 -18.50 -4.81
CA THR A 35 2.80 -18.27 -3.36
C THR A 35 4.07 -19.02 -2.92
N ALA A 36 5.11 -18.95 -3.72
CA ALA A 36 6.35 -19.72 -3.41
C ALA A 36 7.01 -19.17 -2.14
N LYS A 37 7.79 -19.98 -1.47
CA LYS A 37 8.48 -19.51 -0.23
C LYS A 37 9.45 -18.38 -0.56
N SER A 38 9.86 -17.62 0.42
CA SER A 38 10.79 -16.48 0.19
C SER A 38 10.24 -15.53 -0.90
N ALA A 39 8.94 -15.49 -1.06
CA ALA A 39 8.32 -14.53 -2.03
C ALA A 39 8.62 -13.10 -1.59
N THR A 40 9.07 -12.28 -2.51
CA THR A 40 9.33 -10.84 -2.17
C THR A 40 8.04 -10.18 -1.70
N TRP A 41 6.94 -10.58 -2.26
CA TRP A 41 5.61 -10.01 -1.84
C TRP A 41 4.48 -10.81 -2.47
N THR A 42 3.37 -10.91 -1.79
CA THR A 42 2.21 -11.67 -2.34
C THR A 42 0.90 -10.95 -1.98
N TYR A 43 -0.06 -10.95 -2.87
CA TYR A 43 -1.29 -10.14 -2.64
C TYR A 43 -2.53 -11.01 -2.77
N SER A 44 -3.50 -10.79 -1.91
CA SER A 44 -4.79 -11.52 -2.02
C SER A 44 -5.89 -10.56 -2.48
N THR A 45 -6.54 -10.87 -3.57
CA THR A 45 -7.59 -9.95 -4.12
C THR A 45 -8.83 -9.98 -3.22
N GLU A 46 -9.17 -11.12 -2.68
CA GLU A 46 -10.38 -11.23 -1.82
C GLU A 46 -10.25 -10.30 -0.60
N LEU A 47 -9.06 -10.11 -0.12
CA LEU A 47 -8.86 -9.29 1.11
C LEU A 47 -8.30 -7.90 0.77
N LYS A 48 -7.86 -7.70 -0.45
CA LYS A 48 -7.35 -6.35 -0.87
C LYS A 48 -6.18 -5.93 0.02
N LYS A 49 -5.21 -6.80 0.17
CA LYS A 49 -4.07 -6.51 1.08
C LYS A 49 -2.77 -7.10 0.54
N LEU A 50 -1.65 -6.51 0.90
CA LEU A 50 -0.35 -6.98 0.35
C LEU A 50 0.63 -7.27 1.49
N TYR A 51 1.38 -8.35 1.38
CA TYR A 51 2.44 -8.63 2.38
C TYR A 51 3.80 -8.59 1.69
N CYS A 52 4.76 -7.93 2.27
CA CYS A 52 6.09 -7.78 1.61
C CYS A 52 7.23 -7.97 2.60
N GLN A 53 8.40 -8.30 2.11
CA GLN A 53 9.61 -8.34 3.00
C GLN A 53 10.50 -7.11 2.76
N ILE A 54 11.09 -6.59 3.80
CA ILE A 54 11.86 -5.32 3.68
C ILE A 54 12.89 -5.38 2.55
N ALA A 55 13.15 -4.25 1.92
CA ALA A 55 14.19 -4.17 0.83
C ALA A 55 13.83 -5.02 -0.39
N LYS A 56 12.63 -5.55 -0.46
CA LYS A 56 12.22 -6.30 -1.69
C LYS A 56 11.42 -5.40 -2.64
N THR A 57 11.42 -5.72 -3.91
CA THR A 57 10.70 -4.87 -4.91
C THR A 57 9.21 -5.21 -4.94
N CYS A 58 8.36 -4.24 -4.78
CA CYS A 58 6.90 -4.47 -4.95
C CYS A 58 6.39 -3.69 -6.19
N PRO A 59 6.42 -4.33 -7.33
CA PRO A 59 5.88 -3.68 -8.56
C PRO A 59 4.37 -3.47 -8.43
N ILE A 60 3.92 -2.26 -8.67
CA ILE A 60 2.45 -1.98 -8.63
C ILE A 60 2.01 -1.42 -9.99
N GLN A 61 0.86 -1.84 -10.46
CA GLN A 61 0.40 -1.38 -11.81
C GLN A 61 -0.78 -0.40 -11.67
N ILE A 62 -0.77 0.66 -12.44
CA ILE A 62 -1.97 1.56 -12.50
C ILE A 62 -2.83 1.17 -13.70
N LYS A 63 -4.11 1.04 -13.50
CA LYS A 63 -5.03 0.74 -14.66
C LYS A 63 -6.00 1.91 -14.87
N VAL A 64 -6.09 2.39 -16.09
CA VAL A 64 -7.08 3.46 -16.41
C VAL A 64 -7.78 3.16 -17.73
N MET A 65 -8.92 3.75 -17.95
CA MET A 65 -9.65 3.54 -19.24
C MET A 65 -8.98 4.35 -20.35
N THR A 66 -8.56 5.55 -20.05
CA THR A 66 -7.85 6.38 -21.06
C THR A 66 -6.63 7.07 -20.40
N PRO A 67 -5.56 7.20 -21.15
CA PRO A 67 -4.29 7.68 -20.54
C PRO A 67 -4.50 9.05 -19.84
N PRO A 68 -3.89 9.23 -18.68
CA PRO A 68 -4.01 10.53 -17.97
C PRO A 68 -3.28 11.64 -18.76
N PRO A 69 -3.48 12.87 -18.35
CA PRO A 69 -2.85 14.01 -19.06
C PRO A 69 -1.33 13.89 -19.05
N GLN A 70 -0.67 14.48 -20.01
CA GLN A 70 0.83 14.50 -20.00
C GLN A 70 1.34 15.54 -19.01
N GLY A 71 2.37 15.24 -18.27
CA GLY A 71 2.84 16.15 -17.20
C GLY A 71 2.30 15.67 -15.85
N ALA A 72 1.20 14.97 -15.85
CA ALA A 72 0.61 14.43 -14.58
C ALA A 72 1.67 13.70 -13.74
N VAL A 73 1.49 13.67 -12.44
CA VAL A 73 2.44 12.92 -11.57
C VAL A 73 1.67 12.00 -10.64
N ILE A 74 2.30 10.95 -10.16
CA ILE A 74 1.62 10.04 -9.19
C ILE A 74 2.25 10.21 -7.81
N ARG A 75 1.44 10.24 -6.78
CA ARG A 75 1.97 10.49 -5.41
C ARG A 75 1.75 9.24 -4.55
N ALA A 76 2.62 8.96 -3.62
CA ALA A 76 2.38 7.82 -2.68
C ALA A 76 2.83 8.20 -1.26
N MET A 77 1.97 8.05 -0.29
CA MET A 77 2.31 8.44 1.10
C MET A 77 1.84 7.37 2.11
N PRO A 78 2.65 7.08 3.11
CA PRO A 78 2.26 6.12 4.17
C PRO A 78 1.59 6.85 5.35
N VAL A 79 0.53 6.29 5.89
CA VAL A 79 -0.08 6.86 7.12
C VAL A 79 -0.67 5.74 7.99
N TYR A 80 -0.78 5.95 9.27
CA TYR A 80 -1.37 4.91 10.17
C TYR A 80 -2.81 4.58 9.75
N LYS A 81 -3.33 3.49 10.22
CA LYS A 81 -4.69 3.05 9.77
C LYS A 81 -5.80 3.81 10.51
N LYS A 82 -5.83 3.69 11.81
CA LYS A 82 -6.93 4.33 12.60
C LYS A 82 -6.67 5.82 12.80
N ALA A 83 -7.70 6.62 12.91
CA ALA A 83 -7.52 8.10 13.02
C ALA A 83 -6.60 8.44 14.20
N GLU A 84 -6.72 7.73 15.29
CA GLU A 84 -5.91 8.05 16.50
C GLU A 84 -4.41 8.02 16.17
N HIS A 85 -4.02 7.29 15.15
CA HIS A 85 -2.58 7.21 14.80
C HIS A 85 -2.29 7.95 13.50
N VAL A 86 -3.28 8.19 12.67
CA VAL A 86 -3.01 8.83 11.34
C VAL A 86 -2.57 10.29 11.53
N THR A 87 -2.87 10.87 12.66
CA THR A 87 -2.36 12.26 12.95
C THR A 87 -0.90 12.21 13.41
N GLU A 88 -0.42 11.06 13.81
CA GLU A 88 1.03 10.91 14.14
C GLU A 88 1.83 10.54 12.88
N VAL A 89 2.95 11.17 12.68
CA VAL A 89 3.79 10.84 11.48
C VAL A 89 4.49 9.49 11.69
N VAL A 90 4.58 8.71 10.64
CA VAL A 90 5.41 7.47 10.71
C VAL A 90 6.88 7.83 10.39
N LYS A 91 7.80 7.27 11.11
CA LYS A 91 9.21 7.77 11.05
C LYS A 91 10.20 6.61 10.93
N ARG A 92 11.48 6.91 11.07
CA ARG A 92 12.53 5.86 10.96
C ARG A 92 12.90 5.34 12.35
N CYS A 93 13.40 4.13 12.43
CA CYS A 93 13.91 3.62 13.74
C CYS A 93 15.28 4.24 14.02
N PRO A 94 15.68 4.28 15.28
CA PRO A 94 17.01 4.81 15.61
C PRO A 94 18.11 3.93 14.98
N ASN A 95 17.99 2.64 15.15
CA ASN A 95 19.02 1.71 14.57
C ASN A 95 19.01 1.75 13.04
N HIS A 96 17.84 1.73 12.43
CA HIS A 96 17.77 1.65 10.94
C HIS A 96 17.98 3.02 10.29
N GLU A 97 17.64 4.08 10.99
CA GLU A 97 17.94 5.44 10.47
C GLU A 97 19.46 5.70 10.49
N LEU A 98 20.11 5.30 11.56
CA LEU A 98 21.59 5.47 11.65
C LEU A 98 22.29 4.66 10.55
N SER A 99 21.77 3.49 10.26
CA SER A 99 22.40 2.61 9.21
C SER A 99 22.70 3.40 7.92
N ARG A 100 21.78 4.25 7.51
CA ARG A 100 21.99 5.06 6.27
C ARG A 100 22.41 4.17 5.09
N GLU A 101 22.87 4.76 4.02
CA GLU A 101 23.33 3.96 2.85
C GLU A 101 24.08 4.87 1.86
N PHE A 102 25.01 5.64 2.35
CA PHE A 102 25.81 6.55 1.45
C PHE A 102 24.88 7.41 0.58
N ASN A 103 24.27 8.41 1.15
CA ASN A 103 23.31 9.25 0.38
C ASN A 103 24.03 10.05 -0.71
N GLU A 104 25.33 10.08 -0.71
CA GLU A 104 26.08 10.78 -1.81
C GLU A 104 25.74 10.16 -3.17
N GLY A 105 25.16 10.92 -4.05
CA GLY A 105 24.85 10.41 -5.42
C GLY A 105 23.57 9.56 -5.38
N GLN A 106 22.75 9.71 -4.37
CA GLN A 106 21.51 8.90 -4.29
C GLN A 106 20.27 9.81 -4.41
N ILE A 107 19.22 9.30 -5.00
CA ILE A 107 17.99 10.13 -5.22
C ILE A 107 17.10 10.09 -3.96
N ALA A 108 17.20 9.05 -3.17
CA ALA A 108 16.29 8.91 -2.00
C ALA A 108 17.10 8.74 -0.70
N PRO A 109 17.28 9.82 0.02
CA PRO A 109 18.00 9.73 1.31
C PRO A 109 17.20 8.90 2.33
N PRO A 110 17.88 8.37 3.32
CA PRO A 110 17.20 7.43 4.27
C PRO A 110 15.98 8.08 4.94
N SER A 111 15.92 9.39 4.95
CA SER A 111 14.80 10.10 5.64
C SER A 111 13.43 9.58 5.17
N HIS A 112 13.35 9.10 3.95
CA HIS A 112 12.03 8.68 3.40
C HIS A 112 11.81 7.18 3.57
N LEU A 113 10.74 6.79 4.21
CA LEU A 113 10.45 5.34 4.40
C LEU A 113 10.16 4.67 3.05
N ILE A 114 9.51 5.38 2.15
CA ILE A 114 9.17 4.79 0.83
C ILE A 114 10.13 5.30 -0.24
N ARG A 115 10.59 4.43 -1.11
CA ARG A 115 11.52 4.86 -2.19
C ARG A 115 11.04 4.32 -3.54
N VAL A 116 11.49 4.92 -4.61
CA VAL A 116 11.13 4.40 -5.97
C VAL A 116 12.33 3.67 -6.59
N GLU A 117 12.07 2.65 -7.37
CA GLU A 117 13.15 2.00 -8.15
C GLU A 117 12.86 2.13 -9.65
N GLY A 118 13.80 2.62 -10.41
CA GLY A 118 13.69 2.53 -11.90
C GLY A 118 13.14 3.84 -12.47
N ASN A 119 13.24 4.92 -11.74
CA ASN A 119 12.83 6.25 -12.30
C ASN A 119 13.83 7.33 -11.88
N SER A 120 14.66 7.77 -12.79
CA SER A 120 15.70 8.79 -12.43
C SER A 120 15.05 10.10 -11.99
N HIS A 121 13.77 10.29 -12.25
CA HIS A 121 13.10 11.56 -11.86
C HIS A 121 12.36 11.41 -10.53
N ALA A 122 12.55 10.31 -9.83
CA ALA A 122 11.91 10.16 -8.48
C ALA A 122 12.42 11.25 -7.54
N GLN A 123 11.52 11.95 -6.89
CA GLN A 123 11.92 12.99 -5.90
C GLN A 123 10.99 12.94 -4.69
N TYR A 124 11.45 13.40 -3.56
CA TYR A 124 10.61 13.29 -2.33
C TYR A 124 10.31 14.68 -1.76
N VAL A 125 9.18 14.82 -1.10
CA VAL A 125 8.80 16.13 -0.50
C VAL A 125 8.40 15.95 0.96
N GLU A 126 8.42 17.02 1.72
CA GLU A 126 7.96 16.95 3.14
C GLU A 126 6.76 17.87 3.34
N ASP A 127 5.70 17.37 3.92
CA ASP A 127 4.50 18.22 4.19
C ASP A 127 4.88 19.36 5.16
N PRO A 128 4.53 20.57 4.80
CA PRO A 128 5.05 21.75 5.56
C PRO A 128 4.52 21.74 7.00
N ILE A 129 3.37 21.16 7.23
CA ILE A 129 2.70 21.35 8.55
C ILE A 129 2.87 20.11 9.45
N THR A 130 2.59 18.94 8.94
CA THR A 130 2.63 17.73 9.81
C THR A 130 3.88 16.86 9.53
N GLY A 131 4.84 17.37 8.79
CA GLY A 131 6.13 16.64 8.61
C GLY A 131 5.97 15.40 7.71
N ARG A 132 4.77 15.06 7.29
CA ARG A 132 4.55 13.80 6.48
C ARG A 132 5.59 13.63 5.37
N GLN A 133 6.02 12.41 5.13
CA GLN A 133 6.96 12.16 4.00
C GLN A 133 6.20 11.53 2.83
N SER A 134 6.57 11.88 1.61
CA SER A 134 5.93 11.24 0.42
C SER A 134 6.88 11.31 -0.78
N VAL A 135 6.67 10.46 -1.75
CA VAL A 135 7.53 10.47 -2.98
C VAL A 135 6.66 10.68 -4.23
N LEU A 136 7.19 11.33 -5.23
CA LEU A 136 6.39 11.62 -6.45
C LEU A 136 7.15 11.18 -7.69
N VAL A 137 6.45 10.87 -8.75
CA VAL A 137 7.13 10.53 -10.04
C VAL A 137 6.25 10.92 -11.23
N PRO A 138 6.86 11.22 -12.35
CA PRO A 138 6.06 11.55 -13.57
C PRO A 138 5.38 10.28 -14.11
N TYR A 139 4.15 10.39 -14.53
CA TYR A 139 3.48 9.22 -15.18
C TYR A 139 4.00 9.02 -16.60
N GLU A 140 4.50 7.85 -16.89
CA GLU A 140 4.96 7.55 -18.28
C GLU A 140 3.89 6.74 -19.03
N PRO A 141 3.96 6.75 -20.34
CA PRO A 141 2.97 5.99 -21.15
C PRO A 141 2.99 4.50 -20.77
N PRO A 142 1.92 3.79 -21.06
CA PRO A 142 1.84 2.36 -20.66
C PRO A 142 2.97 1.56 -21.31
N GLN A 143 3.42 0.52 -20.66
CA GLN A 143 4.54 -0.30 -21.21
C GLN A 143 4.14 -0.89 -22.58
N VAL A 144 5.10 -1.06 -23.45
CA VAL A 144 4.77 -1.44 -24.86
C VAL A 144 4.24 -2.88 -24.91
N GLY A 145 3.10 -3.07 -25.51
CA GLY A 145 2.52 -4.44 -25.62
C GLY A 145 1.39 -4.62 -24.60
N THR A 146 1.21 -3.71 -23.67
CA THR A 146 0.07 -3.80 -22.72
C THR A 146 -0.46 -2.41 -22.38
N GLU A 147 -1.56 -2.34 -21.66
CA GLU A 147 -2.28 -1.05 -21.51
C GLU A 147 -2.10 -0.45 -20.11
N PHE A 148 -1.18 -0.96 -19.33
CA PHE A 148 -1.05 -0.48 -17.92
C PHE A 148 0.34 0.13 -17.68
N THR A 149 0.50 0.81 -16.56
CA THR A 149 1.80 1.46 -16.23
C THR A 149 2.38 0.85 -14.96
N THR A 150 3.69 0.76 -14.87
CA THR A 150 4.32 0.07 -13.70
C THR A 150 5.20 1.04 -12.90
N VAL A 151 5.08 1.00 -11.60
CA VAL A 151 6.00 1.78 -10.73
C VAL A 151 6.52 0.88 -9.60
N LEU A 152 7.79 0.95 -9.30
CA LEU A 152 8.40 -0.02 -8.35
C LEU A 152 8.63 0.63 -6.99
N TYR A 153 8.08 0.07 -5.94
CA TYR A 153 8.24 0.67 -4.59
C TYR A 153 9.19 -0.16 -3.74
N ASN A 154 9.87 0.48 -2.81
CA ASN A 154 10.79 -0.25 -1.89
C ASN A 154 10.59 0.27 -0.46
N PHE A 155 10.66 -0.61 0.52
CA PHE A 155 10.45 -0.18 1.94
C PHE A 155 11.74 -0.31 2.75
N MET A 156 12.08 0.70 3.50
CA MET A 156 13.39 0.68 4.24
C MET A 156 13.22 0.24 5.70
N CYS A 157 12.02 -0.11 6.12
CA CYS A 157 11.84 -0.64 7.52
C CYS A 157 10.76 -1.72 7.53
N ASN A 158 10.69 -2.47 8.59
CA ASN A 158 9.68 -3.58 8.67
C ASN A 158 8.75 -3.36 9.88
N SER A 159 7.63 -4.01 9.89
CA SER A 159 6.52 -3.60 10.81
C SER A 159 6.98 -3.64 12.27
N SER A 160 7.84 -4.57 12.61
CA SER A 160 8.06 -4.90 14.04
C SER A 160 9.33 -4.23 14.60
N CYS A 161 9.93 -3.30 13.89
CA CYS A 161 11.16 -2.64 14.42
C CYS A 161 10.81 -1.34 15.16
N VAL A 162 11.09 -1.29 16.43
CA VAL A 162 10.62 -0.15 17.27
C VAL A 162 11.22 1.17 16.79
N GLY A 163 10.44 2.21 16.78
CA GLY A 163 10.95 3.55 16.38
C GLY A 163 10.56 3.85 14.92
N GLY A 164 9.95 2.91 14.23
CA GLY A 164 9.38 3.23 12.88
C GLY A 164 7.94 2.73 12.81
N MET A 165 7.73 1.59 12.21
CA MET A 165 6.36 1.03 12.12
C MET A 165 5.81 0.72 13.51
N ASN A 166 6.68 0.37 14.43
CA ASN A 166 6.30 0.16 15.87
C ASN A 166 4.99 -0.65 16.01
N ARG A 167 4.90 -1.77 15.33
CA ARG A 167 3.71 -2.67 15.49
C ARG A 167 2.40 -1.92 15.25
N ARG A 168 2.41 -0.93 14.38
CA ARG A 168 1.16 -0.23 14.01
C ARG A 168 0.90 -0.38 12.49
N PRO A 169 -0.05 -1.23 12.13
CA PRO A 169 -0.34 -1.43 10.69
C PRO A 169 -0.78 -0.11 10.04
N ILE A 170 -0.42 0.09 8.79
CA ILE A 170 -0.71 1.39 8.13
C ILE A 170 -1.34 1.20 6.76
N LEU A 171 -1.70 2.28 6.12
CA LEU A 171 -2.30 2.21 4.76
C LEU A 171 -1.47 3.08 3.82
N ILE A 172 -1.40 2.73 2.57
CA ILE A 172 -0.64 3.58 1.60
C ILE A 172 -1.60 4.15 0.57
N ILE A 173 -1.53 5.43 0.35
CA ILE A 173 -2.49 6.09 -0.58
C ILE A 173 -1.76 6.52 -1.85
N VAL A 174 -2.24 6.10 -2.99
CA VAL A 174 -1.59 6.49 -4.27
C VAL A 174 -2.59 7.29 -5.12
N THR A 175 -2.20 8.45 -5.57
CA THR A 175 -3.17 9.34 -6.28
C THR A 175 -2.62 9.74 -7.66
N LEU A 176 -3.49 10.02 -8.58
CA LEU A 176 -3.06 10.66 -9.87
C LEU A 176 -3.41 12.14 -9.85
N GLU A 177 -2.45 13.00 -10.09
CA GLU A 177 -2.68 14.47 -9.95
C GLU A 177 -2.20 15.19 -11.20
N THR A 178 -2.78 16.32 -11.51
CA THR A 178 -2.32 17.11 -12.69
C THR A 178 -1.23 18.10 -12.24
N ARG A 179 -0.44 18.58 -13.16
CA ARG A 179 0.64 19.55 -12.80
C ARG A 179 0.06 20.78 -12.08
N ASP A 180 -1.19 21.08 -12.33
CA ASP A 180 -1.79 22.32 -11.75
C ASP A 180 -2.36 22.08 -10.34
N GLY A 181 -2.10 20.94 -9.75
CA GLY A 181 -2.46 20.73 -8.32
C GLY A 181 -3.91 20.25 -8.18
N GLN A 182 -4.49 19.71 -9.23
CA GLN A 182 -5.90 19.23 -9.15
C GLN A 182 -5.94 17.70 -9.14
N VAL A 183 -6.80 17.12 -8.34
CA VAL A 183 -6.81 15.63 -8.19
C VAL A 183 -7.68 15.00 -9.28
N LEU A 184 -7.18 13.97 -9.92
CA LEU A 184 -7.97 13.28 -10.98
C LEU A 184 -8.61 12.00 -10.41
N GLY A 185 -7.89 11.27 -9.60
CA GLY A 185 -8.45 10.01 -9.02
C GLY A 185 -7.59 9.54 -7.86
N ARG A 186 -8.19 8.82 -6.93
CA ARG A 186 -7.41 8.32 -5.75
C ARG A 186 -7.71 6.84 -5.49
N ARG A 187 -6.68 6.07 -5.22
CA ARG A 187 -6.89 4.65 -4.79
C ARG A 187 -5.98 4.32 -3.61
N CYS A 188 -6.31 3.32 -2.84
CA CYS A 188 -5.52 3.02 -1.60
C CYS A 188 -5.41 1.51 -1.38
N PHE A 189 -4.38 1.08 -0.69
CA PHE A 189 -4.25 -0.37 -0.35
C PHE A 189 -3.62 -0.52 1.04
N GLU A 190 -3.75 -1.68 1.63
CA GLU A 190 -3.20 -1.89 3.01
C GLU A 190 -1.91 -2.71 2.96
N ALA A 191 -0.91 -2.31 3.68
CA ALA A 191 0.43 -2.93 3.50
C ALA A 191 0.95 -3.51 4.82
N ARG A 192 1.62 -4.62 4.76
CA ARG A 192 2.28 -5.18 5.98
C ARG A 192 3.66 -5.71 5.61
N ILE A 193 4.64 -5.48 6.46
CA ILE A 193 6.00 -6.04 6.20
C ILE A 193 6.28 -7.18 7.17
N CYS A 194 6.58 -8.35 6.66
CA CYS A 194 6.68 -9.55 7.54
C CYS A 194 7.78 -10.51 7.03
N ALA A 195 8.12 -11.50 7.83
CA ALA A 195 9.20 -12.44 7.42
C ALA A 195 8.71 -13.35 6.27
N CYS A 196 7.49 -13.81 6.34
CA CYS A 196 6.95 -14.69 5.26
C CYS A 196 5.62 -14.14 4.73
N PRO A 197 5.70 -13.24 3.78
CA PRO A 197 4.47 -12.74 3.11
C PRO A 197 3.66 -13.90 2.53
N GLY A 198 4.32 -14.97 2.16
CA GLY A 198 3.59 -16.16 1.63
C GLY A 198 2.76 -16.78 2.76
N ARG A 199 3.28 -16.77 3.95
CA ARG A 199 2.60 -17.47 5.08
C ARG A 199 1.36 -16.69 5.51
N ASP A 200 1.46 -15.39 5.54
CA ASP A 200 0.30 -14.55 5.99
C ASP A 200 -0.82 -14.62 4.95
N ARG A 201 -0.49 -14.57 3.69
CA ARG A 201 -1.55 -14.66 2.64
C ARG A 201 -2.26 -16.01 2.73
N LYS A 202 -1.54 -17.07 2.91
CA LYS A 202 -2.18 -18.42 3.03
C LYS A 202 -3.04 -18.49 4.30
N ALA A 203 -2.58 -17.89 5.38
CA ALA A 203 -3.31 -18.03 6.68
C ALA A 203 -4.72 -17.47 6.56
N ASP A 204 -4.85 -16.25 6.07
CA ASP A 204 -6.21 -15.63 5.95
C ASP A 204 -7.09 -16.46 5.03
N GLU A 205 -6.53 -17.00 3.98
CA GLU A 205 -7.33 -17.88 3.06
C GLU A 205 -7.84 -19.09 3.81
N ASP A 206 -7.03 -19.67 4.65
CA ASP A 206 -7.47 -20.85 5.45
C ASP A 206 -8.64 -20.47 6.36
N SER A 207 -8.62 -19.26 6.87
CA SER A 207 -9.73 -18.80 7.76
C SER A 207 -11.06 -18.80 7.01
N ILE A 208 -11.03 -18.50 5.73
CA ILE A 208 -12.29 -18.45 4.94
C ILE A 208 -12.75 -19.86 4.59
N ARG A 209 -11.83 -20.71 4.19
CA ARG A 209 -12.19 -22.13 3.84
C ARG A 209 -12.84 -22.82 5.05
N LYS A 210 -12.34 -22.57 6.23
CA LYS A 210 -12.92 -23.20 7.46
C LYS A 210 -14.39 -22.76 7.61
N GLN A 211 -14.66 -21.50 7.39
CA GLN A 211 -16.08 -21.01 7.47
C GLN A 211 -16.94 -21.73 6.44
N GLN A 212 -16.38 -22.03 5.30
CA GLN A 212 -17.18 -22.66 4.20
C GLN A 212 -16.99 -24.18 4.21
N VAL A 213 -18.06 -24.93 4.28
CA VAL A 213 -17.96 -26.41 4.27
C VAL A 213 -18.53 -26.97 2.97
N SER A 214 -17.78 -27.82 2.30
CA SER A 214 -18.27 -28.39 1.01
C SER A 214 -18.94 -29.75 1.24
N ASP A 215 -20.03 -30.00 0.55
CA ASP A 215 -20.73 -31.30 0.72
C ASP A 215 -19.88 -32.45 0.17
N SER A 216 -19.94 -33.59 0.80
CA SER A 216 -19.12 -34.76 0.32
C SER A 216 -19.65 -35.25 -1.04
N THR A 217 -18.85 -36.01 -1.74
CA THR A 217 -19.28 -36.52 -3.08
C THR A 217 -19.93 -37.90 -2.93
N LYS A 218 -19.59 -38.63 -1.89
CA LYS A 218 -20.22 -39.97 -1.67
C LYS A 218 -21.74 -39.84 -1.53
N ASN A 219 -22.19 -38.77 -0.92
CA ASN A 219 -23.66 -38.56 -0.76
C ASN A 219 -24.13 -37.40 -1.64
N GLY A 220 -25.25 -37.56 -2.29
CA GLY A 220 -25.77 -36.47 -3.16
C GLY A 220 -26.56 -35.47 -2.31
N ASP A 221 -27.13 -34.46 -2.93
CA ASP A 221 -27.92 -33.45 -2.17
C ASP A 221 -29.28 -34.03 -1.76
N ALA A 222 -29.61 -33.95 -0.50
CA ALA A 222 -30.92 -34.49 -0.03
C ALA A 222 -31.47 -33.64 1.12
N PHE A 223 -32.77 -33.66 1.31
CA PHE A 223 -33.38 -32.85 2.39
C PHE A 223 -34.50 -33.64 3.08
N ARG A 224 -34.95 -33.19 4.22
CA ARG A 224 -36.03 -33.90 4.98
C ARG A 224 -35.62 -35.35 5.28
N GLN A 225 -35.83 -36.27 4.36
CA GLN A 225 -35.56 -37.71 4.65
C GLN A 225 -34.10 -37.91 5.07
N ASN A 226 -33.19 -37.18 4.47
CA ASN A 226 -31.75 -37.31 4.84
C ASN A 226 -31.31 -36.11 5.69
N THR A 227 -30.56 -36.36 6.72
CA THR A 227 -30.12 -35.25 7.62
C THR A 227 -28.59 -35.19 7.68
N HIS A 228 -28.03 -34.01 7.77
CA HIS A 228 -26.54 -33.86 7.83
C HIS A 228 -25.97 -34.66 9.00
N GLY A 229 -26.69 -34.72 10.09
CA GLY A 229 -26.20 -35.49 11.28
C GLY A 229 -25.63 -34.53 12.33
N ILE A 230 -25.20 -33.36 11.91
CA ILE A 230 -24.67 -32.36 12.89
C ILE A 230 -25.78 -31.43 13.37
N GLN A 231 -25.67 -30.94 14.58
CA GLN A 231 -26.72 -30.02 15.12
C GLN A 231 -26.35 -28.56 14.83
N MET A 232 -27.24 -27.82 14.24
CA MET A 232 -26.94 -26.39 13.92
C MET A 232 -26.64 -25.61 15.21
N THR A 233 -27.32 -25.94 16.29
CA THR A 233 -27.08 -25.25 17.57
C THR A 233 -26.35 -26.16 18.55
ZN ZN B . 12.91 0.10 11.29
N GLY A 1 8.91 24.91 17.80
CA GLY A 1 9.70 25.12 19.04
C GLY A 1 8.91 26.02 20.01
N SER A 2 8.75 27.27 19.67
CA SER A 2 7.99 28.20 20.55
C SER A 2 6.49 28.03 20.35
N SER A 3 6.08 27.66 19.16
CA SER A 3 4.62 27.47 18.88
C SER A 3 4.05 26.38 19.79
N THR A 4 4.81 25.35 20.06
CA THR A 4 4.33 24.26 20.96
C THR A 4 4.17 24.79 22.38
N PHE A 5 4.97 25.75 22.76
CA PHE A 5 4.89 26.30 24.15
C PHE A 5 3.50 26.87 24.43
N ASP A 6 2.94 27.58 23.48
CA ASP A 6 1.59 28.19 23.70
C ASP A 6 0.47 27.21 23.32
N ALA A 7 0.80 25.98 23.00
CA ALA A 7 -0.26 24.97 22.62
C ALA A 7 -1.21 25.53 21.56
N LEU A 8 -2.37 24.93 21.41
CA LEU A 8 -3.37 25.43 20.42
C LEU A 8 -2.76 25.60 19.03
N SER A 9 -2.81 24.58 18.21
CA SER A 9 -2.24 24.66 16.84
C SER A 9 -3.29 24.23 15.81
N PRO A 10 -3.05 24.56 14.55
CA PRO A 10 -4.01 24.17 13.48
C PRO A 10 -4.14 22.65 13.41
N SER A 11 -5.26 22.16 12.94
CA SER A 11 -5.48 20.69 12.88
C SER A 11 -4.80 20.09 11.64
N PRO A 12 -4.13 18.97 11.81
CA PRO A 12 -3.41 18.36 10.66
C PRO A 12 -4.41 17.88 9.60
N ALA A 13 -4.03 17.92 8.35
CA ALA A 13 -4.92 17.41 7.27
C ALA A 13 -4.91 15.88 7.26
N ILE A 14 -6.04 15.26 7.06
CA ILE A 14 -6.11 13.77 7.11
C ILE A 14 -6.75 13.23 5.81
N PRO A 15 -5.92 12.77 4.89
CA PRO A 15 -6.45 12.23 3.62
C PRO A 15 -7.36 11.02 3.87
N SER A 16 -8.28 10.76 2.98
CA SER A 16 -9.19 9.60 3.16
C SER A 16 -8.86 8.49 2.17
N ASN A 17 -9.12 7.26 2.53
CA ASN A 17 -8.78 6.11 1.64
C ASN A 17 -9.98 5.74 0.74
N THR A 18 -10.91 6.65 0.56
CA THR A 18 -12.10 6.33 -0.28
C THR A 18 -11.71 6.27 -1.76
N ASP A 19 -12.01 5.17 -2.41
CA ASP A 19 -11.62 5.00 -3.85
C ASP A 19 -12.43 5.95 -4.74
N TYR A 20 -11.82 6.46 -5.77
CA TYR A 20 -12.56 7.37 -6.71
C TYR A 20 -11.92 7.31 -8.11
N PRO A 21 -12.55 6.60 -9.02
CA PRO A 21 -11.96 6.42 -10.38
C PRO A 21 -11.72 7.77 -11.05
N GLY A 22 -12.64 8.69 -10.91
CA GLY A 22 -12.47 10.03 -11.53
C GLY A 22 -12.76 9.94 -13.04
N PRO A 23 -12.20 10.85 -13.80
CA PRO A 23 -12.53 10.93 -15.25
C PRO A 23 -11.86 9.80 -16.03
N HIS A 24 -10.59 9.55 -15.78
CA HIS A 24 -9.84 8.57 -16.61
C HIS A 24 -9.94 7.15 -16.02
N SER A 25 -10.82 6.94 -15.07
CA SER A 25 -10.91 5.59 -14.40
C SER A 25 -9.55 5.16 -13.86
N PHE A 26 -8.99 5.93 -12.96
CA PHE A 26 -7.65 5.59 -12.38
C PHE A 26 -7.80 4.47 -11.35
N ASP A 27 -7.17 3.36 -11.60
CA ASP A 27 -7.29 2.19 -10.68
C ASP A 27 -5.91 1.65 -10.32
N VAL A 28 -5.81 0.92 -9.25
CA VAL A 28 -4.51 0.29 -8.86
C VAL A 28 -4.70 -1.21 -8.67
N SER A 29 -3.69 -1.99 -9.00
CA SER A 29 -3.78 -3.46 -8.79
C SER A 29 -2.38 -4.06 -8.64
N PHE A 30 -2.30 -5.25 -8.11
CA PHE A 30 -0.97 -5.88 -7.87
C PHE A 30 -0.94 -7.26 -8.53
N GLN A 31 0.02 -7.51 -9.37
CA GLN A 31 0.05 -8.80 -10.14
C GLN A 31 0.03 -10.00 -9.18
N GLN A 32 -0.62 -11.07 -9.57
CA GLN A 32 -0.76 -12.24 -8.66
C GLN A 32 0.27 -13.31 -9.00
N SER A 33 0.90 -13.87 -7.99
CA SER A 33 1.90 -14.96 -8.22
C SER A 33 1.53 -16.19 -7.40
N SER A 34 1.94 -17.36 -7.82
CA SER A 34 1.61 -18.60 -7.06
C SER A 34 2.18 -18.52 -5.63
N THR A 35 1.63 -19.27 -4.72
CA THR A 35 2.12 -19.23 -3.31
C THR A 35 3.52 -19.83 -3.23
N ALA A 36 4.52 -19.09 -3.66
CA ALA A 36 5.92 -19.60 -3.61
C ALA A 36 6.58 -19.24 -2.29
N LYS A 37 7.59 -19.97 -1.90
CA LYS A 37 8.30 -19.66 -0.62
C LYS A 37 9.23 -18.46 -0.82
N SER A 38 9.56 -17.77 0.25
CA SER A 38 10.46 -16.57 0.16
C SER A 38 9.98 -15.59 -0.92
N ALA A 39 8.69 -15.52 -1.14
CA ALA A 39 8.14 -14.53 -2.12
C ALA A 39 8.47 -13.10 -1.66
N THR A 40 8.98 -12.30 -2.55
CA THR A 40 9.26 -10.87 -2.20
C THR A 40 7.97 -10.17 -1.79
N TRP A 41 6.86 -10.54 -2.40
CA TRP A 41 5.55 -9.92 -2.04
C TRP A 41 4.41 -10.66 -2.73
N THR A 42 3.29 -10.78 -2.06
CA THR A 42 2.13 -11.51 -2.63
C THR A 42 0.83 -10.81 -2.24
N TYR A 43 -0.13 -10.76 -3.14
CA TYR A 43 -1.36 -9.96 -2.87
C TYR A 43 -2.61 -10.84 -3.02
N SER A 44 -3.58 -10.66 -2.16
CA SER A 44 -4.85 -11.42 -2.29
C SER A 44 -5.98 -10.47 -2.66
N THR A 45 -6.68 -10.76 -3.72
CA THR A 45 -7.79 -9.86 -4.17
C THR A 45 -8.98 -9.93 -3.21
N GLU A 46 -9.25 -11.09 -2.68
CA GLU A 46 -10.40 -11.25 -1.74
C GLU A 46 -10.23 -10.34 -0.52
N LEU A 47 -9.01 -10.13 -0.11
CA LEU A 47 -8.76 -9.33 1.13
C LEU A 47 -8.25 -7.92 0.78
N LYS A 48 -7.87 -7.69 -0.46
CA LYS A 48 -7.44 -6.32 -0.89
C LYS A 48 -6.24 -5.88 -0.06
N LYS A 49 -5.26 -6.74 0.07
CA LYS A 49 -4.13 -6.45 1.00
C LYS A 49 -2.83 -7.07 0.49
N LEU A 50 -1.70 -6.49 0.84
CA LEU A 50 -0.41 -6.95 0.28
C LEU A 50 0.58 -7.27 1.41
N TYR A 51 1.31 -8.35 1.27
CA TYR A 51 2.38 -8.67 2.27
C TYR A 51 3.74 -8.61 1.57
N CYS A 52 4.69 -7.94 2.17
CA CYS A 52 6.01 -7.76 1.50
C CYS A 52 7.17 -7.95 2.48
N GLN A 53 8.33 -8.25 1.98
CA GLN A 53 9.54 -8.32 2.86
C GLN A 53 10.42 -7.09 2.65
N ILE A 54 11.02 -6.61 3.71
CA ILE A 54 11.78 -5.32 3.64
C ILE A 54 12.83 -5.35 2.52
N ALA A 55 13.08 -4.21 1.91
CA ALA A 55 14.13 -4.09 0.84
C ALA A 55 13.81 -4.93 -0.41
N LYS A 56 12.62 -5.48 -0.50
CA LYS A 56 12.24 -6.22 -1.75
C LYS A 56 11.46 -5.30 -2.70
N THR A 57 11.50 -5.60 -3.98
CA THR A 57 10.80 -4.74 -4.98
C THR A 57 9.32 -5.10 -5.06
N CYS A 58 8.45 -4.14 -4.90
CA CYS A 58 7.00 -4.38 -5.13
C CYS A 58 6.51 -3.56 -6.33
N PRO A 59 6.58 -4.15 -7.51
CA PRO A 59 5.99 -3.50 -8.71
C PRO A 59 4.48 -3.33 -8.54
N ILE A 60 3.97 -2.14 -8.77
CA ILE A 60 2.50 -1.91 -8.71
C ILE A 60 2.03 -1.30 -10.04
N GLN A 61 0.87 -1.69 -10.51
CA GLN A 61 0.41 -1.20 -11.85
C GLN A 61 -0.76 -0.23 -11.70
N ILE A 62 -0.73 0.86 -12.42
CA ILE A 62 -1.94 1.73 -12.52
C ILE A 62 -2.73 1.38 -13.77
N LYS A 63 -4.03 1.27 -13.65
CA LYS A 63 -4.88 1.00 -14.85
C LYS A 63 -5.82 2.17 -15.12
N VAL A 64 -5.85 2.67 -16.33
CA VAL A 64 -6.82 3.73 -16.70
C VAL A 64 -7.44 3.44 -18.08
N MET A 65 -8.56 4.02 -18.36
CA MET A 65 -9.21 3.80 -19.69
C MET A 65 -8.52 4.64 -20.76
N THR A 66 -8.22 5.87 -20.44
CA THR A 66 -7.51 6.76 -21.41
C THR A 66 -6.33 7.44 -20.72
N PRO A 67 -5.23 7.61 -21.43
CA PRO A 67 -3.98 8.09 -20.78
C PRO A 67 -4.23 9.42 -20.05
N PRO A 68 -3.63 9.58 -18.88
CA PRO A 68 -3.78 10.86 -18.13
C PRO A 68 -3.06 11.99 -18.87
N PRO A 69 -3.27 13.22 -18.42
CA PRO A 69 -2.65 14.38 -19.09
C PRO A 69 -1.12 14.28 -19.04
N GLN A 70 -0.44 14.93 -19.94
CA GLN A 70 1.06 14.96 -19.89
C GLN A 70 1.53 15.96 -18.83
N GLY A 71 2.55 15.60 -18.08
CA GLY A 71 2.99 16.47 -16.94
C GLY A 71 2.41 15.93 -15.63
N ALA A 72 1.32 15.20 -15.70
CA ALA A 72 0.71 14.61 -14.46
C ALA A 72 1.76 13.86 -13.63
N VAL A 73 1.57 13.80 -12.35
CA VAL A 73 2.51 13.04 -11.47
C VAL A 73 1.71 12.10 -10.56
N ILE A 74 2.33 11.05 -10.10
CA ILE A 74 1.65 10.14 -9.12
C ILE A 74 2.28 10.32 -7.74
N ARG A 75 1.46 10.36 -6.72
CA ARG A 75 1.98 10.62 -5.34
C ARG A 75 1.73 9.38 -4.48
N ALA A 76 2.65 9.04 -3.59
CA ALA A 76 2.40 7.89 -2.67
C ALA A 76 2.86 8.24 -1.25
N MET A 77 1.98 8.07 -0.29
CA MET A 77 2.33 8.45 1.11
C MET A 77 1.86 7.38 2.12
N PRO A 78 2.67 7.11 3.12
CA PRO A 78 2.29 6.13 4.17
C PRO A 78 1.60 6.84 5.34
N VAL A 79 0.55 6.26 5.86
CA VAL A 79 -0.09 6.83 7.10
C VAL A 79 -0.66 5.70 7.96
N TYR A 80 -0.79 5.93 9.25
CA TYR A 80 -1.34 4.87 10.14
C TYR A 80 -2.78 4.53 9.77
N LYS A 81 -3.26 3.38 10.16
CA LYS A 81 -4.63 2.94 9.76
C LYS A 81 -5.69 3.69 10.56
N LYS A 82 -5.63 3.61 11.87
CA LYS A 82 -6.70 4.22 12.71
C LYS A 82 -6.49 5.73 12.85
N ALA A 83 -7.54 6.48 12.95
CA ALA A 83 -7.40 7.98 12.99
C ALA A 83 -6.47 8.41 14.13
N GLU A 84 -6.56 7.75 15.25
CA GLU A 84 -5.76 8.16 16.45
C GLU A 84 -4.26 8.17 16.10
N HIS A 85 -3.85 7.40 15.12
CA HIS A 85 -2.41 7.36 14.76
C HIS A 85 -2.16 8.04 13.41
N VAL A 86 -3.17 8.17 12.58
CA VAL A 86 -2.94 8.74 11.21
C VAL A 86 -2.53 10.22 11.30
N THR A 87 -2.83 10.86 12.41
CA THR A 87 -2.38 12.27 12.59
C THR A 87 -0.91 12.32 13.02
N GLU A 88 -0.37 11.21 13.47
CA GLU A 88 1.10 11.14 13.76
C GLU A 88 1.85 10.71 12.50
N VAL A 89 2.96 11.32 12.22
CA VAL A 89 3.77 10.94 11.02
C VAL A 89 4.46 9.60 11.25
N VAL A 90 4.58 8.79 10.22
CA VAL A 90 5.37 7.53 10.34
C VAL A 90 6.85 7.84 10.08
N LYS A 91 7.73 7.25 10.84
CA LYS A 91 9.16 7.72 10.83
C LYS A 91 10.13 6.53 10.76
N ARG A 92 11.40 6.80 10.94
CA ARG A 92 12.43 5.72 10.89
C ARG A 92 12.74 5.22 12.32
N CYS A 93 13.27 4.04 12.42
CA CYS A 93 13.73 3.53 13.76
C CYS A 93 15.08 4.15 14.11
N PRO A 94 15.44 4.13 15.37
CA PRO A 94 16.77 4.68 15.77
C PRO A 94 17.88 3.83 15.14
N ASN A 95 17.77 2.53 15.23
CA ASN A 95 18.82 1.63 14.65
C ASN A 95 18.84 1.75 13.11
N HIS A 96 17.68 1.76 12.49
CA HIS A 96 17.63 1.77 11.00
C HIS A 96 17.85 3.17 10.44
N GLU A 97 17.51 4.18 11.18
CA GLU A 97 17.83 5.58 10.75
C GLU A 97 19.35 5.82 10.79
N LEU A 98 20.00 5.36 11.83
CA LEU A 98 21.47 5.55 11.95
C LEU A 98 22.19 4.90 10.76
N SER A 99 21.74 3.73 10.36
CA SER A 99 22.34 3.03 9.18
C SER A 99 22.48 4.00 7.98
N ARG A 100 23.57 3.93 7.28
CA ARG A 100 23.77 4.82 6.09
C ARG A 100 24.01 3.98 4.84
N GLU A 101 23.29 4.27 3.78
CA GLU A 101 23.48 3.52 2.51
C GLU A 101 24.33 4.34 1.53
N PHE A 102 25.13 5.25 2.03
CA PHE A 102 25.93 6.15 1.14
C PHE A 102 25.02 6.85 0.12
N ASN A 103 24.27 7.83 0.56
CA ASN A 103 23.28 8.48 -0.35
C ASN A 103 23.97 9.24 -1.48
N GLU A 104 25.26 9.40 -1.43
CA GLU A 104 26.00 10.05 -2.57
C GLU A 104 25.78 9.25 -3.86
N GLY A 105 25.19 9.86 -4.85
CA GLY A 105 24.95 9.15 -6.15
C GLY A 105 23.72 8.24 -6.03
N GLN A 106 22.86 8.47 -5.07
CA GLN A 106 21.66 7.60 -4.90
C GLN A 106 20.38 8.39 -5.18
N ILE A 107 19.42 7.78 -5.82
CA ILE A 107 18.15 8.49 -6.16
C ILE A 107 17.17 8.43 -4.98
N ALA A 108 17.29 7.43 -4.15
CA ALA A 108 16.29 7.25 -3.06
C ALA A 108 16.99 7.18 -1.68
N PRO A 109 17.15 8.34 -1.06
CA PRO A 109 17.80 8.38 0.28
C PRO A 109 16.95 7.64 1.33
N PRO A 110 17.61 6.92 2.21
CA PRO A 110 16.86 6.11 3.22
C PRO A 110 15.98 7.00 4.11
N SER A 111 16.24 8.29 4.14
CA SER A 111 15.47 9.20 5.05
C SER A 111 13.96 9.06 4.82
N HIS A 112 13.56 8.59 3.66
CA HIS A 112 12.10 8.41 3.39
C HIS A 112 11.71 6.94 3.49
N LEU A 113 10.66 6.64 4.21
CA LEU A 113 10.25 5.21 4.38
C LEU A 113 9.93 4.58 3.02
N ILE A 114 9.32 5.33 2.14
CA ILE A 114 8.99 4.79 0.79
C ILE A 114 9.99 5.31 -0.24
N ARG A 115 10.45 4.46 -1.12
CA ARG A 115 11.43 4.89 -2.15
C ARG A 115 11.02 4.35 -3.54
N VAL A 116 11.52 4.95 -4.58
CA VAL A 116 11.20 4.46 -5.95
C VAL A 116 12.40 3.73 -6.55
N GLU A 117 12.15 2.72 -7.35
CA GLU A 117 13.26 2.06 -8.11
C GLU A 117 13.03 2.21 -9.61
N GLY A 118 14.00 2.76 -10.31
CA GLY A 118 13.98 2.70 -11.80
C GLY A 118 13.36 3.97 -12.39
N ASN A 119 13.39 5.06 -11.66
CA ASN A 119 12.92 6.35 -12.23
C ASN A 119 13.90 7.47 -11.87
N SER A 120 14.65 7.94 -12.84
CA SER A 120 15.68 8.99 -12.55
C SER A 120 15.02 10.28 -12.04
N HIS A 121 13.73 10.43 -12.21
CA HIS A 121 13.06 11.70 -11.80
C HIS A 121 12.37 11.55 -10.44
N ALA A 122 12.54 10.44 -9.76
CA ALA A 122 11.92 10.28 -8.41
C ALA A 122 12.46 11.34 -7.45
N GLN A 123 11.57 12.05 -6.80
CA GLN A 123 12.00 13.06 -5.79
C GLN A 123 11.07 13.01 -4.58
N TYR A 124 11.53 13.47 -3.44
CA TYR A 124 10.71 13.36 -2.21
C TYR A 124 10.41 14.75 -1.64
N VAL A 125 9.28 14.89 -0.98
CA VAL A 125 8.92 16.20 -0.37
C VAL A 125 8.52 16.01 1.10
N GLU A 126 8.56 17.05 1.88
CA GLU A 126 8.11 16.98 3.30
C GLU A 126 6.96 17.96 3.54
N ASP A 127 5.89 17.50 4.13
CA ASP A 127 4.74 18.40 4.43
C ASP A 127 5.19 19.51 5.41
N PRO A 128 5.03 20.75 5.03
CA PRO A 128 5.58 21.85 5.85
C PRO A 128 4.89 21.91 7.22
N ILE A 129 3.66 21.46 7.30
CA ILE A 129 2.86 21.68 8.54
C ILE A 129 2.77 20.40 9.37
N THR A 130 2.40 19.29 8.75
CA THR A 130 2.09 18.06 9.56
C THR A 130 3.20 17.02 9.46
N GLY A 131 4.35 17.37 8.93
CA GLY A 131 5.54 16.45 9.00
C GLY A 131 5.48 15.36 7.92
N ARG A 132 4.33 15.06 7.38
CA ARG A 132 4.15 13.87 6.48
C ARG A 132 5.28 13.74 5.44
N GLN A 133 5.71 12.54 5.16
CA GLN A 133 6.71 12.33 4.07
C GLN A 133 6.04 11.66 2.87
N SER A 134 6.46 11.99 1.67
CA SER A 134 5.88 11.35 0.46
C SER A 134 6.87 11.39 -0.70
N VAL A 135 6.69 10.54 -1.67
CA VAL A 135 7.57 10.56 -2.88
C VAL A 135 6.72 10.74 -4.14
N LEU A 136 7.27 11.38 -5.14
CA LEU A 136 6.46 11.68 -6.36
C LEU A 136 7.23 11.23 -7.61
N VAL A 137 6.52 10.95 -8.67
CA VAL A 137 7.20 10.60 -9.96
C VAL A 137 6.31 11.01 -11.15
N PRO A 138 6.92 11.32 -12.27
CA PRO A 138 6.12 11.66 -13.48
C PRO A 138 5.45 10.40 -14.03
N TYR A 139 4.21 10.49 -14.45
CA TYR A 139 3.55 9.33 -15.10
C TYR A 139 4.09 9.15 -16.52
N GLU A 140 4.54 7.97 -16.84
CA GLU A 140 4.99 7.68 -18.24
C GLU A 140 3.89 6.93 -19.00
N PRO A 141 3.94 6.96 -20.32
CA PRO A 141 2.94 6.22 -21.13
C PRO A 141 2.95 4.73 -20.79
N PRO A 142 1.87 4.05 -21.07
CA PRO A 142 1.78 2.60 -20.71
C PRO A 142 2.89 1.80 -21.39
N GLN A 143 3.35 0.74 -20.77
CA GLN A 143 4.45 -0.06 -21.36
C GLN A 143 4.02 -0.63 -22.73
N VAL A 144 4.96 -0.79 -23.63
CA VAL A 144 4.59 -1.14 -25.04
C VAL A 144 4.04 -2.57 -25.10
N GLY A 145 2.88 -2.73 -25.69
CA GLY A 145 2.28 -4.09 -25.81
C GLY A 145 1.18 -4.29 -24.76
N THR A 146 1.05 -3.40 -23.81
CA THR A 146 -0.06 -3.51 -22.82
C THR A 146 -0.56 -2.11 -22.42
N GLU A 147 -1.61 -2.05 -21.64
CA GLU A 147 -2.34 -0.76 -21.46
C GLU A 147 -2.13 -0.18 -20.06
N PHE A 148 -1.19 -0.69 -19.30
CA PHE A 148 -1.03 -0.22 -17.89
C PHE A 148 0.36 0.39 -17.66
N THR A 149 0.54 1.05 -16.55
CA THR A 149 1.86 1.67 -16.23
C THR A 149 2.44 1.05 -14.96
N THR A 150 3.74 0.91 -14.88
CA THR A 150 4.35 0.21 -13.71
C THR A 150 5.26 1.16 -12.92
N VAL A 151 5.14 1.13 -11.62
CA VAL A 151 6.07 1.91 -10.75
C VAL A 151 6.60 1.00 -9.65
N LEU A 152 7.87 1.08 -9.35
CA LEU A 152 8.49 0.09 -8.42
C LEU A 152 8.73 0.72 -7.05
N TYR A 153 8.14 0.17 -6.02
CA TYR A 153 8.27 0.77 -4.66
C TYR A 153 9.23 -0.05 -3.79
N ASN A 154 9.86 0.59 -2.84
CA ASN A 154 10.77 -0.14 -1.90
C ASN A 154 10.52 0.34 -0.48
N PHE A 155 10.59 -0.55 0.49
CA PHE A 155 10.35 -0.13 1.91
C PHE A 155 11.64 -0.28 2.72
N MET A 156 11.99 0.74 3.49
CA MET A 156 13.28 0.71 4.24
C MET A 156 13.08 0.35 5.72
N CYS A 157 11.90 -0.06 6.11
CA CYS A 157 11.71 -0.58 7.50
C CYS A 157 10.68 -1.71 7.50
N ASN A 158 10.62 -2.47 8.57
CA ASN A 158 9.67 -3.62 8.61
C ASN A 158 8.74 -3.50 9.82
N SER A 159 7.67 -4.24 9.83
CA SER A 159 6.54 -3.93 10.76
C SER A 159 7.02 -3.95 12.21
N SER A 160 7.95 -4.80 12.54
CA SER A 160 8.20 -5.13 13.98
C SER A 160 9.44 -4.40 14.52
N CYS A 161 9.95 -3.41 13.82
CA CYS A 161 11.14 -2.69 14.36
C CYS A 161 10.71 -1.41 15.09
N VAL A 162 11.00 -1.32 16.37
CA VAL A 162 10.47 -0.21 17.20
C VAL A 162 11.01 1.13 16.72
N GLY A 163 10.18 2.14 16.70
CA GLY A 163 10.64 3.50 16.28
C GLY A 163 10.27 3.76 14.81
N GLY A 164 9.72 2.79 14.12
CA GLY A 164 9.14 3.06 12.78
C GLY A 164 7.73 2.49 12.69
N MET A 165 7.59 1.31 12.15
CA MET A 165 6.24 0.65 12.11
C MET A 165 5.73 0.37 13.51
N ASN A 166 6.62 0.03 14.42
CA ASN A 166 6.26 -0.22 15.85
C ASN A 166 4.95 -1.03 16.01
N ARG A 167 4.85 -2.15 15.32
CA ARG A 167 3.66 -3.04 15.46
C ARG A 167 2.36 -2.27 15.20
N ARG A 168 2.41 -1.25 14.38
CA ARG A 168 1.17 -0.52 14.00
C ARG A 168 0.95 -0.60 12.48
N PRO A 169 0.01 -1.42 12.04
CA PRO A 169 -0.24 -1.56 10.58
C PRO A 169 -0.66 -0.21 9.98
N ILE A 170 -0.33 0.02 8.74
CA ILE A 170 -0.64 1.34 8.11
C ILE A 170 -1.30 1.15 6.74
N LEU A 171 -1.66 2.25 6.12
CA LEU A 171 -2.28 2.19 4.76
C LEU A 171 -1.45 3.07 3.83
N ILE A 172 -1.41 2.74 2.57
CA ILE A 172 -0.63 3.57 1.60
C ILE A 172 -1.58 4.14 0.55
N ILE A 173 -1.52 5.42 0.32
CA ILE A 173 -2.46 6.07 -0.63
C ILE A 173 -1.71 6.49 -1.89
N VAL A 174 -2.19 6.08 -3.03
CA VAL A 174 -1.54 6.51 -4.30
C VAL A 174 -2.55 7.30 -5.15
N THR A 175 -2.18 8.48 -5.57
CA THR A 175 -3.15 9.36 -6.29
C THR A 175 -2.59 9.79 -7.65
N LEU A 176 -3.46 10.07 -8.59
CA LEU A 176 -3.02 10.72 -9.85
C LEU A 176 -3.37 12.21 -9.80
N GLU A 177 -2.40 13.06 -10.03
CA GLU A 177 -2.64 14.53 -9.87
C GLU A 177 -2.13 15.28 -11.10
N THR A 178 -2.74 16.39 -11.42
CA THR A 178 -2.26 17.20 -12.58
C THR A 178 -1.22 18.21 -12.09
N ARG A 179 -0.42 18.73 -13.00
CA ARG A 179 0.67 19.67 -12.59
C ARG A 179 0.12 20.86 -11.79
N ASP A 180 -1.12 21.21 -12.00
CA ASP A 180 -1.68 22.45 -11.37
C ASP A 180 -2.30 22.15 -10.00
N GLY A 181 -2.13 20.97 -9.47
CA GLY A 181 -2.53 20.70 -8.05
C GLY A 181 -3.99 20.22 -7.99
N GLN A 182 -4.52 19.71 -9.07
CA GLN A 182 -5.94 19.24 -9.06
C GLN A 182 -5.98 17.71 -9.09
N VAL A 183 -6.89 17.12 -8.35
CA VAL A 183 -6.90 15.63 -8.20
C VAL A 183 -7.70 14.99 -9.34
N LEU A 184 -7.15 14.00 -9.97
CA LEU A 184 -7.90 13.28 -11.05
C LEU A 184 -8.50 11.98 -10.53
N GLY A 185 -7.78 11.26 -9.71
CA GLY A 185 -8.31 9.96 -9.20
C GLY A 185 -7.50 9.48 -7.98
N ARG A 186 -8.11 8.71 -7.13
CA ARG A 186 -7.40 8.22 -5.91
C ARG A 186 -7.66 6.72 -5.70
N ARG A 187 -6.64 5.98 -5.37
CA ARG A 187 -6.84 4.57 -4.92
C ARG A 187 -5.91 4.25 -3.75
N CYS A 188 -6.24 3.28 -2.94
CA CYS A 188 -5.42 2.99 -1.72
C CYS A 188 -5.32 1.48 -1.48
N PHE A 189 -4.31 1.06 -0.77
CA PHE A 189 -4.18 -0.39 -0.42
C PHE A 189 -3.58 -0.54 0.98
N GLU A 190 -3.73 -1.70 1.59
CA GLU A 190 -3.20 -1.90 2.97
C GLU A 190 -1.92 -2.74 2.93
N ALA A 191 -0.92 -2.35 3.67
CA ALA A 191 0.42 -2.97 3.50
C ALA A 191 0.89 -3.60 4.81
N ARG A 192 1.56 -4.72 4.73
CA ARG A 192 2.20 -5.32 5.94
C ARG A 192 3.59 -5.83 5.56
N ILE A 193 4.56 -5.62 6.42
CA ILE A 193 5.93 -6.15 6.14
C ILE A 193 6.24 -7.32 7.07
N CYS A 194 6.55 -8.46 6.52
CA CYS A 194 6.68 -9.70 7.35
C CYS A 194 7.79 -10.60 6.80
N ALA A 195 8.17 -11.60 7.55
CA ALA A 195 9.27 -12.52 7.09
C ALA A 195 8.79 -13.41 5.95
N CYS A 196 7.57 -13.89 6.02
CA CYS A 196 7.03 -14.76 4.94
C CYS A 196 5.69 -14.22 4.44
N PRO A 197 5.72 -13.29 3.52
CA PRO A 197 4.47 -12.80 2.87
C PRO A 197 3.68 -13.97 2.26
N GLY A 198 4.36 -15.03 1.89
CA GLY A 198 3.65 -16.22 1.37
C GLY A 198 2.86 -16.89 2.51
N ARG A 199 3.42 -16.89 3.69
CA ARG A 199 2.78 -17.62 4.83
C ARG A 199 1.52 -16.89 5.27
N ASP A 200 1.57 -15.58 5.27
CA ASP A 200 0.37 -14.79 5.70
C ASP A 200 -0.74 -14.93 4.66
N ARG A 201 -0.40 -15.00 3.40
CA ARG A 201 -1.44 -15.25 2.36
C ARG A 201 -2.18 -16.56 2.63
N LYS A 202 -1.44 -17.61 2.93
CA LYS A 202 -2.09 -18.92 3.26
C LYS A 202 -2.92 -18.80 4.54
N ALA A 203 -2.43 -18.06 5.50
CA ALA A 203 -3.12 -18.02 6.84
C ALA A 203 -4.52 -17.45 6.71
N ASP A 204 -4.67 -16.30 6.09
CA ASP A 204 -6.01 -15.66 5.99
C ASP A 204 -6.97 -16.57 5.22
N GLU A 205 -6.48 -17.24 4.20
CA GLU A 205 -7.35 -18.18 3.43
C GLU A 205 -7.81 -19.34 4.31
N ASP A 206 -6.92 -19.86 5.13
CA ASP A 206 -7.28 -21.00 6.02
C ASP A 206 -8.37 -20.56 7.00
N SER A 207 -8.33 -19.32 7.44
CA SER A 207 -9.34 -18.83 8.41
C SER A 207 -10.74 -18.88 7.79
N ILE A 208 -10.83 -18.67 6.50
CA ILE A 208 -12.17 -18.65 5.83
C ILE A 208 -12.67 -20.07 5.62
N ARG A 209 -11.82 -20.94 5.13
CA ARG A 209 -12.24 -22.36 4.89
C ARG A 209 -12.70 -23.01 6.20
N LYS A 210 -11.98 -22.78 7.27
CA LYS A 210 -12.35 -23.39 8.58
C LYS A 210 -13.68 -22.82 9.07
N GLN A 211 -13.83 -21.53 9.02
CA GLN A 211 -15.11 -20.89 9.49
C GLN A 211 -16.28 -21.35 8.61
N GLN A 212 -16.05 -21.51 7.33
CA GLN A 212 -17.16 -21.86 6.40
C GLN A 212 -17.08 -23.33 5.99
N VAL A 213 -18.14 -24.06 6.20
CA VAL A 213 -18.16 -25.50 5.78
C VAL A 213 -19.30 -25.73 4.78
N SER A 214 -19.01 -26.35 3.67
CA SER A 214 -20.08 -26.60 2.65
C SER A 214 -20.67 -27.99 2.83
N ASP A 215 -21.97 -28.12 2.71
CA ASP A 215 -22.62 -29.45 2.84
C ASP A 215 -22.66 -30.16 1.48
N SER A 216 -21.97 -31.25 1.36
CA SER A 216 -21.97 -32.01 0.07
C SER A 216 -23.24 -32.85 -0.06
N THR A 217 -23.68 -33.08 -1.27
CA THR A 217 -24.91 -33.91 -1.48
C THR A 217 -24.75 -34.78 -2.74
N LYS A 218 -25.43 -35.91 -2.77
CA LYS A 218 -25.31 -36.82 -3.94
C LYS A 218 -25.80 -36.11 -5.22
N ASN A 219 -26.87 -35.35 -5.12
CA ASN A 219 -27.41 -34.65 -6.31
C ASN A 219 -27.13 -33.15 -6.22
N GLY A 220 -26.89 -32.51 -7.33
CA GLY A 220 -26.59 -31.04 -7.31
C GLY A 220 -27.75 -30.27 -6.68
N ASP A 221 -28.96 -30.69 -6.93
CA ASP A 221 -30.14 -30.02 -6.32
C ASP A 221 -30.43 -30.64 -4.95
N ALA A 222 -30.29 -29.85 -3.90
CA ALA A 222 -30.53 -30.39 -2.53
C ALA A 222 -31.80 -29.78 -1.94
N PHE A 223 -32.50 -30.54 -1.13
CA PHE A 223 -33.73 -30.01 -0.48
C PHE A 223 -33.55 -29.96 1.04
N ARG A 224 -34.14 -28.99 1.68
CA ARG A 224 -34.00 -28.86 3.18
C ARG A 224 -32.54 -28.89 3.60
N GLN A 225 -32.27 -29.06 4.87
CA GLN A 225 -30.86 -29.11 5.35
C GLN A 225 -30.73 -30.15 6.48
N ASN A 226 -29.52 -30.62 6.72
CA ASN A 226 -29.31 -31.61 7.80
C ASN A 226 -28.95 -30.93 9.13
N THR A 227 -29.14 -29.63 9.24
CA THR A 227 -28.77 -28.90 10.49
C THR A 227 -29.54 -29.48 11.68
N HIS A 228 -30.78 -29.84 11.48
CA HIS A 228 -31.62 -30.40 12.60
C HIS A 228 -31.61 -29.45 13.80
N GLY A 229 -31.40 -28.18 13.58
CA GLY A 229 -31.42 -27.20 14.71
C GLY A 229 -29.99 -26.97 15.21
N ILE A 230 -29.24 -28.02 15.38
CA ILE A 230 -27.85 -27.88 15.90
C ILE A 230 -26.85 -27.80 14.74
N GLN A 231 -25.99 -26.82 14.75
CA GLN A 231 -24.97 -26.70 13.66
C GLN A 231 -23.75 -27.56 13.99
N MET A 232 -23.46 -27.75 15.25
CA MET A 232 -22.28 -28.57 15.64
C MET A 232 -22.71 -30.00 15.98
N THR A 233 -21.98 -30.97 15.50
CA THR A 233 -22.34 -32.39 15.79
C THR A 233 -21.09 -33.18 16.19
ZN ZN B . 12.74 0.13 11.24
N GLY A 1 9.41 29.03 8.39
CA GLY A 1 9.17 30.39 8.94
C GLY A 1 7.70 30.53 9.30
N SER A 2 7.23 29.77 10.26
CA SER A 2 5.80 29.86 10.68
C SER A 2 5.63 29.35 12.12
N SER A 3 4.52 29.65 12.73
CA SER A 3 4.28 29.19 14.13
C SER A 3 3.05 28.29 14.19
N THR A 4 3.10 27.26 15.00
CA THR A 4 1.93 26.33 15.12
C THR A 4 1.49 26.23 16.59
N PHE A 5 0.30 25.75 16.82
CA PHE A 5 -0.18 25.61 18.23
C PHE A 5 -0.78 24.21 18.45
N ASP A 6 -0.82 23.77 19.68
CA ASP A 6 -1.35 22.39 19.97
C ASP A 6 -2.87 22.44 20.13
N ALA A 7 -3.54 21.41 19.68
CA ALA A 7 -5.04 21.34 19.83
C ALA A 7 -5.71 22.63 19.34
N LEU A 8 -6.91 22.90 19.79
CA LEU A 8 -7.68 24.08 19.29
C LEU A 8 -7.85 24.02 17.76
N SER A 9 -8.83 24.71 17.23
CA SER A 9 -9.04 24.70 15.75
C SER A 9 -8.12 25.72 15.07
N PRO A 10 -8.06 25.72 13.75
CA PRO A 10 -8.64 24.62 12.91
C PRO A 10 -7.86 23.32 13.12
N SER A 11 -8.50 22.20 12.94
CA SER A 11 -7.80 20.89 13.12
C SER A 11 -7.01 20.54 11.85
N PRO A 12 -5.88 19.87 12.02
CA PRO A 12 -5.06 19.49 10.84
C PRO A 12 -5.85 18.59 9.90
N ALA A 13 -5.64 18.72 8.61
CA ALA A 13 -6.36 17.86 7.63
C ALA A 13 -5.76 16.45 7.61
N ILE A 14 -6.58 15.46 7.42
CA ILE A 14 -6.08 14.05 7.41
C ILE A 14 -6.37 13.40 6.05
N PRO A 15 -5.43 12.62 5.55
CA PRO A 15 -5.63 11.95 4.23
C PRO A 15 -6.83 11.00 4.30
N SER A 16 -7.50 10.81 3.20
CA SER A 16 -8.68 9.89 3.18
C SER A 16 -8.40 8.68 2.29
N ASN A 17 -8.89 7.53 2.69
CA ASN A 17 -8.64 6.29 1.89
C ASN A 17 -9.87 5.93 1.06
N THR A 18 -10.69 6.90 0.74
CA THR A 18 -11.93 6.62 -0.06
C THR A 18 -11.57 6.48 -1.54
N ASP A 19 -11.96 5.37 -2.13
CA ASP A 19 -11.61 5.13 -3.57
C ASP A 19 -12.41 6.08 -4.48
N TYR A 20 -11.82 6.53 -5.55
CA TYR A 20 -12.54 7.42 -6.50
C TYR A 20 -11.88 7.37 -7.89
N PRO A 21 -12.47 6.63 -8.80
CA PRO A 21 -11.84 6.45 -10.14
C PRO A 21 -11.63 7.79 -10.84
N GLY A 22 -12.58 8.68 -10.73
CA GLY A 22 -12.42 10.03 -11.35
C GLY A 22 -12.73 9.94 -12.86
N PRO A 23 -12.17 10.85 -13.63
CA PRO A 23 -12.50 10.91 -15.07
C PRO A 23 -11.84 9.76 -15.84
N HIS A 24 -10.57 9.54 -15.63
CA HIS A 24 -9.84 8.50 -16.42
C HIS A 24 -9.99 7.11 -15.79
N SER A 25 -10.82 6.97 -14.77
CA SER A 25 -10.94 5.65 -14.06
C SER A 25 -9.57 5.15 -13.60
N PHE A 26 -8.92 5.89 -12.74
CA PHE A 26 -7.57 5.48 -12.25
C PHE A 26 -7.72 4.39 -11.18
N ASP A 27 -7.14 3.24 -11.43
CA ASP A 27 -7.29 2.09 -10.48
C ASP A 27 -5.92 1.50 -10.15
N VAL A 28 -5.83 0.79 -9.07
CA VAL A 28 -4.54 0.14 -8.69
C VAL A 28 -4.77 -1.36 -8.49
N SER A 29 -3.79 -2.16 -8.83
CA SER A 29 -3.90 -3.63 -8.61
C SER A 29 -2.50 -4.24 -8.49
N PHE A 30 -2.42 -5.43 -7.95
CA PHE A 30 -1.09 -6.06 -7.72
C PHE A 30 -1.07 -7.45 -8.34
N GLN A 31 -0.10 -7.70 -9.19
CA GLN A 31 -0.08 -9.00 -9.94
C GLN A 31 -0.06 -10.19 -8.98
N GLN A 32 -0.73 -11.26 -9.33
CA GLN A 32 -0.83 -12.42 -8.40
C GLN A 32 0.28 -13.43 -8.67
N SER A 33 0.86 -13.98 -7.64
CA SER A 33 1.94 -14.99 -7.82
C SER A 33 1.66 -16.22 -6.94
N SER A 34 2.07 -17.38 -7.39
CA SER A 34 1.84 -18.62 -6.59
C SER A 34 2.54 -18.52 -5.24
N THR A 35 2.11 -19.29 -4.27
CA THR A 35 2.75 -19.24 -2.92
C THR A 35 4.15 -19.86 -2.97
N ALA A 36 5.06 -19.22 -3.67
CA ALA A 36 6.45 -19.77 -3.76
C ALA A 36 7.23 -19.46 -2.48
N LYS A 37 8.16 -20.31 -2.13
CA LYS A 37 8.97 -20.08 -0.89
C LYS A 37 9.71 -18.74 -0.98
N SER A 38 9.86 -18.05 0.13
CA SER A 38 10.59 -16.75 0.15
C SER A 38 10.06 -15.80 -0.94
N ALA A 39 8.77 -15.63 -1.01
CA ALA A 39 8.19 -14.66 -1.99
C ALA A 39 8.54 -13.23 -1.58
N THR A 40 9.05 -12.46 -2.51
CA THR A 40 9.35 -11.02 -2.22
C THR A 40 8.06 -10.29 -1.79
N TRP A 41 6.95 -10.67 -2.35
CA TRP A 41 5.65 -10.05 -1.97
C TRP A 41 4.49 -10.80 -2.63
N THR A 42 3.40 -10.91 -1.93
CA THR A 42 2.22 -11.67 -2.46
C THR A 42 0.92 -10.97 -2.07
N TYR A 43 -0.06 -10.97 -2.94
CA TYR A 43 -1.28 -10.15 -2.71
C TYR A 43 -2.54 -11.04 -2.79
N SER A 44 -3.48 -10.80 -1.92
CA SER A 44 -4.76 -11.57 -1.98
C SER A 44 -5.90 -10.63 -2.42
N THR A 45 -6.59 -10.99 -3.47
CA THR A 45 -7.67 -10.10 -3.99
C THR A 45 -8.87 -10.09 -3.04
N GLU A 46 -9.18 -11.20 -2.44
CA GLU A 46 -10.37 -11.28 -1.55
C GLU A 46 -10.24 -10.28 -0.39
N LEU A 47 -9.03 -10.08 0.08
CA LEU A 47 -8.83 -9.19 1.27
C LEU A 47 -8.26 -7.83 0.85
N LYS A 48 -7.81 -7.70 -0.38
CA LYS A 48 -7.27 -6.38 -0.87
C LYS A 48 -6.09 -5.96 0.00
N LYS A 49 -5.13 -6.83 0.16
CA LYS A 49 -3.98 -6.54 1.07
C LYS A 49 -2.69 -7.14 0.52
N LEU A 50 -1.57 -6.54 0.85
CA LEU A 50 -0.26 -7.02 0.30
C LEU A 50 0.73 -7.30 1.43
N TYR A 51 1.45 -8.38 1.34
CA TYR A 51 2.53 -8.66 2.33
C TYR A 51 3.89 -8.63 1.62
N CYS A 52 4.86 -7.98 2.21
CA CYS A 52 6.18 -7.84 1.52
C CYS A 52 7.34 -8.06 2.50
N GLN A 53 8.49 -8.39 2.00
CA GLN A 53 9.71 -8.48 2.86
C GLN A 53 10.60 -7.26 2.63
N ILE A 54 11.23 -6.76 3.68
CA ILE A 54 12.00 -5.48 3.56
C ILE A 54 13.02 -5.52 2.42
N ALA A 55 13.25 -4.40 1.78
CA ALA A 55 14.28 -4.29 0.69
C ALA A 55 13.93 -5.14 -0.54
N LYS A 56 12.74 -5.69 -0.61
CA LYS A 56 12.33 -6.42 -1.85
C LYS A 56 11.53 -5.51 -2.79
N THR A 57 11.53 -5.81 -4.06
CA THR A 57 10.82 -4.95 -5.05
C THR A 57 9.33 -5.29 -5.10
N CYS A 58 8.48 -4.32 -4.93
CA CYS A 58 7.02 -4.55 -5.11
C CYS A 58 6.51 -3.74 -6.32
N PRO A 59 6.54 -4.33 -7.49
CA PRO A 59 5.94 -3.68 -8.68
C PRO A 59 4.42 -3.52 -8.49
N ILE A 60 3.92 -2.33 -8.71
CA ILE A 60 2.45 -2.10 -8.64
C ILE A 60 1.96 -1.52 -9.97
N GLN A 61 0.82 -1.93 -10.44
CA GLN A 61 0.34 -1.47 -11.79
C GLN A 61 -0.83 -0.48 -11.64
N ILE A 62 -0.80 0.59 -12.40
CA ILE A 62 -1.99 1.49 -12.47
C ILE A 62 -2.84 1.12 -13.69
N LYS A 63 -4.14 1.04 -13.52
CA LYS A 63 -5.03 0.77 -14.69
C LYS A 63 -5.98 1.94 -14.93
N VAL A 64 -6.03 2.42 -16.15
CA VAL A 64 -7.01 3.51 -16.49
C VAL A 64 -7.69 3.21 -17.82
N MET A 65 -8.82 3.82 -18.06
CA MET A 65 -9.52 3.63 -19.37
C MET A 65 -8.85 4.46 -20.46
N THR A 66 -8.45 5.65 -20.13
CA THR A 66 -7.74 6.52 -21.12
C THR A 66 -6.53 7.19 -20.44
N PRO A 67 -5.44 7.32 -21.16
CA PRO A 67 -4.18 7.81 -20.54
C PRO A 67 -4.39 9.16 -19.82
N PRO A 68 -3.79 9.32 -18.66
CA PRO A 68 -3.91 10.60 -17.93
C PRO A 68 -3.20 11.73 -18.69
N PRO A 69 -3.40 12.96 -18.27
CA PRO A 69 -2.78 14.11 -18.97
C PRO A 69 -1.26 13.99 -18.95
N GLN A 70 -0.60 14.61 -19.90
CA GLN A 70 0.90 14.62 -19.90
C GLN A 70 1.41 15.65 -18.88
N GLY A 71 2.45 15.32 -18.16
CA GLY A 71 2.93 16.22 -17.07
C GLY A 71 2.39 15.74 -15.72
N ALA A 72 1.27 15.03 -15.73
CA ALA A 72 0.71 14.48 -14.46
C ALA A 72 1.76 13.73 -13.65
N VAL A 73 1.59 13.68 -12.36
CA VAL A 73 2.52 12.89 -11.49
C VAL A 73 1.73 11.96 -10.58
N ILE A 74 2.34 10.91 -10.13
CA ILE A 74 1.66 10.00 -9.15
C ILE A 74 2.31 10.17 -7.77
N ARG A 75 1.50 10.23 -6.74
CA ARG A 75 2.02 10.47 -5.37
C ARG A 75 1.77 9.24 -4.51
N ALA A 76 2.68 8.91 -3.63
CA ALA A 76 2.43 7.76 -2.69
C ALA A 76 2.88 8.13 -1.28
N MET A 77 2.00 7.97 -0.32
CA MET A 77 2.33 8.39 1.08
C MET A 77 1.84 7.34 2.10
N PRO A 78 2.66 7.03 3.08
CA PRO A 78 2.26 6.07 4.14
C PRO A 78 1.60 6.80 5.31
N VAL A 79 0.54 6.26 5.84
CA VAL A 79 -0.08 6.84 7.07
C VAL A 79 -0.71 5.74 7.94
N TYR A 80 -0.82 5.97 9.22
CA TYR A 80 -1.37 4.90 10.13
C TYR A 80 -2.83 4.59 9.75
N LYS A 81 -3.33 3.46 10.21
CA LYS A 81 -4.68 3.00 9.78
C LYS A 81 -5.78 3.75 10.54
N LYS A 82 -5.81 3.63 11.84
CA LYS A 82 -6.92 4.23 12.64
C LYS A 82 -6.67 5.73 12.83
N ALA A 83 -7.73 6.50 12.96
CA ALA A 83 -7.56 7.98 13.06
C ALA A 83 -6.65 8.35 14.24
N GLU A 84 -6.76 7.62 15.33
CA GLU A 84 -5.96 7.96 16.54
C GLU A 84 -4.45 7.97 16.20
N HIS A 85 -4.06 7.24 15.19
CA HIS A 85 -2.61 7.19 14.84
C HIS A 85 -2.33 7.92 13.52
N VAL A 86 -3.34 8.13 12.70
CA VAL A 86 -3.08 8.78 11.37
C VAL A 86 -2.66 10.25 11.56
N THR A 87 -2.97 10.82 12.70
CA THR A 87 -2.50 12.22 12.98
C THR A 87 -1.03 12.21 13.43
N GLU A 88 -0.51 11.08 13.82
CA GLU A 88 0.95 10.97 14.11
C GLU A 88 1.71 10.61 12.84
N VAL A 89 2.80 11.28 12.57
CA VAL A 89 3.61 10.97 11.36
C VAL A 89 4.35 9.64 11.55
N VAL A 90 4.45 8.86 10.50
CA VAL A 90 5.32 7.65 10.55
C VAL A 90 6.76 8.04 10.20
N LYS A 91 7.72 7.49 10.88
CA LYS A 91 9.13 7.98 10.73
C LYS A 91 10.11 6.83 10.58
N ARG A 92 11.39 7.11 10.64
CA ARG A 92 12.42 6.04 10.54
C ARG A 92 12.86 5.60 11.93
N CYS A 93 13.38 4.41 12.06
CA CYS A 93 13.92 3.96 13.38
C CYS A 93 15.26 4.65 13.65
N PRO A 94 15.62 4.79 14.91
CA PRO A 94 16.93 5.39 15.24
C PRO A 94 18.08 4.52 14.68
N ASN A 95 18.00 3.23 14.91
CA ASN A 95 19.07 2.31 14.41
C ASN A 95 19.10 2.27 12.87
N HIS A 96 17.96 2.18 12.25
CA HIS A 96 17.93 2.01 10.75
C HIS A 96 18.10 3.35 10.04
N GLU A 97 17.71 4.43 10.67
CA GLU A 97 18.02 5.78 10.09
C GLU A 97 19.52 6.06 10.19
N LEU A 98 20.13 5.71 11.31
CA LEU A 98 21.61 5.87 11.45
C LEU A 98 22.34 4.87 10.56
N SER A 99 21.76 3.70 10.37
CA SER A 99 22.43 2.62 9.59
C SER A 99 22.98 3.13 8.25
N ARG A 100 22.31 4.09 7.65
CA ARG A 100 22.78 4.62 6.35
C ARG A 100 23.15 6.10 6.49
N GLU A 101 24.35 6.45 6.10
CA GLU A 101 24.82 7.86 6.26
C GLU A 101 25.35 8.40 4.91
N PHE A 102 25.49 9.69 4.80
CA PHE A 102 26.02 10.31 3.54
C PHE A 102 25.23 9.82 2.32
N ASN A 103 24.04 10.34 2.14
CA ASN A 103 23.22 9.92 0.95
C ASN A 103 23.60 10.71 -0.29
N GLU A 104 24.66 11.49 -0.24
CA GLU A 104 25.14 12.17 -1.49
C GLU A 104 25.51 11.13 -2.54
N GLY A 105 24.91 11.21 -3.70
CA GLY A 105 25.19 10.19 -4.77
C GLY A 105 24.15 9.07 -4.74
N GLN A 106 23.16 9.13 -3.86
CA GLN A 106 22.08 8.10 -3.86
C GLN A 106 20.74 8.74 -4.22
N ILE A 107 19.90 8.01 -4.91
CA ILE A 107 18.62 8.59 -5.41
C ILE A 107 17.53 8.54 -4.34
N ALA A 108 17.64 7.64 -3.38
CA ALA A 108 16.55 7.44 -2.40
C ALA A 108 17.08 7.59 -0.96
N PRO A 109 16.97 8.77 -0.41
CA PRO A 109 17.48 9.01 0.97
C PRO A 109 16.71 8.15 1.98
N PRO A 110 17.41 7.58 2.95
CA PRO A 110 16.75 6.70 3.94
C PRO A 110 15.69 7.48 4.74
N SER A 111 15.75 8.79 4.73
CA SER A 111 14.78 9.60 5.54
C SER A 111 13.32 9.26 5.16
N HIS A 112 13.11 8.71 4.00
CA HIS A 112 11.72 8.36 3.59
C HIS A 112 11.50 6.84 3.64
N LEU A 113 10.44 6.40 4.28
CA LEU A 113 10.15 4.94 4.34
C LEU A 113 9.93 4.38 2.94
N ILE A 114 9.29 5.14 2.08
CA ILE A 114 8.96 4.63 0.71
C ILE A 114 9.95 5.19 -0.31
N ARG A 115 10.41 4.37 -1.21
CA ARG A 115 11.37 4.83 -2.24
C ARG A 115 10.98 4.29 -3.62
N VAL A 116 11.45 4.91 -4.67
CA VAL A 116 11.11 4.45 -6.05
C VAL A 116 12.32 3.73 -6.67
N GLU A 117 12.07 2.74 -7.49
CA GLU A 117 13.16 2.09 -8.26
C GLU A 117 12.89 2.21 -9.77
N GLY A 118 13.81 2.76 -10.50
CA GLY A 118 13.73 2.71 -11.99
C GLY A 118 13.16 4.01 -12.55
N ASN A 119 13.28 5.09 -11.82
CA ASN A 119 12.83 6.41 -12.35
C ASN A 119 13.82 7.50 -11.94
N SER A 120 14.60 7.98 -12.87
CA SER A 120 15.66 8.98 -12.53
C SER A 120 15.04 10.28 -12.00
N HIS A 121 13.76 10.49 -12.20
CA HIS A 121 13.13 11.77 -11.76
C HIS A 121 12.38 11.60 -10.43
N ALA A 122 12.50 10.47 -9.77
CA ALA A 122 11.84 10.31 -8.44
C ALA A 122 12.40 11.33 -7.44
N GLN A 123 11.53 12.02 -6.76
CA GLN A 123 11.98 12.99 -5.72
C GLN A 123 11.06 12.91 -4.51
N TYR A 124 11.54 13.35 -3.36
CA TYR A 124 10.70 13.24 -2.12
C TYR A 124 10.37 14.63 -1.59
N VAL A 125 9.24 14.77 -0.93
CA VAL A 125 8.87 16.07 -0.33
C VAL A 125 8.45 15.88 1.14
N GLU A 126 8.49 16.93 1.92
CA GLU A 126 7.97 16.85 3.32
C GLU A 126 6.89 17.91 3.53
N ASP A 127 5.75 17.50 4.03
CA ASP A 127 4.64 18.47 4.29
C ASP A 127 5.07 19.48 5.36
N PRO A 128 4.89 20.76 5.10
CA PRO A 128 5.41 21.79 6.04
C PRO A 128 4.64 21.75 7.36
N ILE A 129 3.40 21.31 7.34
CA ILE A 129 2.53 21.50 8.55
C ILE A 129 2.45 20.20 9.37
N THR A 130 2.15 19.09 8.74
CA THR A 130 1.93 17.83 9.52
C THR A 130 3.11 16.87 9.39
N GLY A 131 4.23 17.31 8.87
CA GLY A 131 5.47 16.46 8.87
C GLY A 131 5.35 15.30 7.87
N ARG A 132 4.22 15.09 7.22
CA ARG A 132 4.02 13.91 6.31
C ARG A 132 5.22 13.70 5.37
N GLN A 133 5.57 12.47 5.13
CA GLN A 133 6.61 12.17 4.09
C GLN A 133 5.96 11.51 2.87
N SER A 134 6.40 11.86 1.68
CA SER A 134 5.83 11.23 0.46
C SER A 134 6.85 11.29 -0.69
N VAL A 135 6.67 10.45 -1.68
CA VAL A 135 7.57 10.47 -2.87
C VAL A 135 6.72 10.65 -4.14
N LEU A 136 7.27 11.30 -5.14
CA LEU A 136 6.45 11.60 -6.36
C LEU A 136 7.23 11.17 -7.61
N VAL A 137 6.53 10.88 -8.68
CA VAL A 137 7.20 10.53 -9.96
C VAL A 137 6.31 10.91 -11.15
N PRO A 138 6.92 11.22 -12.28
CA PRO A 138 6.12 11.55 -13.48
C PRO A 138 5.46 10.28 -14.02
N TYR A 139 4.22 10.39 -14.45
CA TYR A 139 3.54 9.22 -15.09
C TYR A 139 4.08 9.01 -16.50
N GLU A 140 4.54 7.82 -16.81
CA GLU A 140 4.99 7.51 -18.19
C GLU A 140 3.89 6.73 -18.93
N PRO A 141 3.96 6.74 -20.25
CA PRO A 141 2.94 6.00 -21.05
C PRO A 141 2.93 4.51 -20.68
N PRO A 142 1.84 3.83 -20.97
CA PRO A 142 1.73 2.40 -20.60
C PRO A 142 2.84 1.59 -21.28
N GLN A 143 3.27 0.52 -20.65
CA GLN A 143 4.37 -0.30 -21.23
C GLN A 143 3.96 -0.87 -22.60
N VAL A 144 4.90 -1.01 -23.50
CA VAL A 144 4.54 -1.36 -24.90
C VAL A 144 4.02 -2.81 -24.98
N GLY A 145 2.87 -3.00 -25.55
CA GLY A 145 2.30 -4.37 -25.67
C GLY A 145 1.19 -4.59 -24.64
N THR A 146 1.03 -3.69 -23.70
CA THR A 146 -0.11 -3.82 -22.72
C THR A 146 -0.66 -2.44 -22.36
N GLU A 147 -1.73 -2.40 -21.62
CA GLU A 147 -2.47 -1.12 -21.43
C GLU A 147 -2.28 -0.55 -20.02
N PHE A 148 -1.31 -1.05 -19.27
CA PHE A 148 -1.15 -0.56 -17.86
C PHE A 148 0.23 0.06 -17.65
N THR A 149 0.41 0.72 -16.54
CA THR A 149 1.72 1.36 -16.24
C THR A 149 2.33 0.75 -14.97
N THR A 150 3.63 0.64 -14.90
CA THR A 150 4.26 -0.04 -13.73
C THR A 150 5.15 0.94 -12.95
N VAL A 151 5.05 0.90 -11.65
CA VAL A 151 5.97 1.69 -10.79
C VAL A 151 6.54 0.79 -9.69
N LEU A 152 7.82 0.89 -9.42
CA LEU A 152 8.47 -0.08 -8.49
C LEU A 152 8.71 0.58 -7.13
N TYR A 153 8.17 0.01 -6.09
CA TYR A 153 8.31 0.62 -4.74
C TYR A 153 9.29 -0.17 -3.88
N ASN A 154 9.89 0.49 -2.91
CA ASN A 154 10.82 -0.23 -1.98
C ASN A 154 10.55 0.23 -0.54
N PHE A 155 10.64 -0.66 0.40
CA PHE A 155 10.46 -0.27 1.83
C PHE A 155 11.78 -0.42 2.59
N MET A 156 12.21 0.61 3.27
CA MET A 156 13.54 0.56 3.97
C MET A 156 13.39 0.18 5.45
N CYS A 157 12.21 -0.19 5.88
CA CYS A 157 12.05 -0.69 7.29
C CYS A 157 11.00 -1.79 7.34
N ASN A 158 10.94 -2.53 8.41
CA ASN A 158 9.92 -3.61 8.54
C ASN A 158 9.03 -3.36 9.76
N SER A 159 7.88 -3.97 9.79
CA SER A 159 6.81 -3.52 10.73
C SER A 159 7.29 -3.59 12.18
N SER A 160 8.16 -4.53 12.49
CA SER A 160 8.42 -4.86 13.92
C SER A 160 9.63 -4.12 14.47
N CYS A 161 10.19 -3.16 13.76
CA CYS A 161 11.40 -2.45 14.28
C CYS A 161 10.99 -1.15 14.99
N VAL A 162 11.29 -1.07 16.26
CA VAL A 162 10.79 0.08 17.09
C VAL A 162 11.35 1.40 16.55
N GLY A 163 10.54 2.43 16.55
CA GLY A 163 11.02 3.76 16.06
C GLY A 163 10.54 4.03 14.64
N GLY A 164 9.91 3.06 14.01
CA GLY A 164 9.22 3.33 12.71
C GLY A 164 7.79 2.80 12.77
N MET A 165 7.54 1.70 12.10
CA MET A 165 6.18 1.09 12.14
C MET A 165 5.82 0.69 13.58
N ASN A 166 6.79 0.22 14.33
CA ASN A 166 6.57 -0.19 15.76
C ASN A 166 5.24 -0.93 15.97
N ARG A 167 5.02 -1.99 15.24
CA ARG A 167 3.80 -2.83 15.42
C ARG A 167 2.51 -2.00 15.30
N ARG A 168 2.51 -1.00 14.46
CA ARG A 168 1.22 -0.36 14.06
C ARG A 168 1.03 -0.48 12.53
N PRO A 169 0.14 -1.35 12.10
CA PRO A 169 -0.10 -1.51 10.64
C PRO A 169 -0.59 -0.20 10.03
N ILE A 170 -0.26 0.06 8.79
CA ILE A 170 -0.63 1.36 8.16
C ILE A 170 -1.26 1.14 6.77
N LEU A 171 -1.63 2.21 6.13
CA LEU A 171 -2.21 2.12 4.77
C LEU A 171 -1.39 3.00 3.82
N ILE A 172 -1.30 2.65 2.58
CA ILE A 172 -0.55 3.48 1.61
C ILE A 172 -1.52 4.05 0.57
N ILE A 173 -1.46 5.33 0.35
CA ILE A 173 -2.42 5.97 -0.60
C ILE A 173 -1.68 6.40 -1.87
N VAL A 174 -2.16 5.99 -3.00
CA VAL A 174 -1.52 6.40 -4.29
C VAL A 174 -2.53 7.19 -5.13
N THR A 175 -2.16 8.37 -5.55
CA THR A 175 -3.12 9.25 -6.28
C THR A 175 -2.57 9.67 -7.63
N LEU A 176 -3.44 9.96 -8.57
CA LEU A 176 -3.01 10.62 -9.83
C LEU A 176 -3.35 12.10 -9.76
N GLU A 177 -2.38 12.95 -10.00
CA GLU A 177 -2.59 14.42 -9.81
C GLU A 177 -2.09 15.17 -11.04
N THR A 178 -2.67 16.31 -11.33
CA THR A 178 -2.19 17.13 -12.48
C THR A 178 -1.11 18.11 -12.01
N ARG A 179 -0.30 18.59 -12.92
CA ARG A 179 0.78 19.55 -12.53
C ARG A 179 0.20 20.76 -11.79
N ASP A 180 -1.05 21.09 -12.05
CA ASP A 180 -1.64 22.32 -11.46
C ASP A 180 -2.25 22.06 -10.07
N GLY A 181 -2.01 20.90 -9.49
CA GLY A 181 -2.39 20.68 -8.06
C GLY A 181 -3.84 20.20 -7.96
N GLN A 182 -4.39 19.66 -9.02
CA GLN A 182 -5.80 19.17 -8.97
C GLN A 182 -5.83 17.64 -8.97
N VAL A 183 -6.71 17.04 -8.20
CA VAL A 183 -6.72 15.56 -8.05
C VAL A 183 -7.59 14.93 -9.14
N LEU A 184 -7.09 13.92 -9.80
CA LEU A 184 -7.88 13.25 -10.87
C LEU A 184 -8.51 11.96 -10.35
N GLY A 185 -7.80 11.20 -9.55
CA GLY A 185 -8.36 9.93 -9.02
C GLY A 185 -7.51 9.42 -7.85
N ARG A 186 -8.10 8.67 -6.95
CA ARG A 186 -7.33 8.16 -5.77
C ARG A 186 -7.63 6.68 -5.53
N ARG A 187 -6.60 5.91 -5.26
CA ARG A 187 -6.80 4.50 -4.82
C ARG A 187 -5.91 4.20 -3.61
N CYS A 188 -6.24 3.19 -2.83
CA CYS A 188 -5.46 2.92 -1.59
C CYS A 188 -5.34 1.41 -1.35
N PHE A 189 -4.30 1.00 -0.66
CA PHE A 189 -4.17 -0.44 -0.30
C PHE A 189 -3.52 -0.57 1.08
N GLU A 190 -3.64 -1.73 1.70
CA GLU A 190 -3.07 -1.92 3.07
C GLU A 190 -1.80 -2.76 2.99
N ALA A 191 -0.78 -2.36 3.70
CA ALA A 191 0.57 -3.00 3.50
C ALA A 191 1.08 -3.59 4.81
N ARG A 192 1.76 -4.70 4.74
CA ARG A 192 2.43 -5.27 5.93
C ARG A 192 3.81 -5.80 5.56
N ILE A 193 4.80 -5.55 6.38
CA ILE A 193 6.16 -6.12 6.10
C ILE A 193 6.42 -7.25 7.09
N CYS A 194 6.71 -8.43 6.59
CA CYS A 194 6.76 -9.64 7.48
C CYS A 194 7.85 -10.62 7.02
N ALA A 195 8.13 -11.60 7.84
CA ALA A 195 9.21 -12.59 7.47
C ALA A 195 8.77 -13.47 6.31
N CYS A 196 7.52 -13.88 6.30
CA CYS A 196 7.02 -14.73 5.18
C CYS A 196 5.69 -14.18 4.64
N PRO A 197 5.77 -13.28 3.68
CA PRO A 197 4.54 -12.78 3.01
C PRO A 197 3.71 -13.94 2.44
N GLY A 198 4.37 -15.01 2.06
CA GLY A 198 3.63 -16.20 1.53
C GLY A 198 2.81 -16.80 2.66
N ARG A 199 3.33 -16.81 3.85
CA ARG A 199 2.66 -17.53 4.98
C ARG A 199 1.43 -16.73 5.43
N ASP A 200 1.56 -15.43 5.49
CA ASP A 200 0.42 -14.59 5.96
C ASP A 200 -0.71 -14.62 4.94
N ARG A 201 -0.40 -14.56 3.67
CA ARG A 201 -1.46 -14.61 2.62
C ARG A 201 -2.23 -15.93 2.71
N LYS A 202 -1.53 -17.03 2.86
CA LYS A 202 -2.22 -18.35 2.95
C LYS A 202 -3.10 -18.42 4.20
N ALA A 203 -2.63 -17.90 5.30
CA ALA A 203 -3.38 -18.06 6.59
C ALA A 203 -4.75 -17.40 6.49
N ASP A 204 -4.81 -16.17 6.06
CA ASP A 204 -6.13 -15.45 5.98
C ASP A 204 -7.06 -16.19 5.02
N GLU A 205 -6.53 -16.70 3.93
CA GLU A 205 -7.40 -17.46 2.97
C GLU A 205 -7.97 -18.71 3.63
N ASP A 206 -7.18 -19.38 4.42
CA ASP A 206 -7.68 -20.61 5.12
C ASP A 206 -8.81 -20.24 6.07
N SER A 207 -8.72 -19.08 6.69
CA SER A 207 -9.79 -18.64 7.64
C SER A 207 -11.12 -18.50 6.91
N ILE A 208 -11.08 -18.11 5.66
CA ILE A 208 -12.35 -17.87 4.90
C ILE A 208 -12.92 -19.20 4.42
N ARG A 209 -12.09 -20.07 3.91
CA ARG A 209 -12.57 -21.39 3.41
C ARG A 209 -13.27 -22.17 4.53
N LYS A 210 -12.72 -22.13 5.71
CA LYS A 210 -13.34 -22.88 6.86
C LYS A 210 -14.74 -22.31 7.16
N GLN A 211 -14.87 -21.00 7.13
CA GLN A 211 -16.20 -20.38 7.40
C GLN A 211 -17.20 -20.79 6.31
N GLN A 212 -16.73 -20.97 5.10
CA GLN A 212 -17.65 -21.27 3.98
C GLN A 212 -17.58 -22.76 3.59
N VAL A 213 -18.70 -23.44 3.58
CA VAL A 213 -18.72 -24.87 3.18
C VAL A 213 -19.40 -25.02 1.81
N SER A 214 -18.77 -25.72 0.90
CA SER A 214 -19.35 -25.85 -0.47
C SER A 214 -20.42 -26.96 -0.48
N ASP A 215 -21.50 -26.73 -1.20
CA ASP A 215 -22.58 -27.75 -1.28
C ASP A 215 -22.75 -28.22 -2.73
N SER A 216 -23.00 -29.49 -2.92
CA SER A 216 -23.17 -30.02 -4.30
C SER A 216 -24.40 -29.41 -4.96
N THR A 217 -24.47 -29.47 -6.26
CA THR A 217 -25.63 -28.87 -6.99
C THR A 217 -26.07 -29.79 -8.13
N LYS A 218 -25.84 -31.07 -8.00
CA LYS A 218 -26.23 -32.02 -9.08
C LYS A 218 -27.72 -32.38 -8.96
N ASN A 219 -28.37 -32.61 -10.07
CA ASN A 219 -29.83 -32.95 -10.03
C ASN A 219 -30.04 -34.46 -9.86
N GLY A 220 -29.00 -35.21 -9.58
CA GLY A 220 -29.15 -36.69 -9.43
C GLY A 220 -29.62 -37.02 -8.01
N ASP A 221 -29.77 -38.28 -7.71
CA ASP A 221 -30.24 -38.68 -6.35
C ASP A 221 -29.04 -38.76 -5.39
N ALA A 222 -29.06 -37.96 -4.34
CA ALA A 222 -27.93 -37.98 -3.37
C ALA A 222 -28.24 -38.94 -2.22
N PHE A 223 -27.27 -39.71 -1.80
CA PHE A 223 -27.50 -40.69 -0.68
C PHE A 223 -27.94 -39.95 0.58
N ARG A 224 -27.37 -38.80 0.85
CA ARG A 224 -27.75 -38.01 2.07
C ARG A 224 -27.69 -38.89 3.33
N GLN A 225 -26.56 -38.92 3.98
CA GLN A 225 -26.42 -39.74 5.23
C GLN A 225 -27.40 -39.25 6.29
N ASN A 226 -27.65 -37.97 6.34
CA ASN A 226 -28.61 -37.41 7.34
C ASN A 226 -29.92 -37.03 6.67
N THR A 227 -31.03 -37.25 7.35
CA THR A 227 -32.36 -36.91 6.76
C THR A 227 -32.88 -35.59 7.34
N HIS A 228 -31.99 -34.74 7.81
CA HIS A 228 -32.43 -33.44 8.39
C HIS A 228 -31.83 -32.27 7.62
N GLY A 229 -32.64 -31.31 7.25
CA GLY A 229 -32.11 -30.14 6.49
C GLY A 229 -31.56 -29.10 7.46
N ILE A 230 -31.12 -27.97 6.94
CA ILE A 230 -30.57 -26.91 7.82
C ILE A 230 -31.65 -25.87 8.14
N GLN A 231 -31.55 -25.22 9.27
CA GLN A 231 -32.56 -24.19 9.65
C GLN A 231 -32.12 -22.80 9.17
N MET A 232 -33.05 -21.99 8.75
CA MET A 232 -32.69 -20.62 8.26
C MET A 232 -32.01 -19.82 9.37
N THR A 233 -32.42 -20.02 10.60
CA THR A 233 -31.80 -19.28 11.73
C THR A 233 -31.53 -20.23 12.90
ZN ZN B . 13.11 0.27 11.07
N GLY A 1 3.96 47.06 17.44
CA GLY A 1 3.91 45.58 17.26
C GLY A 1 2.68 45.21 16.44
N SER A 2 2.45 43.94 16.24
CA SER A 2 1.27 43.49 15.45
C SER A 2 0.88 42.06 15.83
N SER A 3 -0.39 41.74 15.72
CA SER A 3 -0.84 40.37 16.08
C SER A 3 -0.18 39.34 15.15
N THR A 4 -0.09 38.10 15.59
CA THR A 4 0.56 37.05 14.75
C THR A 4 -0.24 36.82 13.47
N PHE A 5 0.42 36.49 12.39
CA PHE A 5 -0.28 36.30 11.09
C PHE A 5 -1.26 35.13 11.17
N ASP A 6 -0.84 34.04 11.77
CA ASP A 6 -1.69 32.82 11.79
C ASP A 6 -2.79 32.95 12.85
N ALA A 7 -2.48 33.57 13.96
CA ALA A 7 -3.47 33.68 15.08
C ALA A 7 -3.95 32.29 15.53
N LEU A 8 -4.93 31.73 14.88
CA LEU A 8 -5.46 30.40 15.30
C LEU A 8 -4.62 29.28 14.66
N SER A 9 -4.26 28.29 15.44
CA SER A 9 -3.43 27.17 14.89
C SER A 9 -4.31 26.23 14.06
N PRO A 10 -4.12 26.21 12.76
CA PRO A 10 -4.94 25.32 11.89
C PRO A 10 -4.71 23.86 12.27
N SER A 11 -5.69 23.02 12.04
CA SER A 11 -5.55 21.58 12.40
C SER A 11 -4.78 20.83 11.30
N PRO A 12 -4.08 19.78 11.68
CA PRO A 12 -3.30 19.00 10.68
C PRO A 12 -4.23 18.40 9.62
N ALA A 13 -3.76 18.27 8.42
CA ALA A 13 -4.60 17.68 7.33
C ALA A 13 -4.69 16.16 7.51
N ILE A 14 -5.83 15.60 7.23
CA ILE A 14 -6.01 14.13 7.40
C ILE A 14 -6.45 13.49 6.06
N PRO A 15 -5.51 12.90 5.35
CA PRO A 15 -5.85 12.27 4.04
C PRO A 15 -6.89 11.16 4.22
N SER A 16 -7.70 10.92 3.22
CA SER A 16 -8.75 9.87 3.33
C SER A 16 -8.46 8.74 2.34
N ASN A 17 -8.83 7.53 2.70
CA ASN A 17 -8.55 6.36 1.81
C ASN A 17 -9.78 6.05 0.93
N THR A 18 -10.62 7.04 0.69
CA THR A 18 -11.84 6.80 -0.13
C THR A 18 -11.47 6.64 -1.61
N ASP A 19 -11.87 5.55 -2.22
CA ASP A 19 -11.52 5.31 -3.65
C ASP A 19 -12.33 6.24 -4.56
N TYR A 20 -11.73 6.68 -5.64
CA TYR A 20 -12.45 7.57 -6.59
C TYR A 20 -11.84 7.45 -8.00
N PRO A 21 -12.49 6.70 -8.87
CA PRO A 21 -11.94 6.50 -10.24
C PRO A 21 -11.76 7.83 -10.97
N GLY A 22 -12.69 8.74 -10.81
CA GLY A 22 -12.56 10.08 -11.45
C GLY A 22 -12.82 9.96 -12.96
N PRO A 23 -12.27 10.89 -13.72
CA PRO A 23 -12.59 10.96 -15.16
C PRO A 23 -11.92 9.81 -15.93
N HIS A 24 -10.65 9.58 -15.68
CA HIS A 24 -9.90 8.57 -16.49
C HIS A 24 -10.04 7.17 -15.91
N SER A 25 -10.91 6.96 -14.95
CA SER A 25 -11.02 5.62 -14.27
C SER A 25 -9.65 5.17 -13.74
N PHE A 26 -9.07 5.95 -12.87
CA PHE A 26 -7.73 5.60 -12.32
C PHE A 26 -7.88 4.51 -11.25
N ASP A 27 -7.28 3.37 -11.48
CA ASP A 27 -7.41 2.23 -10.52
C ASP A 27 -6.03 1.67 -10.18
N VAL A 28 -5.93 0.97 -9.09
CA VAL A 28 -4.65 0.29 -8.73
C VAL A 28 -4.89 -1.21 -8.53
N SER A 29 -3.93 -2.02 -8.86
CA SER A 29 -4.06 -3.49 -8.64
C SER A 29 -2.68 -4.13 -8.51
N PHE A 30 -2.63 -5.31 -7.98
CA PHE A 30 -1.31 -5.97 -7.72
C PHE A 30 -1.28 -7.36 -8.37
N GLN A 31 -0.30 -7.62 -9.19
CA GLN A 31 -0.28 -8.91 -9.94
C GLN A 31 -0.33 -10.11 -8.99
N GLN A 32 -1.04 -11.13 -9.34
CA GLN A 32 -1.22 -12.29 -8.42
C GLN A 32 -0.31 -13.45 -8.83
N SER A 33 0.42 -13.99 -7.90
CA SER A 33 1.31 -15.15 -8.21
C SER A 33 0.95 -16.34 -7.31
N SER A 34 1.16 -17.54 -7.79
CA SER A 34 0.85 -18.75 -6.98
C SER A 34 1.68 -18.75 -5.69
N THR A 35 1.27 -19.49 -4.70
CA THR A 35 2.03 -19.53 -3.40
C THR A 35 3.44 -20.07 -3.63
N ALA A 36 4.35 -19.20 -3.98
CA ALA A 36 5.76 -19.64 -4.23
C ALA A 36 6.57 -19.57 -2.93
N LYS A 37 7.65 -20.30 -2.84
CA LYS A 37 8.51 -20.24 -1.63
C LYS A 37 9.39 -18.99 -1.66
N SER A 38 9.60 -18.37 -0.53
CA SER A 38 10.42 -17.11 -0.48
C SER A 38 9.88 -16.07 -1.47
N ALA A 39 8.62 -15.74 -1.38
CA ALA A 39 8.04 -14.71 -2.28
C ALA A 39 8.40 -13.31 -1.79
N THR A 40 8.92 -12.48 -2.67
CA THR A 40 9.23 -11.07 -2.29
C THR A 40 7.95 -10.36 -1.84
N TRP A 41 6.83 -10.70 -2.43
CA TRP A 41 5.54 -10.09 -2.02
C TRP A 41 4.37 -10.82 -2.70
N THR A 42 3.27 -10.93 -2.00
CA THR A 42 2.09 -11.64 -2.56
C THR A 42 0.79 -10.93 -2.14
N TYR A 43 -0.18 -10.87 -3.01
CA TYR A 43 -1.39 -10.05 -2.74
C TYR A 43 -2.65 -10.91 -2.86
N SER A 44 -3.60 -10.71 -1.98
CA SER A 44 -4.89 -11.44 -2.07
C SER A 44 -6.01 -10.47 -2.47
N THR A 45 -6.72 -10.78 -3.53
CA THR A 45 -7.80 -9.86 -4.00
C THR A 45 -8.98 -9.89 -3.03
N GLU A 46 -9.28 -11.04 -2.48
CA GLU A 46 -10.43 -11.16 -1.53
C GLU A 46 -10.22 -10.25 -0.32
N LEU A 47 -8.99 -10.05 0.07
CA LEU A 47 -8.71 -9.28 1.31
C LEU A 47 -8.19 -7.87 0.98
N LYS A 48 -7.83 -7.62 -0.27
CA LYS A 48 -7.37 -6.25 -0.67
C LYS A 48 -6.14 -5.86 0.15
N LYS A 49 -5.18 -6.74 0.25
CA LYS A 49 -4.03 -6.50 1.16
C LYS A 49 -2.74 -7.10 0.58
N LEU A 50 -1.61 -6.56 0.93
CA LEU A 50 -0.32 -7.04 0.35
C LEU A 50 0.66 -7.40 1.47
N TYR A 51 1.35 -8.49 1.33
CA TYR A 51 2.41 -8.85 2.31
C TYR A 51 3.77 -8.82 1.63
N CYS A 52 4.74 -8.17 2.22
CA CYS A 52 6.06 -7.99 1.54
C CYS A 52 7.21 -8.20 2.52
N GLN A 53 8.38 -8.50 2.00
CA GLN A 53 9.60 -8.56 2.87
C GLN A 53 10.47 -7.32 2.66
N ILE A 54 11.04 -6.81 3.71
CA ILE A 54 11.82 -5.53 3.61
C ILE A 54 12.88 -5.58 2.49
N ALA A 55 13.14 -4.45 1.87
CA ALA A 55 14.18 -4.35 0.80
C ALA A 55 13.82 -5.18 -0.44
N LYS A 56 12.62 -5.69 -0.54
CA LYS A 56 12.20 -6.42 -1.78
C LYS A 56 11.42 -5.49 -2.70
N THR A 57 11.42 -5.77 -3.98
CA THR A 57 10.71 -4.89 -4.96
C THR A 57 9.22 -5.24 -5.03
N CYS A 58 8.37 -4.26 -4.85
CA CYS A 58 6.91 -4.49 -5.03
C CYS A 58 6.38 -3.67 -6.23
N PRO A 59 6.42 -4.24 -7.41
CA PRO A 59 5.80 -3.57 -8.58
C PRO A 59 4.28 -3.43 -8.38
N ILE A 60 3.76 -2.25 -8.59
CA ILE A 60 2.29 -2.04 -8.55
C ILE A 60 1.82 -1.44 -9.88
N GLN A 61 0.66 -1.83 -10.36
CA GLN A 61 0.22 -1.35 -11.71
C GLN A 61 -0.95 -0.36 -11.57
N ILE A 62 -0.91 0.72 -12.31
CA ILE A 62 -2.10 1.62 -12.40
C ILE A 62 -2.92 1.27 -13.65
N LYS A 63 -4.21 1.19 -13.52
CA LYS A 63 -5.07 0.92 -14.72
C LYS A 63 -6.00 2.11 -14.99
N VAL A 64 -6.02 2.59 -16.20
CA VAL A 64 -6.98 3.67 -16.58
C VAL A 64 -7.61 3.36 -17.95
N MET A 65 -8.73 3.96 -18.23
CA MET A 65 -9.40 3.74 -19.55
C MET A 65 -8.70 4.57 -20.63
N THR A 66 -8.37 5.79 -20.31
CA THR A 66 -7.65 6.65 -21.29
C THR A 66 -6.48 7.36 -20.60
N PRO A 67 -5.38 7.52 -21.31
CA PRO A 67 -4.13 8.01 -20.66
C PRO A 67 -4.37 9.33 -19.92
N PRO A 68 -3.79 9.49 -18.76
CA PRO A 68 -3.93 10.76 -18.01
C PRO A 68 -3.22 11.91 -18.75
N PRO A 69 -3.44 13.12 -18.29
CA PRO A 69 -2.85 14.30 -18.98
C PRO A 69 -1.31 14.21 -18.97
N GLN A 70 -0.66 14.84 -19.90
CA GLN A 70 0.83 14.88 -19.90
C GLN A 70 1.31 15.92 -18.87
N GLY A 71 2.37 15.62 -18.16
CA GLY A 71 2.81 16.52 -17.06
C GLY A 71 2.29 16.01 -15.72
N ALA A 72 1.20 15.26 -15.74
CA ALA A 72 0.65 14.68 -14.46
C ALA A 72 1.74 13.96 -13.67
N VAL A 73 1.58 13.90 -12.36
CA VAL A 73 2.55 13.15 -11.52
C VAL A 73 1.81 12.20 -10.59
N ILE A 74 2.46 11.16 -10.14
CA ILE A 74 1.80 10.18 -9.24
C ILE A 74 2.40 10.31 -7.84
N ARG A 75 1.56 10.30 -6.83
CA ARG A 75 2.05 10.55 -5.44
C ARG A 75 1.85 9.29 -4.60
N ALA A 76 2.73 9.01 -3.68
CA ALA A 76 2.50 7.87 -2.74
C ALA A 76 2.93 8.25 -1.32
N MET A 77 2.06 8.09 -0.36
CA MET A 77 2.38 8.51 1.04
C MET A 77 1.91 7.45 2.06
N PRO A 78 2.71 7.19 3.06
CA PRO A 78 2.32 6.24 4.14
C PRO A 78 1.62 6.97 5.28
N VAL A 79 0.57 6.41 5.81
CA VAL A 79 -0.08 7.00 7.02
C VAL A 79 -0.67 5.89 7.90
N TYR A 80 -0.82 6.13 9.18
CA TYR A 80 -1.38 5.07 10.08
C TYR A 80 -2.82 4.73 9.66
N LYS A 81 -3.35 3.64 10.18
CA LYS A 81 -4.69 3.19 9.75
C LYS A 81 -5.79 3.93 10.51
N LYS A 82 -5.81 3.81 11.81
CA LYS A 82 -6.91 4.42 12.62
C LYS A 82 -6.68 5.91 12.81
N ALA A 83 -7.72 6.69 12.95
CA ALA A 83 -7.56 8.17 13.04
C ALA A 83 -6.62 8.56 14.19
N GLU A 84 -6.70 7.84 15.29
CA GLU A 84 -5.88 8.20 16.49
C GLU A 84 -4.39 8.20 16.12
N HIS A 85 -4.00 7.46 15.11
CA HIS A 85 -2.56 7.40 14.73
C HIS A 85 -2.31 8.13 13.40
N VAL A 86 -3.33 8.33 12.59
CA VAL A 86 -3.11 8.96 11.25
C VAL A 86 -2.68 10.43 11.42
N THR A 87 -2.96 11.02 12.56
CA THR A 87 -2.48 12.41 12.82
C THR A 87 -1.01 12.41 13.24
N GLU A 88 -0.49 11.28 13.63
CA GLU A 88 0.97 11.19 13.95
C GLU A 88 1.75 10.84 12.69
N VAL A 89 2.88 11.47 12.48
CA VAL A 89 3.73 11.14 11.29
C VAL A 89 4.42 9.79 11.48
N VAL A 90 4.51 9.02 10.43
CA VAL A 90 5.35 7.78 10.49
C VAL A 90 6.81 8.14 10.16
N LYS A 91 7.75 7.57 10.88
CA LYS A 91 9.16 8.01 10.74
C LYS A 91 10.10 6.81 10.65
N ARG A 92 11.38 7.05 10.72
CA ARG A 92 12.38 5.93 10.72
C ARG A 92 12.76 5.55 12.15
N CYS A 93 13.24 4.36 12.35
CA CYS A 93 13.61 3.91 13.73
C CYS A 93 14.92 4.59 14.15
N PRO A 94 15.15 4.71 15.44
CA PRO A 94 16.43 5.29 15.91
C PRO A 94 17.61 4.42 15.47
N ASN A 95 17.50 3.13 15.66
CA ASN A 95 18.62 2.20 15.27
C ASN A 95 18.80 2.18 13.74
N HIS A 96 17.72 2.12 13.00
CA HIS A 96 17.84 1.98 11.51
C HIS A 96 18.09 3.35 10.85
N GLU A 97 17.65 4.41 11.46
CA GLU A 97 18.00 5.78 10.97
C GLU A 97 19.49 6.05 11.20
N LEU A 98 20.00 5.68 12.34
CA LEU A 98 21.43 5.95 12.67
C LEU A 98 22.35 5.29 11.63
N SER A 99 21.96 4.13 11.14
CA SER A 99 22.81 3.41 10.12
C SER A 99 23.25 4.35 8.99
N ARG A 100 24.44 4.15 8.47
CA ARG A 100 24.96 5.05 7.40
C ARG A 100 24.04 5.04 6.19
N GLU A 101 23.88 6.17 5.54
CA GLU A 101 22.94 6.25 4.39
C GLU A 101 23.38 5.30 3.27
N PHE A 102 24.67 5.17 3.07
CA PHE A 102 25.19 4.31 1.94
C PHE A 102 24.54 4.70 0.61
N ASN A 103 24.55 5.97 0.29
CA ASN A 103 23.91 6.42 -0.98
C ASN A 103 24.77 6.05 -2.20
N GLU A 104 25.99 5.61 -1.99
CA GLU A 104 26.85 5.24 -3.15
C GLU A 104 26.20 4.13 -3.98
N GLY A 105 25.92 4.42 -5.23
CA GLY A 105 25.36 3.37 -6.14
C GLY A 105 23.88 3.12 -5.81
N GLN A 106 23.22 4.04 -5.15
CA GLN A 106 21.77 3.87 -4.85
C GLN A 106 20.94 4.92 -5.59
N ILE A 107 19.80 4.53 -6.12
CA ILE A 107 18.93 5.51 -6.84
C ILE A 107 18.03 6.25 -5.85
N ALA A 108 17.76 5.65 -4.72
CA ALA A 108 16.89 6.33 -3.70
C ALA A 108 17.56 6.27 -2.31
N PRO A 109 17.65 7.41 -1.64
CA PRO A 109 18.33 7.43 -0.32
C PRO A 109 17.45 6.78 0.77
N PRO A 110 18.06 6.00 1.63
CA PRO A 110 17.27 5.35 2.72
C PRO A 110 16.57 6.39 3.61
N SER A 111 17.00 7.62 3.57
CA SER A 111 16.39 8.68 4.46
C SER A 111 14.86 8.68 4.34
N HIS A 112 14.33 8.22 3.24
CA HIS A 112 12.84 8.17 3.09
C HIS A 112 12.32 6.74 3.28
N LEU A 113 11.28 6.58 4.06
CA LEU A 113 10.74 5.20 4.32
C LEU A 113 10.31 4.53 3.00
N ILE A 114 9.73 5.29 2.11
CA ILE A 114 9.33 4.72 0.80
C ILE A 114 10.28 5.22 -0.29
N ARG A 115 10.69 4.36 -1.18
CA ARG A 115 11.63 4.76 -2.26
C ARG A 115 11.14 4.24 -3.62
N VAL A 116 11.55 4.86 -4.69
CA VAL A 116 11.17 4.38 -6.04
C VAL A 116 12.35 3.62 -6.68
N GLU A 117 12.06 2.61 -7.46
CA GLU A 117 13.12 1.96 -8.28
C GLU A 117 12.81 2.11 -9.77
N GLY A 118 13.76 2.56 -10.54
CA GLY A 118 13.63 2.50 -12.03
C GLY A 118 13.11 3.83 -12.57
N ASN A 119 13.24 4.90 -11.83
CA ASN A 119 12.87 6.25 -12.37
C ASN A 119 13.91 7.28 -11.94
N SER A 120 14.73 7.72 -12.87
CA SER A 120 15.82 8.68 -12.51
C SER A 120 15.23 10.02 -12.03
N HIS A 121 13.96 10.26 -12.27
CA HIS A 121 13.36 11.57 -11.87
C HIS A 121 12.58 11.46 -10.55
N ALA A 122 12.66 10.34 -9.86
CA ALA A 122 11.98 10.23 -8.54
C ALA A 122 12.53 11.27 -7.56
N GLN A 123 11.66 11.98 -6.91
CA GLN A 123 12.11 13.00 -5.90
C GLN A 123 11.18 12.96 -4.69
N TYR A 124 11.66 13.43 -3.56
CA TYR A 124 10.83 13.37 -2.32
C TYR A 124 10.39 14.76 -1.89
N VAL A 125 9.26 14.87 -1.24
CA VAL A 125 8.80 16.19 -0.72
C VAL A 125 8.39 16.06 0.75
N GLU A 126 8.35 17.16 1.46
CA GLU A 126 7.89 17.12 2.89
C GLU A 126 6.67 18.04 3.06
N ASP A 127 5.63 17.53 3.68
CA ASP A 127 4.43 18.38 3.93
C ASP A 127 4.79 19.54 4.87
N PRO A 128 4.42 20.74 4.50
CA PRO A 128 4.92 21.94 5.23
C PRO A 128 4.39 21.95 6.66
N ILE A 129 3.23 21.38 6.89
CA ILE A 129 2.54 21.59 8.20
C ILE A 129 2.71 20.38 9.12
N THR A 130 2.43 19.19 8.64
CA THR A 130 2.47 18.00 9.53
C THR A 130 3.71 17.13 9.29
N GLY A 131 4.68 17.62 8.56
CA GLY A 131 5.97 16.89 8.44
C GLY A 131 5.85 15.63 7.56
N ARG A 132 4.66 15.28 7.11
CA ARG A 132 4.46 14.00 6.34
C ARG A 132 5.52 13.81 5.25
N GLN A 133 5.96 12.59 5.05
CA GLN A 133 6.93 12.30 3.96
C GLN A 133 6.22 11.63 2.79
N SER A 134 6.60 11.97 1.58
CA SER A 134 6.00 11.31 0.38
C SER A 134 6.96 11.39 -0.81
N VAL A 135 6.76 10.53 -1.78
CA VAL A 135 7.65 10.55 -2.98
C VAL A 135 6.80 10.73 -4.25
N LEU A 136 7.33 11.38 -5.25
CA LEU A 136 6.52 11.69 -6.46
C LEU A 136 7.28 11.25 -7.71
N VAL A 137 6.58 10.96 -8.78
CA VAL A 137 7.25 10.64 -10.07
C VAL A 137 6.35 11.04 -11.25
N PRO A 138 6.95 11.36 -12.38
CA PRO A 138 6.14 11.72 -13.57
C PRO A 138 5.44 10.46 -14.12
N TYR A 139 4.22 10.58 -14.57
CA TYR A 139 3.52 9.41 -15.17
C TYR A 139 4.05 9.17 -16.59
N GLU A 140 4.50 7.96 -16.85
CA GLU A 140 4.95 7.62 -18.23
C GLU A 140 3.85 6.84 -18.97
N PRO A 141 3.92 6.82 -20.28
CA PRO A 141 2.91 6.06 -21.07
C PRO A 141 2.89 4.58 -20.66
N PRO A 142 1.81 3.89 -20.94
CA PRO A 142 1.71 2.46 -20.54
C PRO A 142 2.83 1.64 -21.18
N GLN A 143 3.26 0.59 -20.53
CA GLN A 143 4.36 -0.25 -21.08
C GLN A 143 3.96 -0.84 -22.44
N VAL A 144 4.90 -1.01 -23.32
CA VAL A 144 4.57 -1.38 -24.73
C VAL A 144 4.02 -2.81 -24.79
N GLY A 145 2.88 -2.99 -25.38
CA GLY A 145 2.28 -4.35 -25.50
C GLY A 145 1.15 -4.53 -24.48
N THR A 146 1.00 -3.62 -23.55
CA THR A 146 -0.15 -3.71 -22.59
C THR A 146 -0.68 -2.31 -22.25
N GLU A 147 -1.77 -2.23 -21.54
CA GLU A 147 -2.48 -0.93 -21.39
C GLU A 147 -2.29 -0.35 -19.98
N PHE A 148 -1.36 -0.86 -19.20
CA PHE A 148 -1.22 -0.37 -17.80
C PHE A 148 0.18 0.21 -17.55
N THR A 149 0.35 0.90 -16.45
CA THR A 149 1.67 1.52 -16.12
C THR A 149 2.24 0.89 -14.85
N THR A 150 3.53 0.77 -14.76
CA THR A 150 4.15 0.08 -13.59
C THR A 150 5.03 1.04 -12.78
N VAL A 151 4.92 0.98 -11.48
CA VAL A 151 5.84 1.76 -10.61
C VAL A 151 6.44 0.81 -9.56
N LEU A 152 7.72 0.92 -9.30
CA LEU A 152 8.39 -0.06 -8.39
C LEU A 152 8.65 0.59 -7.04
N TYR A 153 8.09 0.04 -5.99
CA TYR A 153 8.27 0.64 -4.64
C TYR A 153 9.24 -0.19 -3.79
N ASN A 154 9.93 0.43 -2.88
CA ASN A 154 10.88 -0.29 -1.99
C ASN A 154 10.71 0.21 -0.55
N PHE A 155 10.82 -0.66 0.42
CA PHE A 155 10.62 -0.23 1.83
C PHE A 155 11.92 -0.40 2.63
N MET A 156 12.31 0.62 3.36
CA MET A 156 13.60 0.56 4.12
C MET A 156 13.39 0.21 5.61
N CYS A 157 12.17 -0.01 6.03
CA CYS A 157 11.93 -0.49 7.43
C CYS A 157 10.75 -1.45 7.46
N ASN A 158 10.66 -2.26 8.48
CA ASN A 158 9.52 -3.22 8.59
C ASN A 158 8.66 -2.87 9.81
N SER A 159 7.40 -3.23 9.77
CA SER A 159 6.43 -2.70 10.77
C SER A 159 6.89 -3.01 12.21
N SER A 160 7.65 -4.05 12.39
CA SER A 160 7.87 -4.59 13.77
C SER A 160 9.16 -4.04 14.40
N CYS A 161 9.81 -3.07 13.78
CA CYS A 161 11.05 -2.52 14.41
C CYS A 161 10.72 -1.27 15.24
N VAL A 162 10.97 -1.35 16.52
CA VAL A 162 10.44 -0.31 17.46
C VAL A 162 11.15 1.02 17.25
N GLY A 163 10.42 2.10 17.37
CA GLY A 163 11.03 3.46 17.21
C GLY A 163 10.75 4.01 15.81
N GLY A 164 10.14 3.24 14.94
CA GLY A 164 9.64 3.79 13.65
C GLY A 164 8.18 3.37 13.45
N MET A 165 7.97 2.32 12.73
CA MET A 165 6.59 1.79 12.53
C MET A 165 6.01 1.31 13.86
N ASN A 166 6.85 0.87 14.77
CA ASN A 166 6.44 0.53 16.16
C ASN A 166 5.14 -0.31 16.20
N ARG A 167 5.10 -1.38 15.44
CA ARG A 167 3.93 -2.32 15.51
C ARG A 167 2.61 -1.59 15.27
N ARG A 168 2.62 -0.57 14.45
CA ARG A 168 1.35 0.09 14.04
C ARG A 168 1.10 -0.10 12.54
N PRO A 169 0.17 -0.99 12.20
CA PRO A 169 -0.12 -1.23 10.77
C PRO A 169 -0.61 0.05 10.09
N ILE A 170 -0.26 0.25 8.84
CA ILE A 170 -0.60 1.53 8.16
C ILE A 170 -1.21 1.29 6.78
N LEU A 171 -1.59 2.34 6.11
CA LEU A 171 -2.15 2.23 4.74
C LEU A 171 -1.31 3.10 3.81
N ILE A 172 -1.22 2.74 2.56
CA ILE A 172 -0.47 3.57 1.59
C ILE A 172 -1.42 4.13 0.54
N ILE A 173 -1.36 5.42 0.31
CA ILE A 173 -2.31 6.05 -0.64
C ILE A 173 -1.57 6.47 -1.91
N VAL A 174 -2.03 6.04 -3.04
CA VAL A 174 -1.40 6.46 -4.32
C VAL A 174 -2.42 7.21 -5.17
N THR A 175 -2.07 8.40 -5.62
CA THR A 175 -3.05 9.24 -6.35
C THR A 175 -2.50 9.67 -7.71
N LEU A 176 -3.37 9.92 -8.65
CA LEU A 176 -2.95 10.61 -9.91
C LEU A 176 -3.33 12.09 -9.82
N GLU A 177 -2.38 12.97 -10.04
CA GLU A 177 -2.63 14.43 -9.81
C GLU A 177 -2.14 15.24 -11.01
N THR A 178 -2.76 16.35 -11.28
CA THR A 178 -2.31 17.21 -12.42
C THR A 178 -1.28 18.22 -11.94
N ARG A 179 -0.48 18.73 -12.84
CA ARG A 179 0.59 19.70 -12.44
C ARG A 179 -0.01 20.90 -11.68
N ASP A 180 -1.26 21.21 -11.93
CA ASP A 180 -1.86 22.45 -11.34
C ASP A 180 -2.57 22.14 -10.01
N GLY A 181 -2.36 20.99 -9.43
CA GLY A 181 -2.78 20.76 -8.02
C GLY A 181 -4.22 20.22 -7.96
N GLN A 182 -4.71 19.65 -9.04
CA GLN A 182 -6.10 19.08 -9.02
C GLN A 182 -6.04 17.55 -9.02
N VAL A 183 -6.90 16.92 -8.26
CA VAL A 183 -6.85 15.44 -8.13
C VAL A 183 -7.70 14.77 -9.21
N LEU A 184 -7.16 13.81 -9.90
CA LEU A 184 -7.94 13.12 -10.97
C LEU A 184 -8.50 11.79 -10.47
N GLY A 185 -7.72 11.06 -9.71
CA GLY A 185 -8.19 9.72 -9.22
C GLY A 185 -7.38 9.30 -7.99
N ARG A 186 -7.98 8.54 -7.11
CA ARG A 186 -7.27 8.09 -5.88
C ARG A 186 -7.53 6.60 -5.62
N ARG A 187 -6.51 5.87 -5.27
CA ARG A 187 -6.71 4.47 -4.79
C ARG A 187 -5.79 4.19 -3.59
N CYS A 188 -6.14 3.22 -2.78
CA CYS A 188 -5.34 2.95 -1.55
C CYS A 188 -5.23 1.44 -1.29
N PHE A 189 -4.21 1.02 -0.59
CA PHE A 189 -4.09 -0.41 -0.21
C PHE A 189 -3.44 -0.54 1.17
N GLU A 190 -3.60 -1.67 1.82
CA GLU A 190 -3.03 -1.86 3.18
C GLU A 190 -1.78 -2.74 3.12
N ALA A 191 -0.75 -2.38 3.84
CA ALA A 191 0.56 -3.06 3.64
C ALA A 191 1.01 -3.76 4.93
N ARG A 192 1.63 -4.90 4.80
CA ARG A 192 2.23 -5.56 5.98
C ARG A 192 3.61 -6.11 5.62
N ILE A 193 4.58 -5.96 6.50
CA ILE A 193 5.95 -6.48 6.20
C ILE A 193 6.28 -7.64 7.13
N CYS A 194 6.60 -8.79 6.57
CA CYS A 194 6.75 -10.02 7.40
C CYS A 194 7.87 -10.91 6.85
N ALA A 195 8.25 -11.93 7.58
CA ALA A 195 9.33 -12.84 7.11
C ALA A 195 8.85 -13.71 5.95
N CYS A 196 7.64 -14.19 6.02
CA CYS A 196 7.09 -15.03 4.92
C CYS A 196 5.75 -14.48 4.43
N PRO A 197 5.78 -13.54 3.51
CA PRO A 197 4.53 -13.04 2.88
C PRO A 197 3.74 -14.21 2.26
N GLY A 198 4.43 -15.24 1.85
CA GLY A 198 3.74 -16.44 1.30
C GLY A 198 2.95 -17.13 2.42
N ARG A 199 3.49 -17.16 3.60
CA ARG A 199 2.84 -17.91 4.72
C ARG A 199 1.57 -17.18 5.15
N ASP A 200 1.61 -15.87 5.17
CA ASP A 200 0.40 -15.09 5.57
C ASP A 200 -0.68 -15.21 4.49
N ARG A 201 -0.30 -15.28 3.24
CA ARG A 201 -1.30 -15.51 2.16
C ARG A 201 -2.06 -16.82 2.41
N LYS A 202 -1.36 -17.88 2.72
CA LYS A 202 -2.03 -19.18 2.99
C LYS A 202 -2.91 -19.08 4.25
N ALA A 203 -2.45 -18.38 5.25
CA ALA A 203 -3.18 -18.35 6.55
C ALA A 203 -4.58 -17.74 6.37
N ASP A 204 -4.66 -16.58 5.77
CA ASP A 204 -5.97 -15.90 5.62
C ASP A 204 -6.93 -16.77 4.79
N GLU A 205 -6.42 -17.43 3.79
CA GLU A 205 -7.28 -18.32 2.96
C GLU A 205 -7.80 -19.50 3.79
N ASP A 206 -6.95 -20.06 4.61
CA ASP A 206 -7.37 -21.24 5.44
C ASP A 206 -8.51 -20.85 6.38
N SER A 207 -8.47 -19.64 6.89
CA SER A 207 -9.51 -19.21 7.87
C SER A 207 -10.89 -19.18 7.20
N ILE A 208 -10.93 -18.93 5.91
CA ILE A 208 -12.23 -18.86 5.19
C ILE A 208 -12.70 -20.27 4.84
N ARG A 209 -11.83 -21.10 4.32
CA ARG A 209 -12.22 -22.48 3.92
C ARG A 209 -12.78 -23.25 5.11
N LYS A 210 -12.19 -23.09 6.26
CA LYS A 210 -12.69 -23.81 7.48
C LYS A 210 -14.11 -23.36 7.82
N GLN A 211 -14.36 -22.07 7.75
CA GLN A 211 -15.72 -21.55 8.05
C GLN A 211 -16.72 -22.02 6.98
N GLN A 212 -16.28 -22.12 5.75
CA GLN A 212 -17.22 -22.46 4.64
C GLN A 212 -17.02 -23.92 4.19
N VAL A 213 -18.06 -24.69 4.19
CA VAL A 213 -17.98 -26.10 3.69
C VAL A 213 -18.64 -26.21 2.31
N SER A 214 -17.96 -26.79 1.36
CA SER A 214 -18.51 -26.86 -0.02
C SER A 214 -19.22 -28.20 -0.24
N ASP A 215 -20.34 -28.18 -0.93
CA ASP A 215 -21.06 -29.45 -1.24
C ASP A 215 -20.40 -30.14 -2.44
N SER A 216 -20.46 -31.45 -2.48
CA SER A 216 -19.83 -32.19 -3.61
C SER A 216 -20.68 -32.07 -4.88
N THR A 217 -20.05 -31.86 -6.01
CA THR A 217 -20.81 -31.73 -7.29
C THR A 217 -20.89 -33.07 -8.01
N LYS A 218 -19.95 -33.95 -7.77
CA LYS A 218 -19.95 -35.28 -8.46
C LYS A 218 -21.25 -36.04 -8.17
N ASN A 219 -21.78 -35.87 -6.98
CA ASN A 219 -23.03 -36.59 -6.62
C ASN A 219 -24.26 -35.75 -7.00
N GLY A 220 -24.96 -36.16 -8.02
CA GLY A 220 -26.18 -35.39 -8.45
C GLY A 220 -27.20 -35.36 -7.33
N ASP A 221 -27.27 -36.42 -6.56
CA ASP A 221 -28.28 -36.48 -5.45
C ASP A 221 -27.72 -37.30 -4.28
N ALA A 222 -28.27 -37.12 -3.10
CA ALA A 222 -27.77 -37.86 -1.91
C ALA A 222 -28.94 -38.32 -1.04
N PHE A 223 -28.72 -39.30 -0.21
CA PHE A 223 -29.83 -39.80 0.67
C PHE A 223 -29.61 -39.31 2.11
N ARG A 224 -30.68 -38.92 2.78
CA ARG A 224 -30.56 -38.40 4.18
C ARG A 224 -29.53 -37.27 4.25
N GLN A 225 -29.13 -36.89 5.44
CA GLN A 225 -28.14 -35.78 5.59
C GLN A 225 -26.73 -36.36 5.78
N ASN A 226 -25.80 -35.89 5.00
CA ASN A 226 -24.38 -36.38 5.13
C ASN A 226 -23.46 -35.23 5.55
N THR A 227 -22.66 -35.46 6.56
CA THR A 227 -21.73 -34.39 7.02
C THR A 227 -20.27 -34.86 6.90
N HIS A 228 -19.34 -33.94 6.84
CA HIS A 228 -17.91 -34.32 6.72
C HIS A 228 -17.06 -33.57 7.73
N GLY A 229 -15.94 -34.11 8.12
CA GLY A 229 -15.04 -33.42 9.09
C GLY A 229 -15.59 -33.61 10.51
N ILE A 230 -16.26 -34.71 10.76
CA ILE A 230 -16.82 -34.96 12.12
C ILE A 230 -15.86 -35.84 12.94
N GLN A 231 -15.82 -35.64 14.22
CA GLN A 231 -14.91 -36.46 15.09
C GLN A 231 -15.57 -36.73 16.43
N MET A 232 -15.10 -37.73 17.15
CA MET A 232 -15.69 -38.08 18.48
C MET A 232 -17.21 -38.26 18.38
N THR A 233 -17.69 -38.62 17.22
CA THR A 233 -19.17 -38.82 17.05
C THR A 233 -19.44 -40.11 16.27
ZN ZN B . 12.98 0.30 11.32
N GLY A 1 -3.01 39.33 27.77
CA GLY A 1 -3.98 38.37 27.16
C GLY A 1 -4.06 37.11 28.01
N SER A 2 -4.18 35.96 27.38
CA SER A 2 -4.26 34.69 28.14
C SER A 2 -2.86 34.15 28.42
N SER A 3 -2.67 33.54 29.57
CA SER A 3 -1.32 33.00 29.92
C SER A 3 -0.92 31.91 28.91
N THR A 4 -1.87 31.23 28.34
CA THR A 4 -1.55 30.16 27.35
C THR A 4 -2.24 30.46 26.00
N PHE A 5 -1.55 30.24 24.92
CA PHE A 5 -2.14 30.49 23.57
C PHE A 5 -2.55 29.17 22.92
N ASP A 6 -3.73 29.11 22.36
CA ASP A 6 -4.21 27.85 21.71
C ASP A 6 -5.27 28.17 20.66
N ALA A 7 -4.87 28.32 19.42
CA ALA A 7 -5.86 28.62 18.34
C ALA A 7 -6.68 27.37 18.01
N LEU A 8 -6.12 26.20 18.22
CA LEU A 8 -6.84 24.92 17.91
C LEU A 8 -7.29 24.90 16.43
N SER A 9 -8.44 25.45 16.12
CA SER A 9 -8.93 25.41 14.70
C SER A 9 -8.07 26.33 13.81
N PRO A 10 -8.09 26.11 12.51
CA PRO A 10 -8.61 24.85 11.89
C PRO A 10 -7.72 23.67 12.27
N SER A 11 -8.28 22.48 12.31
CA SER A 11 -7.47 21.28 12.66
C SER A 11 -6.70 20.77 11.43
N PRO A 12 -5.68 19.96 11.66
CA PRO A 12 -4.88 19.44 10.53
C PRO A 12 -5.75 18.61 9.58
N ALA A 13 -5.44 18.64 8.31
CA ALA A 13 -6.27 17.88 7.32
C ALA A 13 -5.95 16.38 7.41
N ILE A 14 -6.96 15.55 7.26
CA ILE A 14 -6.74 14.08 7.31
C ILE A 14 -7.16 13.43 5.99
N PRO A 15 -6.21 12.99 5.20
CA PRO A 15 -6.54 12.37 3.90
C PRO A 15 -7.42 11.14 4.10
N SER A 16 -8.26 10.83 3.14
CA SER A 16 -9.19 9.67 3.28
C SER A 16 -8.85 8.59 2.25
N ASN A 17 -9.07 7.35 2.60
CA ASN A 17 -8.74 6.23 1.68
C ASN A 17 -9.95 5.81 0.84
N THR A 18 -10.90 6.72 0.66
CA THR A 18 -12.10 6.38 -0.15
C THR A 18 -11.74 6.31 -1.64
N ASP A 19 -12.04 5.21 -2.28
CA ASP A 19 -11.64 5.03 -3.71
C ASP A 19 -12.44 5.98 -4.60
N TYR A 20 -11.83 6.48 -5.64
CA TYR A 20 -12.54 7.39 -6.59
C TYR A 20 -11.87 7.34 -7.97
N PRO A 21 -12.46 6.62 -8.89
CA PRO A 21 -11.81 6.45 -10.24
C PRO A 21 -11.61 7.80 -10.92
N GLY A 22 -12.58 8.68 -10.80
CA GLY A 22 -12.44 10.04 -11.42
C GLY A 22 -12.71 9.95 -12.93
N PRO A 23 -12.17 10.88 -13.68
CA PRO A 23 -12.46 10.94 -15.13
C PRO A 23 -11.75 9.80 -15.88
N HIS A 24 -10.50 9.56 -15.57
CA HIS A 24 -9.71 8.56 -16.34
C HIS A 24 -9.86 7.15 -15.74
N SER A 25 -10.70 6.97 -14.76
CA SER A 25 -10.82 5.63 -14.09
C SER A 25 -9.45 5.14 -13.60
N PHE A 26 -8.82 5.90 -12.74
CA PHE A 26 -7.47 5.50 -12.24
C PHE A 26 -7.61 4.42 -11.16
N ASP A 27 -7.05 3.26 -11.41
CA ASP A 27 -7.21 2.12 -10.46
C ASP A 27 -5.84 1.51 -10.14
N VAL A 28 -5.77 0.79 -9.05
CA VAL A 28 -4.50 0.11 -8.68
C VAL A 28 -4.75 -1.39 -8.47
N SER A 29 -3.76 -2.20 -8.76
CA SER A 29 -3.91 -3.66 -8.53
C SER A 29 -2.52 -4.30 -8.36
N PHE A 30 -2.48 -5.52 -7.89
CA PHE A 30 -1.18 -6.21 -7.66
C PHE A 30 -1.18 -7.56 -8.38
N GLN A 31 -0.20 -7.79 -9.22
CA GLN A 31 -0.19 -9.05 -10.02
C GLN A 31 -0.23 -10.27 -9.10
N GLN A 32 -0.95 -11.30 -9.49
CA GLN A 32 -1.16 -12.46 -8.58
C GLN A 32 -0.15 -13.57 -8.88
N SER A 33 0.58 -14.00 -7.88
CA SER A 33 1.54 -15.12 -8.07
C SER A 33 1.23 -16.27 -7.12
N SER A 34 1.52 -17.48 -7.51
CA SER A 34 1.24 -18.65 -6.62
C SER A 34 2.04 -18.53 -5.32
N THR A 35 1.64 -19.23 -4.29
CA THR A 35 2.39 -19.18 -3.00
C THR A 35 3.77 -19.82 -3.16
N ALA A 36 4.69 -19.14 -3.79
CA ALA A 36 6.06 -19.71 -3.99
C ALA A 36 6.88 -19.54 -2.71
N LYS A 37 7.94 -20.29 -2.58
CA LYS A 37 8.81 -20.17 -1.37
C LYS A 37 9.65 -18.90 -1.45
N SER A 38 9.87 -18.25 -0.33
CA SER A 38 10.65 -16.96 -0.31
C SER A 38 10.06 -15.96 -1.32
N ALA A 39 8.79 -15.66 -1.19
CA ALA A 39 8.16 -14.67 -2.10
C ALA A 39 8.49 -13.24 -1.64
N THR A 40 8.96 -12.42 -2.54
CA THR A 40 9.24 -10.99 -2.20
C THR A 40 7.95 -10.31 -1.74
N TRP A 41 6.84 -10.69 -2.31
CA TRP A 41 5.53 -10.06 -1.92
C TRP A 41 4.37 -10.83 -2.57
N THR A 42 3.27 -10.93 -1.86
CA THR A 42 2.11 -11.70 -2.38
C THR A 42 0.81 -10.99 -2.00
N TYR A 43 -0.17 -11.02 -2.88
CA TYR A 43 -1.39 -10.19 -2.66
C TYR A 43 -2.65 -11.06 -2.72
N SER A 44 -3.60 -10.80 -1.86
CA SER A 44 -4.89 -11.56 -1.89
C SER A 44 -6.02 -10.62 -2.31
N THR A 45 -6.73 -10.98 -3.36
CA THR A 45 -7.81 -10.08 -3.87
C THR A 45 -9.00 -10.08 -2.91
N GLU A 46 -9.30 -11.21 -2.31
CA GLU A 46 -10.49 -11.29 -1.40
C GLU A 46 -10.35 -10.29 -0.25
N LEU A 47 -9.15 -10.07 0.22
CA LEU A 47 -8.95 -9.19 1.40
C LEU A 47 -8.38 -7.83 0.98
N LYS A 48 -7.93 -7.70 -0.25
CA LYS A 48 -7.41 -6.39 -0.75
C LYS A 48 -6.21 -5.96 0.11
N LYS A 49 -5.24 -6.82 0.25
CA LYS A 49 -4.10 -6.52 1.16
C LYS A 49 -2.80 -7.11 0.61
N LEU A 50 -1.68 -6.52 0.94
CA LEU A 50 -0.38 -6.97 0.37
C LEU A 50 0.62 -7.26 1.49
N TYR A 51 1.36 -8.33 1.38
CA TYR A 51 2.45 -8.61 2.36
C TYR A 51 3.80 -8.58 1.64
N CYS A 52 4.78 -7.95 2.23
CA CYS A 52 6.11 -7.84 1.56
C CYS A 52 7.24 -8.04 2.57
N GLN A 53 8.42 -8.41 2.10
CA GLN A 53 9.60 -8.46 3.01
C GLN A 53 10.51 -7.25 2.74
N ILE A 54 11.12 -6.73 3.76
CA ILE A 54 11.94 -5.47 3.61
C ILE A 54 12.95 -5.59 2.46
N ALA A 55 13.22 -4.48 1.81
CA ALA A 55 14.29 -4.43 0.74
C ALA A 55 13.95 -5.29 -0.48
N LYS A 56 12.75 -5.80 -0.59
CA LYS A 56 12.35 -6.52 -1.83
C LYS A 56 11.58 -5.58 -2.78
N THR A 57 11.59 -5.88 -4.06
CA THR A 57 10.87 -5.01 -5.03
C THR A 57 9.38 -5.36 -5.06
N CYS A 58 8.53 -4.38 -4.87
CA CYS A 58 7.06 -4.62 -5.00
C CYS A 58 6.50 -3.80 -6.17
N PRO A 59 6.49 -4.38 -7.35
CA PRO A 59 5.84 -3.71 -8.51
C PRO A 59 4.33 -3.59 -8.30
N ILE A 60 3.80 -2.41 -8.51
CA ILE A 60 2.32 -2.23 -8.49
C ILE A 60 1.85 -1.62 -9.82
N GLN A 61 0.70 -2.01 -10.29
CA GLN A 61 0.24 -1.58 -11.65
C GLN A 61 -0.89 -0.55 -11.54
N ILE A 62 -0.80 0.52 -12.27
CA ILE A 62 -1.96 1.47 -12.37
C ILE A 62 -2.78 1.15 -13.62
N LYS A 63 -4.08 1.11 -13.51
CA LYS A 63 -4.94 0.86 -14.72
C LYS A 63 -5.87 2.05 -14.96
N VAL A 64 -5.91 2.54 -16.16
CA VAL A 64 -6.87 3.64 -16.51
C VAL A 64 -7.53 3.35 -17.86
N MET A 65 -8.67 3.96 -18.11
CA MET A 65 -9.35 3.79 -19.43
C MET A 65 -8.65 4.63 -20.50
N THR A 66 -8.24 5.82 -20.15
CA THR A 66 -7.51 6.69 -21.11
C THR A 66 -6.32 7.36 -20.41
N PRO A 67 -5.22 7.51 -21.11
CA PRO A 67 -3.97 8.00 -20.45
C PRO A 67 -4.21 9.34 -19.75
N PRO A 68 -3.64 9.52 -18.58
CA PRO A 68 -3.79 10.81 -17.85
C PRO A 68 -3.15 11.95 -18.64
N PRO A 69 -3.39 13.18 -18.21
CA PRO A 69 -2.83 14.35 -18.92
C PRO A 69 -1.30 14.30 -18.90
N GLN A 70 -0.66 14.95 -19.83
CA GLN A 70 0.83 15.03 -19.82
C GLN A 70 1.29 16.05 -18.78
N GLY A 71 2.34 15.75 -18.05
CA GLY A 71 2.79 16.64 -16.95
C GLY A 71 2.25 16.11 -15.62
N ALA A 72 1.17 15.37 -15.64
CA ALA A 72 0.62 14.75 -14.39
C ALA A 72 1.72 14.01 -13.61
N VAL A 73 1.55 13.90 -12.31
CA VAL A 73 2.52 13.13 -11.50
C VAL A 73 1.77 12.13 -10.60
N ILE A 74 2.42 11.08 -10.20
CA ILE A 74 1.78 10.11 -9.27
C ILE A 74 2.38 10.27 -7.88
N ARG A 75 1.55 10.32 -6.87
CA ARG A 75 2.06 10.59 -5.48
C ARG A 75 1.83 9.36 -4.60
N ALA A 76 2.76 9.03 -3.74
CA ALA A 76 2.57 7.84 -2.86
C ALA A 76 3.05 8.15 -1.44
N MET A 77 2.19 7.95 -0.47
CA MET A 77 2.55 8.33 0.93
C MET A 77 2.09 7.26 1.93
N PRO A 78 2.91 6.96 2.92
CA PRO A 78 2.52 6.01 3.99
C PRO A 78 1.85 6.74 5.15
N VAL A 79 0.79 6.18 5.68
CA VAL A 79 0.15 6.79 6.89
C VAL A 79 -0.44 5.69 7.78
N TYR A 80 -0.58 5.95 9.06
CA TYR A 80 -1.19 4.94 9.97
C TYR A 80 -2.62 4.61 9.55
N LYS A 81 -3.13 3.50 9.99
CA LYS A 81 -4.48 3.05 9.50
C LYS A 81 -5.60 3.82 10.21
N LYS A 82 -5.68 3.72 11.51
CA LYS A 82 -6.81 4.35 12.26
C LYS A 82 -6.56 5.84 12.44
N ALA A 83 -7.62 6.63 12.54
CA ALA A 83 -7.44 8.11 12.63
C ALA A 83 -6.55 8.49 13.82
N GLU A 84 -6.69 7.79 14.91
CA GLU A 84 -5.91 8.14 16.14
C GLU A 84 -4.40 8.13 15.84
N HIS A 85 -3.99 7.39 14.84
CA HIS A 85 -2.54 7.33 14.52
C HIS A 85 -2.23 8.05 13.19
N VAL A 86 -3.21 8.24 12.34
CA VAL A 86 -2.94 8.86 11.01
C VAL A 86 -2.49 10.32 11.17
N THR A 87 -2.81 10.92 12.29
CA THR A 87 -2.31 12.32 12.55
C THR A 87 -0.85 12.30 13.01
N GLU A 88 -0.36 11.16 13.44
CA GLU A 88 1.09 11.03 13.77
C GLU A 88 1.87 10.63 12.52
N VAL A 89 2.99 11.28 12.28
CA VAL A 89 3.83 10.91 11.10
C VAL A 89 4.56 9.59 11.34
N VAL A 90 4.72 8.78 10.33
CA VAL A 90 5.57 7.57 10.44
C VAL A 90 7.03 7.97 10.16
N LYS A 91 7.95 7.42 10.92
CA LYS A 91 9.35 7.96 10.90
C LYS A 91 10.37 6.82 10.82
N ARG A 92 11.63 7.13 11.00
CA ARG A 92 12.70 6.09 10.93
C ARG A 92 13.03 5.58 12.33
N CYS A 93 13.52 4.38 12.43
CA CYS A 93 13.97 3.84 13.75
C CYS A 93 15.32 4.46 14.11
N PRO A 94 15.67 4.49 15.38
CA PRO A 94 16.99 5.01 15.78
C PRO A 94 18.10 4.14 15.19
N ASN A 95 17.98 2.85 15.32
CA ASN A 95 19.03 1.93 14.78
C ASN A 95 19.09 2.01 13.24
N HIS A 96 17.96 2.00 12.59
CA HIS A 96 17.94 1.95 11.09
C HIS A 96 18.17 3.34 10.49
N GLU A 97 17.78 4.38 11.18
CA GLU A 97 18.13 5.76 10.72
C GLU A 97 19.63 6.01 10.86
N LEU A 98 20.23 5.51 11.91
CA LEU A 98 21.69 5.73 12.14
C LEU A 98 22.51 5.22 10.96
N SER A 99 22.04 4.17 10.31
CA SER A 99 22.79 3.59 9.15
C SER A 99 23.22 4.67 8.15
N ARG A 100 24.42 4.59 7.65
CA ARG A 100 24.95 5.65 6.74
C ARG A 100 24.05 5.81 5.51
N GLU A 101 23.59 7.01 5.25
CA GLU A 101 22.63 7.24 4.13
C GLU A 101 23.37 7.19 2.79
N PHE A 102 24.40 7.98 2.63
CA PHE A 102 25.14 8.04 1.32
C PHE A 102 24.17 8.25 0.14
N ASN A 103 23.38 9.28 0.20
CA ASN A 103 22.45 9.58 -0.93
C ASN A 103 23.22 10.05 -2.17
N GLU A 104 24.50 10.32 -2.03
CA GLU A 104 25.33 10.68 -3.22
C GLU A 104 25.34 9.52 -4.22
N GLY A 105 24.90 9.76 -5.43
CA GLY A 105 24.90 8.68 -6.46
C GLY A 105 23.73 7.72 -6.22
N GLN A 106 22.72 8.13 -5.50
CA GLN A 106 21.53 7.25 -5.30
C GLN A 106 20.24 8.07 -5.40
N ILE A 107 19.23 7.51 -6.03
CA ILE A 107 17.95 8.26 -6.22
C ILE A 107 17.05 8.11 -4.99
N ALA A 108 17.21 7.04 -4.25
CA ALA A 108 16.26 6.76 -3.13
C ALA A 108 17.02 6.58 -1.81
N PRO A 109 17.21 7.68 -1.09
CA PRO A 109 17.90 7.60 0.22
C PRO A 109 17.02 6.89 1.26
N PRO A 110 17.64 6.15 2.16
CA PRO A 110 16.87 5.43 3.20
C PRO A 110 16.05 6.40 4.07
N SER A 111 16.38 7.67 4.05
CA SER A 111 15.65 8.66 4.91
C SER A 111 14.13 8.57 4.70
N HIS A 112 13.70 8.07 3.57
CA HIS A 112 12.24 7.92 3.32
C HIS A 112 11.81 6.47 3.47
N LEU A 113 10.75 6.20 4.19
CA LEU A 113 10.27 4.80 4.35
C LEU A 113 9.91 4.21 2.98
N ILE A 114 9.30 4.99 2.14
CA ILE A 114 9.00 4.52 0.75
C ILE A 114 10.06 5.07 -0.22
N ARG A 115 10.52 4.24 -1.11
CA ARG A 115 11.50 4.72 -2.14
C ARG A 115 11.10 4.17 -3.51
N VAL A 116 11.53 4.82 -4.57
CA VAL A 116 11.17 4.37 -5.94
C VAL A 116 12.35 3.64 -6.60
N GLU A 117 12.06 2.66 -7.41
CA GLU A 117 13.12 2.03 -8.24
C GLU A 117 12.77 2.14 -9.73
N GLY A 118 13.69 2.60 -10.53
CA GLY A 118 13.51 2.53 -12.01
C GLY A 118 13.02 3.89 -12.54
N ASN A 119 13.21 4.95 -11.81
CA ASN A 119 12.85 6.31 -12.33
C ASN A 119 13.90 7.33 -11.89
N SER A 120 14.76 7.73 -12.80
CA SER A 120 15.88 8.66 -12.42
C SER A 120 15.33 10.01 -11.94
N HIS A 121 14.08 10.30 -12.20
CA HIS A 121 13.52 11.63 -11.80
C HIS A 121 12.71 11.53 -10.50
N ALA A 122 12.73 10.41 -9.83
CA ALA A 122 11.98 10.29 -8.53
C ALA A 122 12.54 11.28 -7.51
N GLN A 123 11.67 12.00 -6.84
CA GLN A 123 12.13 12.95 -5.79
C GLN A 123 11.18 12.89 -4.60
N TYR A 124 11.64 13.31 -3.44
CA TYR A 124 10.77 13.23 -2.23
C TYR A 124 10.45 14.63 -1.71
N VAL A 125 9.31 14.79 -1.09
CA VAL A 125 8.93 16.11 -0.51
C VAL A 125 8.47 15.95 0.94
N GLU A 126 8.49 17.01 1.70
CA GLU A 126 7.97 16.95 3.10
C GLU A 126 6.80 17.94 3.25
N ASP A 127 5.70 17.48 3.80
CA ASP A 127 4.54 18.39 4.01
C ASP A 127 4.90 19.46 5.05
N PRO A 128 4.64 20.72 4.72
CA PRO A 128 5.14 21.82 5.58
C PRO A 128 4.46 21.80 6.96
N ILE A 129 3.25 21.29 7.03
CA ILE A 129 2.44 21.49 8.28
C ILE A 129 2.48 20.24 9.17
N THR A 130 2.22 19.08 8.61
CA THR A 130 2.15 17.85 9.46
C THR A 130 3.38 16.96 9.29
N GLY A 131 4.42 17.45 8.66
CA GLY A 131 5.70 16.68 8.58
C GLY A 131 5.59 15.47 7.64
N ARG A 132 4.41 15.18 7.11
CA ARG A 132 4.21 13.93 6.28
C ARG A 132 5.33 13.72 5.26
N GLN A 133 5.73 12.49 5.05
CA GLN A 133 6.75 12.20 4.00
C GLN A 133 6.09 11.54 2.79
N SER A 134 6.50 11.90 1.61
CA SER A 134 5.92 11.26 0.38
C SER A 134 6.92 11.34 -0.79
N VAL A 135 6.75 10.50 -1.77
CA VAL A 135 7.63 10.55 -2.97
C VAL A 135 6.79 10.76 -4.24
N LEU A 136 7.34 11.42 -5.23
CA LEU A 136 6.53 11.75 -6.44
C LEU A 136 7.29 11.33 -7.69
N VAL A 137 6.59 11.07 -8.76
CA VAL A 137 7.26 10.74 -10.06
C VAL A 137 6.36 11.16 -11.23
N PRO A 138 6.96 11.50 -12.36
CA PRO A 138 6.15 11.86 -13.55
C PRO A 138 5.46 10.61 -14.10
N TYR A 139 4.21 10.73 -14.47
CA TYR A 139 3.47 9.55 -15.04
C TYR A 139 3.90 9.31 -16.49
N GLU A 140 4.37 8.13 -16.79
CA GLU A 140 4.77 7.82 -18.19
C GLU A 140 3.65 7.02 -18.89
N PRO A 141 3.68 7.01 -20.21
CA PRO A 141 2.66 6.23 -20.97
C PRO A 141 2.74 4.74 -20.60
N PRO A 142 1.68 4.01 -20.86
CA PRO A 142 1.65 2.57 -20.49
C PRO A 142 2.81 1.81 -21.17
N GLN A 143 3.29 0.78 -20.55
CA GLN A 143 4.43 0.00 -21.13
C GLN A 143 4.04 -0.56 -22.51
N VAL A 144 4.99 -0.67 -23.40
CA VAL A 144 4.67 -1.01 -24.81
C VAL A 144 4.18 -2.46 -24.91
N GLY A 145 3.03 -2.66 -25.51
CA GLY A 145 2.49 -4.04 -25.66
C GLY A 145 1.38 -4.29 -24.64
N THR A 146 1.19 -3.42 -23.69
CA THR A 146 0.05 -3.57 -22.74
C THR A 146 -0.52 -2.20 -22.34
N GLU A 147 -1.60 -2.18 -21.62
CA GLU A 147 -2.35 -0.91 -21.40
C GLU A 147 -2.17 -0.37 -19.98
N PHE A 148 -1.22 -0.89 -19.23
CA PHE A 148 -1.07 -0.45 -17.81
C PHE A 148 0.30 0.16 -17.55
N THR A 149 0.47 0.79 -16.42
CA THR A 149 1.78 1.42 -16.07
C THR A 149 2.34 0.76 -14.81
N THR A 150 3.64 0.66 -14.70
CA THR A 150 4.26 -0.02 -13.53
C THR A 150 5.08 0.96 -12.69
N VAL A 151 4.97 0.88 -11.39
CA VAL A 151 5.87 1.65 -10.49
C VAL A 151 6.48 0.70 -9.46
N LEU A 152 7.76 0.82 -9.20
CA LEU A 152 8.43 -0.16 -8.29
C LEU A 152 8.68 0.50 -6.93
N TYR A 153 8.13 -0.05 -5.88
CA TYR A 153 8.35 0.53 -4.52
C TYR A 153 9.44 -0.24 -3.77
N ASN A 154 10.06 0.40 -2.82
CA ASN A 154 11.01 -0.31 -1.90
C ASN A 154 10.75 0.15 -0.47
N PHE A 155 10.86 -0.74 0.49
CA PHE A 155 10.62 -0.36 1.91
C PHE A 155 11.94 -0.47 2.70
N MET A 156 12.29 0.56 3.43
CA MET A 156 13.59 0.55 4.17
C MET A 156 13.41 0.18 5.65
N CYS A 157 12.21 -0.18 6.06
CA CYS A 157 12.02 -0.68 7.45
C CYS A 157 10.95 -1.77 7.47
N ASN A 158 10.91 -2.56 8.51
CA ASN A 158 9.87 -3.62 8.64
C ASN A 158 8.99 -3.32 9.85
N SER A 159 7.79 -3.86 9.87
CA SER A 159 6.76 -3.34 10.82
C SER A 159 7.23 -3.44 12.27
N SER A 160 8.01 -4.43 12.58
CA SER A 160 8.25 -4.78 14.01
C SER A 160 9.51 -4.09 14.56
N CYS A 161 10.10 -3.16 13.84
CA CYS A 161 11.32 -2.48 14.38
C CYS A 161 10.94 -1.19 15.11
N VAL A 162 11.23 -1.12 16.38
CA VAL A 162 10.73 0.01 17.23
C VAL A 162 11.27 1.34 16.70
N GLY A 163 10.46 2.36 16.69
CA GLY A 163 10.93 3.70 16.25
C GLY A 163 10.47 3.98 14.81
N GLY A 164 9.85 3.02 14.15
CA GLY A 164 9.22 3.32 12.83
C GLY A 164 7.74 2.91 12.89
N MET A 165 7.37 1.94 12.08
CA MET A 165 5.95 1.47 12.08
C MET A 165 5.56 0.94 13.45
N ASN A 166 6.52 0.50 14.23
CA ASN A 166 6.28 0.11 15.67
C ASN A 166 5.00 -0.73 15.85
N ARG A 167 4.90 -1.81 15.13
CA ARG A 167 3.74 -2.76 15.32
C ARG A 167 2.40 -2.02 15.17
N ARG A 168 2.36 -0.99 14.37
CA ARG A 168 1.05 -0.36 14.02
C ARG A 168 0.78 -0.49 12.50
N PRO A 169 -0.26 -1.21 12.14
CA PRO A 169 -0.57 -1.39 10.69
C PRO A 169 -0.81 -0.04 10.02
N ILE A 170 -0.43 0.10 8.77
CA ILE A 170 -0.62 1.40 8.06
C ILE A 170 -1.25 1.16 6.68
N LEU A 171 -1.55 2.24 6.00
CA LEU A 171 -2.11 2.14 4.62
C LEU A 171 -1.23 2.94 3.67
N ILE A 172 -1.15 2.54 2.44
CA ILE A 172 -0.36 3.33 1.45
C ILE A 172 -1.32 3.94 0.42
N ILE A 173 -1.23 5.23 0.22
CA ILE A 173 -2.19 5.91 -0.69
C ILE A 173 -1.46 6.34 -1.95
N VAL A 174 -1.98 5.96 -3.10
CA VAL A 174 -1.38 6.40 -4.39
C VAL A 174 -2.42 7.21 -5.16
N THR A 175 -2.07 8.40 -5.57
CA THR A 175 -3.07 9.29 -6.24
C THR A 175 -2.54 9.76 -7.60
N LEU A 176 -3.42 10.07 -8.51
CA LEU A 176 -3.01 10.75 -9.77
C LEU A 176 -3.37 12.23 -9.69
N GLU A 177 -2.42 13.10 -9.91
CA GLU A 177 -2.65 14.56 -9.71
C GLU A 177 -2.14 15.34 -10.93
N THR A 178 -2.75 16.46 -11.22
CA THR A 178 -2.29 17.30 -12.36
C THR A 178 -1.24 18.30 -11.88
N ARG A 179 -0.44 18.81 -12.78
CA ARG A 179 0.65 19.77 -12.38
C ARG A 179 0.06 20.96 -11.62
N ASP A 180 -1.18 21.29 -11.86
CA ASP A 180 -1.77 22.53 -11.26
C ASP A 180 -2.47 22.22 -9.92
N GLY A 181 -2.27 21.06 -9.36
CA GLY A 181 -2.69 20.82 -7.94
C GLY A 181 -4.14 20.30 -7.88
N GLN A 182 -4.65 19.76 -8.95
CA GLN A 182 -6.05 19.22 -8.92
C GLN A 182 -6.02 17.69 -8.90
N VAL A 183 -6.88 17.09 -8.14
CA VAL A 183 -6.87 15.60 -8.00
C VAL A 183 -7.71 14.96 -9.11
N LEU A 184 -7.17 13.97 -9.77
CA LEU A 184 -7.93 13.29 -10.86
C LEU A 184 -8.53 11.97 -10.34
N GLY A 185 -7.80 11.24 -9.55
CA GLY A 185 -8.31 9.94 -9.02
C GLY A 185 -7.48 9.49 -7.82
N ARG A 186 -8.07 8.75 -6.92
CA ARG A 186 -7.34 8.28 -5.71
C ARG A 186 -7.62 6.80 -5.45
N ARG A 187 -6.59 6.04 -5.17
CA ARG A 187 -6.80 4.62 -4.74
C ARG A 187 -5.88 4.28 -3.56
N CYS A 188 -6.27 3.34 -2.73
CA CYS A 188 -5.47 3.05 -1.51
C CYS A 188 -5.47 1.55 -1.21
N PHE A 189 -4.44 1.06 -0.55
CA PHE A 189 -4.42 -0.37 -0.13
C PHE A 189 -3.69 -0.50 1.21
N GLU A 190 -3.80 -1.64 1.85
CA GLU A 190 -3.17 -1.81 3.20
C GLU A 190 -1.92 -2.68 3.09
N ALA A 191 -0.86 -2.29 3.75
CA ALA A 191 0.45 -2.96 3.54
C ALA A 191 0.95 -3.59 4.84
N ARG A 192 1.61 -4.71 4.74
CA ARG A 192 2.23 -5.34 5.94
C ARG A 192 3.63 -5.87 5.59
N ILE A 193 4.60 -5.60 6.43
CA ILE A 193 5.97 -6.13 6.18
C ILE A 193 6.26 -7.29 7.15
N CYS A 194 6.57 -8.44 6.63
CA CYS A 194 6.69 -9.65 7.50
C CYS A 194 7.81 -10.58 7.01
N ALA A 195 8.12 -11.60 7.76
CA ALA A 195 9.19 -12.55 7.34
C ALA A 195 8.73 -13.42 6.16
N CYS A 196 7.50 -13.86 6.19
CA CYS A 196 6.96 -14.68 5.06
C CYS A 196 5.60 -14.13 4.59
N PRO A 197 5.63 -13.21 3.65
CA PRO A 197 4.35 -12.74 3.03
C PRO A 197 3.55 -13.92 2.47
N GLY A 198 4.22 -14.96 2.05
CA GLY A 198 3.50 -16.16 1.54
C GLY A 198 2.71 -16.79 2.69
N ARG A 199 3.27 -16.79 3.87
CA ARG A 199 2.63 -17.51 5.01
C ARG A 199 1.40 -16.75 5.49
N ASP A 200 1.49 -15.45 5.53
CA ASP A 200 0.34 -14.63 6.01
C ASP A 200 -0.81 -14.68 5.01
N ARG A 201 -0.50 -14.61 3.74
CA ARG A 201 -1.57 -14.70 2.70
C ARG A 201 -2.28 -16.06 2.79
N LYS A 202 -1.54 -17.12 2.98
CA LYS A 202 -2.17 -18.47 3.12
C LYS A 202 -3.05 -18.52 4.38
N ALA A 203 -2.61 -17.91 5.45
CA ALA A 203 -3.34 -18.03 6.74
C ALA A 203 -4.75 -17.45 6.62
N ASP A 204 -4.87 -16.22 6.16
CA ASP A 204 -6.22 -15.57 6.09
C ASP A 204 -7.13 -16.36 5.14
N GLU A 205 -6.58 -16.88 4.07
CA GLU A 205 -7.41 -17.68 3.12
C GLU A 205 -7.90 -18.97 3.78
N ASP A 206 -7.06 -19.59 4.56
CA ASP A 206 -7.46 -20.85 5.25
C ASP A 206 -8.62 -20.57 6.21
N SER A 207 -8.62 -19.41 6.83
CA SER A 207 -9.71 -19.08 7.80
C SER A 207 -11.06 -19.04 7.07
N ILE A 208 -11.06 -18.64 5.82
CA ILE A 208 -12.35 -18.53 5.07
C ILE A 208 -12.79 -19.91 4.59
N ARG A 209 -11.87 -20.68 4.06
CA ARG A 209 -12.22 -22.05 3.56
C ARG A 209 -12.82 -22.90 4.68
N LYS A 210 -12.27 -22.81 5.86
CA LYS A 210 -12.79 -23.61 7.01
C LYS A 210 -14.21 -23.15 7.37
N GLN A 211 -14.41 -21.87 7.47
CA GLN A 211 -15.78 -21.33 7.79
C GLN A 211 -16.73 -21.57 6.62
N GLN A 212 -16.27 -21.34 5.41
CA GLN A 212 -17.17 -21.50 4.23
C GLN A 212 -16.83 -22.79 3.46
N VAL A 213 -17.80 -23.63 3.26
CA VAL A 213 -17.56 -24.89 2.48
C VAL A 213 -18.43 -24.90 1.23
N SER A 214 -17.84 -25.14 0.08
CA SER A 214 -18.63 -25.20 -1.18
C SER A 214 -19.00 -26.65 -1.51
N ASP A 215 -20.19 -26.88 -1.98
CA ASP A 215 -20.60 -28.26 -2.35
C ASP A 215 -20.25 -28.55 -3.82
N SER A 216 -19.33 -29.43 -4.06
CA SER A 216 -18.95 -29.77 -5.46
C SER A 216 -20.06 -30.58 -6.13
N THR A 217 -20.21 -30.46 -7.42
CA THR A 217 -21.27 -31.22 -8.14
C THR A 217 -20.67 -32.39 -8.90
N LYS A 218 -21.03 -33.60 -8.54
CA LYS A 218 -20.50 -34.79 -9.27
C LYS A 218 -21.07 -34.85 -10.70
N ASN A 219 -22.32 -34.52 -10.85
CA ASN A 219 -22.96 -34.61 -12.19
C ASN A 219 -24.12 -33.61 -12.30
N GLY A 220 -24.97 -33.77 -13.28
CA GLY A 220 -26.12 -32.83 -13.46
C GLY A 220 -27.00 -32.87 -12.22
N ASP A 221 -27.59 -31.75 -11.86
CA ASP A 221 -28.41 -31.69 -10.62
C ASP A 221 -29.83 -32.20 -10.89
N ALA A 222 -30.21 -33.28 -10.24
CA ALA A 222 -31.59 -33.81 -10.41
C ALA A 222 -32.09 -34.44 -9.10
N PHE A 223 -33.37 -34.40 -8.86
CA PHE A 223 -33.94 -35.00 -7.60
C PHE A 223 -33.21 -34.45 -6.37
N ARG A 224 -32.67 -33.26 -6.46
CA ARG A 224 -31.92 -32.65 -5.31
C ARG A 224 -30.83 -33.61 -4.80
N GLN A 225 -30.34 -34.48 -5.65
CA GLN A 225 -29.28 -35.45 -5.24
C GLN A 225 -29.70 -36.23 -3.99
N ASN A 226 -30.96 -36.63 -3.94
CA ASN A 226 -31.46 -37.44 -2.77
C ASN A 226 -31.15 -36.73 -1.45
N THR A 227 -31.34 -35.45 -1.40
CA THR A 227 -31.04 -34.69 -0.14
C THR A 227 -32.29 -33.90 0.31
N HIS A 228 -32.58 -33.93 1.58
CA HIS A 228 -33.76 -33.17 2.10
C HIS A 228 -33.59 -31.66 1.82
N GLY A 229 -32.40 -31.15 1.99
CA GLY A 229 -32.15 -29.71 1.74
C GLY A 229 -32.15 -28.95 3.07
N ILE A 230 -31.10 -28.25 3.37
CA ILE A 230 -31.02 -27.49 4.65
C ILE A 230 -30.20 -26.20 4.46
N GLN A 231 -30.54 -25.16 5.17
CA GLN A 231 -29.79 -23.89 5.05
C GLN A 231 -28.67 -23.82 6.10
N MET A 232 -27.46 -23.55 5.67
CA MET A 232 -26.32 -23.50 6.63
C MET A 232 -26.56 -22.42 7.69
N THR A 233 -27.19 -21.33 7.30
CA THR A 233 -27.46 -20.24 8.28
C THR A 233 -28.91 -19.76 8.14
ZN ZN B . 13.07 0.31 11.24
N GLY A 1 14.06 21.34 25.74
CA GLY A 1 13.99 20.41 24.57
C GLY A 1 13.30 21.12 23.40
N SER A 2 12.96 20.39 22.37
CA SER A 2 12.29 21.01 21.19
C SER A 2 10.78 21.11 21.43
N SER A 3 10.11 21.95 20.68
CA SER A 3 8.64 22.10 20.86
C SER A 3 7.91 21.70 19.57
N THR A 4 6.76 21.09 19.70
CA THR A 4 5.99 20.65 18.50
C THR A 4 4.59 21.27 18.51
N PHE A 5 3.93 21.29 17.37
CA PHE A 5 2.56 21.88 17.31
C PHE A 5 1.51 20.76 17.29
N ASP A 6 0.48 20.90 18.09
CA ASP A 6 -0.58 19.86 18.13
C ASP A 6 -1.88 20.45 18.68
N ALA A 7 -2.99 19.76 18.47
CA ALA A 7 -4.31 20.27 18.96
C ALA A 7 -4.56 21.71 18.52
N LEU A 8 -5.58 22.35 19.04
CA LEU A 8 -5.89 23.76 18.67
C LEU A 8 -6.00 23.90 17.14
N SER A 9 -6.10 25.12 16.66
CA SER A 9 -6.23 25.33 15.18
C SER A 9 -4.92 25.92 14.62
N PRO A 10 -4.76 25.91 13.31
CA PRO A 10 -5.55 25.01 12.40
C PRO A 10 -5.24 23.54 12.71
N SER A 11 -6.19 22.67 12.45
CA SER A 11 -5.98 21.22 12.74
C SER A 11 -5.19 20.57 11.59
N PRO A 12 -4.41 19.55 11.91
CA PRO A 12 -3.61 18.86 10.87
C PRO A 12 -4.54 18.24 9.82
N ALA A 13 -4.09 18.12 8.61
CA ALA A 13 -4.93 17.52 7.52
C ALA A 13 -4.99 16.00 7.69
N ILE A 14 -6.11 15.41 7.41
CA ILE A 14 -6.27 13.94 7.58
C ILE A 14 -6.66 13.28 6.24
N PRO A 15 -5.70 12.71 5.56
CA PRO A 15 -6.00 12.07 4.24
C PRO A 15 -7.02 10.96 4.41
N SER A 16 -7.82 10.72 3.39
CA SER A 16 -8.87 9.67 3.47
C SER A 16 -8.58 8.55 2.48
N ASN A 17 -8.93 7.34 2.82
CA ASN A 17 -8.65 6.18 1.92
C ASN A 17 -9.87 5.86 1.05
N THR A 18 -10.72 6.84 0.81
CA THR A 18 -11.95 6.59 0.00
C THR A 18 -11.57 6.42 -1.48
N ASP A 19 -11.99 5.32 -2.07
CA ASP A 19 -11.63 5.06 -3.50
C ASP A 19 -12.42 5.99 -4.43
N TYR A 20 -11.81 6.41 -5.50
CA TYR A 20 -12.53 7.29 -6.48
C TYR A 20 -11.84 7.24 -7.86
N PRO A 21 -12.38 6.48 -8.77
CA PRO A 21 -11.74 6.31 -10.09
C PRO A 21 -11.58 7.66 -10.79
N GLY A 22 -12.56 8.52 -10.69
CA GLY A 22 -12.46 9.87 -11.31
C GLY A 22 -12.76 9.77 -12.82
N PRO A 23 -12.24 10.72 -13.58
CA PRO A 23 -12.57 10.78 -15.03
C PRO A 23 -11.86 9.65 -15.80
N HIS A 24 -10.59 9.48 -15.58
CA HIS A 24 -9.80 8.49 -16.37
C HIS A 24 -9.91 7.08 -15.76
N SER A 25 -10.73 6.90 -14.76
CA SER A 25 -10.83 5.55 -14.08
C SER A 25 -9.44 5.09 -13.62
N PHE A 26 -8.79 5.85 -12.77
CA PHE A 26 -7.43 5.47 -12.29
C PHE A 26 -7.55 4.39 -11.22
N ASP A 27 -6.98 3.24 -11.46
CA ASP A 27 -7.12 2.10 -10.52
C ASP A 27 -5.75 1.50 -10.21
N VAL A 28 -5.65 0.78 -9.12
CA VAL A 28 -4.35 0.12 -8.77
C VAL A 28 -4.55 -1.38 -8.59
N SER A 29 -3.57 -2.16 -8.94
CA SER A 29 -3.63 -3.63 -8.69
C SER A 29 -2.23 -4.20 -8.64
N PHE A 30 -2.10 -5.43 -8.22
CA PHE A 30 -0.74 -6.06 -8.09
C PHE A 30 -0.72 -7.38 -8.86
N GLN A 31 0.22 -7.53 -9.76
CA GLN A 31 0.28 -8.80 -10.56
C GLN A 31 0.45 -10.01 -9.63
N GLN A 32 -0.22 -11.09 -9.92
CA GLN A 32 -0.33 -12.19 -8.92
C GLN A 32 0.56 -13.37 -9.31
N SER A 33 1.01 -14.13 -8.33
CA SER A 33 1.82 -15.35 -8.62
C SER A 33 1.50 -16.44 -7.58
N SER A 34 1.93 -17.65 -7.83
CA SER A 34 1.65 -18.76 -6.86
C SER A 34 2.35 -18.49 -5.53
N THR A 35 1.96 -19.18 -4.49
CA THR A 35 2.61 -18.98 -3.16
C THR A 35 4.03 -19.55 -3.17
N ALA A 36 4.90 -18.97 -3.96
CA ALA A 36 6.31 -19.46 -4.03
C ALA A 36 7.02 -19.19 -2.70
N LYS A 37 8.00 -20.00 -2.36
CA LYS A 37 8.75 -19.79 -1.09
C LYS A 37 9.67 -18.58 -1.22
N SER A 38 10.02 -17.96 -0.11
CA SER A 38 10.89 -16.73 -0.16
C SER A 38 10.30 -15.68 -1.10
N ALA A 39 9.00 -15.67 -1.24
CA ALA A 39 8.35 -14.64 -2.12
C ALA A 39 8.66 -13.23 -1.63
N THR A 40 9.11 -12.38 -2.52
CA THR A 40 9.37 -10.96 -2.13
C THR A 40 8.10 -10.30 -1.63
N TRP A 41 6.97 -10.67 -2.18
CA TRP A 41 5.67 -10.09 -1.74
C TRP A 41 4.51 -10.87 -2.39
N THR A 42 3.41 -10.96 -1.70
CA THR A 42 2.24 -11.70 -2.25
C THR A 42 0.93 -10.97 -1.87
N TYR A 43 -0.03 -10.93 -2.76
CA TYR A 43 -1.25 -10.12 -2.52
C TYR A 43 -2.51 -10.98 -2.65
N SER A 44 -3.47 -10.77 -1.79
CA SER A 44 -4.76 -11.50 -1.89
C SER A 44 -5.88 -10.54 -2.32
N THR A 45 -6.53 -10.85 -3.41
CA THR A 45 -7.59 -9.92 -3.94
C THR A 45 -8.81 -9.93 -3.02
N GLU A 46 -9.15 -11.08 -2.47
CA GLU A 46 -10.36 -11.17 -1.61
C GLU A 46 -10.25 -10.23 -0.41
N LEU A 47 -9.05 -10.04 0.09
CA LEU A 47 -8.88 -9.21 1.32
C LEU A 47 -8.29 -7.83 0.97
N LYS A 48 -7.83 -7.65 -0.26
CA LYS A 48 -7.29 -6.31 -0.68
C LYS A 48 -6.12 -5.92 0.20
N LYS A 49 -5.14 -6.79 0.32
CA LYS A 49 -4.00 -6.52 1.25
C LYS A 49 -2.70 -7.11 0.68
N LEU A 50 -1.59 -6.53 1.03
CA LEU A 50 -0.28 -6.97 0.46
C LEU A 50 0.70 -7.30 1.59
N TYR A 51 1.44 -8.37 1.45
CA TYR A 51 2.48 -8.70 2.46
C TYR A 51 3.86 -8.69 1.78
N CYS A 52 4.82 -8.04 2.39
CA CYS A 52 6.15 -7.91 1.73
C CYS A 52 7.28 -8.11 2.73
N GLN A 53 8.45 -8.45 2.25
CA GLN A 53 9.65 -8.50 3.13
C GLN A 53 10.54 -7.28 2.88
N ILE A 54 11.13 -6.76 3.92
CA ILE A 54 11.90 -5.48 3.80
C ILE A 54 12.93 -5.52 2.65
N ALA A 55 13.17 -4.40 2.02
CA ALA A 55 14.20 -4.29 0.93
C ALA A 55 13.83 -5.13 -0.30
N LYS A 56 12.63 -5.68 -0.37
CA LYS A 56 12.21 -6.42 -1.59
C LYS A 56 11.41 -5.52 -2.53
N THR A 57 11.40 -5.84 -3.80
CA THR A 57 10.71 -4.98 -4.81
C THR A 57 9.22 -5.30 -4.87
N CYS A 58 8.38 -4.31 -4.72
CA CYS A 58 6.91 -4.54 -4.88
C CYS A 58 6.39 -3.76 -6.12
N PRO A 59 6.42 -4.40 -7.26
CA PRO A 59 5.88 -3.76 -8.49
C PRO A 59 4.37 -3.53 -8.37
N ILE A 60 3.91 -2.34 -8.65
CA ILE A 60 2.45 -2.05 -8.62
C ILE A 60 2.01 -1.50 -9.98
N GLN A 61 0.88 -1.91 -10.47
CA GLN A 61 0.42 -1.47 -11.82
C GLN A 61 -0.75 -0.50 -11.72
N ILE A 62 -0.71 0.59 -12.44
CA ILE A 62 -1.88 1.51 -12.53
C ILE A 62 -2.72 1.16 -13.77
N LYS A 63 -4.02 1.10 -13.62
CA LYS A 63 -4.89 0.85 -14.80
C LYS A 63 -5.84 2.02 -15.03
N VAL A 64 -5.91 2.53 -16.24
CA VAL A 64 -6.89 3.60 -16.57
C VAL A 64 -7.57 3.31 -17.91
N MET A 65 -8.71 3.91 -18.14
CA MET A 65 -9.41 3.73 -19.45
C MET A 65 -8.74 4.57 -20.52
N THR A 66 -8.34 5.77 -20.17
CA THR A 66 -7.63 6.65 -21.15
C THR A 66 -6.43 7.32 -20.46
N PRO A 67 -5.35 7.48 -21.20
CA PRO A 67 -4.08 7.96 -20.57
C PRO A 67 -4.31 9.30 -19.85
N PRO A 68 -3.70 9.46 -18.68
CA PRO A 68 -3.85 10.74 -17.94
C PRO A 68 -3.21 11.90 -18.73
N PRO A 69 -3.46 13.11 -18.28
CA PRO A 69 -2.89 14.31 -18.99
C PRO A 69 -1.37 14.25 -18.96
N GLN A 70 -0.73 14.90 -19.90
CA GLN A 70 0.77 14.98 -19.88
C GLN A 70 1.23 15.97 -18.80
N GLY A 71 2.27 15.64 -18.09
CA GLY A 71 2.72 16.51 -16.96
C GLY A 71 2.17 15.94 -15.64
N ALA A 72 1.09 15.21 -15.69
CA ALA A 72 0.52 14.59 -14.45
C ALA A 72 1.59 13.84 -13.66
N VAL A 73 1.43 13.77 -12.36
CA VAL A 73 2.40 13.00 -11.52
C VAL A 73 1.65 12.04 -10.60
N ILE A 74 2.31 10.99 -10.18
CA ILE A 74 1.66 10.02 -9.24
C ILE A 74 2.29 10.16 -7.85
N ARG A 75 1.47 10.18 -6.83
CA ARG A 75 2.00 10.43 -5.45
C ARG A 75 1.79 9.18 -4.59
N ALA A 76 2.67 8.90 -3.66
CA ALA A 76 2.42 7.78 -2.70
C ALA A 76 2.88 8.16 -1.30
N MET A 77 2.03 8.00 -0.32
CA MET A 77 2.39 8.39 1.08
C MET A 77 1.92 7.33 2.10
N PRO A 78 2.75 7.06 3.10
CA PRO A 78 2.37 6.10 4.15
C PRO A 78 1.68 6.82 5.32
N VAL A 79 0.64 6.23 5.86
CA VAL A 79 -0.01 6.81 7.08
C VAL A 79 -0.59 5.68 7.94
N TYR A 80 -0.73 5.90 9.23
CA TYR A 80 -1.28 4.82 10.12
C TYR A 80 -2.69 4.44 9.68
N LYS A 81 -3.21 3.36 10.21
CA LYS A 81 -4.54 2.85 9.76
C LYS A 81 -5.68 3.58 10.50
N LYS A 82 -5.71 3.48 11.80
CA LYS A 82 -6.84 4.08 12.58
C LYS A 82 -6.61 5.59 12.76
N ALA A 83 -7.68 6.35 12.87
CA ALA A 83 -7.53 7.84 12.97
C ALA A 83 -6.62 8.22 14.14
N GLU A 84 -6.72 7.52 15.24
CA GLU A 84 -5.92 7.87 16.45
C GLU A 84 -4.43 7.89 16.12
N HIS A 85 -4.02 7.17 15.10
CA HIS A 85 -2.57 7.12 14.75
C HIS A 85 -2.30 7.85 13.43
N VAL A 86 -3.31 8.05 12.60
CA VAL A 86 -3.06 8.70 11.27
C VAL A 86 -2.66 10.17 11.45
N THR A 87 -2.96 10.75 12.59
CA THR A 87 -2.50 12.14 12.86
C THR A 87 -1.03 12.14 13.31
N GLU A 88 -0.50 11.02 13.71
CA GLU A 88 0.95 10.91 14.02
C GLU A 88 1.74 10.57 12.76
N VAL A 89 2.83 11.23 12.52
CA VAL A 89 3.68 10.92 11.32
C VAL A 89 4.43 9.60 11.53
N VAL A 90 4.53 8.80 10.50
CA VAL A 90 5.40 7.59 10.58
C VAL A 90 6.85 7.96 10.25
N LYS A 91 7.79 7.40 10.96
CA LYS A 91 9.20 7.90 10.85
C LYS A 91 10.20 6.72 10.73
N ARG A 92 11.46 7.00 10.82
CA ARG A 92 12.49 5.93 10.77
C ARG A 92 12.88 5.50 12.19
N CYS A 93 13.40 4.30 12.34
CA CYS A 93 13.86 3.84 13.68
C CYS A 93 15.19 4.51 14.03
N PRO A 94 15.53 4.55 15.30
CA PRO A 94 16.85 5.12 15.69
C PRO A 94 17.98 4.27 15.11
N ASN A 95 17.90 2.97 15.26
CA ASN A 95 18.97 2.07 14.73
C ASN A 95 19.03 2.13 13.21
N HIS A 96 17.90 2.10 12.55
CA HIS A 96 17.88 2.06 11.05
C HIS A 96 18.09 3.44 10.45
N GLU A 97 17.70 4.48 11.16
CA GLU A 97 18.03 5.87 10.71
C GLU A 97 19.54 6.13 10.83
N LEU A 98 20.15 5.63 11.88
CA LEU A 98 21.61 5.90 12.11
C LEU A 98 22.44 5.46 10.91
N SER A 99 22.07 4.37 10.27
CA SER A 99 22.81 3.89 9.07
C SER A 99 23.06 5.02 8.07
N ARG A 100 24.23 5.08 7.49
CA ARG A 100 24.56 6.19 6.54
C ARG A 100 23.60 6.17 5.35
N GLU A 101 23.26 7.31 4.83
CA GLU A 101 22.29 7.39 3.70
C GLU A 101 22.87 6.70 2.46
N PHE A 102 24.15 6.77 2.27
CA PHE A 102 24.79 6.20 1.05
C PHE A 102 24.11 6.73 -0.22
N ASN A 103 23.89 8.01 -0.27
CA ASN A 103 23.18 8.60 -1.46
C ASN A 103 24.10 8.68 -2.67
N GLU A 104 25.37 8.44 -2.51
CA GLU A 104 26.30 8.46 -3.68
C GLU A 104 25.89 7.39 -4.70
N GLY A 105 25.53 7.79 -5.89
CA GLY A 105 25.17 6.81 -6.96
C GLY A 105 23.77 6.25 -6.71
N GLN A 106 22.96 6.94 -5.95
CA GLN A 106 21.58 6.44 -5.67
C GLN A 106 20.58 7.60 -5.70
N ILE A 107 19.41 7.36 -6.26
CA ILE A 107 18.39 8.45 -6.36
C ILE A 107 17.57 8.52 -5.07
N ALA A 108 17.47 7.44 -4.33
CA ALA A 108 16.54 7.40 -3.15
C ALA A 108 17.31 7.02 -1.88
N PRO A 109 17.69 8.01 -1.10
CA PRO A 109 18.37 7.72 0.19
C PRO A 109 17.39 7.10 1.21
N PRO A 110 17.92 6.32 2.13
CA PRO A 110 17.03 5.63 3.11
C PRO A 110 16.23 6.63 3.96
N SER A 111 16.63 7.89 3.96
CA SER A 111 15.89 8.91 4.78
C SER A 111 14.39 8.87 4.51
N HIS A 112 13.99 8.37 3.37
CA HIS A 112 12.53 8.22 3.08
C HIS A 112 12.09 6.78 3.29
N LEU A 113 11.06 6.57 4.05
CA LEU A 113 10.57 5.18 4.32
C LEU A 113 10.18 4.50 3.00
N ILE A 114 9.55 5.23 2.12
CA ILE A 114 9.19 4.66 0.79
C ILE A 114 10.17 5.14 -0.27
N ARG A 115 10.60 4.26 -1.13
CA ARG A 115 11.58 4.63 -2.19
C ARG A 115 11.12 4.12 -3.55
N VAL A 116 11.57 4.72 -4.61
CA VAL A 116 11.23 4.23 -5.98
C VAL A 116 12.42 3.49 -6.59
N GLU A 117 12.15 2.49 -7.38
CA GLU A 117 13.24 1.82 -8.16
C GLU A 117 12.97 1.95 -9.66
N GLY A 118 13.91 2.49 -10.39
CA GLY A 118 13.84 2.42 -11.88
C GLY A 118 13.21 3.68 -12.46
N ASN A 119 13.25 4.78 -11.75
CA ASN A 119 12.76 6.06 -12.31
C ASN A 119 13.76 7.18 -11.99
N SER A 120 14.46 7.66 -12.99
CA SER A 120 15.48 8.73 -12.74
C SER A 120 14.83 10.02 -12.22
N HIS A 121 13.54 10.15 -12.34
CA HIS A 121 12.85 11.41 -11.90
C HIS A 121 12.22 11.24 -10.51
N ALA A 122 12.49 10.16 -9.81
CA ALA A 122 11.95 9.99 -8.44
C ALA A 122 12.44 11.12 -7.53
N GLN A 123 11.53 11.83 -6.91
CA GLN A 123 11.93 12.91 -5.95
C GLN A 123 10.99 12.89 -4.74
N TYR A 124 11.42 13.44 -3.63
CA TYR A 124 10.59 13.36 -2.39
C TYR A 124 10.20 14.76 -1.92
N VAL A 125 9.07 14.87 -1.27
CA VAL A 125 8.63 16.18 -0.73
C VAL A 125 8.23 16.03 0.75
N GLU A 126 8.21 17.13 1.48
CA GLU A 126 7.78 17.07 2.90
C GLU A 126 6.56 17.98 3.11
N ASP A 127 5.52 17.46 3.73
CA ASP A 127 4.32 18.29 4.01
C ASP A 127 4.68 19.43 4.98
N PRO A 128 4.31 20.64 4.63
CA PRO A 128 4.81 21.82 5.40
C PRO A 128 4.26 21.81 6.83
N ILE A 129 3.11 21.23 7.04
CA ILE A 129 2.41 21.42 8.35
C ILE A 129 2.60 20.21 9.26
N THR A 130 2.35 19.01 8.76
CA THR A 130 2.41 17.81 9.64
C THR A 130 3.68 16.98 9.37
N GLY A 131 4.62 17.50 8.63
CA GLY A 131 5.94 16.80 8.48
C GLY A 131 5.83 15.55 7.59
N ARG A 132 4.64 15.17 7.16
CA ARG A 132 4.45 13.90 6.37
C ARG A 132 5.50 13.73 5.26
N GLN A 133 5.97 12.54 5.05
CA GLN A 133 6.91 12.28 3.92
C GLN A 133 6.18 11.59 2.77
N SER A 134 6.54 11.92 1.55
CA SER A 134 5.92 11.24 0.37
C SER A 134 6.87 11.31 -0.83
N VAL A 135 6.67 10.45 -1.79
CA VAL A 135 7.55 10.45 -3.00
C VAL A 135 6.69 10.62 -4.26
N LEU A 136 7.23 11.25 -5.27
CA LEU A 136 6.42 11.55 -6.48
C LEU A 136 7.18 11.11 -7.74
N VAL A 137 6.46 10.82 -8.79
CA VAL A 137 7.12 10.48 -10.09
C VAL A 137 6.22 10.90 -11.26
N PRO A 138 6.80 11.22 -12.39
CA PRO A 138 5.99 11.58 -13.58
C PRO A 138 5.28 10.35 -14.13
N TYR A 139 4.05 10.49 -14.54
CA TYR A 139 3.32 9.31 -15.12
C TYR A 139 3.74 9.10 -16.58
N GLU A 140 4.24 7.94 -16.89
CA GLU A 140 4.67 7.66 -18.29
C GLU A 140 3.59 6.85 -19.03
N PRO A 141 3.64 6.87 -20.35
CA PRO A 141 2.65 6.08 -21.13
C PRO A 141 2.76 4.59 -20.78
N PRO A 142 1.71 3.84 -21.08
CA PRO A 142 1.69 2.39 -20.71
C PRO A 142 2.87 1.66 -21.37
N GLN A 143 3.35 0.63 -20.74
CA GLN A 143 4.51 -0.14 -21.30
C GLN A 143 4.15 -0.72 -22.67
N VAL A 144 5.11 -0.86 -23.54
CA VAL A 144 4.79 -1.22 -24.95
C VAL A 144 4.29 -2.67 -25.03
N GLY A 145 3.15 -2.88 -25.65
CA GLY A 145 2.60 -4.25 -25.78
C GLY A 145 1.47 -4.48 -24.75
N THR A 146 1.29 -3.59 -23.82
CA THR A 146 0.15 -3.72 -22.86
C THR A 146 -0.40 -2.34 -22.48
N GLU A 147 -1.46 -2.31 -21.71
CA GLU A 147 -2.22 -1.04 -21.53
C GLU A 147 -2.06 -0.47 -20.11
N PHE A 148 -1.12 -0.98 -19.33
CA PHE A 148 -0.99 -0.50 -17.91
C PHE A 148 0.40 0.09 -17.66
N THR A 149 0.57 0.76 -16.55
CA THR A 149 1.88 1.39 -16.22
C THR A 149 2.44 0.76 -14.94
N THR A 150 3.75 0.67 -14.84
CA THR A 150 4.36 -0.02 -13.66
C THR A 150 5.22 0.95 -12.85
N VAL A 151 5.09 0.91 -11.55
CA VAL A 151 6.02 1.68 -10.66
C VAL A 151 6.57 0.75 -9.58
N LEU A 152 7.84 0.82 -9.28
CA LEU A 152 8.45 -0.16 -8.34
C LEU A 152 8.69 0.50 -6.98
N TYR A 153 8.10 -0.05 -5.94
CA TYR A 153 8.26 0.56 -4.59
C TYR A 153 9.22 -0.26 -3.72
N ASN A 154 9.90 0.38 -2.81
CA ASN A 154 10.82 -0.36 -1.89
C ASN A 154 10.64 0.17 -0.47
N PHE A 155 10.71 -0.69 0.52
CA PHE A 155 10.52 -0.24 1.93
C PHE A 155 11.82 -0.38 2.72
N MET A 156 12.20 0.65 3.44
CA MET A 156 13.51 0.62 4.17
C MET A 156 13.32 0.31 5.67
N CYS A 157 12.13 -0.06 6.09
CA CYS A 157 11.96 -0.55 7.50
C CYS A 157 10.91 -1.67 7.54
N ASN A 158 10.88 -2.43 8.60
CA ASN A 158 9.93 -3.57 8.69
C ASN A 158 9.00 -3.40 9.90
N SER A 159 7.92 -4.13 9.92
CA SER A 159 6.79 -3.79 10.84
C SER A 159 7.26 -3.75 12.30
N SER A 160 8.18 -4.61 12.65
CA SER A 160 8.42 -4.88 14.11
C SER A 160 9.68 -4.17 14.61
N CYS A 161 10.21 -3.21 13.89
CA CYS A 161 11.41 -2.48 14.40
C CYS A 161 10.99 -1.20 15.12
N VAL A 162 11.30 -1.11 16.38
CA VAL A 162 10.73 -0.01 17.23
C VAL A 162 11.23 1.34 16.74
N GLY A 163 10.36 2.33 16.74
CA GLY A 163 10.78 3.71 16.33
C GLY A 163 10.39 3.98 14.88
N GLY A 164 9.86 3.00 14.17
CA GLY A 164 9.32 3.28 12.82
C GLY A 164 7.91 2.68 12.70
N MET A 165 7.80 1.49 12.18
CA MET A 165 6.47 0.81 12.10
C MET A 165 5.91 0.56 13.50
N ASN A 166 6.79 0.29 14.45
CA ASN A 166 6.38 0.10 15.88
C ASN A 166 5.11 -0.75 16.03
N ARG A 167 5.05 -1.88 15.36
CA ARG A 167 3.89 -2.81 15.53
C ARG A 167 2.56 -2.10 15.27
N ARG A 168 2.57 -1.10 14.42
CA ARG A 168 1.29 -0.41 14.05
C ARG A 168 1.07 -0.53 12.53
N PRO A 169 0.15 -1.38 12.12
CA PRO A 169 -0.11 -1.54 10.66
C PRO A 169 -0.56 -0.22 10.04
N ILE A 170 -0.22 0.01 8.80
CA ILE A 170 -0.55 1.31 8.16
C ILE A 170 -1.19 1.11 6.78
N LEU A 171 -1.55 2.20 6.15
CA LEU A 171 -2.16 2.12 4.79
C LEU A 171 -1.33 2.99 3.85
N ILE A 172 -1.28 2.64 2.59
CA ILE A 172 -0.53 3.48 1.62
C ILE A 172 -1.51 4.06 0.60
N ILE A 173 -1.45 5.34 0.37
CA ILE A 173 -2.41 6.00 -0.54
C ILE A 173 -1.68 6.44 -1.81
N VAL A 174 -2.18 6.03 -2.95
CA VAL A 174 -1.55 6.44 -4.23
C VAL A 174 -2.56 7.24 -5.06
N THR A 175 -2.19 8.42 -5.49
CA THR A 175 -3.18 9.31 -6.18
C THR A 175 -2.64 9.73 -7.54
N LEU A 176 -3.53 10.04 -8.45
CA LEU A 176 -3.11 10.69 -9.73
C LEU A 176 -3.46 12.18 -9.69
N GLU A 177 -2.49 13.02 -9.93
CA GLU A 177 -2.72 14.49 -9.75
C GLU A 177 -2.21 15.24 -10.99
N THR A 178 -2.81 16.36 -11.30
CA THR A 178 -2.35 17.17 -12.46
C THR A 178 -1.29 18.17 -11.99
N ARG A 179 -0.48 18.67 -12.89
CA ARG A 179 0.58 19.65 -12.50
C ARG A 179 -0.03 20.87 -11.78
N ASP A 180 -1.28 21.16 -12.05
CA ASP A 180 -1.91 22.39 -11.48
C ASP A 180 -2.50 22.14 -10.09
N GLY A 181 -2.25 21.00 -9.49
CA GLY A 181 -2.64 20.79 -8.06
C GLY A 181 -4.07 20.27 -7.97
N GLN A 182 -4.61 19.70 -9.03
CA GLN A 182 -6.01 19.18 -8.98
C GLN A 182 -6.00 17.65 -8.97
N VAL A 183 -6.86 17.04 -8.20
CA VAL A 183 -6.82 15.55 -8.06
C VAL A 183 -7.71 14.89 -9.13
N LEU A 184 -7.20 13.89 -9.79
CA LEU A 184 -8.00 13.21 -10.85
C LEU A 184 -8.61 11.91 -10.31
N GLY A 185 -7.86 11.18 -9.52
CA GLY A 185 -8.40 9.88 -9.00
C GLY A 185 -7.57 9.43 -7.78
N ARG A 186 -8.16 8.64 -6.92
CA ARG A 186 -7.44 8.18 -5.69
C ARG A 186 -7.66 6.68 -5.48
N ARG A 187 -6.61 5.96 -5.17
CA ARG A 187 -6.76 4.53 -4.77
C ARG A 187 -5.88 4.23 -3.54
N CYS A 188 -6.20 3.20 -2.81
CA CYS A 188 -5.43 2.91 -1.55
C CYS A 188 -5.30 1.40 -1.34
N PHE A 189 -4.26 0.97 -0.65
CA PHE A 189 -4.13 -0.47 -0.30
C PHE A 189 -3.49 -0.62 1.08
N GLU A 190 -3.62 -1.76 1.70
CA GLU A 190 -3.07 -1.94 3.07
C GLU A 190 -1.79 -2.78 3.03
N ALA A 191 -0.78 -2.36 3.76
CA ALA A 191 0.56 -2.98 3.59
C ALA A 191 1.03 -3.61 4.92
N ARG A 192 1.69 -4.73 4.84
CA ARG A 192 2.31 -5.33 6.06
C ARG A 192 3.70 -5.87 5.73
N ILE A 193 4.65 -5.67 6.60
CA ILE A 193 6.02 -6.23 6.34
C ILE A 193 6.28 -7.39 7.31
N CYS A 194 6.59 -8.54 6.79
CA CYS A 194 6.67 -9.77 7.66
C CYS A 194 7.76 -10.71 7.15
N ALA A 195 8.07 -11.73 7.93
CA ALA A 195 9.16 -12.68 7.52
C ALA A 195 8.69 -13.57 6.36
N CYS A 196 7.46 -14.02 6.40
CA CYS A 196 6.93 -14.87 5.29
C CYS A 196 5.61 -14.31 4.76
N PRO A 197 5.69 -13.39 3.83
CA PRO A 197 4.46 -12.88 3.16
C PRO A 197 3.66 -14.04 2.54
N GLY A 198 4.32 -15.09 2.15
CA GLY A 198 3.59 -16.26 1.58
C GLY A 198 2.73 -16.90 2.69
N ARG A 199 3.25 -16.93 3.88
CA ARG A 199 2.55 -17.67 4.98
C ARG A 199 1.33 -16.88 5.43
N ASP A 200 1.45 -15.58 5.51
CA ASP A 200 0.31 -14.75 5.98
C ASP A 200 -0.82 -14.75 4.95
N ARG A 201 -0.48 -14.68 3.69
CA ARG A 201 -1.54 -14.69 2.64
C ARG A 201 -2.34 -16.00 2.69
N LYS A 202 -1.66 -17.11 2.80
CA LYS A 202 -2.37 -18.42 2.85
C LYS A 202 -3.24 -18.52 4.10
N ALA A 203 -2.77 -18.03 5.21
CA ALA A 203 -3.51 -18.20 6.50
C ALA A 203 -4.88 -17.52 6.41
N ASP A 204 -4.93 -16.28 5.99
CA ASP A 204 -6.23 -15.55 5.93
C ASP A 204 -7.17 -16.26 4.95
N GLU A 205 -6.65 -16.77 3.86
CA GLU A 205 -7.51 -17.50 2.89
C GLU A 205 -8.11 -18.73 3.54
N ASP A 206 -7.34 -19.43 4.35
CA ASP A 206 -7.88 -20.63 5.06
C ASP A 206 -9.01 -20.21 6.01
N SER A 207 -8.90 -19.04 6.59
CA SER A 207 -9.97 -18.56 7.51
C SER A 207 -11.29 -18.40 6.77
N ILE A 208 -11.23 -18.04 5.50
CA ILE A 208 -12.48 -17.80 4.72
C ILE A 208 -13.10 -19.14 4.29
N ARG A 209 -12.30 -20.04 3.79
CA ARG A 209 -12.83 -21.36 3.35
C ARG A 209 -13.50 -22.09 4.52
N LYS A 210 -12.91 -22.05 5.68
CA LYS A 210 -13.50 -22.75 6.85
C LYS A 210 -14.84 -22.11 7.24
N GLN A 211 -14.88 -20.80 7.31
CA GLN A 211 -16.15 -20.11 7.69
C GLN A 211 -17.21 -20.31 6.60
N GLN A 212 -16.80 -20.34 5.35
CA GLN A 212 -17.80 -20.44 4.24
C GLN A 212 -17.78 -21.85 3.65
N VAL A 213 -18.92 -22.49 3.60
CA VAL A 213 -19.02 -23.84 2.97
C VAL A 213 -20.03 -23.81 1.84
N SER A 214 -19.67 -24.31 0.68
CA SER A 214 -20.60 -24.31 -0.48
C SER A 214 -21.32 -25.66 -0.58
N ASP A 215 -22.60 -25.63 -0.89
CA ASP A 215 -23.36 -26.90 -1.07
C ASP A 215 -23.62 -27.16 -2.56
N SER A 216 -23.59 -28.39 -2.98
CA SER A 216 -23.87 -28.71 -4.41
C SER A 216 -25.32 -28.38 -4.75
N THR A 217 -25.58 -27.99 -5.98
CA THR A 217 -26.98 -27.65 -6.39
C THR A 217 -27.64 -28.85 -7.07
N LYS A 218 -26.87 -29.72 -7.67
CA LYS A 218 -27.45 -30.90 -8.36
C LYS A 218 -28.24 -31.76 -7.37
N ASN A 219 -27.71 -31.96 -6.19
CA ASN A 219 -28.42 -32.79 -5.17
C ASN A 219 -29.79 -32.20 -4.85
N GLY A 220 -29.90 -30.90 -4.84
CA GLY A 220 -31.20 -30.25 -4.51
C GLY A 220 -31.95 -29.96 -5.81
N ASP A 221 -33.22 -30.27 -5.85
CA ASP A 221 -34.03 -30.00 -7.07
C ASP A 221 -35.49 -29.67 -6.68
N ALA A 222 -35.74 -28.44 -6.31
CA ALA A 222 -37.13 -28.05 -5.91
C ALA A 222 -37.34 -26.55 -6.18
N PHE A 223 -38.56 -26.18 -6.49
CA PHE A 223 -38.84 -24.73 -6.76
C PHE A 223 -39.98 -24.23 -5.88
N ARG A 224 -40.00 -22.94 -5.61
CA ARG A 224 -41.14 -22.33 -4.83
C ARG A 224 -41.36 -23.07 -3.51
N GLN A 225 -40.29 -23.34 -2.78
CA GLN A 225 -40.44 -23.93 -1.42
C GLN A 225 -39.87 -22.98 -0.36
N ASN A 226 -40.54 -22.85 0.75
CA ASN A 226 -40.04 -21.96 1.84
C ASN A 226 -39.79 -22.77 3.12
N THR A 227 -38.70 -22.53 3.78
CA THR A 227 -38.40 -23.27 5.05
C THR A 227 -37.92 -22.30 6.13
N HIS A 228 -38.14 -22.64 7.38
CA HIS A 228 -37.68 -21.75 8.49
C HIS A 228 -36.16 -21.59 8.45
N GLY A 229 -35.45 -22.66 8.20
CA GLY A 229 -33.96 -22.60 8.16
C GLY A 229 -33.40 -22.73 9.58
N ILE A 230 -32.12 -22.50 9.75
CA ILE A 230 -31.52 -22.60 11.11
C ILE A 230 -31.49 -21.23 11.77
N GLN A 231 -31.89 -21.15 13.02
CA GLN A 231 -31.89 -19.84 13.73
C GLN A 231 -31.77 -20.06 15.24
N MET A 232 -32.58 -20.92 15.80
CA MET A 232 -32.52 -21.17 17.26
C MET A 232 -31.13 -21.70 17.67
N THR A 233 -30.51 -22.48 16.81
CA THR A 233 -29.16 -23.02 17.13
C THR A 233 -28.25 -22.91 15.92
ZN ZN B . 13.01 0.31 11.24
N GLY A 1 0.30 34.20 22.76
CA GLY A 1 0.76 33.31 23.86
C GLY A 1 1.08 31.92 23.30
N SER A 2 1.55 31.03 24.14
CA SER A 2 1.88 29.65 23.66
C SER A 2 0.65 28.73 23.73
N SER A 3 -0.53 29.28 23.96
CA SER A 3 -1.74 28.42 24.06
C SER A 3 -1.99 27.68 22.75
N THR A 4 -1.58 28.28 21.64
CA THR A 4 -1.84 27.65 20.31
C THR A 4 -1.15 26.29 20.21
N PHE A 5 0.04 26.18 20.76
CA PHE A 5 0.82 24.91 20.61
C PHE A 5 0.05 23.72 21.20
N ASP A 6 -0.59 23.92 22.32
CA ASP A 6 -1.37 22.81 22.95
C ASP A 6 -2.79 22.76 22.36
N ALA A 7 -3.69 22.09 23.04
CA ALA A 7 -5.10 21.96 22.53
C ALA A 7 -5.12 21.39 21.11
N LEU A 8 -4.12 20.60 20.77
CA LEU A 8 -4.09 19.94 19.42
C LEU A 8 -4.30 20.96 18.29
N SER A 9 -3.84 22.17 18.48
CA SER A 9 -3.99 23.20 17.41
C SER A 9 -2.61 23.67 16.94
N PRO A 10 -2.51 24.17 15.72
CA PRO A 10 -3.48 23.84 14.63
C PRO A 10 -3.51 22.33 14.39
N SER A 11 -4.63 21.81 13.96
CA SER A 11 -4.77 20.34 13.77
C SER A 11 -4.15 19.91 12.42
N PRO A 12 -3.48 18.78 12.40
CA PRO A 12 -2.86 18.30 11.14
C PRO A 12 -3.94 17.91 10.13
N ALA A 13 -3.63 17.99 8.86
CA ALA A 13 -4.61 17.55 7.81
C ALA A 13 -4.65 16.02 7.75
N ILE A 14 -5.81 15.47 7.50
CA ILE A 14 -5.95 13.98 7.51
C ILE A 14 -6.45 13.48 6.14
N PRO A 15 -5.54 12.98 5.32
CA PRO A 15 -5.94 12.48 3.99
C PRO A 15 -6.94 11.32 4.13
N SER A 16 -7.76 11.12 3.13
CA SER A 16 -8.81 10.05 3.22
C SER A 16 -8.48 8.90 2.27
N ASN A 17 -8.81 7.70 2.65
CA ASN A 17 -8.53 6.52 1.78
C ASN A 17 -9.74 6.17 0.91
N THR A 18 -10.60 7.12 0.65
CA THR A 18 -11.83 6.84 -0.15
C THR A 18 -11.47 6.63 -1.63
N ASP A 19 -11.85 5.52 -2.19
CA ASP A 19 -11.52 5.24 -3.62
C ASP A 19 -12.33 6.14 -4.54
N TYR A 20 -11.74 6.55 -5.64
CA TYR A 20 -12.46 7.44 -6.61
C TYR A 20 -11.82 7.34 -8.00
N PRO A 21 -12.44 6.60 -8.89
CA PRO A 21 -11.86 6.42 -10.25
C PRO A 21 -11.69 7.78 -10.95
N GLY A 22 -12.65 8.66 -10.79
CA GLY A 22 -12.53 10.02 -11.39
C GLY A 22 -12.80 9.94 -12.91
N PRO A 23 -12.26 10.88 -13.65
CA PRO A 23 -12.59 10.97 -15.10
C PRO A 23 -11.90 9.84 -15.88
N HIS A 24 -10.64 9.61 -15.61
CA HIS A 24 -9.86 8.63 -16.44
C HIS A 24 -9.96 7.21 -15.88
N SER A 25 -10.82 6.98 -14.91
CA SER A 25 -10.91 5.63 -14.25
C SER A 25 -9.52 5.18 -13.75
N PHE A 26 -8.95 5.93 -12.85
CA PHE A 26 -7.61 5.56 -12.30
C PHE A 26 -7.76 4.43 -11.27
N ASP A 27 -7.15 3.30 -11.55
CA ASP A 27 -7.28 2.13 -10.64
C ASP A 27 -5.90 1.55 -10.31
N VAL A 28 -5.80 0.81 -9.25
CA VAL A 28 -4.51 0.14 -8.91
C VAL A 28 -4.73 -1.36 -8.76
N SER A 29 -3.73 -2.14 -9.09
CA SER A 29 -3.84 -3.61 -8.91
C SER A 29 -2.44 -4.23 -8.81
N PHE A 30 -2.37 -5.48 -8.47
CA PHE A 30 -1.05 -6.17 -8.35
C PHE A 30 -1.04 -7.43 -9.22
N GLN A 31 -0.08 -7.54 -10.10
CA GLN A 31 -0.06 -8.71 -11.04
C GLN A 31 -0.05 -10.03 -10.27
N GLN A 32 -0.75 -11.02 -10.76
CA GLN A 32 -0.99 -12.25 -9.96
C GLN A 32 0.25 -13.13 -9.93
N SER A 33 0.50 -13.79 -8.82
CA SER A 33 1.65 -14.73 -8.73
C SER A 33 1.29 -15.92 -7.84
N SER A 34 2.04 -16.99 -7.93
CA SER A 34 1.77 -18.18 -7.08
C SER A 34 2.27 -17.94 -5.65
N THR A 35 1.72 -18.65 -4.70
CA THR A 35 2.16 -18.47 -3.27
C THR A 35 3.47 -19.21 -3.03
N ALA A 36 4.50 -18.86 -3.75
CA ALA A 36 5.81 -19.56 -3.60
C ALA A 36 6.50 -19.11 -2.30
N LYS A 37 7.42 -19.91 -1.81
CA LYS A 37 8.15 -19.54 -0.56
C LYS A 37 9.18 -18.45 -0.86
N SER A 38 9.65 -17.76 0.15
CA SER A 38 10.63 -16.65 -0.05
C SER A 38 10.11 -15.64 -1.08
N ALA A 39 8.81 -15.54 -1.23
CA ALA A 39 8.23 -14.54 -2.17
C ALA A 39 8.59 -13.13 -1.73
N THR A 40 9.02 -12.30 -2.65
CA THR A 40 9.29 -10.87 -2.33
C THR A 40 8.00 -10.20 -1.83
N TRP A 41 6.88 -10.61 -2.36
CA TRP A 41 5.57 -10.05 -1.91
C TRP A 41 4.43 -10.88 -2.50
N THR A 42 3.34 -10.99 -1.79
CA THR A 42 2.17 -11.76 -2.30
C THR A 42 0.86 -11.07 -1.91
N TYR A 43 -0.11 -11.08 -2.77
CA TYR A 43 -1.35 -10.28 -2.53
C TYR A 43 -2.59 -11.18 -2.61
N SER A 44 -3.54 -10.95 -1.74
CA SER A 44 -4.82 -11.70 -1.82
C SER A 44 -5.95 -10.75 -2.23
N THR A 45 -6.60 -11.03 -3.33
CA THR A 45 -7.66 -10.12 -3.83
C THR A 45 -8.90 -10.17 -2.94
N GLU A 46 -9.22 -11.33 -2.42
CA GLU A 46 -10.42 -11.48 -1.55
C GLU A 46 -10.30 -10.55 -0.33
N LEU A 47 -9.10 -10.36 0.16
CA LEU A 47 -8.93 -9.54 1.40
C LEU A 47 -8.37 -8.15 1.06
N LYS A 48 -7.92 -7.94 -0.16
CA LYS A 48 -7.44 -6.59 -0.60
C LYS A 48 -6.27 -6.16 0.29
N LYS A 49 -5.28 -6.99 0.42
CA LYS A 49 -4.12 -6.66 1.30
C LYS A 49 -2.83 -7.25 0.74
N LEU A 50 -1.71 -6.64 1.05
CA LEU A 50 -0.41 -7.06 0.44
C LEU A 50 0.63 -7.34 1.54
N TYR A 51 1.39 -8.39 1.40
CA TYR A 51 2.48 -8.67 2.37
C TYR A 51 3.82 -8.63 1.64
N CYS A 52 4.79 -7.96 2.21
CA CYS A 52 6.10 -7.79 1.50
C CYS A 52 7.28 -7.97 2.47
N GLN A 53 8.43 -8.29 1.95
CA GLN A 53 9.65 -8.31 2.80
C GLN A 53 10.52 -7.08 2.52
N ILE A 54 11.12 -6.51 3.54
CA ILE A 54 11.87 -5.23 3.37
C ILE A 54 12.93 -5.34 2.27
N ALA A 55 13.22 -4.24 1.61
CA ALA A 55 14.27 -4.20 0.53
C ALA A 55 13.91 -5.08 -0.68
N LYS A 56 12.71 -5.60 -0.75
CA LYS A 56 12.28 -6.37 -1.97
C LYS A 56 11.52 -5.47 -2.94
N THR A 57 11.52 -5.82 -4.20
CA THR A 57 10.81 -4.98 -5.22
C THR A 57 9.31 -5.28 -5.20
N CYS A 58 8.50 -4.26 -5.06
CA CYS A 58 7.02 -4.45 -5.15
C CYS A 58 6.46 -3.69 -6.36
N PRO A 59 6.41 -4.35 -7.50
CA PRO A 59 5.83 -3.71 -8.70
C PRO A 59 4.31 -3.55 -8.55
N ILE A 60 3.81 -2.36 -8.71
CA ILE A 60 2.32 -2.15 -8.71
C ILE A 60 1.91 -1.48 -10.03
N GLN A 61 0.76 -1.86 -10.55
CA GLN A 61 0.34 -1.32 -11.88
C GLN A 61 -0.83 -0.33 -11.73
N ILE A 62 -0.78 0.76 -12.44
CA ILE A 62 -1.96 1.67 -12.53
C ILE A 62 -2.76 1.34 -13.78
N LYS A 63 -4.07 1.25 -13.68
CA LYS A 63 -4.91 1.03 -14.89
C LYS A 63 -5.85 2.21 -15.13
N VAL A 64 -5.87 2.73 -16.32
CA VAL A 64 -6.85 3.81 -16.67
C VAL A 64 -7.48 3.52 -18.03
N MET A 65 -8.62 4.11 -18.30
CA MET A 65 -9.29 3.89 -19.62
C MET A 65 -8.66 4.79 -20.70
N THR A 66 -8.45 6.04 -20.36
CA THR A 66 -7.79 6.98 -21.32
C THR A 66 -6.59 7.65 -20.65
N PRO A 67 -5.54 7.87 -21.40
CA PRO A 67 -4.26 8.35 -20.78
C PRO A 67 -4.50 9.65 -19.98
N PRO A 68 -3.88 9.77 -18.83
CA PRO A 68 -4.00 11.01 -18.03
C PRO A 68 -3.32 12.19 -18.75
N PRO A 69 -3.53 13.39 -18.25
CA PRO A 69 -2.94 14.58 -18.91
C PRO A 69 -1.40 14.49 -18.94
N GLN A 70 -0.78 15.16 -19.86
CA GLN A 70 0.72 15.20 -19.88
C GLN A 70 1.24 16.17 -18.83
N GLY A 71 2.28 15.80 -18.13
CA GLY A 71 2.76 16.64 -17.00
C GLY A 71 2.25 16.06 -15.67
N ALA A 72 1.15 15.34 -15.70
CA ALA A 72 0.60 14.72 -14.46
C ALA A 72 1.66 13.96 -13.68
N VAL A 73 1.51 13.88 -12.39
CA VAL A 73 2.49 13.10 -11.56
C VAL A 73 1.73 12.13 -10.64
N ILE A 74 2.38 11.09 -10.22
CA ILE A 74 1.73 10.12 -9.30
C ILE A 74 2.33 10.27 -7.90
N ARG A 75 1.49 10.29 -6.89
CA ARG A 75 1.99 10.54 -5.51
C ARG A 75 1.77 9.30 -4.65
N ALA A 76 2.71 8.97 -3.78
CA ALA A 76 2.52 7.77 -2.90
C ALA A 76 2.99 8.08 -1.48
N MET A 77 2.12 7.90 -0.51
CA MET A 77 2.46 8.29 0.90
C MET A 77 1.99 7.21 1.89
N PRO A 78 2.79 6.93 2.90
CA PRO A 78 2.38 5.97 3.96
C PRO A 78 1.68 6.70 5.11
N VAL A 79 0.61 6.13 5.63
CA VAL A 79 -0.04 6.72 6.83
C VAL A 79 -0.64 5.60 7.70
N TYR A 80 -0.80 5.83 8.98
CA TYR A 80 -1.38 4.77 9.87
C TYR A 80 -2.80 4.42 9.43
N LYS A 81 -3.34 3.34 9.93
CA LYS A 81 -4.68 2.87 9.47
C LYS A 81 -5.79 3.58 10.23
N LYS A 82 -5.83 3.44 11.54
CA LYS A 82 -6.95 4.02 12.34
C LYS A 82 -6.73 5.51 12.56
N ALA A 83 -7.79 6.26 12.73
CA ALA A 83 -7.65 7.75 12.86
C ALA A 83 -6.71 8.11 14.03
N GLU A 84 -6.80 7.37 15.11
CA GLU A 84 -5.97 7.70 16.32
C GLU A 84 -4.48 7.72 15.95
N HIS A 85 -4.10 7.02 14.91
CA HIS A 85 -2.66 6.97 14.53
C HIS A 85 -2.41 7.75 13.23
N VAL A 86 -3.42 7.96 12.42
CA VAL A 86 -3.20 8.65 11.10
C VAL A 86 -2.79 10.11 11.32
N THR A 87 -3.07 10.66 12.48
CA THR A 87 -2.61 12.04 12.79
C THR A 87 -1.12 12.02 13.21
N GLU A 88 -0.60 10.88 13.57
CA GLU A 88 0.86 10.77 13.86
C GLU A 88 1.63 10.45 12.58
N VAL A 89 2.74 11.11 12.37
CA VAL A 89 3.58 10.82 11.16
C VAL A 89 4.28 9.47 11.32
N VAL A 90 4.46 8.75 10.23
CA VAL A 90 5.30 7.51 10.26
C VAL A 90 6.77 7.90 10.09
N LYS A 91 7.65 7.32 10.87
CA LYS A 91 9.05 7.83 10.94
C LYS A 91 10.06 6.68 10.88
N ARG A 92 11.31 6.98 11.13
CA ARG A 92 12.37 5.92 11.10
C ARG A 92 12.62 5.38 12.50
N CYS A 93 13.19 4.20 12.59
CA CYS A 93 13.57 3.64 13.92
C CYS A 93 14.90 4.26 14.38
N PRO A 94 15.17 4.19 15.66
CA PRO A 94 16.48 4.72 16.15
C PRO A 94 17.62 3.90 15.56
N ASN A 95 17.51 2.59 15.60
CA ASN A 95 18.60 1.72 15.04
C ASN A 95 18.70 1.89 13.52
N HIS A 96 17.60 1.91 12.82
CA HIS A 96 17.64 1.95 11.33
C HIS A 96 17.87 3.38 10.82
N GLU A 97 17.46 4.37 11.56
CA GLU A 97 17.81 5.78 11.19
C GLU A 97 19.32 6.02 11.39
N LEU A 98 19.86 5.51 12.47
CA LEU A 98 21.31 5.73 12.76
C LEU A 98 22.18 5.21 11.61
N SER A 99 21.77 4.14 10.98
CA SER A 99 22.55 3.55 9.84
C SER A 99 22.97 4.64 8.84
N ARG A 100 24.15 4.52 8.28
CA ARG A 100 24.65 5.58 7.36
C ARG A 100 23.75 5.68 6.12
N GLU A 101 23.34 6.86 5.78
CA GLU A 101 22.44 7.04 4.59
C GLU A 101 23.16 6.60 3.31
N PHE A 102 24.46 6.84 3.25
CA PHE A 102 25.25 6.46 2.03
C PHE A 102 24.60 7.02 0.76
N ASN A 103 24.30 8.29 0.75
CA ASN A 103 23.61 8.90 -0.42
C ASN A 103 24.57 9.04 -1.62
N GLU A 104 25.84 8.81 -1.42
CA GLU A 104 26.81 8.91 -2.56
C GLU A 104 26.43 7.91 -3.66
N GLY A 105 26.15 8.39 -4.84
CA GLY A 105 25.83 7.49 -5.98
C GLY A 105 24.40 6.92 -5.83
N GLN A 106 23.57 7.56 -5.05
CA GLN A 106 22.16 7.08 -4.91
C GLN A 106 21.18 8.11 -5.48
N ILE A 107 20.15 7.64 -6.15
CA ILE A 107 19.15 8.59 -6.72
C ILE A 107 18.10 8.96 -5.68
N ALA A 108 17.89 8.12 -4.70
CA ALA A 108 16.85 8.40 -3.67
C ALA A 108 17.45 8.30 -2.25
N PRO A 109 17.28 9.32 -1.44
CA PRO A 109 17.79 9.26 -0.05
C PRO A 109 17.04 8.19 0.77
N PRO A 110 17.77 7.25 1.32
CA PRO A 110 17.10 6.14 2.07
C PRO A 110 16.26 6.68 3.23
N SER A 111 16.51 7.88 3.69
CA SER A 111 15.79 8.41 4.89
C SER A 111 14.27 8.32 4.71
N HIS A 112 13.79 8.25 3.49
CA HIS A 112 12.32 8.16 3.27
C HIS A 112 11.86 6.70 3.38
N LEU A 113 10.79 6.47 4.10
CA LEU A 113 10.30 5.06 4.30
C LEU A 113 9.97 4.42 2.95
N ILE A 114 9.39 5.17 2.05
CA ILE A 114 9.08 4.63 0.69
C ILE A 114 10.08 5.17 -0.33
N ARG A 115 10.56 4.32 -1.20
CA ARG A 115 11.52 4.77 -2.25
C ARG A 115 11.08 4.23 -3.61
N VAL A 116 11.54 4.85 -4.68
CA VAL A 116 11.17 4.38 -6.04
C VAL A 116 12.35 3.65 -6.70
N GLU A 117 12.07 2.66 -7.51
CA GLU A 117 13.14 2.03 -8.33
C GLU A 117 12.79 2.12 -9.82
N GLY A 118 13.71 2.59 -10.62
CA GLY A 118 13.53 2.50 -12.10
C GLY A 118 13.00 3.83 -12.65
N ASN A 119 13.17 4.91 -11.92
CA ASN A 119 12.78 6.26 -12.46
C ASN A 119 13.80 7.31 -12.04
N SER A 120 14.64 7.73 -12.95
CA SER A 120 15.70 8.73 -12.60
C SER A 120 15.09 10.06 -12.15
N HIS A 121 13.82 10.28 -12.41
CA HIS A 121 13.18 11.56 -12.01
C HIS A 121 12.43 11.41 -10.67
N ALA A 122 12.60 10.31 -9.98
CA ALA A 122 11.95 10.16 -8.64
C ALA A 122 12.48 11.23 -7.68
N GLN A 123 11.59 11.92 -7.02
CA GLN A 123 12.02 12.95 -6.02
C GLN A 123 11.10 12.88 -4.79
N TYR A 124 11.58 13.33 -3.66
CA TYR A 124 10.76 13.24 -2.42
C TYR A 124 10.45 14.62 -1.86
N VAL A 125 9.34 14.75 -1.19
CA VAL A 125 8.97 16.07 -0.57
C VAL A 125 8.58 15.87 0.89
N GLU A 126 8.63 16.93 1.67
CA GLU A 126 8.18 16.83 3.09
C GLU A 126 7.02 17.80 3.34
N ASP A 127 5.96 17.30 3.94
CA ASP A 127 4.78 18.19 4.23
C ASP A 127 5.21 19.32 5.19
N PRO A 128 4.95 20.55 4.81
CA PRO A 128 5.49 21.70 5.59
C PRO A 128 4.87 21.73 7.00
N ILE A 129 3.66 21.24 7.13
CA ILE A 129 2.92 21.45 8.41
C ILE A 129 2.92 20.16 9.25
N THR A 130 2.54 19.05 8.66
CA THR A 130 2.31 17.81 9.48
C THR A 130 3.45 16.81 9.33
N GLY A 131 4.55 17.20 8.73
CA GLY A 131 5.78 16.33 8.77
C GLY A 131 5.74 15.22 7.71
N ARG A 132 4.57 14.84 7.23
CA ARG A 132 4.43 13.62 6.38
C ARG A 132 5.49 13.53 5.28
N GLN A 133 5.98 12.34 5.01
CA GLN A 133 6.94 12.16 3.88
C GLN A 133 6.23 11.49 2.69
N SER A 134 6.62 11.84 1.49
CA SER A 134 6.01 11.20 0.29
C SER A 134 6.96 11.27 -0.90
N VAL A 135 6.76 10.42 -1.88
CA VAL A 135 7.63 10.44 -3.10
C VAL A 135 6.77 10.65 -4.34
N LEU A 136 7.30 11.31 -5.34
CA LEU A 136 6.49 11.64 -6.55
C LEU A 136 7.23 11.21 -7.81
N VAL A 137 6.52 10.94 -8.86
CA VAL A 137 7.18 10.61 -10.17
C VAL A 137 6.27 11.03 -11.33
N PRO A 138 6.87 11.36 -12.46
CA PRO A 138 6.06 11.72 -13.65
C PRO A 138 5.36 10.48 -14.22
N TYR A 139 4.12 10.60 -14.62
CA TYR A 139 3.42 9.44 -15.25
C TYR A 139 3.92 9.24 -16.68
N GLU A 140 4.40 8.06 -16.99
CA GLU A 140 4.83 7.77 -18.39
C GLU A 140 3.73 6.96 -19.11
N PRO A 141 3.76 6.96 -20.42
CA PRO A 141 2.75 6.19 -21.20
C PRO A 141 2.82 4.70 -20.83
N PRO A 142 1.76 3.98 -21.09
CA PRO A 142 1.71 2.54 -20.70
C PRO A 142 2.86 1.77 -21.35
N GLN A 143 3.33 0.73 -20.71
CA GLN A 143 4.47 -0.06 -21.27
C GLN A 143 4.08 -0.67 -22.62
N VAL A 144 5.03 -0.81 -23.51
CA VAL A 144 4.69 -1.21 -24.91
C VAL A 144 4.20 -2.66 -24.95
N GLY A 145 3.05 -2.89 -25.53
CA GLY A 145 2.50 -4.27 -25.62
C GLY A 145 1.40 -4.49 -24.59
N THR A 146 1.21 -3.57 -23.66
CA THR A 146 0.09 -3.70 -22.69
C THR A 146 -0.48 -2.32 -22.35
N GLU A 147 -1.55 -2.29 -21.59
CA GLU A 147 -2.33 -1.02 -21.44
C GLU A 147 -2.15 -0.40 -20.05
N PHE A 148 -1.19 -0.85 -19.28
CA PHE A 148 -1.05 -0.35 -17.88
C PHE A 148 0.35 0.24 -17.64
N THR A 149 0.52 0.93 -16.54
CA THR A 149 1.86 1.53 -16.22
C THR A 149 2.39 0.92 -14.91
N THR A 150 3.69 0.75 -14.81
CA THR A 150 4.26 0.05 -13.63
C THR A 150 5.14 1.00 -12.81
N VAL A 151 5.02 0.95 -11.51
CA VAL A 151 5.94 1.71 -10.62
C VAL A 151 6.53 0.76 -9.57
N LEU A 152 7.80 0.86 -9.30
CA LEU A 152 8.45 -0.12 -8.38
C LEU A 152 8.71 0.53 -7.02
N TYR A 153 8.14 -0.03 -5.97
CA TYR A 153 8.36 0.56 -4.61
C TYR A 153 9.45 -0.21 -3.86
N ASN A 154 10.07 0.44 -2.91
CA ASN A 154 11.00 -0.29 -1.98
C ASN A 154 10.75 0.19 -0.55
N PHE A 155 10.84 -0.70 0.41
CA PHE A 155 10.58 -0.30 1.83
C PHE A 155 11.88 -0.37 2.65
N MET A 156 12.18 0.65 3.39
CA MET A 156 13.45 0.68 4.17
C MET A 156 13.23 0.36 5.66
N CYS A 157 12.04 -0.02 6.05
CA CYS A 157 11.82 -0.50 7.45
C CYS A 157 10.77 -1.62 7.45
N ASN A 158 10.74 -2.42 8.49
CA ASN A 158 9.77 -3.55 8.54
C ASN A 158 8.84 -3.40 9.74
N SER A 159 7.74 -4.11 9.73
CA SER A 159 6.62 -3.78 10.66
C SER A 159 7.08 -3.83 12.12
N SER A 160 8.00 -4.69 12.44
CA SER A 160 8.23 -5.05 13.88
C SER A 160 9.45 -4.32 14.45
N CYS A 161 9.98 -3.33 13.77
CA CYS A 161 11.14 -2.59 14.34
C CYS A 161 10.66 -1.33 15.09
N VAL A 162 10.91 -1.27 16.37
CA VAL A 162 10.29 -0.21 17.23
C VAL A 162 10.80 1.17 16.79
N GLY A 163 9.91 2.13 16.78
CA GLY A 163 10.33 3.52 16.42
C GLY A 163 10.00 3.82 14.94
N GLY A 164 9.53 2.84 14.20
CA GLY A 164 9.02 3.13 12.84
C GLY A 164 7.59 2.59 12.72
N MET A 165 7.42 1.44 12.11
CA MET A 165 6.07 0.83 12.02
C MET A 165 5.56 0.46 13.42
N ASN A 166 6.46 0.11 14.31
CA ASN A 166 6.10 -0.18 15.74
C ASN A 166 4.82 -1.04 15.87
N ARG A 167 4.77 -2.15 15.18
CA ARG A 167 3.62 -3.10 15.31
C ARG A 167 2.28 -2.39 15.05
N ARG A 168 2.30 -1.34 14.27
CA ARG A 168 1.04 -0.65 13.89
C ARG A 168 0.84 -0.70 12.37
N PRO A 169 -0.08 -1.53 11.91
CA PRO A 169 -0.31 -1.65 10.44
C PRO A 169 -0.70 -0.31 9.84
N ILE A 170 -0.35 -0.08 8.60
CA ILE A 170 -0.66 1.24 7.96
C ILE A 170 -1.29 1.03 6.57
N LEU A 171 -1.59 2.10 5.91
CA LEU A 171 -2.17 2.03 4.53
C LEU A 171 -1.29 2.84 3.59
N ILE A 172 -1.21 2.47 2.35
CA ILE A 172 -0.43 3.28 1.37
C ILE A 172 -1.39 3.88 0.35
N ILE A 173 -1.30 5.16 0.13
CA ILE A 173 -2.26 5.83 -0.78
C ILE A 173 -1.52 6.27 -2.05
N VAL A 174 -2.03 5.88 -3.19
CA VAL A 174 -1.42 6.33 -4.47
C VAL A 174 -2.45 7.13 -5.27
N THR A 175 -2.12 8.32 -5.68
CA THR A 175 -3.11 9.19 -6.37
C THR A 175 -2.57 9.66 -7.72
N LEU A 176 -3.45 9.97 -8.63
CA LEU A 176 -3.04 10.66 -9.89
C LEU A 176 -3.38 12.14 -9.79
N GLU A 177 -2.42 13.00 -10.01
CA GLU A 177 -2.64 14.46 -9.76
C GLU A 177 -2.15 15.28 -10.96
N THR A 178 -2.77 16.40 -11.21
CA THR A 178 -2.31 17.27 -12.33
C THR A 178 -1.24 18.25 -11.84
N ARG A 179 -0.43 18.76 -12.73
CA ARG A 179 0.66 19.70 -12.32
C ARG A 179 0.09 20.90 -11.56
N ASP A 180 -1.15 21.25 -11.81
CA ASP A 180 -1.73 22.48 -11.20
C ASP A 180 -2.40 22.19 -9.84
N GLY A 181 -2.20 21.02 -9.28
CA GLY A 181 -2.61 20.79 -7.87
C GLY A 181 -4.05 20.26 -7.79
N GLN A 182 -4.57 19.72 -8.87
CA GLN A 182 -5.96 19.17 -8.84
C GLN A 182 -5.93 17.64 -8.90
N VAL A 183 -6.78 16.99 -8.15
CA VAL A 183 -6.72 15.50 -8.05
C VAL A 183 -7.64 14.88 -9.11
N LEU A 184 -7.13 13.89 -9.82
CA LEU A 184 -7.96 13.24 -10.88
C LEU A 184 -8.55 11.92 -10.37
N GLY A 185 -7.79 11.16 -9.62
CA GLY A 185 -8.29 9.85 -9.12
C GLY A 185 -7.49 9.39 -7.90
N ARG A 186 -8.08 8.57 -7.07
CA ARG A 186 -7.36 8.06 -5.86
C ARG A 186 -7.58 6.55 -5.70
N ARG A 187 -6.54 5.82 -5.38
CA ARG A 187 -6.72 4.41 -4.96
C ARG A 187 -5.83 4.10 -3.75
N CYS A 188 -6.21 3.14 -2.94
CA CYS A 188 -5.42 2.85 -1.69
C CYS A 188 -5.40 1.34 -1.42
N PHE A 189 -4.38 0.89 -0.72
CA PHE A 189 -4.34 -0.54 -0.30
C PHE A 189 -3.66 -0.67 1.07
N GLU A 190 -3.78 -1.80 1.72
CA GLU A 190 -3.17 -1.95 3.08
C GLU A 190 -1.90 -2.80 3.00
N ALA A 191 -0.86 -2.38 3.67
CA ALA A 191 0.46 -3.02 3.46
C ALA A 191 1.02 -3.56 4.79
N ARG A 192 1.70 -4.68 4.72
CA ARG A 192 2.39 -5.21 5.94
C ARG A 192 3.78 -5.73 5.55
N ILE A 193 4.77 -5.47 6.36
CA ILE A 193 6.13 -6.02 6.08
C ILE A 193 6.45 -7.15 7.06
N CYS A 194 6.74 -8.32 6.55
CA CYS A 194 6.90 -9.51 7.44
C CYS A 194 8.00 -10.45 6.91
N ALA A 195 8.39 -11.42 7.69
CA ALA A 195 9.48 -12.35 7.25
C ALA A 195 8.97 -13.28 6.14
N CYS A 196 7.75 -13.75 6.25
CA CYS A 196 7.18 -14.67 5.21
C CYS A 196 5.83 -14.13 4.71
N PRO A 197 5.87 -13.25 3.75
CA PRO A 197 4.61 -12.76 3.11
C PRO A 197 3.79 -13.94 2.57
N GLY A 198 4.46 -15.01 2.20
CA GLY A 198 3.72 -16.22 1.72
C GLY A 198 2.93 -16.82 2.88
N ARG A 199 3.50 -16.80 4.06
CA ARG A 199 2.86 -17.49 5.22
C ARG A 199 1.63 -16.71 5.68
N ASP A 200 1.73 -15.41 5.72
CA ASP A 200 0.59 -14.57 6.20
C ASP A 200 -0.56 -14.63 5.20
N ARG A 201 -0.27 -14.63 3.92
CA ARG A 201 -1.35 -14.73 2.90
C ARG A 201 -2.10 -16.06 3.05
N LYS A 202 -1.38 -17.14 3.26
CA LYS A 202 -2.04 -18.46 3.45
C LYS A 202 -2.87 -18.45 4.74
N ALA A 203 -2.37 -17.82 5.77
CA ALA A 203 -3.07 -17.89 7.10
C ALA A 203 -4.49 -17.32 7.00
N ASP A 204 -4.62 -16.13 6.45
CA ASP A 204 -5.96 -15.51 6.33
C ASP A 204 -6.88 -16.38 5.46
N GLU A 205 -6.35 -16.98 4.43
CA GLU A 205 -7.17 -17.89 3.57
C GLU A 205 -7.67 -19.07 4.39
N ASP A 206 -6.84 -19.60 5.25
CA ASP A 206 -7.28 -20.73 6.12
C ASP A 206 -8.43 -20.27 7.03
N SER A 207 -8.39 -19.04 7.46
CA SER A 207 -9.50 -18.51 8.32
C SER A 207 -10.82 -18.54 7.56
N ILE A 208 -10.78 -18.33 6.27
CA ILE A 208 -12.04 -18.31 5.47
C ILE A 208 -12.54 -19.73 5.23
N ARG A 209 -11.66 -20.62 4.87
CA ARG A 209 -12.07 -22.04 4.63
C ARG A 209 -12.70 -22.65 5.89
N LYS A 210 -12.14 -22.35 7.03
CA LYS A 210 -12.71 -22.88 8.31
C LYS A 210 -14.11 -22.28 8.55
N GLN A 211 -14.26 -21.01 8.30
CA GLN A 211 -15.59 -20.36 8.49
C GLN A 211 -16.59 -20.90 7.47
N GLN A 212 -16.15 -21.15 6.26
CA GLN A 212 -17.09 -21.59 5.19
C GLN A 212 -16.92 -23.09 4.91
N VAL A 213 -17.99 -23.84 5.00
CA VAL A 213 -17.91 -25.30 4.71
C VAL A 213 -18.76 -25.65 3.49
N SER A 214 -18.19 -26.35 2.54
CA SER A 214 -18.96 -26.73 1.32
C SER A 214 -19.57 -28.12 1.48
N ASP A 215 -20.81 -28.29 1.07
CA ASP A 215 -21.46 -29.63 1.14
C ASP A 215 -21.75 -30.15 -0.26
N SER A 216 -21.15 -31.25 -0.64
CA SER A 216 -21.37 -31.80 -2.00
C SER A 216 -22.48 -32.85 -1.98
N THR A 217 -23.29 -32.90 -3.00
CA THR A 217 -24.36 -33.93 -3.07
C THR A 217 -24.42 -34.53 -4.48
N LYS A 218 -24.95 -35.72 -4.60
CA LYS A 218 -25.02 -36.37 -5.95
C LYS A 218 -25.88 -35.53 -6.90
N ASN A 219 -27.03 -35.09 -6.44
CA ASN A 219 -27.92 -34.27 -7.32
C ASN A 219 -27.28 -32.90 -7.61
N GLY A 220 -26.77 -32.26 -6.59
CA GLY A 220 -26.14 -30.92 -6.78
C GLY A 220 -27.15 -29.81 -6.47
N ASP A 221 -28.42 -30.08 -6.63
CA ASP A 221 -29.46 -29.04 -6.40
C ASP A 221 -30.12 -29.23 -5.04
N ALA A 222 -30.74 -28.20 -4.51
CA ALA A 222 -31.37 -28.28 -3.16
C ALA A 222 -30.34 -28.66 -2.09
N PHE A 223 -29.98 -27.74 -1.24
CA PHE A 223 -28.96 -28.03 -0.19
C PHE A 223 -29.41 -29.19 0.69
N ARG A 224 -30.65 -29.19 1.12
CA ARG A 224 -31.18 -30.32 1.94
C ARG A 224 -30.27 -30.63 3.13
N GLN A 225 -30.04 -29.67 3.99
CA GLN A 225 -29.14 -29.89 5.16
C GLN A 225 -29.67 -31.03 6.02
N ASN A 226 -30.96 -31.08 6.23
CA ASN A 226 -31.56 -32.20 7.04
C ASN A 226 -30.87 -32.34 8.39
N THR A 227 -30.59 -31.24 9.05
CA THR A 227 -29.92 -31.30 10.38
C THR A 227 -30.73 -30.54 11.43
N HIS A 228 -30.84 -31.10 12.61
CA HIS A 228 -31.63 -30.42 13.69
C HIS A 228 -31.06 -29.04 13.98
N GLY A 229 -29.76 -28.90 13.97
CA GLY A 229 -29.12 -27.59 14.26
C GLY A 229 -27.82 -27.46 13.46
N ILE A 230 -27.07 -26.42 13.69
CA ILE A 230 -25.79 -26.22 12.95
C ILE A 230 -24.63 -26.83 13.72
N GLN A 231 -23.80 -27.60 13.05
CA GLN A 231 -22.64 -28.24 13.74
C GLN A 231 -21.40 -27.36 13.62
N MET A 232 -20.53 -27.40 14.59
CA MET A 232 -19.28 -26.56 14.54
C MET A 232 -18.45 -26.94 13.32
N THR A 233 -18.45 -28.20 12.95
CA THR A 233 -17.66 -28.65 11.76
C THR A 233 -18.49 -29.59 10.89
ZN ZN B . 12.77 0.26 11.24
N GLY A 1 9.03 25.24 24.18
CA GLY A 1 8.02 26.29 24.55
C GLY A 1 6.68 25.62 24.86
N SER A 2 5.82 26.30 25.56
CA SER A 2 4.49 25.72 25.89
C SER A 2 3.53 25.86 24.71
N SER A 3 3.72 26.89 23.92
CA SER A 3 2.83 27.11 22.74
C SER A 3 3.12 26.06 21.66
N THR A 4 2.22 25.90 20.72
CA THR A 4 2.43 24.89 19.64
C THR A 4 2.17 25.53 18.27
N PHE A 5 2.78 25.00 17.24
CA PHE A 5 2.65 25.62 15.88
C PHE A 5 1.21 25.60 15.40
N ASP A 6 0.49 24.54 15.69
CA ASP A 6 -0.90 24.40 15.16
C ASP A 6 -1.86 25.24 16.00
N ALA A 7 -1.58 25.39 17.28
CA ALA A 7 -2.47 26.19 18.17
C ALA A 7 -3.95 25.78 18.03
N LEU A 8 -4.28 24.60 18.50
CA LEU A 8 -5.69 24.09 18.37
C LEU A 8 -6.14 24.08 16.90
N SER A 9 -6.64 25.18 16.39
CA SER A 9 -7.12 25.21 14.97
C SER A 9 -6.11 25.97 14.09
N PRO A 10 -6.22 25.83 12.79
CA PRO A 10 -6.96 24.70 12.14
C PRO A 10 -6.30 23.36 12.48
N SER A 11 -7.07 22.30 12.49
CA SER A 11 -6.49 20.97 12.84
C SER A 11 -5.81 20.34 11.62
N PRO A 12 -4.92 19.40 11.86
CA PRO A 12 -4.19 18.75 10.73
C PRO A 12 -5.17 18.09 9.76
N ALA A 13 -4.85 18.07 8.50
CA ALA A 13 -5.74 17.42 7.49
C ALA A 13 -5.64 15.90 7.59
N ILE A 14 -6.74 15.21 7.38
CA ILE A 14 -6.71 13.72 7.49
C ILE A 14 -7.19 13.10 6.16
N PRO A 15 -6.25 12.65 5.34
CA PRO A 15 -6.62 12.06 4.04
C PRO A 15 -7.51 10.82 4.23
N SER A 16 -8.36 10.54 3.28
CA SER A 16 -9.27 9.37 3.42
C SER A 16 -8.91 8.30 2.38
N ASN A 17 -9.14 7.04 2.71
CA ASN A 17 -8.77 5.94 1.79
C ASN A 17 -9.96 5.54 0.90
N THR A 18 -10.90 6.43 0.71
CA THR A 18 -12.10 6.11 -0.13
C THR A 18 -11.70 6.05 -1.61
N ASP A 19 -11.98 4.96 -2.26
CA ASP A 19 -11.59 4.80 -3.69
C ASP A 19 -12.43 5.72 -4.58
N TYR A 20 -11.84 6.25 -5.62
CA TYR A 20 -12.60 7.14 -6.56
C TYR A 20 -11.91 7.16 -7.93
N PRO A 21 -12.44 6.43 -8.88
CA PRO A 21 -11.77 6.30 -10.20
C PRO A 21 -11.60 7.68 -10.86
N GLY A 22 -12.59 8.53 -10.75
CA GLY A 22 -12.50 9.88 -11.36
C GLY A 22 -12.79 9.81 -12.86
N PRO A 23 -12.28 10.76 -13.62
CA PRO A 23 -12.60 10.82 -15.06
C PRO A 23 -11.85 9.73 -15.83
N HIS A 24 -10.58 9.58 -15.59
CA HIS A 24 -9.77 8.59 -16.37
C HIS A 24 -9.89 7.18 -15.77
N SER A 25 -10.71 6.99 -14.77
CA SER A 25 -10.82 5.64 -14.11
C SER A 25 -9.43 5.17 -13.64
N PHE A 26 -8.79 5.92 -12.78
CA PHE A 26 -7.44 5.53 -12.29
C PHE A 26 -7.57 4.43 -11.23
N ASP A 27 -7.00 3.29 -11.49
CA ASP A 27 -7.15 2.13 -10.57
C ASP A 27 -5.78 1.53 -10.25
N VAL A 28 -5.68 0.79 -9.17
CA VAL A 28 -4.40 0.12 -8.81
C VAL A 28 -4.62 -1.38 -8.66
N SER A 29 -3.63 -2.16 -9.02
CA SER A 29 -3.71 -3.63 -8.81
C SER A 29 -2.29 -4.21 -8.77
N PHE A 30 -2.17 -5.46 -8.42
CA PHE A 30 -0.83 -6.09 -8.30
C PHE A 30 -0.78 -7.37 -9.13
N GLN A 31 0.18 -7.47 -10.02
CA GLN A 31 0.25 -8.66 -10.92
C GLN A 31 0.34 -9.95 -10.10
N GLN A 32 -0.16 -11.04 -10.63
CA GLN A 32 -0.30 -12.28 -9.80
C GLN A 32 1.07 -12.87 -9.50
N SER A 33 1.31 -13.24 -8.27
CA SER A 33 2.61 -13.87 -7.90
C SER A 33 2.36 -15.18 -7.13
N SER A 34 3.22 -16.14 -7.28
CA SER A 34 3.03 -17.45 -6.59
C SER A 34 3.18 -17.27 -5.07
N THR A 35 2.71 -18.23 -4.31
CA THR A 35 2.84 -18.13 -2.82
C THR A 35 3.98 -19.02 -2.34
N ALA A 36 4.96 -19.27 -3.18
CA ALA A 36 6.08 -20.18 -2.79
C ALA A 36 7.03 -19.47 -1.83
N LYS A 37 7.85 -20.21 -1.13
CA LYS A 37 8.81 -19.59 -0.17
C LYS A 37 9.70 -18.55 -0.88
N SER A 38 10.46 -17.80 -0.14
CA SER A 38 11.32 -16.74 -0.76
C SER A 38 10.50 -15.81 -1.66
N ALA A 39 9.22 -15.68 -1.40
CA ALA A 39 8.37 -14.75 -2.19
C ALA A 39 8.61 -13.30 -1.73
N THR A 40 9.05 -12.47 -2.63
CA THR A 40 9.31 -11.03 -2.26
C THR A 40 8.03 -10.38 -1.76
N TRP A 41 6.91 -10.77 -2.30
CA TRP A 41 5.60 -10.18 -1.86
C TRP A 41 4.44 -10.97 -2.49
N THR A 42 3.34 -11.06 -1.79
CA THR A 42 2.18 -11.80 -2.32
C THR A 42 0.87 -11.08 -1.95
N TYR A 43 -0.09 -11.06 -2.84
CA TYR A 43 -1.30 -10.23 -2.61
C TYR A 43 -2.57 -11.10 -2.72
N SER A 44 -3.52 -10.86 -1.86
CA SER A 44 -4.82 -11.58 -1.96
C SER A 44 -5.92 -10.63 -2.41
N THR A 45 -6.57 -10.92 -3.50
CA THR A 45 -7.62 -10.00 -4.05
C THR A 45 -8.85 -10.00 -3.14
N GLU A 46 -9.19 -11.15 -2.59
CA GLU A 46 -10.41 -11.23 -1.72
C GLU A 46 -10.30 -10.28 -0.54
N LEU A 47 -9.10 -10.10 -0.03
CA LEU A 47 -8.92 -9.23 1.18
C LEU A 47 -8.33 -7.87 0.80
N LYS A 48 -7.84 -7.72 -0.43
CA LYS A 48 -7.30 -6.40 -0.87
C LYS A 48 -6.13 -5.98 0.01
N LYS A 49 -5.17 -6.86 0.17
CA LYS A 49 -4.04 -6.57 1.10
C LYS A 49 -2.73 -7.19 0.57
N LEU A 50 -1.62 -6.60 0.91
CA LEU A 50 -0.31 -7.06 0.35
C LEU A 50 0.68 -7.36 1.48
N TYR A 51 1.41 -8.44 1.37
CA TYR A 51 2.47 -8.75 2.37
C TYR A 51 3.83 -8.74 1.68
N CYS A 52 4.81 -8.09 2.27
CA CYS A 52 6.13 -7.96 1.58
C CYS A 52 7.28 -8.17 2.57
N GLN A 53 8.44 -8.50 2.07
CA GLN A 53 9.65 -8.57 2.94
C GLN A 53 10.55 -7.35 2.69
N ILE A 54 11.17 -6.86 3.73
CA ILE A 54 11.96 -5.58 3.61
C ILE A 54 12.97 -5.65 2.45
N ALA A 55 13.23 -4.51 1.83
CA ALA A 55 14.25 -4.42 0.72
C ALA A 55 13.86 -5.26 -0.50
N LYS A 56 12.65 -5.78 -0.56
CA LYS A 56 12.21 -6.52 -1.78
C LYS A 56 11.42 -5.60 -2.72
N THR A 57 11.40 -5.92 -3.99
CA THR A 57 10.68 -5.05 -4.97
C THR A 57 9.19 -5.39 -5.02
N CYS A 58 8.35 -4.40 -4.85
CA CYS A 58 6.88 -4.62 -5.02
C CYS A 58 6.38 -3.84 -6.25
N PRO A 59 6.39 -4.47 -7.40
CA PRO A 59 5.85 -3.82 -8.62
C PRO A 59 4.35 -3.58 -8.48
N ILE A 60 3.91 -2.37 -8.73
CA ILE A 60 2.44 -2.07 -8.69
C ILE A 60 2.00 -1.50 -10.05
N GLN A 61 0.86 -1.90 -10.54
CA GLN A 61 0.41 -1.45 -11.88
C GLN A 61 -0.76 -0.47 -11.75
N ILE A 62 -0.70 0.63 -12.46
CA ILE A 62 -1.88 1.54 -12.54
C ILE A 62 -2.72 1.23 -13.78
N LYS A 63 -4.01 1.16 -13.64
CA LYS A 63 -4.89 0.93 -14.83
C LYS A 63 -5.83 2.11 -15.05
N VAL A 64 -5.88 2.63 -16.25
CA VAL A 64 -6.85 3.71 -16.58
C VAL A 64 -7.51 3.44 -17.93
N MET A 65 -8.65 4.05 -18.17
CA MET A 65 -9.35 3.87 -19.48
C MET A 65 -8.66 4.72 -20.55
N THR A 66 -8.28 5.92 -20.19
CA THR A 66 -7.56 6.80 -21.16
C THR A 66 -6.34 7.45 -20.48
N PRO A 67 -5.26 7.60 -21.21
CA PRO A 67 -3.98 8.07 -20.59
C PRO A 67 -4.20 9.40 -19.85
N PRO A 68 -3.59 9.55 -18.70
CA PRO A 68 -3.71 10.83 -17.94
C PRO A 68 -3.07 11.98 -18.73
N PRO A 69 -3.32 13.20 -18.29
CA PRO A 69 -2.75 14.39 -18.98
C PRO A 69 -1.22 14.34 -18.95
N GLN A 70 -0.58 15.03 -19.86
CA GLN A 70 0.92 15.11 -19.82
C GLN A 70 1.35 16.11 -18.75
N GLY A 71 2.37 15.78 -18.00
CA GLY A 71 2.79 16.64 -16.85
C GLY A 71 2.23 16.06 -15.54
N ALA A 72 1.16 15.31 -15.62
CA ALA A 72 0.59 14.65 -14.39
C ALA A 72 1.66 13.91 -13.59
N VAL A 73 1.50 13.83 -12.30
CA VAL A 73 2.46 13.06 -11.47
C VAL A 73 1.70 12.10 -10.56
N ILE A 74 2.35 11.04 -10.13
CA ILE A 74 1.69 10.07 -9.21
C ILE A 74 2.30 10.20 -7.82
N ARG A 75 1.47 10.20 -6.80
CA ARG A 75 1.98 10.43 -5.42
C ARG A 75 1.76 9.16 -4.59
N ALA A 76 2.64 8.87 -3.66
CA ALA A 76 2.40 7.73 -2.72
C ALA A 76 2.86 8.09 -1.32
N MET A 77 2.00 7.93 -0.34
CA MET A 77 2.36 8.32 1.06
C MET A 77 1.88 7.25 2.07
N PRO A 78 2.71 6.97 3.06
CA PRO A 78 2.32 5.99 4.10
C PRO A 78 1.64 6.70 5.28
N VAL A 79 0.59 6.12 5.82
CA VAL A 79 -0.04 6.68 7.04
C VAL A 79 -0.62 5.55 7.90
N TYR A 80 -0.76 5.77 9.19
CA TYR A 80 -1.31 4.69 10.08
C TYR A 80 -2.74 4.33 9.66
N LYS A 81 -3.23 3.21 10.14
CA LYS A 81 -4.58 2.73 9.69
C LYS A 81 -5.69 3.47 10.44
N LYS A 82 -5.72 3.35 11.74
CA LYS A 82 -6.84 3.95 12.53
C LYS A 82 -6.62 5.45 12.72
N ALA A 83 -7.67 6.21 12.84
CA ALA A 83 -7.54 7.69 12.93
C ALA A 83 -6.62 8.09 14.09
N GLU A 84 -6.72 7.39 15.19
CA GLU A 84 -5.91 7.75 16.40
C GLU A 84 -4.42 7.79 16.07
N HIS A 85 -4.01 7.06 15.06
CA HIS A 85 -2.56 7.03 14.70
C HIS A 85 -2.31 7.75 13.37
N VAL A 86 -3.31 7.92 12.54
CA VAL A 86 -3.07 8.54 11.20
C VAL A 86 -2.68 10.02 11.35
N THR A 87 -2.98 10.61 12.48
CA THR A 87 -2.53 12.02 12.73
C THR A 87 -1.05 12.04 13.16
N GLU A 88 -0.52 10.92 13.58
CA GLU A 88 0.94 10.84 13.89
C GLU A 88 1.72 10.47 12.63
N VAL A 89 2.82 11.15 12.38
CA VAL A 89 3.65 10.83 11.17
C VAL A 89 4.38 9.50 11.37
N VAL A 90 4.51 8.72 10.33
CA VAL A 90 5.37 7.50 10.39
C VAL A 90 6.82 7.88 10.10
N LYS A 91 7.75 7.33 10.84
CA LYS A 91 9.16 7.84 10.79
C LYS A 91 10.17 6.70 10.68
N ARG A 92 11.44 7.02 10.82
CA ARG A 92 12.49 5.98 10.75
C ARG A 92 12.87 5.48 12.15
N CYS A 93 13.39 4.29 12.25
CA CYS A 93 13.89 3.79 13.57
C CYS A 93 15.23 4.47 13.89
N PRO A 94 15.57 4.57 15.15
CA PRO A 94 16.88 5.15 15.52
C PRO A 94 18.02 4.29 14.96
N ASN A 95 17.94 2.99 15.15
CA ASN A 95 19.01 2.09 14.65
C ASN A 95 19.09 2.09 13.12
N HIS A 96 17.96 2.02 12.46
CA HIS A 96 17.96 1.91 10.97
C HIS A 96 18.14 3.28 10.31
N GLU A 97 17.71 4.33 10.96
CA GLU A 97 18.01 5.70 10.44
C GLU A 97 19.50 6.01 10.59
N LEU A 98 20.11 5.56 11.66
CA LEU A 98 21.55 5.91 11.92
C LEU A 98 22.43 5.50 10.74
N SER A 99 22.10 4.41 10.08
CA SER A 99 22.91 3.94 8.90
C SER A 99 23.18 5.08 7.92
N ARG A 100 24.38 5.17 7.41
CA ARG A 100 24.73 6.30 6.50
C ARG A 100 23.84 6.29 5.26
N GLU A 101 23.49 7.43 4.76
CA GLU A 101 22.58 7.49 3.57
C GLU A 101 23.26 6.86 2.35
N PHE A 102 24.54 7.05 2.20
CA PHE A 102 25.27 6.51 1.01
C PHE A 102 24.57 6.91 -0.30
N ASN A 103 24.28 8.18 -0.45
CA ASN A 103 23.53 8.63 -1.66
C ASN A 103 24.38 8.48 -2.93
N GLU A 104 25.66 8.18 -2.80
CA GLU A 104 26.50 7.96 -4.01
C GLU A 104 25.97 6.76 -4.80
N GLY A 105 25.59 6.98 -6.03
CA GLY A 105 25.10 5.85 -6.89
C GLY A 105 23.69 5.44 -6.46
N GLN A 106 22.97 6.30 -5.76
CA GLN A 106 21.62 5.92 -5.26
C GLN A 106 20.67 7.12 -5.40
N ILE A 107 19.39 6.86 -5.52
CA ILE A 107 18.40 7.95 -5.71
C ILE A 107 17.44 8.05 -4.52
N ALA A 108 17.48 7.10 -3.61
CA ALA A 108 16.46 7.08 -2.51
C ALA A 108 17.16 7.05 -1.14
N PRO A 109 17.37 8.22 -0.56
CA PRO A 109 18.05 8.29 0.76
C PRO A 109 17.15 7.68 1.85
N PRO A 110 17.77 7.14 2.88
CA PRO A 110 16.99 6.46 3.96
C PRO A 110 16.02 7.44 4.65
N SER A 111 16.22 8.73 4.47
CA SER A 111 15.31 9.72 5.13
C SER A 111 13.84 9.42 4.84
N HIS A 112 13.55 8.78 3.72
CA HIS A 112 12.13 8.46 3.39
C HIS A 112 11.88 6.95 3.50
N LEU A 113 10.84 6.58 4.22
CA LEU A 113 10.54 5.13 4.39
C LEU A 113 10.28 4.46 3.03
N ILE A 114 9.65 5.18 2.14
CA ILE A 114 9.29 4.58 0.82
C ILE A 114 10.28 5.05 -0.26
N ARG A 115 10.72 4.15 -1.10
CA ARG A 115 11.67 4.53 -2.19
C ARG A 115 11.11 4.09 -3.55
N VAL A 116 11.57 4.72 -4.61
CA VAL A 116 11.20 4.24 -5.98
C VAL A 116 12.39 3.49 -6.60
N GLU A 117 12.10 2.50 -7.40
CA GLU A 117 13.17 1.86 -8.22
C GLU A 117 12.86 2.01 -9.72
N GLY A 118 13.80 2.50 -10.48
CA GLY A 118 13.68 2.45 -11.96
C GLY A 118 13.15 3.77 -12.51
N ASN A 119 13.26 4.84 -11.76
CA ASN A 119 12.88 6.18 -12.28
C ASN A 119 13.89 7.24 -11.84
N SER A 120 14.73 7.67 -12.74
CA SER A 120 15.80 8.65 -12.36
C SER A 120 15.20 9.98 -11.89
N HIS A 121 13.94 10.22 -12.15
CA HIS A 121 13.32 11.53 -11.76
C HIS A 121 12.52 11.42 -10.46
N ALA A 122 12.58 10.29 -9.78
CA ALA A 122 11.86 10.17 -8.47
C ALA A 122 12.40 11.20 -7.48
N GLN A 123 11.53 11.90 -6.80
CA GLN A 123 11.98 12.89 -5.78
C GLN A 123 11.06 12.82 -4.56
N TYR A 124 11.52 13.28 -3.42
CA TYR A 124 10.69 13.20 -2.18
C TYR A 124 10.31 14.59 -1.69
N VAL A 125 9.18 14.71 -1.05
CA VAL A 125 8.77 16.02 -0.47
C VAL A 125 8.35 15.84 1.00
N GLU A 126 8.35 16.91 1.76
CA GLU A 126 7.91 16.82 3.18
C GLU A 126 6.75 17.78 3.44
N ASP A 127 5.70 17.31 4.03
CA ASP A 127 4.55 18.20 4.38
C ASP A 127 5.00 19.24 5.42
N PRO A 128 5.05 20.49 5.02
CA PRO A 128 5.62 21.53 5.92
C PRO A 128 4.85 21.62 7.24
N ILE A 129 3.59 21.24 7.23
CA ILE A 129 2.73 21.49 8.43
C ILE A 129 2.57 20.20 9.26
N THR A 130 2.22 19.10 8.63
CA THR A 130 1.89 17.87 9.42
C THR A 130 3.00 16.82 9.35
N GLY A 131 4.17 17.18 8.85
CA GLY A 131 5.35 16.27 8.94
C GLY A 131 5.34 15.19 7.85
N ARG A 132 4.19 14.86 7.30
CA ARG A 132 4.06 13.65 6.42
C ARG A 132 5.18 13.55 5.37
N GLN A 133 5.64 12.36 5.10
CA GLN A 133 6.65 12.18 4.01
C GLN A 133 6.00 11.47 2.82
N SER A 134 6.41 11.82 1.62
CA SER A 134 5.84 11.15 0.41
C SER A 134 6.83 11.22 -0.75
N VAL A 135 6.66 10.37 -1.73
CA VAL A 135 7.56 10.39 -2.92
C VAL A 135 6.73 10.57 -4.19
N LEU A 136 7.27 11.21 -5.19
CA LEU A 136 6.47 11.54 -6.41
C LEU A 136 7.23 11.11 -7.66
N VAL A 137 6.52 10.83 -8.73
CA VAL A 137 7.19 10.51 -10.02
C VAL A 137 6.29 10.94 -11.18
N PRO A 138 6.89 11.27 -12.31
CA PRO A 138 6.09 11.65 -13.51
C PRO A 138 5.38 10.41 -14.08
N TYR A 139 4.15 10.55 -14.49
CA TYR A 139 3.42 9.39 -15.09
C TYR A 139 3.85 9.20 -16.55
N GLU A 140 4.33 8.03 -16.88
CA GLU A 140 4.76 7.76 -18.29
C GLU A 140 3.66 6.96 -19.01
N PRO A 141 3.68 6.99 -20.33
CA PRO A 141 2.69 6.21 -21.11
C PRO A 141 2.78 4.72 -20.77
N PRO A 142 1.73 3.98 -21.06
CA PRO A 142 1.71 2.53 -20.70
C PRO A 142 2.87 1.80 -21.38
N GLN A 143 3.36 0.76 -20.74
CA GLN A 143 4.50 -0.01 -21.34
C GLN A 143 4.10 -0.59 -22.69
N VAL A 144 5.05 -0.72 -23.58
CA VAL A 144 4.71 -1.10 -25.00
C VAL A 144 4.23 -2.55 -25.06
N GLY A 145 3.08 -2.77 -25.64
CA GLY A 145 2.53 -4.15 -25.76
C GLY A 145 1.43 -4.39 -24.72
N THR A 146 1.25 -3.48 -23.78
CA THR A 146 0.11 -3.61 -22.82
C THR A 146 -0.45 -2.23 -22.46
N GLU A 147 -1.53 -2.20 -21.72
CA GLU A 147 -2.27 -0.91 -21.53
C GLU A 147 -2.10 -0.36 -20.12
N PHE A 148 -1.15 -0.87 -19.36
CA PHE A 148 -1.00 -0.41 -17.94
C PHE A 148 0.37 0.21 -17.70
N THR A 149 0.54 0.85 -16.58
CA THR A 149 1.85 1.49 -16.25
C THR A 149 2.43 0.85 -14.97
N THR A 150 3.73 0.75 -14.89
CA THR A 150 4.36 0.05 -13.73
C THR A 150 5.21 1.01 -12.90
N VAL A 151 5.07 0.95 -11.60
CA VAL A 151 6.00 1.70 -10.69
C VAL A 151 6.54 0.75 -9.63
N LEU A 152 7.80 0.83 -9.33
CA LEU A 152 8.42 -0.17 -8.41
C LEU A 152 8.66 0.48 -7.03
N TYR A 153 8.10 -0.10 -6.00
CA TYR A 153 8.25 0.48 -4.64
C TYR A 153 9.20 -0.38 -3.79
N ASN A 154 9.91 0.24 -2.88
CA ASN A 154 10.83 -0.52 -1.99
C ASN A 154 10.68 0.00 -0.55
N PHE A 155 10.76 -0.88 0.42
CA PHE A 155 10.55 -0.45 1.85
C PHE A 155 11.88 -0.54 2.62
N MET A 156 12.22 0.50 3.34
CA MET A 156 13.54 0.51 4.06
C MET A 156 13.39 0.09 5.54
N CYS A 157 12.22 -0.27 5.97
CA CYS A 157 12.06 -0.80 7.37
C CYS A 157 10.99 -1.89 7.40
N ASN A 158 10.95 -2.66 8.46
CA ASN A 158 9.94 -3.75 8.56
C ASN A 158 9.03 -3.53 9.78
N SER A 159 7.90 -4.17 9.81
CA SER A 159 6.81 -3.75 10.75
C SER A 159 7.29 -3.77 12.20
N SER A 160 8.16 -4.68 12.53
CA SER A 160 8.40 -4.99 13.97
C SER A 160 9.64 -4.26 14.52
N CYS A 161 10.20 -3.33 13.78
CA CYS A 161 11.40 -2.62 14.32
C CYS A 161 10.99 -1.31 15.02
N VAL A 162 11.26 -1.21 16.29
CA VAL A 162 10.71 -0.09 17.10
C VAL A 162 11.26 1.25 16.61
N GLY A 163 10.44 2.26 16.58
CA GLY A 163 10.91 3.61 16.16
C GLY A 163 10.51 3.90 14.71
N GLY A 164 9.94 2.94 14.01
CA GLY A 164 9.36 3.23 12.67
C GLY A 164 7.94 2.68 12.60
N MET A 165 7.76 1.53 12.02
CA MET A 165 6.39 0.91 11.96
C MET A 165 5.89 0.58 13.36
N ASN A 166 6.80 0.26 14.26
CA ASN A 166 6.45 0.02 15.70
C ASN A 166 5.19 -0.83 15.87
N ARG A 167 5.12 -1.96 15.19
CA ARG A 167 3.96 -2.90 15.37
C ARG A 167 2.62 -2.19 15.12
N ARG A 168 2.62 -1.18 14.29
CA ARG A 168 1.34 -0.50 13.92
C ARG A 168 1.09 -0.62 12.42
N PRO A 169 0.17 -1.48 12.03
CA PRO A 169 -0.13 -1.66 10.58
C PRO A 169 -0.59 -0.34 9.95
N ILE A 170 -0.25 -0.11 8.72
CA ILE A 170 -0.57 1.20 8.07
C ILE A 170 -1.21 1.00 6.70
N LEU A 171 -1.58 2.08 6.07
CA LEU A 171 -2.18 2.01 4.70
C LEU A 171 -1.36 2.89 3.77
N ILE A 172 -1.30 2.55 2.51
CA ILE A 172 -0.55 3.41 1.55
C ILE A 172 -1.54 3.99 0.53
N ILE A 173 -1.48 5.28 0.33
CA ILE A 173 -2.45 5.94 -0.59
C ILE A 173 -1.72 6.39 -1.85
N VAL A 174 -2.21 6.01 -3.00
CA VAL A 174 -1.58 6.44 -4.27
C VAL A 174 -2.59 7.26 -5.08
N THR A 175 -2.23 8.44 -5.49
CA THR A 175 -3.20 9.34 -6.18
C THR A 175 -2.66 9.79 -7.53
N LEU A 176 -3.53 10.11 -8.45
CA LEU A 176 -3.10 10.76 -9.71
C LEU A 176 -3.49 12.24 -9.67
N GLU A 177 -2.53 13.11 -9.90
CA GLU A 177 -2.79 14.57 -9.76
C GLU A 177 -2.25 15.31 -10.97
N THR A 178 -2.87 16.40 -11.36
CA THR A 178 -2.39 17.18 -12.52
C THR A 178 -1.37 18.23 -12.07
N ARG A 179 -0.59 18.74 -12.98
CA ARG A 179 0.51 19.68 -12.59
C ARG A 179 -0.03 20.88 -11.80
N ASP A 180 -1.28 21.22 -12.00
CA ASP A 180 -1.82 22.48 -11.37
C ASP A 180 -2.45 22.20 -10.00
N GLY A 181 -2.28 21.01 -9.46
CA GLY A 181 -2.71 20.77 -8.05
C GLY A 181 -4.16 20.28 -8.00
N GLN A 182 -4.68 19.77 -9.09
CA GLN A 182 -6.10 19.29 -9.09
C GLN A 182 -6.13 17.76 -9.08
N VAL A 183 -7.05 17.19 -8.33
CA VAL A 183 -7.04 15.70 -8.13
C VAL A 183 -7.87 15.01 -9.22
N LEU A 184 -7.31 13.98 -9.82
CA LEU A 184 -8.06 13.24 -10.88
C LEU A 184 -8.67 11.96 -10.31
N GLY A 185 -7.96 11.26 -9.46
CA GLY A 185 -8.52 10.01 -8.87
C GLY A 185 -7.63 9.51 -7.72
N ARG A 186 -8.18 8.70 -6.85
CA ARG A 186 -7.38 8.15 -5.72
C ARG A 186 -7.64 6.65 -5.54
N ARG A 187 -6.60 5.89 -5.28
CA ARG A 187 -6.77 4.47 -4.87
C ARG A 187 -5.91 4.17 -3.64
N CYS A 188 -6.22 3.13 -2.91
CA CYS A 188 -5.45 2.84 -1.66
C CYS A 188 -5.31 1.33 -1.45
N PHE A 189 -4.28 0.91 -0.76
CA PHE A 189 -4.14 -0.53 -0.41
C PHE A 189 -3.48 -0.69 0.96
N GLU A 190 -3.61 -1.83 1.58
CA GLU A 190 -3.06 -2.03 2.95
C GLU A 190 -1.78 -2.85 2.90
N ALA A 191 -0.78 -2.46 3.65
CA ALA A 191 0.57 -3.08 3.47
C ALA A 191 1.07 -3.64 4.80
N ARG A 192 1.74 -4.76 4.76
CA ARG A 192 2.41 -5.31 5.98
C ARG A 192 3.79 -5.85 5.60
N ILE A 193 4.77 -5.64 6.44
CA ILE A 193 6.12 -6.21 6.16
C ILE A 193 6.40 -7.36 7.14
N CYS A 194 6.69 -8.52 6.62
CA CYS A 194 6.79 -9.73 7.51
C CYS A 194 7.86 -10.69 6.99
N ALA A 195 8.21 -11.70 7.76
CA ALA A 195 9.27 -12.66 7.33
C ALA A 195 8.76 -13.56 6.21
N CYS A 196 7.53 -14.00 6.31
CA CYS A 196 6.96 -14.88 5.24
C CYS A 196 5.63 -14.32 4.72
N PRO A 197 5.71 -13.42 3.77
CA PRO A 197 4.47 -12.90 3.12
C PRO A 197 3.63 -14.05 2.55
N GLY A 198 4.26 -15.13 2.18
CA GLY A 198 3.51 -16.32 1.68
C GLY A 198 2.68 -16.90 2.82
N ARG A 199 3.22 -16.91 4.00
CA ARG A 199 2.54 -17.60 5.14
C ARG A 199 1.33 -16.78 5.59
N ASP A 200 1.47 -15.48 5.62
CA ASP A 200 0.34 -14.62 6.09
C ASP A 200 -0.79 -14.64 5.07
N ARG A 201 -0.47 -14.64 3.80
CA ARG A 201 -1.54 -14.68 2.76
C ARG A 201 -2.35 -15.98 2.89
N LYS A 202 -1.69 -17.09 3.10
CA LYS A 202 -2.42 -18.38 3.26
C LYS A 202 -3.29 -18.36 4.53
N ALA A 203 -2.79 -17.81 5.60
CA ALA A 203 -3.53 -17.88 6.90
C ALA A 203 -4.89 -17.20 6.78
N ASP A 204 -4.92 -16.00 6.26
CA ASP A 204 -6.23 -15.27 6.13
C ASP A 204 -7.17 -16.05 5.21
N GLU A 205 -6.65 -16.66 4.17
CA GLU A 205 -7.52 -17.48 3.28
C GLU A 205 -8.13 -18.65 4.06
N ASP A 206 -7.37 -19.26 4.93
CA ASP A 206 -7.91 -20.40 5.72
C ASP A 206 -9.05 -19.92 6.63
N SER A 207 -8.96 -18.72 7.13
CA SER A 207 -10.02 -18.20 8.05
C SER A 207 -11.34 -18.02 7.30
N ILE A 208 -11.26 -17.76 6.01
CA ILE A 208 -12.51 -17.57 5.22
C ILE A 208 -13.13 -18.92 4.88
N ARG A 209 -12.33 -19.86 4.47
CA ARG A 209 -12.86 -21.22 4.11
C ARG A 209 -13.58 -21.84 5.32
N LYS A 210 -13.03 -21.67 6.49
CA LYS A 210 -13.70 -22.23 7.72
C LYS A 210 -15.07 -21.58 7.91
N GLN A 211 -15.16 -20.30 7.71
CA GLN A 211 -16.48 -19.60 7.83
C GLN A 211 -17.44 -20.11 6.76
N GLN A 212 -16.94 -20.45 5.60
CA GLN A 212 -17.83 -20.89 4.48
C GLN A 212 -18.16 -22.37 4.62
N VAL A 213 -19.42 -22.70 4.63
CA VAL A 213 -19.85 -24.13 4.73
C VAL A 213 -20.61 -24.53 3.46
N SER A 214 -20.25 -25.63 2.85
CA SER A 214 -20.92 -26.04 1.58
C SER A 214 -22.42 -26.28 1.83
N ASP A 215 -23.25 -25.87 0.91
CA ASP A 215 -24.73 -26.03 1.10
C ASP A 215 -25.13 -27.50 0.97
N SER A 216 -26.08 -27.93 1.75
CA SER A 216 -26.56 -29.34 1.66
C SER A 216 -27.77 -29.43 0.73
N THR A 217 -28.05 -30.61 0.22
CA THR A 217 -29.20 -30.77 -0.71
C THR A 217 -29.94 -32.09 -0.42
N LYS A 218 -29.88 -32.55 0.80
CA LYS A 218 -30.58 -33.81 1.16
C LYS A 218 -31.95 -33.50 1.79
N ASN A 219 -32.49 -32.33 1.54
CA ASN A 219 -33.80 -31.95 2.16
C ASN A 219 -34.96 -32.48 1.31
N GLY A 220 -36.15 -31.99 1.55
CA GLY A 220 -37.33 -32.47 0.78
C GLY A 220 -38.00 -33.61 1.53
N ASP A 221 -38.81 -34.38 0.84
CA ASP A 221 -39.54 -35.50 1.53
C ASP A 221 -38.62 -36.72 1.70
N ALA A 222 -38.42 -37.15 2.91
CA ALA A 222 -37.54 -38.33 3.16
C ALA A 222 -38.14 -39.22 4.25
N PHE A 223 -37.78 -40.47 4.28
CA PHE A 223 -38.36 -41.41 5.27
C PHE A 223 -37.27 -42.02 6.15
N ARG A 224 -37.65 -42.54 7.29
CA ARG A 224 -36.65 -43.17 8.23
C ARG A 224 -35.54 -42.17 8.61
N GLN A 225 -34.50 -42.05 7.80
CA GLN A 225 -33.36 -41.17 8.16
C GLN A 225 -32.82 -41.50 9.55
N ASN A 226 -32.59 -42.75 9.82
CA ASN A 226 -32.08 -43.17 11.18
C ASN A 226 -30.75 -42.46 11.47
N THR A 227 -29.92 -42.30 10.48
CA THR A 227 -28.61 -41.61 10.68
C THR A 227 -28.49 -40.41 9.74
N HIS A 228 -27.65 -39.46 10.06
CA HIS A 228 -27.48 -38.27 9.19
C HIS A 228 -25.99 -38.04 8.89
N GLY A 229 -25.68 -37.56 7.71
CA GLY A 229 -24.26 -37.28 7.35
C GLY A 229 -23.95 -35.79 7.57
N ILE A 230 -24.66 -35.16 8.46
CA ILE A 230 -24.43 -33.70 8.71
C ILE A 230 -23.44 -33.51 9.86
N GLN A 231 -22.49 -32.63 9.69
CA GLN A 231 -21.45 -32.43 10.75
C GLN A 231 -21.88 -31.34 11.74
N MET A 232 -23.14 -30.99 11.77
CA MET A 232 -23.61 -29.92 12.71
C MET A 232 -24.77 -30.44 13.56
N THR A 233 -24.99 -29.84 14.70
CA THR A 233 -26.11 -30.29 15.58
C THR A 233 -27.23 -29.25 15.60
ZN ZN B . 13.13 0.14 11.17
N GLY A 1 10.07 14.61 23.75
CA GLY A 1 10.89 15.75 24.23
C GLY A 1 10.43 16.17 25.62
N SER A 2 11.14 17.09 26.24
CA SER A 2 10.75 17.55 27.61
C SER A 2 9.70 18.67 27.55
N SER A 3 9.17 18.96 26.37
CA SER A 3 8.17 20.06 26.26
C SER A 3 6.84 19.51 25.74
N THR A 4 5.74 20.08 26.17
CA THR A 4 4.40 19.60 25.71
C THR A 4 3.61 20.76 25.07
N PHE A 5 2.90 20.48 24.02
CA PHE A 5 2.09 21.54 23.36
C PHE A 5 0.60 21.21 23.45
N ASP A 6 -0.24 22.22 23.52
CA ASP A 6 -1.70 21.98 23.64
C ASP A 6 -2.30 21.66 22.27
N ALA A 7 -1.75 22.22 21.22
CA ALA A 7 -2.31 22.03 19.85
C ALA A 7 -3.79 22.46 19.79
N LEU A 8 -4.69 21.58 20.16
CA LEU A 8 -6.16 21.91 20.09
C LEU A 8 -6.55 22.34 18.66
N SER A 9 -6.42 23.60 18.33
CA SER A 9 -6.85 24.08 16.98
C SER A 9 -5.74 24.93 16.34
N PRO A 10 -5.81 25.13 15.03
CA PRO A 10 -6.63 24.29 14.12
C PRO A 10 -6.10 22.85 14.09
N SER A 11 -6.96 21.90 13.85
CA SER A 11 -6.53 20.47 13.83
C SER A 11 -5.89 20.14 12.46
N PRO A 12 -4.87 19.30 12.47
CA PRO A 12 -4.20 18.94 11.19
C PRO A 12 -5.17 18.18 10.28
N ALA A 13 -5.03 18.35 8.99
CA ALA A 13 -5.91 17.61 8.03
C ALA A 13 -5.44 16.16 7.93
N ILE A 14 -6.36 15.25 7.69
CA ILE A 14 -5.98 13.80 7.61
C ILE A 14 -6.34 13.25 6.21
N PRO A 15 -5.46 12.44 5.66
CA PRO A 15 -5.72 11.86 4.31
C PRO A 15 -6.93 10.91 4.37
N SER A 16 -7.60 10.73 3.26
CA SER A 16 -8.77 9.80 3.23
C SER A 16 -8.47 8.61 2.33
N ASN A 17 -8.94 7.44 2.70
CA ASN A 17 -8.67 6.21 1.88
C ASN A 17 -9.90 5.84 1.05
N THR A 18 -10.74 6.80 0.75
CA THR A 18 -11.97 6.51 -0.04
C THR A 18 -11.63 6.39 -1.53
N ASP A 19 -11.97 5.30 -2.14
CA ASP A 19 -11.63 5.10 -3.58
C ASP A 19 -12.44 6.06 -4.47
N TYR A 20 -11.83 6.53 -5.53
CA TYR A 20 -12.55 7.46 -6.46
C TYR A 20 -11.95 7.36 -7.88
N PRO A 21 -12.59 6.61 -8.75
CA PRO A 21 -12.02 6.39 -10.10
C PRO A 21 -11.81 7.72 -10.84
N GLY A 22 -12.74 8.64 -10.69
CA GLY A 22 -12.59 9.98 -11.34
C GLY A 22 -12.86 9.85 -12.85
N PRO A 23 -12.30 10.75 -13.62
CA PRO A 23 -12.62 10.79 -15.07
C PRO A 23 -11.93 9.64 -15.81
N HIS A 24 -10.67 9.41 -15.55
CA HIS A 24 -9.90 8.40 -16.34
C HIS A 24 -10.05 6.99 -15.74
N SER A 25 -10.92 6.81 -14.78
CA SER A 25 -11.06 5.48 -14.10
C SER A 25 -9.69 5.02 -13.56
N PHE A 26 -9.11 5.78 -12.67
CA PHE A 26 -7.77 5.41 -12.12
C PHE A 26 -7.92 4.30 -11.07
N ASP A 27 -7.31 3.17 -11.32
CA ASP A 27 -7.42 2.01 -10.38
C ASP A 27 -6.03 1.47 -10.05
N VAL A 28 -5.92 0.75 -8.97
CA VAL A 28 -4.61 0.13 -8.60
C VAL A 28 -4.78 -1.37 -8.40
N SER A 29 -3.78 -2.14 -8.75
CA SER A 29 -3.85 -3.61 -8.54
C SER A 29 -2.44 -4.20 -8.44
N PHE A 30 -2.34 -5.37 -7.88
CA PHE A 30 -0.99 -5.98 -7.66
C PHE A 30 -0.96 -7.39 -8.27
N GLN A 31 0.00 -7.65 -9.13
CA GLN A 31 0.02 -8.95 -9.86
C GLN A 31 0.09 -10.11 -8.85
N GLN A 32 -0.66 -11.16 -9.07
CA GLN A 32 -0.70 -12.29 -8.10
C GLN A 32 -0.24 -13.58 -8.77
N SER A 33 0.23 -14.52 -7.98
CA SER A 33 0.70 -15.82 -8.55
C SER A 33 0.48 -16.94 -7.52
N SER A 34 0.68 -18.17 -7.92
CA SER A 34 0.51 -19.31 -6.96
C SER A 34 1.47 -19.16 -5.78
N THR A 35 1.15 -19.76 -4.66
CA THR A 35 2.01 -19.60 -3.44
C THR A 35 3.43 -20.08 -3.73
N ALA A 36 4.33 -19.17 -4.02
CA ALA A 36 5.74 -19.57 -4.31
C ALA A 36 6.57 -19.58 -3.03
N LYS A 37 7.55 -20.44 -2.96
CA LYS A 37 8.43 -20.48 -1.75
C LYS A 37 9.28 -19.22 -1.68
N SER A 38 9.36 -18.61 -0.53
CA SER A 38 10.14 -17.32 -0.37
C SER A 38 9.69 -16.29 -1.43
N ALA A 39 8.55 -15.70 -1.24
CA ALA A 39 8.06 -14.67 -2.19
C ALA A 39 8.47 -13.27 -1.72
N THR A 40 9.01 -12.47 -2.61
CA THR A 40 9.36 -11.07 -2.24
C THR A 40 8.11 -10.31 -1.81
N TRP A 41 6.99 -10.64 -2.39
CA TRP A 41 5.70 -9.99 -2.01
C TRP A 41 4.53 -10.71 -2.68
N THR A 42 3.43 -10.82 -1.97
CA THR A 42 2.26 -11.58 -2.50
C THR A 42 0.96 -10.88 -2.10
N TYR A 43 -0.02 -10.87 -2.98
CA TYR A 43 -1.25 -10.06 -2.72
C TYR A 43 -2.50 -10.94 -2.80
N SER A 44 -3.43 -10.72 -1.92
CA SER A 44 -4.72 -11.49 -1.99
C SER A 44 -5.86 -10.56 -2.40
N THR A 45 -6.56 -10.91 -3.45
CA THR A 45 -7.65 -10.02 -3.96
C THR A 45 -8.83 -10.01 -3.00
N GLU A 46 -9.13 -11.15 -2.41
CA GLU A 46 -10.31 -11.23 -1.49
C GLU A 46 -10.17 -10.24 -0.33
N LEU A 47 -8.97 -10.03 0.12
CA LEU A 47 -8.76 -9.16 1.31
C LEU A 47 -8.21 -7.78 0.89
N LYS A 48 -7.76 -7.65 -0.34
CA LYS A 48 -7.24 -6.32 -0.82
C LYS A 48 -6.05 -5.89 0.03
N LYS A 49 -5.08 -6.76 0.18
CA LYS A 49 -3.93 -6.46 1.09
C LYS A 49 -2.64 -7.06 0.54
N LEU A 50 -1.51 -6.47 0.87
CA LEU A 50 -0.21 -6.93 0.30
C LEU A 50 0.78 -7.23 1.42
N TYR A 51 1.51 -8.31 1.31
CA TYR A 51 2.58 -8.61 2.30
C TYR A 51 3.94 -8.58 1.61
N CYS A 52 4.91 -7.95 2.19
CA CYS A 52 6.24 -7.81 1.51
C CYS A 52 7.38 -8.01 2.50
N GLN A 53 8.55 -8.35 2.00
CA GLN A 53 9.76 -8.43 2.89
C GLN A 53 10.66 -7.21 2.65
N ILE A 54 11.27 -6.73 3.70
CA ILE A 54 12.10 -5.48 3.60
C ILE A 54 13.12 -5.57 2.46
N ALA A 55 13.40 -4.45 1.83
CA ALA A 55 14.44 -4.39 0.74
C ALA A 55 14.04 -5.22 -0.50
N LYS A 56 12.83 -5.70 -0.57
CA LYS A 56 12.37 -6.40 -1.81
C LYS A 56 11.59 -5.45 -2.72
N THR A 57 11.57 -5.72 -4.00
CA THR A 57 10.88 -4.81 -4.96
C THR A 57 9.41 -5.18 -5.11
N CYS A 58 8.53 -4.23 -4.91
CA CYS A 58 7.07 -4.49 -5.11
C CYS A 58 6.55 -3.68 -6.31
N PRO A 59 6.61 -4.25 -7.49
CA PRO A 59 5.98 -3.61 -8.67
C PRO A 59 4.47 -3.45 -8.46
N ILE A 60 3.96 -2.26 -8.68
CA ILE A 60 2.49 -2.04 -8.59
C ILE A 60 1.97 -1.44 -9.90
N GLN A 61 0.81 -1.85 -10.35
CA GLN A 61 0.31 -1.37 -11.68
C GLN A 61 -0.87 -0.39 -11.50
N ILE A 62 -0.86 0.69 -12.23
CA ILE A 62 -2.07 1.56 -12.30
C ILE A 62 -2.90 1.19 -13.53
N LYS A 63 -4.19 1.04 -13.39
CA LYS A 63 -5.05 0.76 -14.57
C LYS A 63 -6.00 1.93 -14.83
N VAL A 64 -6.05 2.41 -16.04
CA VAL A 64 -7.03 3.49 -16.41
C VAL A 64 -7.66 3.18 -17.76
N MET A 65 -8.80 3.76 -18.05
CA MET A 65 -9.47 3.53 -19.36
C MET A 65 -8.77 4.32 -20.46
N THR A 66 -8.40 5.54 -20.17
CA THR A 66 -7.69 6.37 -21.17
C THR A 66 -6.49 7.07 -20.51
N PRO A 67 -5.40 7.20 -21.23
CA PRO A 67 -4.14 7.70 -20.60
C PRO A 67 -4.37 9.06 -19.91
N PRO A 68 -3.78 9.24 -18.74
CA PRO A 68 -3.90 10.54 -18.03
C PRO A 68 -3.16 11.65 -18.81
N PRO A 69 -3.36 12.89 -18.40
CA PRO A 69 -2.72 14.01 -19.11
C PRO A 69 -1.19 13.89 -19.05
N GLN A 70 -0.51 14.49 -20.00
CA GLN A 70 0.99 14.51 -19.95
C GLN A 70 1.46 15.55 -18.94
N GLY A 71 2.49 15.25 -18.19
CA GLY A 71 2.94 16.18 -17.11
C GLY A 71 2.37 15.70 -15.76
N ALA A 72 1.28 14.97 -15.79
CA ALA A 72 0.70 14.42 -14.52
C ALA A 72 1.76 13.70 -13.68
N VAL A 73 1.59 13.70 -12.39
CA VAL A 73 2.53 12.95 -11.50
C VAL A 73 1.74 12.06 -10.54
N ILE A 74 2.35 11.01 -10.06
CA ILE A 74 1.66 10.13 -9.07
C ILE A 74 2.28 10.31 -7.69
N ARG A 75 1.46 10.29 -6.67
CA ARG A 75 1.97 10.53 -5.29
C ARG A 75 1.79 9.25 -4.46
N ALA A 76 2.69 8.96 -3.56
CA ALA A 76 2.46 7.81 -2.63
C ALA A 76 2.94 8.17 -1.21
N MET A 77 2.08 8.01 -0.24
CA MET A 77 2.44 8.41 1.15
C MET A 77 1.97 7.35 2.17
N PRO A 78 2.78 7.08 3.18
CA PRO A 78 2.40 6.12 4.23
C PRO A 78 1.71 6.84 5.40
N VAL A 79 0.66 6.27 5.93
CA VAL A 79 0.02 6.84 7.15
C VAL A 79 -0.58 5.72 8.01
N TYR A 80 -0.72 5.94 9.29
CA TYR A 80 -1.28 4.87 10.18
C TYR A 80 -2.71 4.53 9.75
N LYS A 81 -3.23 3.42 10.24
CA LYS A 81 -4.55 2.94 9.77
C LYS A 81 -5.69 3.64 10.53
N LYS A 82 -5.74 3.49 11.83
CA LYS A 82 -6.87 4.06 12.62
C LYS A 82 -6.65 5.55 12.85
N ALA A 83 -7.72 6.30 13.02
CA ALA A 83 -7.59 7.78 13.14
C ALA A 83 -6.67 8.15 14.31
N GLU A 84 -6.74 7.42 15.39
CA GLU A 84 -5.92 7.76 16.59
C GLU A 84 -4.43 7.80 16.24
N HIS A 85 -4.03 7.11 15.21
CA HIS A 85 -2.59 7.09 14.83
C HIS A 85 -2.36 7.85 13.52
N VAL A 86 -3.38 8.04 12.71
CA VAL A 86 -3.16 8.70 11.38
C VAL A 86 -2.77 10.18 11.57
N THR A 87 -3.07 10.74 12.71
CA THR A 87 -2.61 12.14 12.99
C THR A 87 -1.12 12.15 13.41
N GLU A 88 -0.59 11.02 13.80
CA GLU A 88 0.87 10.93 14.09
C GLU A 88 1.64 10.59 12.80
N VAL A 89 2.72 11.26 12.55
CA VAL A 89 3.54 10.97 11.33
C VAL A 89 4.30 9.64 11.52
N VAL A 90 4.48 8.91 10.46
CA VAL A 90 5.36 7.69 10.52
C VAL A 90 6.82 8.11 10.31
N LYS A 91 7.74 7.54 11.04
CA LYS A 91 9.11 8.11 11.10
C LYS A 91 10.17 7.01 10.96
N ARG A 92 11.41 7.35 11.19
CA ARG A 92 12.52 6.35 11.09
C ARG A 92 12.82 5.76 12.47
N CYS A 93 13.32 4.55 12.52
CA CYS A 93 13.77 3.97 13.82
C CYS A 93 15.09 4.64 14.24
N PRO A 94 15.35 4.70 15.53
CA PRO A 94 16.64 5.28 15.98
C PRO A 94 17.81 4.45 15.44
N ASN A 95 17.73 3.15 15.58
CA ASN A 95 18.85 2.27 15.10
C ASN A 95 19.00 2.34 13.58
N HIS A 96 17.91 2.29 12.85
CA HIS A 96 18.00 2.24 11.36
C HIS A 96 18.19 3.64 10.76
N GLU A 97 17.71 4.66 11.43
CA GLU A 97 17.96 6.05 10.96
C GLU A 97 19.44 6.42 11.15
N LEU A 98 20.04 5.98 12.23
CA LEU A 98 21.47 6.33 12.50
C LEU A 98 22.37 5.87 11.34
N SER A 99 22.05 4.74 10.75
CA SER A 99 22.86 4.23 9.59
C SER A 99 23.10 5.32 8.55
N ARG A 100 24.28 5.36 7.98
CA ARG A 100 24.61 6.43 6.98
C ARG A 100 23.66 6.35 5.79
N GLU A 101 23.25 7.48 5.28
CA GLU A 101 22.31 7.49 4.11
C GLU A 101 22.97 6.85 2.89
N PHE A 102 24.26 7.08 2.71
CA PHE A 102 24.99 6.50 1.54
C PHE A 102 24.26 6.78 0.23
N ASN A 103 23.92 8.03 -0.02
CA ASN A 103 23.18 8.37 -1.26
C ASN A 103 24.09 8.32 -2.49
N GLU A 104 25.38 8.18 -2.29
CA GLU A 104 26.31 8.04 -3.46
C GLU A 104 25.95 6.82 -4.30
N GLY A 105 25.59 7.01 -5.53
CA GLY A 105 25.27 5.85 -6.42
C GLY A 105 23.86 5.31 -6.11
N GLN A 106 23.03 6.11 -5.49
CA GLN A 106 21.65 5.62 -5.17
C GLN A 106 20.64 6.75 -5.40
N ILE A 107 19.50 6.42 -5.95
CA ILE A 107 18.45 7.45 -6.23
C ILE A 107 17.60 7.71 -4.98
N ALA A 108 17.50 6.75 -4.10
CA ALA A 108 16.57 6.87 -2.94
C ALA A 108 17.33 6.68 -1.62
N PRO A 109 17.67 7.77 -0.97
CA PRO A 109 18.41 7.68 0.32
C PRO A 109 17.54 7.02 1.40
N PRO A 110 18.17 6.33 2.32
CA PRO A 110 17.40 5.63 3.39
C PRO A 110 16.53 6.61 4.19
N SER A 111 16.82 7.88 4.14
CA SER A 111 16.05 8.88 4.94
C SER A 111 14.53 8.72 4.70
N HIS A 112 14.15 8.22 3.55
CA HIS A 112 12.70 8.07 3.25
C HIS A 112 12.26 6.61 3.43
N LEU A 113 11.21 6.39 4.16
CA LEU A 113 10.70 4.99 4.37
C LEU A 113 10.32 4.37 3.02
N ILE A 114 9.72 5.14 2.15
CA ILE A 114 9.32 4.60 0.81
C ILE A 114 10.27 5.12 -0.26
N ARG A 115 10.68 4.26 -1.16
CA ARG A 115 11.63 4.68 -2.24
C ARG A 115 11.13 4.19 -3.60
N VAL A 116 11.58 4.82 -4.66
CA VAL A 116 11.22 4.34 -6.03
C VAL A 116 12.40 3.59 -6.65
N GLU A 117 12.13 2.60 -7.45
CA GLU A 117 13.21 1.92 -8.22
C GLU A 117 12.97 2.09 -9.72
N GLY A 118 13.94 2.64 -10.42
CA GLY A 118 13.89 2.59 -11.91
C GLY A 118 13.29 3.89 -12.47
N ASN A 119 13.37 4.96 -11.74
CA ASN A 119 12.92 6.28 -12.28
C ASN A 119 13.90 7.38 -11.89
N SER A 120 14.68 7.85 -12.83
CA SER A 120 15.71 8.88 -12.51
C SER A 120 15.06 10.18 -12.01
N HIS A 121 13.78 10.35 -12.21
CA HIS A 121 13.12 11.62 -11.78
C HIS A 121 12.38 11.44 -10.44
N ALA A 122 12.57 10.34 -9.75
CA ALA A 122 11.94 10.18 -8.40
C ALA A 122 12.46 11.26 -7.45
N GLN A 123 11.57 11.96 -6.80
CA GLN A 123 11.99 13.00 -5.83
C GLN A 123 11.06 12.97 -4.61
N TYR A 124 11.51 13.48 -3.49
CA TYR A 124 10.69 13.41 -2.25
C TYR A 124 10.27 14.80 -1.80
N VAL A 125 9.14 14.91 -1.15
CA VAL A 125 8.68 16.22 -0.62
C VAL A 125 8.27 16.09 0.85
N GLU A 126 8.24 17.19 1.57
CA GLU A 126 7.79 17.15 2.98
C GLU A 126 6.55 18.03 3.17
N ASP A 127 5.52 17.51 3.78
CA ASP A 127 4.29 18.32 4.03
C ASP A 127 4.62 19.48 4.98
N PRO A 128 4.22 20.68 4.62
CA PRO A 128 4.68 21.87 5.38
C PRO A 128 4.13 21.87 6.81
N ILE A 129 2.98 21.26 7.01
CA ILE A 129 2.27 21.45 8.31
C ILE A 129 2.47 20.24 9.24
N THR A 130 2.23 19.05 8.75
CA THR A 130 2.32 17.85 9.64
C THR A 130 3.58 17.03 9.40
N GLY A 131 4.54 17.56 8.67
CA GLY A 131 5.86 16.88 8.53
C GLY A 131 5.77 15.62 7.64
N ARG A 132 4.58 15.23 7.21
CA ARG A 132 4.42 13.95 6.44
C ARG A 132 5.47 13.78 5.34
N GLN A 133 5.95 12.58 5.14
CA GLN A 133 6.92 12.33 4.03
C GLN A 133 6.21 11.64 2.86
N SER A 134 6.58 11.97 1.64
CA SER A 134 5.98 11.30 0.46
C SER A 134 6.94 11.35 -0.73
N VAL A 135 6.75 10.49 -1.69
CA VAL A 135 7.63 10.49 -2.89
C VAL A 135 6.78 10.65 -4.16
N LEU A 136 7.31 11.28 -5.17
CA LEU A 136 6.50 11.58 -6.39
C LEU A 136 7.25 11.12 -7.63
N VAL A 137 6.54 10.82 -8.69
CA VAL A 137 7.21 10.46 -9.97
C VAL A 137 6.30 10.86 -11.16
N PRO A 138 6.91 11.14 -12.29
CA PRO A 138 6.10 11.47 -13.50
C PRO A 138 5.42 10.21 -14.02
N TYR A 139 4.19 10.31 -14.45
CA TYR A 139 3.51 9.13 -15.07
C TYR A 139 4.03 8.91 -16.49
N GLU A 140 4.47 7.71 -16.78
CA GLU A 140 4.91 7.39 -18.17
C GLU A 140 3.79 6.63 -18.91
N PRO A 141 3.85 6.63 -20.23
CA PRO A 141 2.82 5.91 -21.02
C PRO A 141 2.80 4.42 -20.65
N PRO A 142 1.71 3.75 -20.91
CA PRO A 142 1.59 2.32 -20.53
C PRO A 142 2.68 1.49 -21.20
N GLN A 143 3.10 0.42 -20.56
CA GLN A 143 4.19 -0.42 -21.14
C GLN A 143 3.74 -1.01 -22.48
N VAL A 144 4.66 -1.20 -23.39
CA VAL A 144 4.27 -1.57 -24.79
C VAL A 144 3.72 -3.00 -24.83
N GLY A 145 2.55 -3.16 -25.38
CA GLY A 145 1.94 -4.52 -25.48
C GLY A 145 0.84 -4.69 -24.41
N THR A 146 0.72 -3.77 -23.49
CA THR A 146 -0.39 -3.85 -22.49
C THR A 146 -0.89 -2.44 -22.13
N GLU A 147 -1.94 -2.36 -21.37
CA GLU A 147 -2.66 -1.06 -21.21
C GLU A 147 -2.44 -0.45 -19.82
N PHE A 148 -1.48 -0.94 -19.06
CA PHE A 148 -1.30 -0.43 -17.66
C PHE A 148 0.10 0.16 -17.48
N THR A 149 0.30 0.85 -16.38
CA THR A 149 1.63 1.49 -16.11
C THR A 149 2.24 0.89 -14.83
N THR A 150 3.54 0.77 -14.79
CA THR A 150 4.19 0.08 -13.63
C THR A 150 5.09 1.05 -12.86
N VAL A 151 5.00 1.03 -11.56
CA VAL A 151 5.94 1.81 -10.70
C VAL A 151 6.50 0.89 -9.61
N LEU A 152 7.78 0.99 -9.35
CA LEU A 152 8.44 -0.01 -8.46
C LEU A 152 8.70 0.62 -7.08
N TYR A 153 8.14 0.05 -6.05
CA TYR A 153 8.31 0.64 -4.69
C TYR A 153 9.27 -0.20 -3.85
N ASN A 154 9.95 0.42 -2.91
CA ASN A 154 10.88 -0.34 -2.02
C ASN A 154 10.69 0.15 -0.58
N PHE A 155 10.78 -0.74 0.38
CA PHE A 155 10.61 -0.34 1.80
C PHE A 155 11.92 -0.51 2.57
N MET A 156 12.34 0.49 3.31
CA MET A 156 13.65 0.41 4.01
C MET A 156 13.49 0.13 5.51
N CYS A 157 12.31 -0.19 5.97
CA CYS A 157 12.15 -0.67 7.37
C CYS A 157 11.05 -1.74 7.43
N ASN A 158 11.06 -2.53 8.47
CA ASN A 158 10.05 -3.64 8.58
C ASN A 158 9.15 -3.42 9.79
N SER A 159 8.02 -4.09 9.81
CA SER A 159 6.92 -3.69 10.74
C SER A 159 7.39 -3.72 12.20
N SER A 160 8.29 -4.61 12.52
CA SER A 160 8.53 -4.93 13.96
C SER A 160 9.77 -4.21 14.50
N CYS A 161 10.31 -3.24 13.79
CA CYS A 161 11.50 -2.51 14.33
C CYS A 161 11.05 -1.23 15.05
N VAL A 162 11.33 -1.16 16.33
CA VAL A 162 10.71 -0.10 17.19
C VAL A 162 11.18 1.29 16.73
N GLY A 163 10.27 2.24 16.71
CA GLY A 163 10.66 3.64 16.37
C GLY A 163 10.29 3.94 14.90
N GLY A 164 9.83 2.98 14.16
CA GLY A 164 9.26 3.27 12.81
C GLY A 164 7.84 2.73 12.72
N MET A 165 7.68 1.58 12.11
CA MET A 165 6.33 0.95 12.05
C MET A 165 5.85 0.58 13.45
N ASN A 166 6.77 0.24 14.33
CA ASN A 166 6.43 -0.05 15.76
C ASN A 166 5.17 -0.92 15.92
N ARG A 167 5.11 -2.02 15.22
CA ARG A 167 3.96 -2.97 15.38
C ARG A 167 2.62 -2.26 15.16
N ARG A 168 2.61 -1.21 14.38
CA ARG A 168 1.33 -0.53 14.05
C ARG A 168 1.08 -0.60 12.53
N PRO A 169 0.14 -1.43 12.11
CA PRO A 169 -0.14 -1.57 10.65
C PRO A 169 -0.57 -0.22 10.06
N ILE A 170 -0.22 0.04 8.83
CA ILE A 170 -0.54 1.35 8.20
C ILE A 170 -1.18 1.16 6.82
N LEU A 171 -1.54 2.25 6.19
CA LEU A 171 -2.13 2.19 4.83
C LEU A 171 -1.30 3.06 3.90
N ILE A 172 -1.25 2.72 2.64
CA ILE A 172 -0.49 3.55 1.66
C ILE A 172 -1.46 4.13 0.64
N ILE A 173 -1.40 5.41 0.41
CA ILE A 173 -2.36 6.06 -0.51
C ILE A 173 -1.65 6.48 -1.79
N VAL A 174 -2.15 6.06 -2.92
CA VAL A 174 -1.52 6.45 -4.22
C VAL A 174 -2.54 7.24 -5.04
N THR A 175 -2.17 8.41 -5.49
CA THR A 175 -3.15 9.28 -6.22
C THR A 175 -2.61 9.68 -7.59
N LEU A 176 -3.47 9.97 -8.52
CA LEU A 176 -3.03 10.60 -9.80
C LEU A 176 -3.40 12.09 -9.81
N GLU A 177 -2.44 12.94 -10.07
CA GLU A 177 -2.67 14.40 -9.93
C GLU A 177 -2.15 15.13 -11.16
N THR A 178 -2.76 16.24 -11.51
CA THR A 178 -2.28 17.03 -12.68
C THR A 178 -1.24 18.06 -12.22
N ARG A 179 -0.45 18.56 -13.14
CA ARG A 179 0.65 19.50 -12.76
C ARG A 179 0.11 20.71 -11.99
N ASP A 180 -1.15 21.06 -12.19
CA ASP A 180 -1.68 22.31 -11.59
C ASP A 180 -2.28 22.06 -10.19
N GLY A 181 -2.09 20.89 -9.63
CA GLY A 181 -2.48 20.67 -8.20
C GLY A 181 -3.93 20.17 -8.11
N GLN A 182 -4.46 19.63 -9.19
CA GLN A 182 -5.88 19.15 -9.16
C GLN A 182 -5.91 17.63 -9.19
N VAL A 183 -6.79 17.02 -8.44
CA VAL A 183 -6.78 15.53 -8.28
C VAL A 183 -7.68 14.89 -9.33
N LEU A 184 -7.20 13.87 -9.99
CA LEU A 184 -8.04 13.16 -11.01
C LEU A 184 -8.62 11.87 -10.41
N GLY A 185 -7.84 11.15 -9.64
CA GLY A 185 -8.35 9.85 -9.09
C GLY A 185 -7.56 9.46 -7.84
N ARG A 186 -8.15 8.67 -6.98
CA ARG A 186 -7.44 8.22 -5.74
C ARG A 186 -7.67 6.71 -5.53
N ARG A 187 -6.64 5.99 -5.18
CA ARG A 187 -6.83 4.58 -4.73
C ARG A 187 -5.87 4.27 -3.56
N CYS A 188 -6.19 3.29 -2.76
CA CYS A 188 -5.36 3.00 -1.55
C CYS A 188 -5.26 1.50 -1.30
N PHE A 189 -4.23 1.07 -0.61
CA PHE A 189 -4.10 -0.37 -0.27
C PHE A 189 -3.46 -0.54 1.11
N GLU A 190 -3.59 -1.69 1.71
CA GLU A 190 -3.04 -1.90 3.09
C GLU A 190 -1.76 -2.74 3.02
N ALA A 191 -0.75 -2.35 3.76
CA ALA A 191 0.60 -2.96 3.57
C ALA A 191 1.09 -3.59 4.87
N ARG A 192 1.79 -4.70 4.77
CA ARG A 192 2.43 -5.30 5.96
C ARG A 192 3.83 -5.81 5.59
N ILE A 193 4.80 -5.62 6.45
CA ILE A 193 6.16 -6.18 6.17
C ILE A 193 6.45 -7.34 7.11
N CYS A 194 6.74 -8.49 6.57
CA CYS A 194 6.87 -9.72 7.41
C CYS A 194 7.96 -10.64 6.87
N ALA A 195 8.30 -11.67 7.61
CA ALA A 195 9.39 -12.60 7.16
C ALA A 195 8.89 -13.49 6.01
N CYS A 196 7.67 -13.95 6.09
CA CYS A 196 7.11 -14.81 5.00
C CYS A 196 5.78 -14.25 4.50
N PRO A 197 5.84 -13.32 3.57
CA PRO A 197 4.60 -12.80 2.94
C PRO A 197 3.77 -13.94 2.34
N GLY A 198 4.42 -15.01 1.94
CA GLY A 198 3.68 -16.18 1.40
C GLY A 198 2.86 -16.82 2.52
N ARG A 199 3.41 -16.86 3.70
CA ARG A 199 2.75 -17.60 4.82
C ARG A 199 1.53 -16.81 5.31
N ASP A 200 1.66 -15.52 5.39
CA ASP A 200 0.53 -14.68 5.89
C ASP A 200 -0.62 -14.68 4.88
N ARG A 201 -0.31 -14.61 3.60
CA ARG A 201 -1.38 -14.63 2.57
C ARG A 201 -2.18 -15.95 2.65
N LYS A 202 -1.48 -17.05 2.78
CA LYS A 202 -2.19 -18.37 2.85
C LYS A 202 -3.06 -18.44 4.12
N ALA A 203 -2.57 -17.94 5.22
CA ALA A 203 -3.31 -18.09 6.52
C ALA A 203 -4.67 -17.42 6.43
N ASP A 204 -4.72 -16.18 6.01
CA ASP A 204 -6.02 -15.46 5.94
C ASP A 204 -6.98 -16.17 4.99
N GLU A 205 -6.46 -16.68 3.90
CA GLU A 205 -7.34 -17.42 2.93
C GLU A 205 -7.92 -18.67 3.60
N ASP A 206 -7.15 -19.34 4.40
CA ASP A 206 -7.67 -20.55 5.12
C ASP A 206 -8.81 -20.13 6.05
N SER A 207 -8.71 -18.97 6.65
CA SER A 207 -9.78 -18.49 7.56
C SER A 207 -11.09 -18.32 6.79
N ILE A 208 -11.02 -17.94 5.54
CA ILE A 208 -12.26 -17.70 4.75
C ILE A 208 -12.87 -19.03 4.31
N ARG A 209 -12.05 -19.94 3.85
CA ARG A 209 -12.56 -21.28 3.42
C ARG A 209 -13.26 -21.98 4.59
N LYS A 210 -12.71 -21.88 5.77
CA LYS A 210 -13.37 -22.50 6.97
C LYS A 210 -14.74 -21.85 7.20
N GLN A 211 -14.82 -20.56 7.06
CA GLN A 211 -16.14 -19.86 7.22
C GLN A 211 -17.13 -20.38 6.17
N GLN A 212 -16.65 -20.71 5.00
CA GLN A 212 -17.57 -21.17 3.91
C GLN A 212 -17.83 -22.67 4.03
N VAL A 213 -19.07 -23.06 4.10
CA VAL A 213 -19.41 -24.50 4.19
C VAL A 213 -20.24 -24.92 2.97
N SER A 214 -19.86 -25.99 2.31
CA SER A 214 -20.61 -26.45 1.10
C SER A 214 -21.64 -27.52 1.50
N ASP A 215 -22.81 -27.47 0.92
CA ASP A 215 -23.87 -28.47 1.25
C ASP A 215 -24.04 -29.46 0.10
N SER A 216 -24.42 -30.68 0.41
CA SER A 216 -24.63 -31.70 -0.65
C SER A 216 -26.10 -31.73 -1.07
N THR A 217 -26.37 -31.98 -2.33
CA THR A 217 -27.78 -32.01 -2.82
C THR A 217 -28.30 -33.44 -2.87
N LYS A 218 -29.49 -33.67 -2.38
CA LYS A 218 -30.06 -35.05 -2.39
C LYS A 218 -31.04 -35.21 -3.55
N ASN A 219 -31.12 -36.38 -4.12
CA ASN A 219 -32.07 -36.63 -5.25
C ASN A 219 -33.51 -36.36 -4.78
N GLY A 220 -33.80 -36.64 -3.53
CA GLY A 220 -35.16 -36.39 -3.00
C GLY A 220 -35.07 -35.88 -1.57
N ASP A 221 -36.19 -35.61 -0.94
CA ASP A 221 -36.18 -35.10 0.46
C ASP A 221 -37.39 -35.63 1.24
N ALA A 222 -37.31 -35.61 2.54
CA ALA A 222 -38.45 -36.11 3.37
C ALA A 222 -38.55 -35.32 4.68
N PHE A 223 -39.71 -35.28 5.27
CA PHE A 223 -39.89 -34.52 6.55
C PHE A 223 -38.95 -35.09 7.63
N ARG A 224 -38.78 -36.39 7.66
CA ARG A 224 -37.90 -37.03 8.69
C ARG A 224 -38.30 -36.60 10.11
N GLN A 225 -39.05 -37.43 10.80
CA GLN A 225 -39.49 -37.08 12.19
C GLN A 225 -38.26 -36.88 13.09
N ASN A 226 -37.21 -37.61 12.84
CA ASN A 226 -35.99 -37.50 13.69
C ASN A 226 -35.06 -36.42 13.12
N THR A 227 -34.65 -35.49 13.95
CA THR A 227 -33.75 -34.39 13.47
C THR A 227 -32.41 -34.44 14.22
N HIS A 228 -31.33 -34.17 13.54
CA HIS A 228 -29.99 -34.21 14.19
C HIS A 228 -29.35 -32.82 14.17
N GLY A 229 -28.63 -32.48 15.21
CA GLY A 229 -27.98 -31.13 15.28
C GLY A 229 -27.02 -30.95 14.09
N ILE A 230 -26.45 -32.03 13.62
CA ILE A 230 -25.51 -31.93 12.47
C ILE A 230 -26.25 -32.19 11.15
N GLN A 231 -25.82 -31.55 10.09
CA GLN A 231 -26.50 -31.74 8.77
C GLN A 231 -25.97 -32.99 8.07
N MET A 232 -24.71 -33.28 8.24
CA MET A 232 -24.11 -34.49 7.59
C MET A 232 -23.56 -35.44 8.65
N THR A 233 -23.51 -36.71 8.34
CA THR A 233 -22.98 -37.71 9.32
C THR A 233 -22.04 -38.69 8.61
ZN ZN B . 13.18 0.35 11.21
N GLY A 1 16.65 21.74 21.73
CA GLY A 1 15.78 20.60 21.30
C GLY A 1 14.36 20.81 21.84
N SER A 2 13.49 21.35 21.04
CA SER A 2 12.08 21.58 21.49
C SER A 2 11.14 21.64 20.29
N SER A 3 9.91 21.22 20.46
CA SER A 3 8.93 21.25 19.34
C SER A 3 7.73 22.12 19.71
N THR A 4 7.20 22.85 18.76
CA THR A 4 6.03 23.73 19.04
C THR A 4 4.86 23.34 18.13
N PHE A 5 3.66 23.37 18.67
CA PHE A 5 2.46 23.00 17.85
C PHE A 5 1.49 24.18 17.79
N ASP A 6 0.72 24.26 16.74
CA ASP A 6 -0.25 25.39 16.59
C ASP A 6 -1.50 25.12 17.44
N ALA A 7 -1.85 23.87 17.61
CA ALA A 7 -3.06 23.50 18.42
C ALA A 7 -4.29 24.29 17.96
N LEU A 8 -5.34 24.30 18.76
CA LEU A 8 -6.59 25.05 18.38
C LEU A 8 -7.07 24.65 16.99
N SER A 9 -7.97 25.42 16.42
CA SER A 9 -8.48 25.10 15.06
C SER A 9 -7.97 26.13 14.03
N PRO A 10 -8.24 25.92 12.76
CA PRO A 10 -8.74 24.61 12.23
C PRO A 10 -7.68 23.52 12.41
N SER A 11 -8.10 22.29 12.53
CA SER A 11 -7.14 21.17 12.73
C SER A 11 -6.55 20.73 11.38
N PRO A 12 -5.38 20.13 11.40
CA PRO A 12 -4.71 19.71 10.15
C PRO A 12 -5.60 18.73 9.36
N ALA A 13 -5.56 18.82 8.06
CA ALA A 13 -6.40 17.89 7.22
C ALA A 13 -5.76 16.50 7.19
N ILE A 14 -6.57 15.47 7.06
CA ILE A 14 -6.02 14.08 7.03
C ILE A 14 -6.39 13.40 5.71
N PRO A 15 -5.46 12.65 5.15
CA PRO A 15 -5.74 11.97 3.85
C PRO A 15 -6.90 10.99 4.01
N SER A 16 -7.64 10.76 2.96
CA SER A 16 -8.79 9.81 3.03
C SER A 16 -8.54 8.60 2.13
N ASN A 17 -8.96 7.44 2.55
CA ASN A 17 -8.74 6.21 1.74
C ASN A 17 -9.97 5.88 0.89
N THR A 18 -10.79 6.87 0.60
CA THR A 18 -12.02 6.62 -0.20
C THR A 18 -11.66 6.49 -1.69
N ASP A 19 -12.06 5.40 -2.30
CA ASP A 19 -11.71 5.17 -3.74
C ASP A 19 -12.51 6.12 -4.64
N TYR A 20 -11.90 6.57 -5.71
CA TYR A 20 -12.62 7.48 -6.65
C TYR A 20 -11.96 7.42 -8.04
N PRO A 21 -12.56 6.68 -8.96
CA PRO A 21 -11.93 6.50 -10.30
C PRO A 21 -11.73 7.84 -10.99
N GLY A 22 -12.70 8.72 -10.88
CA GLY A 22 -12.56 10.08 -11.50
C GLY A 22 -12.83 9.98 -13.01
N PRO A 23 -12.28 10.92 -13.75
CA PRO A 23 -12.56 10.97 -15.22
C PRO A 23 -11.82 9.85 -15.95
N HIS A 24 -10.57 9.64 -15.64
CA HIS A 24 -9.75 8.65 -16.39
C HIS A 24 -9.90 7.23 -15.81
N SER A 25 -10.76 7.05 -14.82
CA SER A 25 -10.89 5.71 -14.16
C SER A 25 -9.54 5.20 -13.68
N PHE A 26 -8.92 5.92 -12.78
CA PHE A 26 -7.57 5.50 -12.27
C PHE A 26 -7.73 4.36 -11.24
N ASP A 27 -7.14 3.24 -11.52
CA ASP A 27 -7.28 2.07 -10.61
C ASP A 27 -5.91 1.48 -10.28
N VAL A 28 -5.83 0.73 -9.22
CA VAL A 28 -4.53 0.09 -8.84
C VAL A 28 -4.73 -1.41 -8.67
N SER A 29 -3.74 -2.19 -9.00
CA SER A 29 -3.84 -3.67 -8.79
C SER A 29 -2.43 -4.26 -8.66
N PHE A 30 -2.35 -5.46 -8.14
CA PHE A 30 -1.01 -6.08 -7.89
C PHE A 30 -0.95 -7.46 -8.55
N GLN A 31 0.04 -7.68 -9.38
CA GLN A 31 0.12 -8.96 -10.15
C GLN A 31 0.11 -10.16 -9.20
N GLN A 32 -0.48 -11.25 -9.61
CA GLN A 32 -0.62 -12.42 -8.69
C GLN A 32 0.34 -13.54 -9.12
N SER A 33 0.82 -14.30 -8.16
CA SER A 33 1.72 -15.44 -8.49
C SER A 33 1.44 -16.63 -7.56
N SER A 34 1.91 -17.80 -7.92
CA SER A 34 1.66 -19.00 -7.06
C SER A 34 2.31 -18.79 -5.69
N THR A 35 1.80 -19.46 -4.68
CA THR A 35 2.37 -19.31 -3.30
C THR A 35 3.78 -19.90 -3.25
N ALA A 36 4.75 -19.17 -3.76
CA ALA A 36 6.16 -19.70 -3.76
C ALA A 36 6.88 -19.29 -2.47
N LYS A 37 7.70 -20.17 -1.95
CA LYS A 37 8.45 -19.83 -0.71
C LYS A 37 9.34 -18.61 -0.93
N SER A 38 9.72 -17.93 0.14
CA SER A 38 10.60 -16.72 0.01
C SER A 38 10.03 -15.72 -1.00
N ALA A 39 8.73 -15.65 -1.12
CA ALA A 39 8.11 -14.67 -2.06
C ALA A 39 8.45 -13.24 -1.62
N THR A 40 8.94 -12.44 -2.53
CA THR A 40 9.22 -11.00 -2.21
C THR A 40 7.95 -10.31 -1.76
N TRP A 41 6.83 -10.69 -2.32
CA TRP A 41 5.53 -10.06 -1.93
C TRP A 41 4.36 -10.82 -2.59
N THR A 42 3.27 -10.93 -1.88
CA THR A 42 2.10 -11.69 -2.41
C THR A 42 0.80 -10.99 -2.02
N TYR A 43 -0.18 -10.99 -2.90
CA TYR A 43 -1.41 -10.17 -2.66
C TYR A 43 -2.66 -11.05 -2.73
N SER A 44 -3.60 -10.81 -1.86
CA SER A 44 -4.90 -11.55 -1.93
C SER A 44 -6.02 -10.59 -2.35
N THR A 45 -6.70 -10.91 -3.42
CA THR A 45 -7.76 -9.99 -3.93
C THR A 45 -8.97 -10.00 -2.98
N GLU A 46 -9.30 -11.14 -2.42
CA GLU A 46 -10.46 -11.22 -1.50
C GLU A 46 -10.29 -10.27 -0.32
N LEU A 47 -9.07 -10.07 0.10
CA LEU A 47 -8.83 -9.22 1.31
C LEU A 47 -8.29 -7.85 0.92
N LYS A 48 -7.88 -7.67 -0.32
CA LYS A 48 -7.41 -6.33 -0.80
C LYS A 48 -6.20 -5.88 0.03
N LYS A 49 -5.24 -6.76 0.20
CA LYS A 49 -4.09 -6.44 1.10
C LYS A 49 -2.81 -7.11 0.59
N LEU A 50 -1.67 -6.52 0.90
CA LEU A 50 -0.39 -7.01 0.34
C LEU A 50 0.61 -7.30 1.46
N TYR A 51 1.33 -8.39 1.36
CA TYR A 51 2.41 -8.67 2.35
C TYR A 51 3.77 -8.64 1.65
N CYS A 52 4.74 -7.99 2.23
CA CYS A 52 6.06 -7.85 1.55
C CYS A 52 7.21 -8.06 2.53
N GLN A 53 8.38 -8.41 2.02
CA GLN A 53 9.58 -8.48 2.90
C GLN A 53 10.48 -7.27 2.66
N ILE A 54 11.10 -6.77 3.70
CA ILE A 54 11.89 -5.50 3.59
C ILE A 54 12.92 -5.58 2.44
N ALA A 55 13.19 -4.46 1.82
CA ALA A 55 14.24 -4.37 0.75
C ALA A 55 13.88 -5.21 -0.50
N LYS A 56 12.67 -5.72 -0.59
CA LYS A 56 12.25 -6.43 -1.83
C LYS A 56 11.49 -5.48 -2.77
N THR A 57 11.49 -5.78 -4.05
CA THR A 57 10.80 -4.90 -5.03
C THR A 57 9.32 -5.26 -5.11
N CYS A 58 8.45 -4.29 -4.94
CA CYS A 58 6.99 -4.53 -5.11
C CYS A 58 6.45 -3.73 -6.30
N PRO A 59 6.48 -4.33 -7.48
CA PRO A 59 5.91 -3.65 -8.67
C PRO A 59 4.39 -3.49 -8.52
N ILE A 60 3.90 -2.30 -8.74
CA ILE A 60 2.42 -2.06 -8.70
C ILE A 60 1.97 -1.46 -10.04
N GLN A 61 0.81 -1.86 -10.52
CA GLN A 61 0.36 -1.38 -11.87
C GLN A 61 -0.80 -0.40 -11.72
N ILE A 62 -0.76 0.68 -12.46
CA ILE A 62 -1.96 1.59 -12.54
C ILE A 62 -2.78 1.24 -13.78
N LYS A 63 -4.07 1.16 -13.64
CA LYS A 63 -4.94 0.92 -14.84
C LYS A 63 -5.89 2.10 -15.06
N VAL A 64 -5.93 2.63 -16.26
CA VAL A 64 -6.89 3.73 -16.58
C VAL A 64 -7.54 3.47 -17.94
N MET A 65 -8.68 4.08 -18.18
CA MET A 65 -9.35 3.92 -19.51
C MET A 65 -8.65 4.78 -20.56
N THR A 66 -8.26 5.97 -20.19
CA THR A 66 -7.53 6.85 -21.15
C THR A 66 -6.34 7.51 -20.45
N PRO A 67 -5.25 7.68 -21.17
CA PRO A 67 -4.00 8.16 -20.53
C PRO A 67 -4.23 9.51 -19.82
N PRO A 68 -3.64 9.68 -18.64
CA PRO A 68 -3.77 10.97 -17.93
C PRO A 68 -3.13 12.11 -18.73
N PRO A 69 -3.35 13.33 -18.32
CA PRO A 69 -2.77 14.50 -19.04
C PRO A 69 -1.24 14.43 -19.02
N GLN A 70 -0.60 15.09 -19.94
CA GLN A 70 0.89 15.16 -19.93
C GLN A 70 1.36 16.15 -18.87
N GLY A 71 2.37 15.81 -18.12
CA GLY A 71 2.80 16.68 -16.98
C GLY A 71 2.24 16.13 -15.67
N ALA A 72 1.16 15.39 -15.73
CA ALA A 72 0.59 14.76 -14.50
C ALA A 72 1.65 14.01 -13.70
N VAL A 73 1.48 13.90 -12.41
CA VAL A 73 2.44 13.14 -11.57
C VAL A 73 1.68 12.14 -10.69
N ILE A 74 2.34 11.09 -10.28
CA ILE A 74 1.69 10.10 -9.36
C ILE A 74 2.30 10.23 -7.96
N ARG A 75 1.48 10.22 -6.95
CA ARG A 75 1.99 10.45 -5.56
C ARG A 75 1.78 9.19 -4.72
N ALA A 76 2.66 8.91 -3.80
CA ALA A 76 2.41 7.78 -2.84
C ALA A 76 2.86 8.17 -1.44
N MET A 77 2.00 8.01 -0.47
CA MET A 77 2.33 8.43 0.93
C MET A 77 1.89 7.37 1.96
N PRO A 78 2.73 7.09 2.94
CA PRO A 78 2.37 6.12 4.00
C PRO A 78 1.73 6.84 5.19
N VAL A 79 0.69 6.27 5.75
CA VAL A 79 0.10 6.84 7.01
C VAL A 79 -0.45 5.72 7.88
N TYR A 80 -0.54 5.93 9.16
CA TYR A 80 -1.09 4.87 10.07
C TYR A 80 -2.54 4.54 9.70
N LYS A 81 -3.02 3.39 10.11
CA LYS A 81 -4.37 2.94 9.66
C LYS A 81 -5.47 3.68 10.42
N LYS A 82 -5.50 3.57 11.73
CA LYS A 82 -6.61 4.16 12.53
C LYS A 82 -6.38 5.66 12.72
N ALA A 83 -7.44 6.43 12.85
CA ALA A 83 -7.28 7.92 12.93
C ALA A 83 -6.36 8.30 14.10
N GLU A 84 -6.47 7.61 15.20
CA GLU A 84 -5.67 7.98 16.40
C GLU A 84 -4.17 7.99 16.07
N HIS A 85 -3.76 7.26 15.07
CA HIS A 85 -2.31 7.22 14.71
C HIS A 85 -2.05 7.94 13.38
N VAL A 86 -3.06 8.10 12.55
CA VAL A 86 -2.82 8.70 11.20
C VAL A 86 -2.41 10.18 11.33
N THR A 87 -2.70 10.79 12.46
CA THR A 87 -2.23 12.19 12.69
C THR A 87 -0.77 12.21 13.12
N GLU A 88 -0.24 11.09 13.55
CA GLU A 88 1.23 11.00 13.83
C GLU A 88 1.98 10.60 12.56
N VAL A 89 3.08 11.24 12.28
CA VAL A 89 3.90 10.88 11.08
C VAL A 89 4.61 9.53 11.31
N VAL A 90 4.78 8.76 10.27
CA VAL A 90 5.61 7.52 10.37
C VAL A 90 7.09 7.89 10.16
N LYS A 91 7.97 7.31 10.93
CA LYS A 91 9.37 7.81 10.98
C LYS A 91 10.39 6.66 10.89
N ARG A 92 11.64 6.95 11.13
CA ARG A 92 12.68 5.89 11.08
C ARG A 92 12.95 5.34 12.49
N CYS A 93 13.40 4.12 12.57
CA CYS A 93 13.78 3.53 13.89
C CYS A 93 15.11 4.14 14.35
N PRO A 94 15.40 4.07 15.63
CA PRO A 94 16.71 4.58 16.11
C PRO A 94 17.85 3.74 15.52
N ASN A 95 17.72 2.44 15.58
CA ASN A 95 18.79 1.56 15.02
C ASN A 95 18.91 1.71 13.50
N HIS A 96 17.80 1.75 12.80
CA HIS A 96 17.85 1.79 11.31
C HIS A 96 18.10 3.21 10.79
N GLU A 97 17.67 4.22 11.51
CA GLU A 97 18.04 5.62 11.14
C GLU A 97 19.53 5.85 11.39
N LEU A 98 20.08 5.27 12.43
CA LEU A 98 21.50 5.53 12.80
C LEU A 98 22.44 5.28 11.61
N SER A 99 22.12 4.30 10.79
CA SER A 99 22.96 4.01 9.58
C SER A 99 23.26 5.30 8.79
N ARG A 100 24.44 5.40 8.25
CA ARG A 100 24.85 6.66 7.55
C ARG A 100 23.88 6.96 6.40
N GLU A 101 23.60 8.21 6.16
CA GLU A 101 22.64 8.59 5.07
C GLU A 101 23.17 8.10 3.72
N PHE A 102 24.45 8.26 3.48
CA PHE A 102 25.06 7.77 2.21
C PHE A 102 24.28 8.26 0.99
N ASN A 103 24.00 9.53 0.92
CA ASN A 103 23.19 10.08 -0.21
C ASN A 103 24.05 10.27 -1.46
N GLU A 104 25.36 10.15 -1.36
CA GLU A 104 26.23 10.38 -2.55
C GLU A 104 25.88 9.44 -3.69
N GLY A 105 25.40 9.97 -4.79
CA GLY A 105 25.16 9.13 -6.00
C GLY A 105 23.93 8.24 -5.80
N GLN A 106 23.06 8.58 -4.87
CA GLN A 106 21.84 7.74 -4.64
C GLN A 106 20.58 8.52 -4.99
N ILE A 107 19.62 7.88 -5.60
CA ILE A 107 18.35 8.57 -5.97
C ILE A 107 17.37 8.55 -4.79
N ALA A 108 17.51 7.60 -3.90
CA ALA A 108 16.53 7.48 -2.77
C ALA A 108 17.26 7.49 -1.42
N PRO A 109 17.39 8.66 -0.83
CA PRO A 109 18.08 8.76 0.48
C PRO A 109 17.30 8.01 1.57
N PRO A 110 18.01 7.42 2.50
CA PRO A 110 17.33 6.57 3.53
C PRO A 110 16.31 7.37 4.34
N SER A 111 16.39 8.68 4.33
CA SER A 111 15.47 9.51 5.17
C SER A 111 14.00 9.18 4.86
N HIS A 112 13.72 8.65 3.70
CA HIS A 112 12.30 8.36 3.33
C HIS A 112 11.99 6.86 3.49
N LEU A 113 10.91 6.54 4.16
CA LEU A 113 10.52 5.11 4.33
C LEU A 113 10.24 4.47 2.97
N ILE A 114 9.65 5.23 2.07
CA ILE A 114 9.32 4.66 0.72
C ILE A 114 10.32 5.17 -0.33
N ARG A 115 10.77 4.29 -1.19
CA ARG A 115 11.69 4.71 -2.27
C ARG A 115 11.16 4.25 -3.64
N VAL A 116 11.58 4.89 -4.69
CA VAL A 116 11.21 4.42 -6.06
C VAL A 116 12.40 3.68 -6.69
N GLU A 117 12.12 2.69 -7.49
CA GLU A 117 13.20 2.05 -8.31
C GLU A 117 12.89 2.19 -9.80
N GLY A 118 13.85 2.66 -10.56
CA GLY A 118 13.73 2.60 -12.04
C GLY A 118 13.17 3.92 -12.60
N ASN A 119 13.28 4.99 -11.85
CA ASN A 119 12.88 6.32 -12.39
C ASN A 119 13.90 7.39 -11.98
N SER A 120 14.71 7.83 -12.90
CA SER A 120 15.78 8.81 -12.55
C SER A 120 15.18 10.14 -12.07
N HIS A 121 13.91 10.36 -12.31
CA HIS A 121 13.29 11.67 -11.90
C HIS A 121 12.52 11.55 -10.59
N ALA A 122 12.60 10.42 -9.90
CA ALA A 122 11.90 10.30 -8.59
C ALA A 122 12.44 11.33 -7.60
N GLN A 123 11.56 12.02 -6.93
CA GLN A 123 11.99 13.01 -5.90
C GLN A 123 11.06 12.93 -4.69
N TYR A 124 11.51 13.37 -3.54
CA TYR A 124 10.67 13.26 -2.31
C TYR A 124 10.32 14.65 -1.77
N VAL A 125 9.19 14.78 -1.13
CA VAL A 125 8.81 16.09 -0.52
C VAL A 125 8.37 15.89 0.93
N GLU A 126 8.39 16.94 1.70
CA GLU A 126 7.87 16.86 3.10
C GLU A 126 6.78 17.90 3.33
N ASP A 127 5.63 17.49 3.81
CA ASP A 127 4.52 18.45 4.06
C ASP A 127 4.93 19.45 5.16
N PRO A 128 4.75 20.73 4.90
CA PRO A 128 5.28 21.75 5.85
C PRO A 128 4.53 21.70 7.18
N ILE A 129 3.31 21.24 7.19
CA ILE A 129 2.46 21.41 8.40
C ILE A 129 2.43 20.13 9.25
N THR A 130 2.16 18.99 8.64
CA THR A 130 2.03 17.74 9.43
C THR A 130 3.26 16.82 9.28
N GLY A 131 4.33 17.32 8.71
CA GLY A 131 5.59 16.51 8.65
C GLY A 131 5.48 15.35 7.65
N ARG A 132 4.32 15.13 7.05
CA ARG A 132 4.10 13.91 6.19
C ARG A 132 5.26 13.68 5.20
N GLN A 133 5.62 12.44 4.98
CA GLN A 133 6.65 12.14 3.94
C GLN A 133 5.98 11.48 2.72
N SER A 134 6.40 11.85 1.53
CA SER A 134 5.84 11.20 0.31
C SER A 134 6.83 11.29 -0.85
N VAL A 135 6.66 10.45 -1.83
CA VAL A 135 7.57 10.49 -3.04
C VAL A 135 6.72 10.67 -4.30
N LEU A 136 7.25 11.35 -5.29
CA LEU A 136 6.44 11.65 -6.50
C LEU A 136 7.22 11.25 -7.77
N VAL A 137 6.51 10.97 -8.83
CA VAL A 137 7.19 10.66 -10.13
C VAL A 137 6.28 11.08 -11.30
N PRO A 138 6.88 11.42 -12.42
CA PRO A 138 6.07 11.79 -13.61
C PRO A 138 5.37 10.56 -14.18
N TYR A 139 4.14 10.70 -14.60
CA TYR A 139 3.41 9.53 -15.18
C TYR A 139 3.83 9.33 -16.64
N GLU A 140 4.31 8.16 -16.97
CA GLU A 140 4.70 7.87 -18.37
C GLU A 140 3.60 7.06 -19.07
N PRO A 141 3.60 7.08 -20.39
CA PRO A 141 2.60 6.30 -21.15
C PRO A 141 2.69 4.81 -20.79
N PRO A 142 1.64 4.06 -21.05
CA PRO A 142 1.63 2.61 -20.69
C PRO A 142 2.78 1.88 -21.38
N GLN A 143 3.28 0.84 -20.77
CA GLN A 143 4.44 0.09 -21.36
C GLN A 143 4.04 -0.49 -22.73
N VAL A 144 4.98 -0.58 -23.62
CA VAL A 144 4.64 -0.94 -25.03
C VAL A 144 4.19 -2.40 -25.11
N GLY A 145 3.04 -2.63 -25.70
CA GLY A 145 2.52 -4.03 -25.82
C GLY A 145 1.42 -4.30 -24.79
N THR A 146 1.24 -3.42 -23.83
CA THR A 146 0.12 -3.59 -22.85
C THR A 146 -0.48 -2.24 -22.47
N GLU A 147 -1.53 -2.25 -21.70
CA GLU A 147 -2.33 -1.00 -21.50
C GLU A 147 -2.17 -0.43 -20.09
N PHE A 148 -1.20 -0.90 -19.34
CA PHE A 148 -1.05 -0.41 -17.93
C PHE A 148 0.33 0.20 -17.69
N THR A 149 0.50 0.87 -16.58
CA THR A 149 1.81 1.51 -16.25
C THR A 149 2.38 0.89 -14.98
N THR A 150 3.69 0.76 -14.90
CA THR A 150 4.31 0.08 -13.73
C THR A 150 5.18 1.03 -12.93
N VAL A 151 5.06 0.99 -11.63
CA VAL A 151 5.98 1.77 -10.73
C VAL A 151 6.57 0.83 -9.68
N LEU A 152 7.83 0.95 -9.40
CA LEU A 152 8.50 -0.04 -8.50
C LEU A 152 8.73 0.59 -7.13
N TYR A 153 8.18 0.02 -6.09
CA TYR A 153 8.33 0.61 -4.73
C TYR A 153 9.28 -0.24 -3.89
N ASN A 154 9.97 0.38 -2.95
CA ASN A 154 10.89 -0.37 -2.06
C ASN A 154 10.72 0.12 -0.62
N PHE A 155 10.80 -0.76 0.34
CA PHE A 155 10.56 -0.36 1.77
C PHE A 155 11.86 -0.48 2.58
N MET A 156 12.19 0.54 3.34
CA MET A 156 13.48 0.53 4.08
C MET A 156 13.31 0.21 5.57
N CYS A 157 12.13 -0.20 5.99
CA CYS A 157 11.97 -0.71 7.39
C CYS A 157 10.92 -1.83 7.40
N ASN A 158 10.88 -2.59 8.48
CA ASN A 158 9.91 -3.71 8.56
C ASN A 158 8.98 -3.54 9.77
N SER A 159 7.87 -4.21 9.77
CA SER A 159 6.77 -3.85 10.71
C SER A 159 7.24 -3.90 12.17
N SER A 160 8.13 -4.80 12.48
CA SER A 160 8.37 -5.15 13.90
C SER A 160 9.57 -4.41 14.48
N CYS A 161 10.13 -3.44 13.79
CA CYS A 161 11.30 -2.70 14.35
C CYS A 161 10.83 -1.43 15.08
N VAL A 162 11.09 -1.37 16.37
CA VAL A 162 10.49 -0.30 17.22
C VAL A 162 11.00 1.08 16.79
N GLY A 163 10.12 2.05 16.77
CA GLY A 163 10.55 3.44 16.41
C GLY A 163 10.21 3.73 14.94
N GLY A 164 9.73 2.75 14.20
CA GLY A 164 9.19 3.05 12.84
C GLY A 164 7.76 2.53 12.74
N MET A 165 7.59 1.37 12.14
CA MET A 165 6.22 0.77 12.07
C MET A 165 5.73 0.38 13.47
N ASN A 166 6.64 0.00 14.34
CA ASN A 166 6.31 -0.33 15.77
C ASN A 166 5.01 -1.15 15.89
N ARG A 167 4.93 -2.25 15.19
CA ARG A 167 3.74 -3.16 15.32
C ARG A 167 2.42 -2.40 15.07
N ARG A 168 2.47 -1.35 14.29
CA ARG A 168 1.22 -0.63 13.93
C ARG A 168 1.03 -0.65 12.40
N PRO A 169 0.10 -1.46 11.93
CA PRO A 169 -0.13 -1.56 10.46
C PRO A 169 -0.52 -0.20 9.89
N ILE A 170 -0.20 0.04 8.64
CA ILE A 170 -0.51 1.36 8.02
C ILE A 170 -1.19 1.18 6.66
N LEU A 171 -1.54 2.27 6.04
CA LEU A 171 -2.17 2.23 4.69
C LEU A 171 -1.34 3.09 3.74
N ILE A 172 -1.33 2.74 2.48
CA ILE A 172 -0.56 3.58 1.50
C ILE A 172 -1.52 4.13 0.46
N ILE A 173 -1.47 5.41 0.24
CA ILE A 173 -2.45 6.05 -0.70
C ILE A 173 -1.72 6.49 -1.96
N VAL A 174 -2.22 6.08 -3.11
CA VAL A 174 -1.59 6.48 -4.39
C VAL A 174 -2.59 7.29 -5.22
N THR A 175 -2.21 8.46 -5.65
CA THR A 175 -3.18 9.35 -6.35
C THR A 175 -2.64 9.77 -7.71
N LEU A 176 -3.52 10.08 -8.63
CA LEU A 176 -3.09 10.74 -9.90
C LEU A 176 -3.46 12.22 -9.86
N GLU A 177 -2.50 13.08 -10.07
CA GLU A 177 -2.72 14.53 -9.85
C GLU A 177 -2.22 15.33 -11.07
N THR A 178 -2.82 16.46 -11.34
CA THR A 178 -2.35 17.30 -12.48
C THR A 178 -1.29 18.29 -11.99
N ARG A 179 -0.49 18.81 -12.88
CA ARG A 179 0.57 19.78 -12.46
C ARG A 179 -0.05 20.98 -11.72
N ASP A 180 -1.31 21.27 -11.98
CA ASP A 180 -1.94 22.48 -11.38
C ASP A 180 -2.52 22.19 -9.98
N GLY A 181 -2.25 21.03 -9.42
CA GLY A 181 -2.62 20.78 -8.00
C GLY A 181 -4.07 20.27 -7.89
N GLN A 182 -4.62 19.74 -8.97
CA GLN A 182 -6.02 19.22 -8.93
C GLN A 182 -6.03 17.70 -8.96
N VAL A 183 -6.89 17.08 -8.20
CA VAL A 183 -6.89 15.59 -8.09
C VAL A 183 -7.78 14.98 -9.17
N LEU A 184 -7.28 14.01 -9.88
CA LEU A 184 -8.11 13.35 -10.95
C LEU A 184 -8.68 12.03 -10.44
N GLY A 185 -7.92 11.27 -9.69
CA GLY A 185 -8.42 9.96 -9.18
C GLY A 185 -7.60 9.51 -7.97
N ARG A 186 -8.20 8.75 -7.09
CA ARG A 186 -7.46 8.28 -5.88
C ARG A 186 -7.71 6.79 -5.63
N ARG A 187 -6.69 6.04 -5.36
CA ARG A 187 -6.87 4.61 -4.93
C ARG A 187 -5.93 4.30 -3.76
N CYS A 188 -6.25 3.28 -2.98
CA CYS A 188 -5.44 3.00 -1.76
C CYS A 188 -5.31 1.49 -1.53
N PHE A 189 -4.29 1.07 -0.83
CA PHE A 189 -4.15 -0.37 -0.47
C PHE A 189 -3.52 -0.51 0.92
N GLU A 190 -3.66 -1.67 1.52
CA GLU A 190 -3.11 -1.87 2.90
C GLU A 190 -1.84 -2.70 2.84
N ALA A 191 -0.82 -2.30 3.57
CA ALA A 191 0.52 -2.93 3.40
C ALA A 191 1.03 -3.49 4.73
N ARG A 192 1.70 -4.62 4.67
CA ARG A 192 2.35 -5.17 5.90
C ARG A 192 3.72 -5.74 5.54
N ILE A 193 4.70 -5.53 6.38
CA ILE A 193 6.05 -6.12 6.13
C ILE A 193 6.31 -7.26 7.11
N CYS A 194 6.57 -8.44 6.61
CA CYS A 194 6.61 -9.64 7.50
C CYS A 194 7.69 -10.64 7.04
N ALA A 195 8.00 -11.60 7.86
CA ALA A 195 9.08 -12.58 7.51
C ALA A 195 8.64 -13.46 6.34
N CYS A 196 7.41 -13.87 6.32
CA CYS A 196 6.91 -14.72 5.19
C CYS A 196 5.57 -14.18 4.66
N PRO A 197 5.63 -13.28 3.70
CA PRO A 197 4.39 -12.80 3.04
C PRO A 197 3.58 -13.96 2.47
N GLY A 198 4.24 -15.02 2.09
CA GLY A 198 3.52 -16.22 1.58
C GLY A 198 2.70 -16.84 2.72
N ARG A 199 3.25 -16.83 3.90
CA ARG A 199 2.60 -17.54 5.04
C ARG A 199 1.37 -16.77 5.50
N ASP A 200 1.46 -15.46 5.53
CA ASP A 200 0.30 -14.64 6.01
C ASP A 200 -0.83 -14.69 4.99
N ARG A 201 -0.52 -14.64 3.72
CA ARG A 201 -1.60 -14.73 2.69
C ARG A 201 -2.33 -16.08 2.79
N LYS A 202 -1.60 -17.15 2.97
CA LYS A 202 -2.25 -18.48 3.14
C LYS A 202 -3.08 -18.52 4.42
N ALA A 203 -2.58 -17.94 5.48
CA ALA A 203 -3.26 -18.07 6.80
C ALA A 203 -4.66 -17.48 6.75
N ASP A 204 -4.80 -16.27 6.25
CA ASP A 204 -6.15 -15.63 6.19
C ASP A 204 -7.09 -16.46 5.31
N GLU A 205 -6.58 -17.02 4.23
CA GLU A 205 -7.43 -17.88 3.36
C GLU A 205 -7.92 -19.10 4.14
N ASP A 206 -7.07 -19.68 4.95
CA ASP A 206 -7.48 -20.87 5.75
C ASP A 206 -8.60 -20.47 6.73
N SER A 207 -8.54 -19.27 7.24
CA SER A 207 -9.59 -18.82 8.21
C SER A 207 -10.96 -18.81 7.54
N ILE A 208 -11.00 -18.52 6.26
CA ILE A 208 -12.31 -18.44 5.55
C ILE A 208 -12.82 -19.85 5.23
N ARG A 209 -11.94 -20.72 4.78
CA ARG A 209 -12.35 -22.11 4.46
C ARG A 209 -12.95 -22.79 5.69
N LYS A 210 -12.36 -22.59 6.83
CA LYS A 210 -12.90 -23.22 8.09
C LYS A 210 -14.30 -22.69 8.37
N GLN A 211 -14.51 -21.42 8.22
CA GLN A 211 -15.87 -20.84 8.44
C GLN A 211 -16.87 -21.42 7.43
N GLN A 212 -16.41 -21.68 6.23
CA GLN A 212 -17.33 -22.18 5.16
C GLN A 212 -17.26 -23.71 5.07
N VAL A 213 -18.39 -24.36 5.19
CA VAL A 213 -18.42 -25.85 5.06
C VAL A 213 -19.36 -26.26 3.92
N SER A 214 -18.89 -27.10 3.03
CA SER A 214 -19.73 -27.52 1.87
C SER A 214 -20.46 -28.84 2.19
N ASP A 215 -21.70 -28.94 1.78
CA ASP A 215 -22.47 -30.20 2.04
C ASP A 215 -22.13 -31.25 0.98
N SER A 216 -21.96 -32.48 1.40
CA SER A 216 -21.61 -33.56 0.43
C SER A 216 -22.86 -34.29 -0.03
N THR A 217 -22.84 -34.82 -1.23
CA THR A 217 -24.03 -35.54 -1.78
C THR A 217 -25.28 -34.66 -1.75
N LYS A 218 -26.02 -34.63 -0.66
CA LYS A 218 -27.29 -33.84 -0.61
C LYS A 218 -27.02 -32.43 -0.10
N ASN A 219 -27.76 -31.47 -0.57
CA ASN A 219 -27.56 -30.06 -0.11
C ASN A 219 -27.75 -29.95 1.41
N GLY A 220 -28.70 -30.68 1.94
CA GLY A 220 -28.94 -30.65 3.41
C GLY A 220 -29.48 -32.01 3.87
N ASP A 221 -29.49 -32.25 5.15
CA ASP A 221 -30.03 -33.54 5.68
C ASP A 221 -31.44 -33.32 6.25
N ALA A 222 -32.29 -34.32 6.14
CA ALA A 222 -33.67 -34.18 6.69
C ALA A 222 -34.15 -35.53 7.25
N PHE A 223 -35.00 -35.50 8.24
CA PHE A 223 -35.52 -36.77 8.83
C PHE A 223 -36.71 -36.47 9.75
N ARG A 224 -37.49 -35.46 9.43
CA ARG A 224 -38.65 -35.07 10.28
C ARG A 224 -38.22 -34.79 11.72
N GLN A 225 -38.13 -35.79 12.56
CA GLN A 225 -37.78 -35.56 14.00
C GLN A 225 -36.42 -34.86 14.11
N ASN A 226 -35.49 -35.23 13.27
CA ASN A 226 -34.14 -34.59 13.33
C ASN A 226 -33.97 -33.60 12.18
N THR A 227 -33.34 -32.48 12.44
CA THR A 227 -33.15 -31.45 11.38
C THR A 227 -31.66 -31.16 11.18
N HIS A 228 -31.30 -30.57 10.07
CA HIS A 228 -29.86 -30.25 9.81
C HIS A 228 -29.31 -29.31 10.89
N GLY A 229 -30.14 -28.41 11.37
CA GLY A 229 -29.67 -27.43 12.40
C GLY A 229 -29.14 -28.16 13.63
N ILE A 230 -29.72 -29.29 13.95
CA ILE A 230 -29.26 -30.07 15.14
C ILE A 230 -28.21 -31.10 14.71
N GLN A 231 -27.09 -31.13 15.37
CA GLN A 231 -26.03 -32.12 15.01
C GLN A 231 -26.29 -33.45 15.72
N MET A 232 -26.77 -33.40 16.93
CA MET A 232 -27.03 -34.66 17.70
C MET A 232 -28.50 -34.72 18.12
N THR A 233 -29.04 -35.91 18.18
CA THR A 233 -30.47 -36.07 18.58
C THR A 233 -30.62 -37.18 19.63
ZN ZN B . 12.96 0.13 11.21
N GLY A 1 10.95 22.92 10.59
CA GLY A 1 10.39 22.75 11.97
C GLY A 1 8.92 22.32 11.89
N SER A 2 8.49 21.50 12.81
CA SER A 2 7.07 21.02 12.79
C SER A 2 6.64 20.60 14.18
N SER A 3 5.38 20.76 14.51
CA SER A 3 4.88 20.35 15.85
C SER A 3 3.72 19.36 15.71
N THR A 4 3.49 18.56 16.72
CA THR A 4 2.39 17.55 16.65
C THR A 4 1.05 18.25 16.43
N PHE A 5 0.84 19.37 17.10
CA PHE A 5 -0.44 20.13 16.91
C PHE A 5 -0.15 21.53 16.38
N ASP A 6 -0.76 21.89 15.27
CA ASP A 6 -0.52 23.24 14.68
C ASP A 6 -1.52 24.25 15.28
N ALA A 7 -1.03 25.20 16.03
CA ALA A 7 -1.92 26.27 16.61
C ALA A 7 -3.13 25.65 17.33
N LEU A 8 -2.95 24.49 17.91
CA LEU A 8 -4.08 23.78 18.59
C LEU A 8 -5.26 23.58 17.63
N SER A 9 -6.13 24.55 17.49
CA SER A 9 -7.29 24.41 16.56
C SER A 9 -7.20 25.44 15.42
N PRO A 10 -7.88 25.21 14.32
CA PRO A 10 -8.42 23.85 13.96
C PRO A 10 -7.27 22.87 13.73
N SER A 11 -7.55 21.59 13.81
CA SER A 11 -6.47 20.57 13.66
C SER A 11 -6.18 20.33 12.18
N PRO A 12 -4.99 19.86 11.87
CA PRO A 12 -4.59 19.66 10.45
C PRO A 12 -5.55 18.68 9.76
N ALA A 13 -5.77 18.86 8.48
CA ALA A 13 -6.65 17.92 7.73
C ALA A 13 -5.93 16.61 7.47
N ILE A 14 -6.67 15.52 7.38
CA ILE A 14 -6.02 14.19 7.17
C ILE A 14 -6.55 13.57 5.86
N PRO A 15 -5.68 12.88 5.15
CA PRO A 15 -6.10 12.25 3.86
C PRO A 15 -7.18 11.20 4.10
N SER A 16 -8.02 10.96 3.12
CA SER A 16 -9.08 9.91 3.27
C SER A 16 -8.79 8.73 2.34
N ASN A 17 -9.09 7.54 2.79
CA ASN A 17 -8.80 6.34 1.94
C ASN A 17 -10.03 5.94 1.11
N THR A 18 -10.92 6.86 0.86
CA THR A 18 -12.12 6.55 0.04
C THR A 18 -11.76 6.43 -1.44
N ASP A 19 -12.07 5.32 -2.05
CA ASP A 19 -11.68 5.11 -3.49
C ASP A 19 -12.50 6.03 -4.40
N TYR A 20 -11.91 6.51 -5.46
CA TYR A 20 -12.64 7.38 -6.42
C TYR A 20 -11.97 7.31 -7.81
N PRO A 21 -12.55 6.56 -8.72
CA PRO A 21 -11.89 6.35 -10.04
C PRO A 21 -11.66 7.68 -10.76
N GLY A 22 -12.60 8.58 -10.67
CA GLY A 22 -12.43 9.92 -11.32
C GLY A 22 -12.75 9.81 -12.81
N PRO A 23 -12.19 10.71 -13.61
CA PRO A 23 -12.54 10.75 -15.05
C PRO A 23 -11.93 9.57 -15.80
N HIS A 24 -10.65 9.34 -15.62
CA HIS A 24 -9.96 8.30 -16.44
C HIS A 24 -10.05 6.92 -15.77
N SER A 25 -10.86 6.78 -14.75
CA SER A 25 -10.95 5.47 -14.02
C SER A 25 -9.57 5.00 -13.56
N PHE A 26 -8.92 5.78 -12.73
CA PHE A 26 -7.54 5.40 -12.26
C PHE A 26 -7.63 4.36 -11.16
N ASP A 27 -7.06 3.21 -11.39
CA ASP A 27 -7.19 2.09 -10.40
C ASP A 27 -5.81 1.50 -10.10
N VAL A 28 -5.69 0.82 -9.00
CA VAL A 28 -4.40 0.15 -8.64
C VAL A 28 -4.62 -1.34 -8.42
N SER A 29 -3.65 -2.15 -8.75
CA SER A 29 -3.77 -3.61 -8.49
C SER A 29 -2.37 -4.23 -8.38
N PHE A 30 -2.29 -5.41 -7.83
CA PHE A 30 -0.96 -6.05 -7.61
C PHE A 30 -0.94 -7.45 -8.23
N GLN A 31 0.02 -7.71 -9.08
CA GLN A 31 0.04 -9.02 -9.81
C GLN A 31 0.08 -10.18 -8.80
N GLN A 32 -0.57 -11.27 -9.11
CA GLN A 32 -0.65 -12.40 -8.14
C GLN A 32 -0.03 -13.67 -8.73
N SER A 33 0.39 -14.58 -7.88
CA SER A 33 0.99 -15.86 -8.38
C SER A 33 0.71 -16.98 -7.38
N SER A 34 1.04 -18.19 -7.75
CA SER A 34 0.81 -19.34 -6.82
C SER A 34 1.63 -19.17 -5.54
N THR A 35 1.28 -19.88 -4.50
CA THR A 35 2.01 -19.72 -3.20
C THR A 35 3.50 -20.02 -3.38
N ALA A 36 4.29 -19.01 -3.60
CA ALA A 36 5.76 -19.22 -3.79
C ALA A 36 6.48 -19.15 -2.43
N LYS A 37 7.58 -19.85 -2.30
CA LYS A 37 8.36 -19.80 -1.03
C LYS A 37 9.25 -18.55 -1.01
N SER A 38 9.45 -17.97 0.15
CA SER A 38 10.31 -16.75 0.25
C SER A 38 9.91 -15.68 -0.77
N ALA A 39 8.63 -15.54 -1.03
CA ALA A 39 8.16 -14.53 -2.01
C ALA A 39 8.55 -13.12 -1.54
N THR A 40 9.07 -12.32 -2.44
CA THR A 40 9.37 -10.90 -2.09
C THR A 40 8.10 -10.18 -1.65
N TRP A 41 6.99 -10.54 -2.24
CA TRP A 41 5.68 -9.91 -1.87
C TRP A 41 4.54 -10.66 -2.54
N THR A 42 3.43 -10.77 -1.85
CA THR A 42 2.27 -11.54 -2.38
C THR A 42 0.96 -10.85 -2.02
N TYR A 43 0.00 -10.86 -2.91
CA TYR A 43 -1.24 -10.06 -2.68
C TYR A 43 -2.49 -10.95 -2.77
N SER A 44 -3.44 -10.72 -1.91
CA SER A 44 -4.72 -11.50 -1.99
C SER A 44 -5.86 -10.59 -2.45
N THR A 45 -6.53 -10.96 -3.51
CA THR A 45 -7.61 -10.09 -4.06
C THR A 45 -8.84 -10.10 -3.13
N GLU A 46 -9.12 -11.22 -2.53
CA GLU A 46 -10.32 -11.31 -1.62
C GLU A 46 -10.19 -10.32 -0.47
N LEU A 47 -8.99 -10.09 0.00
CA LEU A 47 -8.81 -9.22 1.19
C LEU A 47 -8.25 -7.84 0.77
N LYS A 48 -7.81 -7.69 -0.45
CA LYS A 48 -7.31 -6.36 -0.93
C LYS A 48 -6.13 -5.91 -0.07
N LYS A 49 -5.16 -6.76 0.10
CA LYS A 49 -4.03 -6.44 1.02
C LYS A 49 -2.71 -7.02 0.50
N LEU A 50 -1.61 -6.41 0.84
CA LEU A 50 -0.30 -6.87 0.30
C LEU A 50 0.69 -7.14 1.45
N TYR A 51 1.44 -8.21 1.36
CA TYR A 51 2.50 -8.48 2.36
C TYR A 51 3.86 -8.47 1.67
N CYS A 52 4.83 -7.82 2.27
CA CYS A 52 6.16 -7.67 1.59
C CYS A 52 7.30 -7.86 2.59
N GLN A 53 8.47 -8.19 2.10
CA GLN A 53 9.67 -8.25 2.99
C GLN A 53 10.57 -7.03 2.75
N ILE A 54 11.19 -6.55 3.80
CA ILE A 54 11.99 -5.29 3.70
C ILE A 54 13.01 -5.35 2.55
N ALA A 55 13.26 -4.22 1.93
CA ALA A 55 14.29 -4.12 0.84
C ALA A 55 13.93 -4.97 -0.39
N LYS A 56 12.73 -5.50 -0.46
CA LYS A 56 12.32 -6.25 -1.69
C LYS A 56 11.53 -5.34 -2.64
N THR A 57 11.53 -5.66 -3.91
CA THR A 57 10.82 -4.81 -4.91
C THR A 57 9.34 -5.19 -4.97
N CYS A 58 8.46 -4.22 -4.81
CA CYS A 58 7.00 -4.49 -5.04
C CYS A 58 6.50 -3.68 -6.24
N PRO A 59 6.58 -4.26 -7.42
CA PRO A 59 5.97 -3.62 -8.61
C PRO A 59 4.46 -3.47 -8.43
N ILE A 60 3.94 -2.30 -8.65
CA ILE A 60 2.47 -2.08 -8.59
C ILE A 60 1.98 -1.50 -9.93
N GLN A 61 0.85 -1.95 -10.41
CA GLN A 61 0.38 -1.50 -11.76
C GLN A 61 -0.79 -0.53 -11.62
N ILE A 62 -0.77 0.55 -12.38
CA ILE A 62 -1.96 1.44 -12.45
C ILE A 62 -2.82 1.06 -13.67
N LYS A 63 -4.11 0.98 -13.50
CA LYS A 63 -5.01 0.69 -14.67
C LYS A 63 -5.95 1.86 -14.93
N VAL A 64 -6.04 2.32 -16.15
CA VAL A 64 -7.03 3.40 -16.49
C VAL A 64 -7.72 3.06 -17.81
N MET A 65 -8.87 3.65 -18.05
CA MET A 65 -9.58 3.43 -19.35
C MET A 65 -8.92 4.28 -20.45
N THR A 66 -8.55 5.48 -20.13
CA THR A 66 -7.87 6.36 -21.13
C THR A 66 -6.66 7.05 -20.46
N PRO A 67 -5.59 7.21 -21.20
CA PRO A 67 -4.32 7.72 -20.59
C PRO A 67 -4.55 9.06 -19.88
N PRO A 68 -3.94 9.24 -18.73
CA PRO A 68 -4.07 10.53 -18.01
C PRO A 68 -3.36 11.66 -18.77
N PRO A 69 -3.57 12.88 -18.35
CA PRO A 69 -2.96 14.04 -19.06
C PRO A 69 -1.42 13.93 -19.05
N GLN A 70 -0.77 14.58 -19.97
CA GLN A 70 0.72 14.61 -19.96
C GLN A 70 1.23 15.63 -18.96
N GLY A 71 2.27 15.30 -18.23
CA GLY A 71 2.74 16.21 -17.14
C GLY A 71 2.22 15.71 -15.79
N ALA A 72 1.11 15.00 -15.79
CA ALA A 72 0.55 14.44 -14.51
C ALA A 72 1.62 13.72 -13.69
N VAL A 73 1.46 13.67 -12.40
CA VAL A 73 2.41 12.92 -11.55
C VAL A 73 1.64 11.99 -10.60
N ILE A 74 2.27 10.95 -10.14
CA ILE A 74 1.61 10.04 -9.17
C ILE A 74 2.26 10.19 -7.79
N ARG A 75 1.46 10.23 -6.76
CA ARG A 75 2.01 10.47 -5.38
C ARG A 75 1.78 9.22 -4.53
N ALA A 76 2.68 8.92 -3.63
CA ALA A 76 2.44 7.78 -2.69
C ALA A 76 2.92 8.15 -1.28
N MET A 77 2.06 7.98 -0.30
CA MET A 77 2.43 8.38 1.10
C MET A 77 1.98 7.31 2.12
N PRO A 78 2.81 7.04 3.11
CA PRO A 78 2.45 6.09 4.18
C PRO A 78 1.79 6.81 5.36
N VAL A 79 0.75 6.25 5.92
CA VAL A 79 0.15 6.84 7.15
C VAL A 79 -0.45 5.74 8.03
N TYR A 80 -0.55 5.96 9.31
CA TYR A 80 -1.17 4.94 10.22
C TYR A 80 -2.60 4.65 9.80
N LYS A 81 -3.17 3.57 10.29
CA LYS A 81 -4.53 3.15 9.85
C LYS A 81 -5.61 3.97 10.57
N LYS A 82 -5.65 3.90 11.87
CA LYS A 82 -6.75 4.57 12.63
C LYS A 82 -6.44 6.06 12.77
N ALA A 83 -7.46 6.88 12.86
CA ALA A 83 -7.24 8.37 12.90
C ALA A 83 -6.32 8.76 14.06
N GLU A 84 -6.47 8.10 15.18
CA GLU A 84 -5.65 8.48 16.39
C GLU A 84 -4.16 8.42 16.07
N HIS A 85 -3.78 7.62 15.10
CA HIS A 85 -2.33 7.51 14.77
C HIS A 85 -2.02 8.16 13.41
N VAL A 86 -3.01 8.34 12.56
CA VAL A 86 -2.73 8.90 11.21
C VAL A 86 -2.24 10.35 11.30
N THR A 87 -2.53 11.01 12.40
CA THR A 87 -1.99 12.40 12.60
C THR A 87 -0.53 12.36 13.05
N GLU A 88 -0.05 11.22 13.49
CA GLU A 88 1.40 11.08 13.80
C GLU A 88 2.17 10.65 12.55
N VAL A 89 3.29 11.27 12.29
CA VAL A 89 4.09 10.91 11.07
C VAL A 89 4.77 9.55 11.28
N VAL A 90 4.88 8.77 10.23
CA VAL A 90 5.69 7.52 10.32
C VAL A 90 7.16 7.84 10.04
N LYS A 91 8.06 7.29 10.81
CA LYS A 91 9.47 7.78 10.79
C LYS A 91 10.46 6.62 10.75
N ARG A 92 11.73 6.91 10.93
CA ARG A 92 12.76 5.84 10.91
C ARG A 92 13.06 5.36 12.34
N CYS A 93 13.62 4.18 12.47
CA CYS A 93 14.02 3.68 13.82
C CYS A 93 15.36 4.30 14.22
N PRO A 94 15.68 4.29 15.50
CA PRO A 94 17.00 4.80 15.94
C PRO A 94 18.12 3.94 15.34
N ASN A 95 17.98 2.64 15.45
CA ASN A 95 19.03 1.72 14.90
C ASN A 95 19.11 1.83 13.37
N HIS A 96 17.98 1.84 12.70
CA HIS A 96 17.99 1.81 11.21
C HIS A 96 18.23 3.21 10.63
N GLU A 97 17.86 4.24 11.33
CA GLU A 97 18.24 5.62 10.91
C GLU A 97 19.75 5.83 11.08
N LEU A 98 20.30 5.36 12.16
CA LEU A 98 21.78 5.50 12.40
C LEU A 98 22.57 4.80 11.29
N SER A 99 22.00 3.77 10.70
CA SER A 99 22.72 3.00 9.63
C SER A 99 23.35 3.92 8.58
N ARG A 100 22.65 4.98 8.22
CA ARG A 100 23.18 5.93 7.18
C ARG A 100 23.57 5.19 5.90
N GLU A 101 22.74 5.28 4.89
CA GLU A 101 23.03 4.56 3.61
C GLU A 101 23.78 5.46 2.63
N PHE A 102 24.46 6.48 3.12
CA PHE A 102 25.24 7.39 2.23
C PHE A 102 24.37 7.94 1.10
N ASN A 103 23.51 8.87 1.41
CA ASN A 103 22.57 9.42 0.37
C ASN A 103 23.34 10.17 -0.72
N GLU A 104 24.62 10.43 -0.53
CA GLU A 104 25.41 11.09 -1.62
C GLU A 104 25.42 10.22 -2.87
N GLY A 105 24.91 10.75 -3.96
CA GLY A 105 24.91 9.99 -5.25
C GLY A 105 23.79 8.95 -5.25
N GLN A 106 22.79 9.10 -4.41
CA GLN A 106 21.68 8.11 -4.38
C GLN A 106 20.37 8.75 -4.83
N ILE A 107 19.53 8.00 -5.50
CA ILE A 107 18.25 8.55 -6.01
C ILE A 107 17.17 8.50 -4.91
N ALA A 108 17.30 7.59 -3.97
CA ALA A 108 16.25 7.43 -2.93
C ALA A 108 16.85 7.56 -1.53
N PRO A 109 16.84 8.75 -0.99
CA PRO A 109 17.43 8.97 0.36
C PRO A 109 16.70 8.15 1.42
N PRO A 110 17.44 7.53 2.32
CA PRO A 110 16.80 6.67 3.36
C PRO A 110 15.84 7.49 4.24
N SER A 111 15.96 8.79 4.23
CA SER A 111 15.08 9.64 5.11
C SER A 111 13.60 9.33 4.88
N HIS A 112 13.25 8.84 3.72
CA HIS A 112 11.81 8.55 3.43
C HIS A 112 11.55 7.05 3.52
N LEU A 113 10.52 6.65 4.23
CA LEU A 113 10.22 5.20 4.39
C LEU A 113 9.92 4.57 3.03
N ILE A 114 9.26 5.29 2.15
CA ILE A 114 8.95 4.74 0.80
C ILE A 114 9.96 5.27 -0.22
N ARG A 115 10.43 4.41 -1.09
CA ARG A 115 11.40 4.84 -2.14
C ARG A 115 10.96 4.31 -3.50
N VAL A 116 11.42 4.93 -4.57
CA VAL A 116 11.09 4.44 -5.94
C VAL A 116 12.30 3.71 -6.53
N GLU A 117 12.05 2.70 -7.33
CA GLU A 117 13.14 2.06 -8.12
C GLU A 117 12.86 2.20 -9.62
N GLY A 118 13.82 2.66 -10.36
CA GLY A 118 13.74 2.57 -11.85
C GLY A 118 13.15 3.86 -12.44
N ASN A 119 13.25 4.96 -11.74
CA ASN A 119 12.80 6.26 -12.31
C ASN A 119 13.79 7.37 -11.93
N SER A 120 14.56 7.83 -12.88
CA SER A 120 15.58 8.88 -12.58
C SER A 120 14.92 10.18 -12.11
N HIS A 121 13.63 10.32 -12.32
CA HIS A 121 12.94 11.58 -11.89
C HIS A 121 12.25 11.40 -10.53
N ALA A 122 12.52 10.31 -9.83
CA ALA A 122 11.94 10.14 -8.47
C ALA A 122 12.44 11.24 -7.54
N GLN A 123 11.54 11.94 -6.90
CA GLN A 123 11.94 13.00 -5.93
C GLN A 123 11.01 12.95 -4.72
N TYR A 124 11.48 13.41 -3.58
CA TYR A 124 10.65 13.32 -2.34
C TYR A 124 10.34 14.72 -1.78
N VAL A 125 9.23 14.85 -1.13
CA VAL A 125 8.86 16.17 -0.53
C VAL A 125 8.45 15.99 0.94
N GLU A 126 8.50 17.04 1.71
CA GLU A 126 8.01 16.98 3.12
C GLU A 126 6.87 17.98 3.33
N ASP A 127 5.78 17.52 3.89
CA ASP A 127 4.63 18.44 4.16
C ASP A 127 5.04 19.50 5.19
N PRO A 128 4.78 20.75 4.88
CA PRO A 128 5.32 21.85 5.74
C PRO A 128 4.67 21.82 7.13
N ILE A 129 3.45 21.32 7.23
CA ILE A 129 2.68 21.51 8.50
C ILE A 129 2.73 20.25 9.37
N THR A 130 2.44 19.11 8.81
CA THR A 130 2.39 17.86 9.65
C THR A 130 3.61 16.97 9.43
N GLY A 131 4.64 17.46 8.78
CA GLY A 131 5.91 16.68 8.66
C GLY A 131 5.76 15.48 7.71
N ARG A 132 4.59 15.20 7.21
CA ARG A 132 4.35 13.97 6.37
C ARG A 132 5.45 13.77 5.31
N GLN A 133 5.84 12.54 5.07
CA GLN A 133 6.83 12.26 4.00
C GLN A 133 6.13 11.58 2.80
N SER A 134 6.51 11.93 1.61
CA SER A 134 5.92 11.28 0.41
C SER A 134 6.89 11.34 -0.78
N VAL A 135 6.70 10.49 -1.76
CA VAL A 135 7.57 10.51 -2.97
C VAL A 135 6.71 10.68 -4.22
N LEU A 136 7.24 11.32 -5.23
CA LEU A 136 6.42 11.61 -6.44
C LEU A 136 7.18 11.17 -7.69
N VAL A 137 6.46 10.87 -8.75
CA VAL A 137 7.12 10.52 -10.05
C VAL A 137 6.21 10.91 -11.22
N PRO A 138 6.80 11.22 -12.36
CA PRO A 138 6.00 11.54 -13.56
C PRO A 138 5.32 10.27 -14.09
N TYR A 139 4.08 10.38 -14.52
CA TYR A 139 3.42 9.20 -15.15
C TYR A 139 3.93 9.02 -16.58
N GLU A 140 4.42 7.84 -16.90
CA GLU A 140 4.85 7.55 -18.30
C GLU A 140 3.75 6.74 -19.01
N PRO A 141 3.78 6.74 -20.33
CA PRO A 141 2.77 5.96 -21.10
C PRO A 141 2.83 4.48 -20.73
N PRO A 142 1.76 3.76 -21.00
CA PRO A 142 1.71 2.32 -20.62
C PRO A 142 2.85 1.54 -21.29
N GLN A 143 3.32 0.51 -20.64
CA GLN A 143 4.47 -0.28 -21.22
C GLN A 143 4.06 -0.88 -22.57
N VAL A 144 5.01 -1.02 -23.46
CA VAL A 144 4.67 -1.41 -24.87
C VAL A 144 4.19 -2.88 -24.91
N GLY A 145 3.03 -3.11 -25.48
CA GLY A 145 2.51 -4.50 -25.58
C GLY A 145 1.40 -4.72 -24.53
N THR A 146 1.21 -3.80 -23.61
CA THR A 146 0.07 -3.92 -22.65
C THR A 146 -0.49 -2.54 -22.31
N GLU A 147 -1.59 -2.50 -21.59
CA GLU A 147 -2.34 -1.22 -21.43
C GLU A 147 -2.15 -0.63 -20.02
N PHE A 148 -1.21 -1.12 -19.25
CA PHE A 148 -1.07 -0.63 -17.84
C PHE A 148 0.31 -0.01 -17.62
N THR A 149 0.47 0.67 -16.50
CA THR A 149 1.78 1.33 -16.19
C THR A 149 2.36 0.73 -14.91
N THR A 150 3.67 0.65 -14.83
CA THR A 150 4.31 -0.02 -13.66
C THR A 150 5.18 0.96 -12.87
N VAL A 151 5.06 0.94 -11.57
CA VAL A 151 5.97 1.75 -10.69
C VAL A 151 6.51 0.85 -9.59
N LEU A 152 7.79 0.96 -9.29
CA LEU A 152 8.43 -0.02 -8.36
C LEU A 152 8.65 0.63 -7.00
N TYR A 153 8.09 0.06 -5.96
CA TYR A 153 8.22 0.67 -4.60
C TYR A 153 9.19 -0.14 -3.74
N ASN A 154 9.84 0.50 -2.80
CA ASN A 154 10.78 -0.22 -1.89
C ASN A 154 10.57 0.27 -0.45
N PHE A 155 10.67 -0.61 0.51
CA PHE A 155 10.46 -0.20 1.94
C PHE A 155 11.78 -0.27 2.70
N MET A 156 12.13 0.78 3.41
CA MET A 156 13.44 0.81 4.12
C MET A 156 13.33 0.40 5.60
N CYS A 157 12.16 0.01 6.04
CA CYS A 157 12.02 -0.52 7.44
C CYS A 157 10.97 -1.64 7.47
N ASN A 158 10.95 -2.41 8.53
CA ASN A 158 9.95 -3.52 8.64
C ASN A 158 9.05 -3.30 9.86
N SER A 159 7.91 -3.93 9.86
CA SER A 159 6.82 -3.50 10.80
C SER A 159 7.29 -3.59 12.25
N SER A 160 8.14 -4.52 12.56
CA SER A 160 8.37 -4.90 13.99
C SER A 160 9.61 -4.21 14.56
N CYS A 161 10.18 -3.24 13.88
CA CYS A 161 11.36 -2.53 14.46
C CYS A 161 10.93 -1.25 15.18
N VAL A 162 11.19 -1.20 16.47
CA VAL A 162 10.66 -0.07 17.29
C VAL A 162 11.22 1.26 16.79
N GLY A 163 10.40 2.27 16.75
CA GLY A 163 10.87 3.62 16.28
C GLY A 163 10.45 3.86 14.83
N GLY A 164 9.85 2.90 14.18
CA GLY A 164 9.25 3.16 12.84
C GLY A 164 7.77 2.76 12.87
N MET A 165 7.40 1.75 12.11
CA MET A 165 5.98 1.29 12.11
C MET A 165 5.57 0.76 13.48
N ASN A 166 6.54 0.33 14.27
CA ASN A 166 6.28 -0.07 15.70
C ASN A 166 5.02 -0.92 15.87
N ARG A 167 4.94 -2.02 15.13
CA ARG A 167 3.79 -2.97 15.30
C ARG A 167 2.45 -2.26 15.14
N ARG A 168 2.42 -1.18 14.40
CA ARG A 168 1.12 -0.52 14.09
C ARG A 168 0.83 -0.61 12.58
N PRO A 169 -0.21 -1.33 12.20
CA PRO A 169 -0.54 -1.46 10.75
C PRO A 169 -0.80 -0.09 10.13
N ILE A 170 -0.43 0.09 8.88
CA ILE A 170 -0.64 1.41 8.22
C ILE A 170 -1.27 1.23 6.84
N LEU A 171 -1.61 2.32 6.20
CA LEU A 171 -2.21 2.26 4.84
C LEU A 171 -1.36 3.10 3.89
N ILE A 172 -1.32 2.75 2.64
CA ILE A 172 -0.53 3.56 1.68
C ILE A 172 -1.47 4.11 0.61
N ILE A 173 -1.41 5.39 0.37
CA ILE A 173 -2.38 6.04 -0.56
C ILE A 173 -1.65 6.46 -1.83
N VAL A 174 -2.17 6.05 -2.96
CA VAL A 174 -1.54 6.45 -4.25
C VAL A 174 -2.54 7.25 -5.08
N THR A 175 -2.17 8.42 -5.52
CA THR A 175 -3.14 9.32 -6.21
C THR A 175 -2.62 9.73 -7.59
N LEU A 176 -3.51 10.05 -8.50
CA LEU A 176 -3.08 10.68 -9.77
C LEU A 176 -3.44 12.17 -9.75
N GLU A 177 -2.48 13.02 -9.98
CA GLU A 177 -2.71 14.49 -9.84
C GLU A 177 -2.21 15.21 -11.09
N THR A 178 -2.82 16.31 -11.43
CA THR A 178 -2.36 17.10 -12.61
C THR A 178 -1.32 18.12 -12.19
N ARG A 179 -0.53 18.61 -13.13
CA ARG A 179 0.58 19.54 -12.77
C ARG A 179 0.05 20.76 -12.01
N ASP A 180 -1.20 21.12 -12.21
CA ASP A 180 -1.73 22.38 -11.61
C ASP A 180 -2.32 22.14 -10.21
N GLY A 181 -2.14 20.97 -9.64
CA GLY A 181 -2.53 20.76 -8.21
C GLY A 181 -3.99 20.28 -8.11
N GLN A 182 -4.54 19.75 -9.17
CA GLN A 182 -5.96 19.29 -9.12
C GLN A 182 -6.02 17.75 -9.12
N VAL A 183 -6.90 17.19 -8.35
CA VAL A 183 -6.91 15.70 -8.17
C VAL A 183 -7.75 15.04 -9.26
N LEU A 184 -7.23 14.00 -9.87
CA LEU A 184 -8.00 13.28 -10.92
C LEU A 184 -8.64 12.01 -10.35
N GLY A 185 -7.92 11.30 -9.51
CA GLY A 185 -8.50 10.05 -8.91
C GLY A 185 -7.63 9.57 -7.75
N ARG A 186 -8.20 8.84 -6.83
CA ARG A 186 -7.42 8.34 -5.66
C ARG A 186 -7.71 6.86 -5.41
N ARG A 187 -6.68 6.09 -5.13
CA ARG A 187 -6.88 4.67 -4.71
C ARG A 187 -5.98 4.35 -3.52
N CYS A 188 -6.34 3.38 -2.71
CA CYS A 188 -5.55 3.09 -1.48
C CYS A 188 -5.47 1.59 -1.23
N PHE A 189 -4.43 1.14 -0.56
CA PHE A 189 -4.33 -0.30 -0.20
C PHE A 189 -3.66 -0.47 1.16
N GLU A 190 -3.76 -1.63 1.76
CA GLU A 190 -3.19 -1.83 3.12
C GLU A 190 -1.90 -2.66 3.04
N ALA A 191 -0.88 -2.26 3.76
CA ALA A 191 0.45 -2.87 3.55
C ALA A 191 1.01 -3.43 4.87
N ARG A 192 1.69 -4.54 4.79
CA ARG A 192 2.39 -5.08 6.00
C ARG A 192 3.78 -5.59 5.62
N ILE A 193 4.75 -5.39 6.46
CA ILE A 193 6.11 -5.94 6.19
C ILE A 193 6.39 -7.10 7.16
N CYS A 194 6.68 -8.26 6.63
CA CYS A 194 6.80 -9.48 7.51
C CYS A 194 7.89 -10.42 6.99
N ALA A 195 8.25 -11.40 7.76
CA ALA A 195 9.33 -12.34 7.33
C ALA A 195 8.84 -13.25 6.21
N CYS A 196 7.62 -13.72 6.28
CA CYS A 196 7.07 -14.61 5.22
C CYS A 196 5.73 -14.06 4.71
N PRO A 197 5.79 -13.15 3.75
CA PRO A 197 4.55 -12.65 3.10
C PRO A 197 3.75 -13.81 2.51
N GLY A 198 4.40 -14.88 2.15
CA GLY A 198 3.68 -16.06 1.62
C GLY A 198 2.87 -16.70 2.75
N ARG A 199 3.40 -16.70 3.93
CA ARG A 199 2.74 -17.42 5.06
C ARG A 199 1.50 -16.65 5.51
N ASP A 200 1.58 -15.35 5.56
CA ASP A 200 0.43 -14.54 6.02
C ASP A 200 -0.70 -14.60 4.99
N ARG A 201 -0.37 -14.55 3.72
CA ARG A 201 -1.43 -14.64 2.67
C ARG A 201 -2.16 -15.98 2.76
N LYS A 202 -1.42 -17.05 2.95
CA LYS A 202 -2.05 -18.40 3.04
C LYS A 202 -2.95 -18.48 4.27
N ALA A 203 -2.54 -17.92 5.37
CA ALA A 203 -3.32 -18.07 6.65
C ALA A 203 -4.73 -17.48 6.48
N ASP A 204 -4.82 -16.25 6.04
CA ASP A 204 -6.16 -15.61 5.89
C ASP A 204 -7.01 -16.39 4.88
N GLU A 205 -6.40 -16.89 3.83
CA GLU A 205 -7.17 -17.70 2.84
C GLU A 205 -7.71 -18.97 3.49
N ASP A 206 -6.93 -19.59 4.34
CA ASP A 206 -7.39 -20.84 5.02
C ASP A 206 -8.61 -20.54 5.88
N SER A 207 -8.65 -19.37 6.48
CA SER A 207 -9.81 -19.00 7.33
C SER A 207 -11.08 -18.92 6.49
N ILE A 208 -10.97 -18.51 5.26
CA ILE A 208 -12.18 -18.34 4.39
C ILE A 208 -12.66 -19.71 3.88
N ARG A 209 -11.75 -20.51 3.38
CA ARG A 209 -12.16 -21.84 2.82
C ARG A 209 -12.82 -22.70 3.91
N LYS A 210 -12.32 -22.62 5.12
CA LYS A 210 -12.93 -23.41 6.23
C LYS A 210 -14.38 -22.98 6.44
N GLN A 211 -14.61 -21.69 6.51
CA GLN A 211 -16.01 -21.19 6.71
C GLN A 211 -16.85 -21.42 5.44
N GLN A 212 -16.25 -21.26 4.29
CA GLN A 212 -17.03 -21.35 3.02
C GLN A 212 -16.74 -22.67 2.31
N VAL A 213 -17.76 -23.43 2.00
CA VAL A 213 -17.56 -24.73 1.29
C VAL A 213 -17.89 -24.57 -0.20
N SER A 214 -17.01 -24.99 -1.06
CA SER A 214 -17.24 -24.83 -2.52
C SER A 214 -18.48 -25.62 -2.95
N ASP A 215 -19.27 -25.07 -3.83
CA ASP A 215 -20.49 -25.79 -4.32
C ASP A 215 -20.09 -26.83 -5.39
N SER A 216 -20.83 -27.91 -5.48
CA SER A 216 -20.51 -28.96 -6.49
C SER A 216 -20.61 -28.39 -7.91
N THR A 217 -19.89 -28.96 -8.83
CA THR A 217 -19.94 -28.46 -10.24
C THR A 217 -20.97 -29.26 -11.06
N LYS A 218 -21.30 -30.46 -10.61
CA LYS A 218 -22.32 -31.27 -11.34
C LYS A 218 -23.66 -30.52 -11.41
N ASN A 219 -23.96 -29.73 -10.41
CA ASN A 219 -25.24 -28.96 -10.39
C ASN A 219 -26.45 -29.91 -10.55
N GLY A 220 -26.44 -31.00 -9.84
CA GLY A 220 -27.57 -31.98 -9.96
C GLY A 220 -27.91 -32.54 -8.57
N ASP A 221 -28.77 -33.52 -8.51
CA ASP A 221 -29.16 -34.10 -7.19
C ASP A 221 -28.09 -35.09 -6.71
N ALA A 222 -27.49 -34.81 -5.59
CA ALA A 222 -26.43 -35.72 -5.05
C ALA A 222 -27.01 -37.11 -4.77
N PHE A 223 -26.22 -38.13 -4.93
CA PHE A 223 -26.72 -39.52 -4.69
C PHE A 223 -25.73 -40.29 -3.82
N ARG A 224 -26.17 -41.39 -3.22
CA ARG A 224 -25.28 -42.19 -2.34
C ARG A 224 -24.64 -41.32 -1.25
N GLN A 225 -25.35 -40.31 -0.81
CA GLN A 225 -24.81 -39.42 0.26
C GLN A 225 -25.55 -39.69 1.58
N ASN A 226 -24.82 -39.93 2.64
CA ASN A 226 -25.46 -40.23 3.95
C ASN A 226 -26.37 -39.07 4.39
N THR A 227 -25.97 -37.85 4.12
CA THR A 227 -26.80 -36.68 4.50
C THR A 227 -27.05 -35.78 3.29
N HIS A 228 -28.03 -34.91 3.37
CA HIS A 228 -28.31 -33.98 2.23
C HIS A 228 -27.09 -33.10 1.97
N GLY A 229 -26.43 -32.65 3.01
CA GLY A 229 -25.22 -31.80 2.83
C GLY A 229 -24.42 -31.77 4.13
N ILE A 230 -23.34 -31.04 4.16
CA ILE A 230 -22.50 -30.96 5.40
C ILE A 230 -21.85 -29.59 5.51
N GLN A 231 -21.58 -29.15 6.72
CA GLN A 231 -20.95 -27.82 6.92
C GLN A 231 -19.43 -27.92 6.76
N MET A 232 -18.84 -29.00 7.21
CA MET A 232 -17.37 -29.16 7.10
C MET A 232 -17.02 -30.14 5.98
N THR A 233 -15.92 -29.92 5.30
CA THR A 233 -15.51 -30.83 4.19
C THR A 233 -14.02 -31.14 4.28
ZN ZN B . 13.09 0.23 11.28
N GLY A 1 -2.63 23.87 10.38
CA GLY A 1 -1.93 23.89 11.69
C GLY A 1 -0.57 24.58 11.54
N SER A 2 -0.57 25.84 11.20
CA SER A 2 0.72 26.58 11.04
C SER A 2 1.26 27.01 12.40
N SER A 3 0.38 27.25 13.35
CA SER A 3 0.85 27.66 14.71
C SER A 3 0.36 26.66 15.76
N THR A 4 1.13 26.46 16.80
CA THR A 4 0.72 25.49 17.86
C THR A 4 1.61 25.67 19.11
N PHE A 5 1.82 26.89 19.52
CA PHE A 5 2.67 27.13 20.73
C PHE A 5 2.07 26.45 21.95
N ASP A 6 0.78 26.48 22.08
CA ASP A 6 0.11 25.81 23.24
C ASP A 6 -1.35 25.49 22.92
N ALA A 7 -1.61 24.40 22.26
CA ALA A 7 -3.02 24.01 21.90
C ALA A 7 -3.76 25.17 21.24
N LEU A 8 -5.07 25.15 21.25
CA LEU A 8 -5.88 26.25 20.63
C LEU A 8 -5.44 26.51 19.19
N SER A 9 -5.05 25.48 18.48
CA SER A 9 -4.62 25.65 17.06
C SER A 9 -5.46 24.77 16.13
N PRO A 10 -5.43 25.05 14.85
CA PRO A 10 -6.22 24.25 13.88
C PRO A 10 -5.79 22.78 13.93
N SER A 11 -6.68 21.88 13.62
CA SER A 11 -6.33 20.43 13.65
C SER A 11 -5.61 20.02 12.35
N PRO A 12 -4.69 19.10 12.45
CA PRO A 12 -3.97 18.62 11.24
C PRO A 12 -4.94 18.03 10.23
N ALA A 13 -4.60 18.09 8.96
CA ALA A 13 -5.50 17.52 7.91
C ALA A 13 -5.42 15.99 7.92
N ILE A 14 -6.52 15.32 7.70
CA ILE A 14 -6.53 13.84 7.76
C ILE A 14 -7.00 13.26 6.41
N PRO A 15 -6.07 12.83 5.58
CA PRO A 15 -6.44 12.28 4.26
C PRO A 15 -7.34 11.05 4.41
N SER A 16 -8.18 10.79 3.44
CA SER A 16 -9.11 9.62 3.54
C SER A 16 -8.75 8.57 2.49
N ASN A 17 -9.01 7.33 2.77
CA ASN A 17 -8.67 6.24 1.80
C ASN A 17 -9.89 5.89 0.92
N THR A 18 -10.79 6.82 0.74
CA THR A 18 -12.00 6.55 -0.10
C THR A 18 -11.61 6.48 -1.58
N ASP A 19 -11.96 5.40 -2.23
CA ASP A 19 -11.57 5.22 -3.66
C ASP A 19 -12.37 6.17 -4.56
N TYR A 20 -11.77 6.67 -5.60
CA TYR A 20 -12.49 7.59 -6.54
C TYR A 20 -11.88 7.49 -7.95
N PRO A 21 -12.52 6.75 -8.83
CA PRO A 21 -11.95 6.51 -10.17
C PRO A 21 -11.72 7.84 -10.91
N GLY A 22 -12.64 8.76 -10.78
CA GLY A 22 -12.48 10.08 -11.46
C GLY A 22 -12.75 9.94 -12.96
N PRO A 23 -12.19 10.83 -13.75
CA PRO A 23 -12.49 10.85 -15.20
C PRO A 23 -11.75 9.71 -15.93
N HIS A 24 -10.49 9.51 -15.61
CA HIS A 24 -9.67 8.53 -16.38
C HIS A 24 -9.82 7.11 -15.81
N SER A 25 -10.73 6.90 -14.88
CA SER A 25 -10.87 5.57 -14.22
C SER A 25 -9.52 5.10 -13.65
N PHE A 26 -8.98 5.85 -12.73
CA PHE A 26 -7.65 5.48 -12.14
C PHE A 26 -7.82 4.36 -11.12
N ASP A 27 -7.20 3.23 -11.37
CA ASP A 27 -7.34 2.08 -10.44
C ASP A 27 -5.96 1.52 -10.09
N VAL A 28 -5.87 0.79 -9.01
CA VAL A 28 -4.57 0.16 -8.62
C VAL A 28 -4.76 -1.34 -8.43
N SER A 29 -3.77 -2.12 -8.76
CA SER A 29 -3.86 -3.59 -8.55
C SER A 29 -2.46 -4.19 -8.42
N PHE A 30 -2.37 -5.37 -7.86
CA PHE A 30 -1.05 -5.99 -7.62
C PHE A 30 -1.02 -7.40 -8.23
N GLN A 31 -0.05 -7.66 -9.08
CA GLN A 31 -0.03 -8.96 -9.83
C GLN A 31 -0.04 -10.14 -8.85
N GLN A 32 -0.76 -11.18 -9.17
CA GLN A 32 -0.91 -12.33 -8.23
C GLN A 32 0.02 -13.48 -8.64
N SER A 33 0.76 -14.02 -7.71
CA SER A 33 1.65 -15.16 -8.02
C SER A 33 1.39 -16.32 -7.05
N SER A 34 1.74 -17.52 -7.42
CA SER A 34 1.51 -18.69 -6.53
C SER A 34 2.32 -18.55 -5.24
N THR A 35 1.97 -19.29 -4.23
CA THR A 35 2.72 -19.20 -2.93
C THR A 35 4.11 -19.84 -3.07
N ALA A 36 4.94 -19.26 -3.90
CA ALA A 36 6.32 -19.81 -4.10
C ALA A 36 7.18 -19.51 -2.87
N LYS A 37 8.10 -20.40 -2.56
CA LYS A 37 8.99 -20.17 -1.38
C LYS A 37 9.79 -18.88 -1.55
N SER A 38 10.11 -18.22 -0.46
CA SER A 38 10.87 -16.93 -0.52
C SER A 38 10.19 -15.93 -1.46
N ALA A 39 8.91 -15.72 -1.27
CA ALA A 39 8.18 -14.72 -2.10
C ALA A 39 8.46 -13.30 -1.61
N THR A 40 8.98 -12.45 -2.47
CA THR A 40 9.27 -11.04 -2.07
C THR A 40 7.98 -10.35 -1.62
N TRP A 41 6.87 -10.70 -2.22
CA TRP A 41 5.56 -10.06 -1.84
C TRP A 41 4.41 -10.79 -2.52
N THR A 42 3.30 -10.90 -1.84
CA THR A 42 2.13 -11.64 -2.39
C THR A 42 0.83 -10.93 -2.02
N TYR A 43 -0.13 -10.92 -2.91
CA TYR A 43 -1.37 -10.11 -2.67
C TYR A 43 -2.61 -10.98 -2.79
N SER A 44 -3.57 -10.76 -1.91
CA SER A 44 -4.86 -11.52 -2.01
C SER A 44 -5.98 -10.58 -2.44
N THR A 45 -6.67 -10.92 -3.50
CA THR A 45 -7.74 -10.02 -4.01
C THR A 45 -8.95 -10.03 -3.05
N GLU A 46 -9.25 -11.16 -2.47
CA GLU A 46 -10.43 -11.26 -1.56
C GLU A 46 -10.28 -10.29 -0.39
N LEU A 47 -9.08 -10.07 0.06
CA LEU A 47 -8.86 -9.21 1.27
C LEU A 47 -8.32 -7.84 0.87
N LYS A 48 -7.89 -7.67 -0.37
CA LYS A 48 -7.39 -6.33 -0.84
C LYS A 48 -6.20 -5.89 0.01
N LYS A 49 -5.24 -6.77 0.16
CA LYS A 49 -4.09 -6.48 1.08
C LYS A 49 -2.80 -7.08 0.54
N LEU A 50 -1.68 -6.50 0.88
CA LEU A 50 -0.37 -6.96 0.33
C LEU A 50 0.61 -7.26 1.47
N TYR A 51 1.33 -8.35 1.36
CA TYR A 51 2.38 -8.65 2.38
C TYR A 51 3.75 -8.64 1.71
N CYS A 52 4.72 -8.01 2.32
CA CYS A 52 6.06 -7.88 1.69
C CYS A 52 7.17 -8.11 2.72
N GLN A 53 8.35 -8.45 2.28
CA GLN A 53 9.52 -8.49 3.21
C GLN A 53 10.42 -7.27 2.95
N ILE A 54 11.00 -6.75 3.99
CA ILE A 54 11.77 -5.47 3.87
C ILE A 54 12.80 -5.52 2.73
N ALA A 55 13.05 -4.39 2.09
CA ALA A 55 14.12 -4.28 1.04
C ALA A 55 13.81 -5.14 -0.20
N LYS A 56 12.63 -5.69 -0.32
CA LYS A 56 12.26 -6.40 -1.58
C LYS A 56 11.51 -5.46 -2.54
N THR A 57 11.56 -5.74 -3.81
CA THR A 57 10.87 -4.88 -4.81
C THR A 57 9.38 -5.23 -4.88
N CYS A 58 8.52 -4.25 -4.73
CA CYS A 58 7.06 -4.47 -4.93
C CYS A 58 6.56 -3.68 -6.14
N PRO A 59 6.61 -4.28 -7.31
CA PRO A 59 6.01 -3.64 -8.52
C PRO A 59 4.49 -3.48 -8.34
N ILE A 60 3.99 -2.29 -8.55
CA ILE A 60 2.52 -2.07 -8.50
C ILE A 60 2.04 -1.48 -9.83
N GLN A 61 0.87 -1.86 -10.28
CA GLN A 61 0.39 -1.39 -11.63
C GLN A 61 -0.78 -0.41 -11.47
N ILE A 62 -0.75 0.67 -12.19
CA ILE A 62 -1.96 1.56 -12.28
C ILE A 62 -2.76 1.20 -13.53
N LYS A 63 -4.06 1.10 -13.41
CA LYS A 63 -4.90 0.85 -14.62
C LYS A 63 -5.83 2.04 -14.88
N VAL A 64 -5.82 2.56 -16.08
CA VAL A 64 -6.78 3.65 -16.44
C VAL A 64 -7.37 3.38 -17.83
N MET A 65 -8.51 3.98 -18.12
CA MET A 65 -9.15 3.78 -19.47
C MET A 65 -8.38 4.57 -20.53
N THR A 66 -7.97 5.77 -20.20
CA THR A 66 -7.19 6.59 -21.17
C THR A 66 -6.00 7.25 -20.46
N PRO A 67 -4.89 7.35 -21.15
CA PRO A 67 -3.63 7.82 -20.49
C PRO A 67 -3.85 9.18 -19.80
N PRO A 68 -3.29 9.35 -18.62
CA PRO A 68 -3.43 10.65 -17.90
C PRO A 68 -2.77 11.79 -18.71
N PRO A 69 -3.04 13.01 -18.31
CA PRO A 69 -2.46 14.17 -19.04
C PRO A 69 -0.93 14.14 -18.97
N GLN A 70 -0.27 14.77 -19.91
CA GLN A 70 1.22 14.85 -19.86
C GLN A 70 1.65 15.84 -18.78
N GLY A 71 2.68 15.51 -18.03
CA GLY A 71 3.10 16.39 -16.89
C GLY A 71 2.52 15.84 -15.59
N ALA A 72 1.43 15.11 -15.65
CA ALA A 72 0.83 14.51 -14.43
C ALA A 72 1.88 13.75 -13.60
N VAL A 73 1.69 13.70 -12.31
CA VAL A 73 2.63 12.93 -11.44
C VAL A 73 1.83 12.00 -10.53
N ILE A 74 2.44 10.93 -10.08
CA ILE A 74 1.75 10.04 -9.10
C ILE A 74 2.38 10.23 -7.72
N ARG A 75 1.57 10.27 -6.70
CA ARG A 75 2.08 10.53 -5.31
C ARG A 75 1.85 9.28 -4.46
N ALA A 76 2.74 8.98 -3.55
CA ALA A 76 2.49 7.83 -2.61
C ALA A 76 2.91 8.22 -1.19
N MET A 77 2.03 8.03 -0.24
CA MET A 77 2.32 8.47 1.16
C MET A 77 1.87 7.41 2.18
N PRO A 78 2.70 7.13 3.17
CA PRO A 78 2.33 6.16 4.22
C PRO A 78 1.66 6.88 5.41
N VAL A 79 0.62 6.31 5.95
CA VAL A 79 0.01 6.88 7.19
C VAL A 79 -0.59 5.75 8.04
N TYR A 80 -0.71 5.95 9.34
CA TYR A 80 -1.26 4.87 10.22
C TYR A 80 -2.68 4.52 9.80
N LYS A 81 -3.18 3.39 10.24
CA LYS A 81 -4.52 2.91 9.79
C LYS A 81 -5.63 3.65 10.54
N LYS A 82 -5.66 3.54 11.85
CA LYS A 82 -6.77 4.14 12.65
C LYS A 82 -6.52 5.64 12.84
N ALA A 83 -7.57 6.42 12.96
CA ALA A 83 -7.41 7.90 13.04
C ALA A 83 -6.49 8.28 14.22
N GLU A 84 -6.60 7.57 15.31
CA GLU A 84 -5.82 7.93 16.53
C GLU A 84 -4.32 7.97 16.20
N HIS A 85 -3.89 7.24 15.20
CA HIS A 85 -2.45 7.21 14.86
C HIS A 85 -2.17 7.93 13.53
N VAL A 86 -3.17 8.10 12.70
CA VAL A 86 -2.93 8.73 11.36
C VAL A 86 -2.52 10.21 11.51
N THR A 87 -2.84 10.80 12.64
CA THR A 87 -2.38 12.21 12.89
C THR A 87 -0.91 12.23 13.34
N GLU A 88 -0.38 11.10 13.76
CA GLU A 88 1.08 11.02 14.06
C GLU A 88 1.85 10.63 12.80
N VAL A 89 2.98 11.26 12.58
CA VAL A 89 3.80 10.93 11.36
C VAL A 89 4.47 9.57 11.54
N VAL A 90 4.52 8.78 10.48
CA VAL A 90 5.33 7.53 10.50
C VAL A 90 6.78 7.88 10.14
N LYS A 91 7.74 7.28 10.81
CA LYS A 91 9.16 7.70 10.62
C LYS A 91 10.08 6.47 10.49
N ARG A 92 11.36 6.70 10.51
CA ARG A 92 12.33 5.56 10.51
C ARG A 92 12.76 5.22 11.94
N CYS A 93 13.21 4.01 12.16
CA CYS A 93 13.83 3.66 13.48
C CYS A 93 15.15 4.40 13.62
N PRO A 94 15.68 4.48 14.83
CA PRO A 94 16.99 5.16 15.01
C PRO A 94 18.08 4.39 14.26
N ASN A 95 18.11 3.08 14.42
CA ASN A 95 19.14 2.26 13.70
C ASN A 95 18.91 2.31 12.18
N HIS A 96 17.69 2.18 11.75
CA HIS A 96 17.41 2.10 10.27
C HIS A 96 17.44 3.49 9.63
N GLU A 97 17.12 4.52 10.38
CA GLU A 97 17.21 5.91 9.83
C GLU A 97 18.68 6.29 9.62
N LEU A 98 19.55 5.88 10.49
CA LEU A 98 21.00 6.25 10.37
C LEU A 98 21.54 5.84 8.98
N SER A 99 21.00 4.79 8.41
CA SER A 99 21.46 4.33 7.06
C SER A 99 21.52 5.50 6.06
N ARG A 100 20.71 6.51 6.26
CA ARG A 100 20.68 7.66 5.30
C ARG A 100 22.08 8.27 5.13
N GLU A 101 22.90 8.16 6.14
CA GLU A 101 24.27 8.77 6.07
C GLU A 101 25.05 8.22 4.87
N PHE A 102 25.89 9.02 4.26
CA PHE A 102 26.64 8.58 3.04
C PHE A 102 25.68 8.05 1.98
N ASN A 103 24.83 8.91 1.47
CA ASN A 103 23.89 8.48 0.38
C ASN A 103 24.61 8.36 -0.96
N GLU A 104 25.83 8.81 -1.06
CA GLU A 104 26.61 8.62 -2.32
C GLU A 104 26.72 7.13 -2.65
N GLY A 105 26.32 6.74 -3.83
CA GLY A 105 26.40 5.30 -4.23
C GLY A 105 25.08 4.58 -3.96
N GLN A 106 24.08 5.25 -3.41
CA GLN A 106 22.75 4.61 -3.25
C GLN A 106 21.71 5.33 -4.11
N ILE A 107 20.82 4.58 -4.73
CA ILE A 107 19.80 5.20 -5.62
C ILE A 107 18.59 5.68 -4.80
N ALA A 108 18.35 5.08 -3.65
CA ALA A 108 17.11 5.40 -2.88
C ALA A 108 17.46 5.84 -1.46
N PRO A 109 17.39 7.13 -1.20
CA PRO A 109 17.77 7.64 0.15
C PRO A 109 16.90 7.00 1.24
N PRO A 110 17.52 6.24 2.12
CA PRO A 110 16.74 5.56 3.20
C PRO A 110 15.97 6.58 4.05
N SER A 111 16.37 7.83 4.03
CA SER A 111 15.69 8.86 4.89
C SER A 111 14.17 8.84 4.71
N HIS A 112 13.70 8.35 3.59
CA HIS A 112 12.22 8.26 3.38
C HIS A 112 11.77 6.80 3.48
N LEU A 113 10.71 6.54 4.22
CA LEU A 113 10.24 5.14 4.40
C LEU A 113 9.88 4.52 3.04
N ILE A 114 9.27 5.27 2.17
CA ILE A 114 8.94 4.75 0.82
C ILE A 114 9.94 5.30 -0.21
N ARG A 115 10.41 4.46 -1.10
CA ARG A 115 11.39 4.91 -2.13
C ARG A 115 11.02 4.34 -3.50
N VAL A 116 11.56 4.90 -4.55
CA VAL A 116 11.23 4.42 -5.92
C VAL A 116 12.44 3.69 -6.53
N GLU A 117 12.18 2.70 -7.33
CA GLU A 117 13.28 2.01 -8.07
C GLU A 117 13.07 2.10 -9.58
N GLY A 118 14.00 2.68 -10.29
CA GLY A 118 13.97 2.61 -11.78
C GLY A 118 13.38 3.89 -12.37
N ASN A 119 13.44 4.98 -11.65
CA ASN A 119 13.00 6.29 -12.21
C ASN A 119 13.99 7.39 -11.84
N SER A 120 14.77 7.84 -12.78
CA SER A 120 15.82 8.87 -12.46
C SER A 120 15.19 10.18 -11.98
N HIS A 121 13.91 10.37 -12.17
CA HIS A 121 13.27 11.65 -11.76
C HIS A 121 12.53 11.52 -10.42
N ALA A 122 12.64 10.39 -9.75
CA ALA A 122 11.97 10.24 -8.42
C ALA A 122 12.55 11.26 -7.43
N GLN A 123 11.69 11.96 -6.74
CA GLN A 123 12.16 12.93 -5.72
C GLN A 123 11.26 12.87 -4.48
N TYR A 124 11.74 13.31 -3.35
CA TYR A 124 10.92 13.22 -2.11
C TYR A 124 10.54 14.63 -1.63
N VAL A 125 9.42 14.74 -0.98
CA VAL A 125 9.01 16.07 -0.40
C VAL A 125 8.61 15.89 1.07
N GLU A 126 8.62 16.96 1.82
CA GLU A 126 8.13 16.91 3.23
C GLU A 126 6.99 17.91 3.44
N ASP A 127 5.91 17.47 4.01
CA ASP A 127 4.76 18.39 4.27
C ASP A 127 5.17 19.46 5.29
N PRO A 128 4.92 20.72 4.97
CA PRO A 128 5.47 21.81 5.80
C PRO A 128 4.85 21.81 7.20
N ILE A 129 3.63 21.32 7.33
CA ILE A 129 2.88 21.52 8.61
C ILE A 129 2.93 20.26 9.48
N THR A 130 2.62 19.12 8.93
CA THR A 130 2.56 17.88 9.76
C THR A 130 3.77 16.97 9.53
N GLY A 131 4.79 17.45 8.86
CA GLY A 131 6.06 16.66 8.73
C GLY A 131 5.89 15.45 7.79
N ARG A 132 4.70 15.16 7.32
CA ARG A 132 4.44 13.91 6.52
C ARG A 132 5.52 13.68 5.44
N GLN A 133 5.90 12.45 5.23
CA GLN A 133 6.90 12.15 4.16
C GLN A 133 6.20 11.53 2.95
N SER A 134 6.62 11.87 1.76
CA SER A 134 6.04 11.25 0.54
C SER A 134 7.03 11.31 -0.62
N VAL A 135 6.83 10.47 -1.62
CA VAL A 135 7.72 10.50 -2.82
C VAL A 135 6.87 10.66 -4.08
N LEU A 136 7.40 11.31 -5.08
CA LEU A 136 6.58 11.60 -6.30
C LEU A 136 7.34 11.17 -7.55
N VAL A 137 6.64 10.86 -8.61
CA VAL A 137 7.32 10.51 -9.90
C VAL A 137 6.42 10.91 -11.08
N PRO A 138 7.04 11.21 -12.22
CA PRO A 138 6.25 11.54 -13.42
C PRO A 138 5.56 10.29 -13.97
N TYR A 139 4.32 10.40 -14.37
CA TYR A 139 3.63 9.22 -14.99
C TYR A 139 4.11 9.01 -16.42
N GLU A 140 4.56 7.82 -16.73
CA GLU A 140 4.98 7.51 -18.13
C GLU A 140 3.87 6.74 -18.84
N PRO A 141 3.90 6.75 -20.17
CA PRO A 141 2.87 6.01 -20.94
C PRO A 141 2.88 4.52 -20.57
N PRO A 142 1.79 3.83 -20.84
CA PRO A 142 1.70 2.40 -20.46
C PRO A 142 2.82 1.58 -21.13
N GLN A 143 3.26 0.53 -20.51
CA GLN A 143 4.37 -0.29 -21.10
C GLN A 143 3.94 -0.86 -22.45
N VAL A 144 4.86 -1.01 -23.36
CA VAL A 144 4.49 -1.36 -24.77
C VAL A 144 3.97 -2.78 -24.84
N GLY A 145 2.81 -2.96 -25.42
CA GLY A 145 2.22 -4.33 -25.54
C GLY A 145 1.13 -4.55 -24.48
N THR A 146 0.99 -3.65 -23.52
CA THR A 146 -0.11 -3.78 -22.53
C THR A 146 -0.65 -2.40 -22.14
N GLU A 147 -1.70 -2.36 -21.35
CA GLU A 147 -2.45 -1.09 -21.17
C GLU A 147 -2.24 -0.50 -19.76
N PHE A 148 -1.29 -0.98 -19.01
CA PHE A 148 -1.11 -0.48 -17.61
C PHE A 148 0.28 0.12 -17.41
N THR A 149 0.48 0.81 -16.32
CA THR A 149 1.81 1.44 -16.03
C THR A 149 2.40 0.83 -14.75
N THR A 150 3.69 0.66 -14.70
CA THR A 150 4.32 -0.02 -13.53
C THR A 150 5.23 0.94 -12.76
N VAL A 151 5.14 0.93 -11.46
CA VAL A 151 6.07 1.73 -10.61
C VAL A 151 6.63 0.83 -9.51
N LEU A 152 7.90 0.92 -9.24
CA LEU A 152 8.56 -0.05 -8.31
C LEU A 152 8.80 0.61 -6.95
N TYR A 153 8.23 0.07 -5.91
CA TYR A 153 8.37 0.70 -4.56
C TYR A 153 9.35 -0.09 -3.69
N ASN A 154 9.94 0.57 -2.72
CA ASN A 154 10.86 -0.12 -1.77
C ASN A 154 10.56 0.35 -0.34
N PHE A 155 10.65 -0.53 0.61
CA PHE A 155 10.39 -0.15 2.04
C PHE A 155 11.67 -0.28 2.86
N MET A 156 12.03 0.74 3.59
CA MET A 156 13.33 0.71 4.36
C MET A 156 13.10 0.35 5.84
N CYS A 157 11.91 -0.06 6.21
CA CYS A 157 11.70 -0.54 7.61
C CYS A 157 10.68 -1.69 7.61
N ASN A 158 10.66 -2.47 8.66
CA ASN A 158 9.71 -3.61 8.73
C ASN A 158 8.77 -3.45 9.93
N SER A 159 7.69 -4.19 9.96
CA SER A 159 6.57 -3.86 10.89
C SER A 159 7.06 -3.84 12.34
N SER A 160 8.00 -4.69 12.68
CA SER A 160 8.27 -4.97 14.11
C SER A 160 9.56 -4.29 14.60
N CYS A 161 10.10 -3.35 13.85
CA CYS A 161 11.33 -2.65 14.33
C CYS A 161 10.97 -1.35 15.06
N VAL A 162 11.33 -1.27 16.32
CA VAL A 162 10.86 -0.12 17.16
C VAL A 162 11.43 1.19 16.62
N GLY A 163 10.63 2.22 16.60
CA GLY A 163 11.11 3.56 16.12
C GLY A 163 10.69 3.79 14.66
N GLY A 164 10.09 2.82 14.02
CA GLY A 164 9.52 3.05 12.66
C GLY A 164 8.07 2.54 12.62
N MET A 165 7.88 1.37 12.08
CA MET A 165 6.50 0.78 12.02
C MET A 165 5.96 0.55 13.44
N ASN A 166 6.83 0.23 14.37
CA ASN A 166 6.45 0.07 15.80
C ASN A 166 5.14 -0.71 15.99
N ARG A 167 5.02 -1.85 15.34
CA ARG A 167 3.83 -2.74 15.55
C ARG A 167 2.52 -1.98 15.29
N ARG A 168 2.55 -1.01 14.42
CA ARG A 168 1.29 -0.29 14.05
C ARG A 168 1.03 -0.43 12.54
N PRO A 169 0.08 -1.27 12.18
CA PRO A 169 -0.23 -1.45 10.73
C PRO A 169 -0.67 -0.14 10.10
N ILE A 170 -0.33 0.08 8.86
CA ILE A 170 -0.63 1.40 8.21
C ILE A 170 -1.29 1.20 6.84
N LEU A 171 -1.64 2.29 6.22
CA LEU A 171 -2.25 2.24 4.85
C LEU A 171 -1.42 3.10 3.92
N ILE A 172 -1.38 2.75 2.66
CA ILE A 172 -0.60 3.57 1.68
C ILE A 172 -1.55 4.14 0.63
N ILE A 173 -1.46 5.43 0.39
CA ILE A 173 -2.38 6.07 -0.58
C ILE A 173 -1.63 6.46 -1.83
N VAL A 174 -2.10 6.05 -2.98
CA VAL A 174 -1.46 6.45 -4.26
C VAL A 174 -2.45 7.26 -5.10
N THR A 175 -2.07 8.42 -5.54
CA THR A 175 -3.04 9.32 -6.24
C THR A 175 -2.50 9.73 -7.61
N LEU A 176 -3.37 10.02 -8.54
CA LEU A 176 -2.94 10.66 -9.81
C LEU A 176 -3.31 12.14 -9.80
N GLU A 177 -2.35 13.00 -10.00
CA GLU A 177 -2.61 14.47 -9.86
C GLU A 177 -2.04 15.21 -11.07
N THR A 178 -2.61 16.33 -11.41
CA THR A 178 -2.07 17.13 -12.56
C THR A 178 -1.03 18.13 -12.05
N ARG A 179 -0.18 18.61 -12.92
CA ARG A 179 0.88 19.57 -12.49
C ARG A 179 0.26 20.79 -11.80
N ASP A 180 -0.98 21.11 -12.13
CA ASP A 180 -1.60 22.35 -11.60
C ASP A 180 -2.29 22.11 -10.24
N GLY A 181 -2.09 20.97 -9.63
CA GLY A 181 -2.56 20.77 -8.23
C GLY A 181 -4.02 20.28 -8.21
N GLN A 182 -4.51 19.73 -9.29
CA GLN A 182 -5.92 19.24 -9.32
C GLN A 182 -5.95 17.71 -9.28
N VAL A 183 -6.88 17.15 -8.54
CA VAL A 183 -6.88 15.67 -8.32
C VAL A 183 -7.69 14.98 -9.42
N LEU A 184 -7.13 13.95 -10.01
CA LEU A 184 -7.87 13.21 -11.08
C LEU A 184 -8.47 11.92 -10.51
N GLY A 185 -7.75 11.23 -9.66
CA GLY A 185 -8.29 9.96 -9.08
C GLY A 185 -7.46 9.52 -7.88
N ARG A 186 -8.04 8.76 -6.98
CA ARG A 186 -7.29 8.26 -5.80
C ARG A 186 -7.59 6.78 -5.56
N ARG A 187 -6.58 6.00 -5.25
CA ARG A 187 -6.81 4.60 -4.79
C ARG A 187 -5.89 4.28 -3.61
N CYS A 188 -6.23 3.31 -2.81
CA CYS A 188 -5.43 3.02 -1.59
C CYS A 188 -5.33 1.50 -1.36
N PHE A 189 -4.31 1.07 -0.65
CA PHE A 189 -4.19 -0.38 -0.30
C PHE A 189 -3.59 -0.53 1.09
N GLU A 190 -3.74 -1.69 1.70
CA GLU A 190 -3.23 -1.90 3.08
C GLU A 190 -1.95 -2.74 3.05
N ALA A 191 -0.95 -2.34 3.79
CA ALA A 191 0.40 -2.97 3.63
C ALA A 191 0.83 -3.64 4.93
N ARG A 192 1.50 -4.75 4.82
CA ARG A 192 2.12 -5.39 6.03
C ARG A 192 3.51 -5.90 5.70
N ILE A 193 4.46 -5.68 6.57
CA ILE A 193 5.84 -6.22 6.33
C ILE A 193 6.11 -7.38 7.29
N CYS A 194 6.45 -8.53 6.77
CA CYS A 194 6.55 -9.75 7.63
C CYS A 194 7.67 -10.67 7.15
N ALA A 195 7.96 -11.70 7.90
CA ALA A 195 9.05 -12.64 7.49
C ALA A 195 8.62 -13.49 6.30
N CYS A 196 7.38 -13.94 6.30
CA CYS A 196 6.88 -14.76 5.16
C CYS A 196 5.53 -14.22 4.66
N PRO A 197 5.56 -13.29 3.74
CA PRO A 197 4.31 -12.82 3.09
C PRO A 197 3.51 -13.99 2.52
N GLY A 198 4.19 -15.03 2.10
CA GLY A 198 3.47 -16.24 1.58
C GLY A 198 2.67 -16.88 2.71
N ARG A 199 3.23 -16.88 3.90
CA ARG A 199 2.58 -17.62 5.03
C ARG A 199 1.33 -16.87 5.49
N ASP A 200 1.41 -15.55 5.55
CA ASP A 200 0.25 -14.75 6.04
C ASP A 200 -0.88 -14.81 5.00
N ARG A 201 -0.55 -14.74 3.74
CA ARG A 201 -1.61 -14.80 2.69
C ARG A 201 -2.37 -16.14 2.77
N LYS A 202 -1.64 -17.22 2.94
CA LYS A 202 -2.31 -18.56 3.05
C LYS A 202 -3.20 -18.62 4.29
N ALA A 203 -2.74 -18.06 5.38
CA ALA A 203 -3.49 -18.21 6.68
C ALA A 203 -4.88 -17.59 6.56
N ASP A 204 -4.96 -16.37 6.11
CA ASP A 204 -6.29 -15.68 6.02
C ASP A 204 -7.21 -16.44 5.07
N GLU A 205 -6.67 -16.97 3.99
CA GLU A 205 -7.51 -17.75 3.03
C GLU A 205 -8.05 -19.02 3.71
N ASP A 206 -7.22 -19.67 4.49
CA ASP A 206 -7.66 -20.94 5.16
C ASP A 206 -8.82 -20.65 6.12
N SER A 207 -8.80 -19.51 6.76
CA SER A 207 -9.87 -19.18 7.74
C SER A 207 -11.22 -19.02 7.02
N ILE A 208 -11.20 -18.61 5.77
CA ILE A 208 -12.46 -18.41 5.02
C ILE A 208 -12.99 -19.76 4.52
N ARG A 209 -12.13 -20.57 3.95
CA ARG A 209 -12.56 -21.90 3.43
C ARG A 209 -13.17 -22.75 4.56
N LYS A 210 -12.57 -22.73 5.72
CA LYS A 210 -13.10 -23.52 6.86
C LYS A 210 -14.52 -23.06 7.22
N GLN A 211 -14.72 -21.76 7.29
CA GLN A 211 -16.08 -21.23 7.62
C GLN A 211 -17.06 -21.58 6.50
N GLN A 212 -16.60 -21.61 5.27
CA GLN A 212 -17.52 -21.85 4.12
C GLN A 212 -17.55 -23.33 3.75
N VAL A 213 -18.71 -23.92 3.72
CA VAL A 213 -18.85 -25.34 3.29
C VAL A 213 -19.76 -25.44 2.06
N SER A 214 -19.32 -26.12 1.04
CA SER A 214 -20.13 -26.20 -0.21
C SER A 214 -20.98 -27.48 -0.21
N ASP A 215 -22.24 -27.35 -0.54
CA ASP A 215 -23.12 -28.55 -0.61
C ASP A 215 -23.15 -29.11 -2.04
N SER A 216 -22.78 -30.36 -2.20
CA SER A 216 -22.78 -30.96 -3.57
C SER A 216 -24.17 -31.50 -3.92
N THR A 217 -24.64 -31.21 -5.10
CA THR A 217 -25.99 -31.68 -5.51
C THR A 217 -25.88 -32.97 -6.33
N LYS A 218 -24.77 -33.17 -6.99
CA LYS A 218 -24.61 -34.39 -7.84
C LYS A 218 -24.50 -35.64 -6.97
N ASN A 219 -25.19 -36.69 -7.34
CA ASN A 219 -25.12 -37.98 -6.55
C ASN A 219 -25.45 -37.73 -5.08
N GLY A 220 -26.47 -36.97 -4.81
CA GLY A 220 -26.87 -36.70 -3.39
C GLY A 220 -28.20 -35.97 -3.36
N ASP A 221 -28.70 -35.67 -2.19
CA ASP A 221 -30.01 -34.94 -2.07
C ASP A 221 -29.77 -33.43 -2.15
N ALA A 222 -30.42 -32.77 -3.07
CA ALA A 222 -30.24 -31.28 -3.20
C ALA A 222 -30.67 -30.58 -1.91
N PHE A 223 -29.98 -29.53 -1.54
CA PHE A 223 -30.30 -28.83 -0.26
C PHE A 223 -31.69 -28.20 -0.34
N ARG A 224 -32.12 -27.81 -1.52
CA ARG A 224 -33.44 -27.12 -1.67
C ARG A 224 -33.51 -25.87 -0.79
N GLN A 225 -33.89 -26.01 0.47
CA GLN A 225 -33.97 -24.82 1.37
C GLN A 225 -32.63 -24.62 2.09
N ASN A 226 -32.18 -23.40 2.18
CA ASN A 226 -30.85 -23.13 2.81
C ASN A 226 -31.01 -22.95 4.32
N THR A 227 -30.55 -23.91 5.08
CA THR A 227 -30.64 -23.79 6.56
C THR A 227 -29.24 -23.73 7.18
N HIS A 228 -28.27 -23.28 6.43
CA HIS A 228 -26.87 -23.25 6.94
C HIS A 228 -26.39 -21.80 7.07
N GLY A 229 -25.61 -21.52 8.07
CA GLY A 229 -25.10 -20.12 8.28
C GLY A 229 -24.85 -19.88 9.77
N ILE A 230 -24.21 -20.82 10.42
CA ILE A 230 -23.92 -20.65 11.88
C ILE A 230 -22.58 -21.30 12.23
N GLN A 231 -21.78 -20.64 13.04
CA GLN A 231 -20.45 -21.21 13.41
C GLN A 231 -20.58 -22.07 14.67
N MET A 232 -20.98 -21.48 15.77
CA MET A 232 -21.17 -22.27 17.03
C MET A 232 -22.61 -22.12 17.54
N THR A 233 -23.15 -20.92 17.46
CA THR A 233 -24.54 -20.70 17.94
C THR A 233 -25.31 -19.80 16.95
ZN ZN B . 12.80 0.21 11.24
N GLY A 1 14.82 23.30 21.88
CA GLY A 1 13.72 22.75 22.71
C GLY A 1 12.38 23.22 22.16
N SER A 2 11.60 22.31 21.63
CA SER A 2 10.27 22.68 21.06
C SER A 2 9.32 21.48 21.09
N SER A 3 8.04 21.74 21.05
CA SER A 3 7.05 20.61 21.08
C SER A 3 6.18 20.64 19.81
N THR A 4 5.74 19.49 19.37
CA THR A 4 4.89 19.43 18.15
C THR A 4 3.42 19.31 18.52
N PHE A 5 2.52 19.59 17.60
CA PHE A 5 1.05 19.52 17.90
C PHE A 5 0.71 20.37 19.13
N ASP A 6 1.48 21.39 19.40
CA ASP A 6 1.23 22.24 20.60
C ASP A 6 0.20 23.32 20.29
N ALA A 7 -0.24 24.04 21.29
CA ALA A 7 -1.25 25.13 21.08
C ALA A 7 -2.46 24.63 20.29
N LEU A 8 -2.72 23.35 20.34
CA LEU A 8 -3.88 22.75 19.58
C LEU A 8 -3.79 23.10 18.09
N SER A 9 -4.30 24.24 17.68
CA SER A 9 -4.31 24.59 16.22
C SER A 9 -2.87 24.88 15.75
N PRO A 10 -2.65 24.89 14.45
CA PRO A 10 -3.57 24.27 13.45
C PRO A 10 -3.65 22.76 13.66
N SER A 11 -4.76 22.16 13.33
CA SER A 11 -4.90 20.67 13.51
C SER A 11 -4.24 19.94 12.33
N PRO A 12 -3.64 18.80 12.60
CA PRO A 12 -2.99 18.03 11.52
C PRO A 12 -4.00 17.64 10.44
N ALA A 13 -3.58 17.60 9.19
CA ALA A 13 -4.50 17.18 8.09
C ALA A 13 -4.69 15.66 8.12
N ILE A 14 -5.86 15.21 7.78
CA ILE A 14 -6.14 13.73 7.84
C ILE A 14 -6.60 13.23 6.46
N PRO A 15 -5.70 12.62 5.72
CA PRO A 15 -6.05 12.12 4.37
C PRO A 15 -7.13 11.04 4.48
N SER A 16 -7.91 10.85 3.44
CA SER A 16 -8.97 9.80 3.45
C SER A 16 -8.64 8.69 2.47
N ASN A 17 -8.99 7.47 2.81
CA ASN A 17 -8.68 6.32 1.91
C ASN A 17 -9.88 5.98 1.02
N THR A 18 -10.73 6.95 0.75
CA THR A 18 -11.95 6.69 -0.08
C THR A 18 -11.55 6.53 -1.55
N ASP A 19 -11.92 5.43 -2.15
CA ASP A 19 -11.56 5.19 -3.59
C ASP A 19 -12.38 6.09 -4.52
N TYR A 20 -11.79 6.54 -5.58
CA TYR A 20 -12.53 7.40 -6.56
C TYR A 20 -11.86 7.33 -7.94
N PRO A 21 -12.44 6.57 -8.85
CA PRO A 21 -11.81 6.36 -10.18
C PRO A 21 -11.61 7.70 -10.90
N GLY A 22 -12.56 8.58 -10.81
CA GLY A 22 -12.43 9.92 -11.46
C GLY A 22 -12.71 9.80 -12.96
N PRO A 23 -12.17 10.71 -13.74
CA PRO A 23 -12.49 10.75 -15.18
C PRO A 23 -11.82 9.59 -15.93
N HIS A 24 -10.55 9.40 -15.72
CA HIS A 24 -9.80 8.36 -16.49
C HIS A 24 -9.94 6.97 -15.85
N SER A 25 -10.76 6.83 -14.83
CA SER A 25 -10.88 5.52 -14.11
C SER A 25 -9.50 5.03 -13.65
N PHE A 26 -8.87 5.78 -12.79
CA PHE A 26 -7.52 5.39 -12.29
C PHE A 26 -7.66 4.29 -11.22
N ASP A 27 -7.07 3.16 -11.46
CA ASP A 27 -7.20 2.02 -10.50
C ASP A 27 -5.83 1.45 -10.17
N VAL A 28 -5.73 0.73 -9.07
CA VAL A 28 -4.44 0.11 -8.68
C VAL A 28 -4.63 -1.39 -8.48
N SER A 29 -3.62 -2.17 -8.81
CA SER A 29 -3.70 -3.64 -8.59
C SER A 29 -2.29 -4.22 -8.48
N PHE A 30 -2.18 -5.39 -7.91
CA PHE A 30 -0.84 -6.01 -7.68
C PHE A 30 -0.80 -7.41 -8.29
N GLN A 31 0.15 -7.67 -9.15
CA GLN A 31 0.20 -8.99 -9.85
C GLN A 31 0.26 -10.13 -8.83
N GLN A 32 -0.39 -11.24 -9.11
CA GLN A 32 -0.45 -12.35 -8.12
C GLN A 32 0.15 -13.62 -8.71
N SER A 33 0.58 -14.53 -7.87
CA SER A 33 1.17 -15.81 -8.36
C SER A 33 0.85 -16.94 -7.38
N SER A 34 1.15 -18.16 -7.76
CA SER A 34 0.87 -19.32 -6.85
C SER A 34 1.65 -19.16 -5.55
N THR A 35 1.22 -19.81 -4.49
CA THR A 35 1.89 -19.66 -3.17
C THR A 35 3.36 -20.08 -3.27
N ALA A 36 4.24 -19.17 -3.57
CA ALA A 36 5.68 -19.50 -3.70
C ALA A 36 6.38 -19.35 -2.35
N LYS A 37 7.44 -20.08 -2.12
CA LYS A 37 8.20 -19.94 -0.85
C LYS A 37 9.13 -18.73 -0.93
N SER A 38 9.39 -18.09 0.20
CA SER A 38 10.29 -16.90 0.22
C SER A 38 9.87 -15.87 -0.83
N ALA A 39 8.59 -15.74 -1.06
CA ALA A 39 8.10 -14.71 -2.05
C ALA A 39 8.50 -13.31 -1.58
N THR A 40 9.04 -12.51 -2.47
CA THR A 40 9.37 -11.10 -2.11
C THR A 40 8.10 -10.35 -1.71
N TRP A 41 7.00 -10.69 -2.33
CA TRP A 41 5.70 -10.04 -1.97
C TRP A 41 4.54 -10.76 -2.66
N THR A 42 3.44 -10.86 -1.98
CA THR A 42 2.27 -11.62 -2.53
C THR A 42 0.96 -10.91 -2.16
N TYR A 43 0.00 -10.90 -3.06
CA TYR A 43 -1.22 -10.08 -2.83
C TYR A 43 -2.48 -10.94 -2.94
N SER A 44 -3.44 -10.70 -2.08
CA SER A 44 -4.73 -11.45 -2.16
C SER A 44 -5.86 -10.51 -2.57
N THR A 45 -6.56 -10.84 -3.62
CA THR A 45 -7.66 -9.95 -4.11
C THR A 45 -8.84 -9.96 -3.15
N GLU A 46 -9.14 -11.09 -2.56
CA GLU A 46 -10.32 -11.19 -1.65
C GLU A 46 -10.17 -10.22 -0.48
N LEU A 47 -8.98 -10.01 -0.02
CA LEU A 47 -8.77 -9.15 1.18
C LEU A 47 -8.21 -7.77 0.77
N LYS A 48 -7.77 -7.62 -0.46
CA LYS A 48 -7.25 -6.29 -0.93
C LYS A 48 -6.05 -5.88 -0.07
N LYS A 49 -5.09 -6.75 0.08
CA LYS A 49 -3.96 -6.49 1.01
C LYS A 49 -2.66 -7.07 0.47
N LEU A 50 -1.55 -6.50 0.84
CA LEU A 50 -0.23 -6.94 0.29
C LEU A 50 0.74 -7.27 1.42
N TYR A 51 1.47 -8.35 1.30
CA TYR A 51 2.54 -8.66 2.30
C TYR A 51 3.90 -8.61 1.60
N CYS A 52 4.86 -7.97 2.21
CA CYS A 52 6.20 -7.85 1.57
C CYS A 52 7.32 -8.06 2.59
N GLN A 53 8.50 -8.40 2.14
CA GLN A 53 9.68 -8.44 3.06
C GLN A 53 10.57 -7.23 2.80
N ILE A 54 11.14 -6.68 3.84
CA ILE A 54 11.91 -5.40 3.71
C ILE A 54 12.97 -5.48 2.59
N ALA A 55 13.24 -4.37 1.96
CA ALA A 55 14.32 -4.29 0.91
C ALA A 55 14.00 -5.12 -0.34
N LYS A 56 12.80 -5.65 -0.46
CA LYS A 56 12.40 -6.32 -1.74
C LYS A 56 11.67 -5.34 -2.66
N THR A 57 11.70 -5.59 -3.94
CA THR A 57 10.99 -4.72 -4.92
C THR A 57 9.52 -5.11 -5.02
N CYS A 58 8.62 -4.17 -4.84
CA CYS A 58 7.18 -4.45 -5.04
C CYS A 58 6.65 -3.65 -6.24
N PRO A 59 6.72 -4.24 -7.42
CA PRO A 59 6.10 -3.60 -8.61
C PRO A 59 4.59 -3.44 -8.42
N ILE A 60 4.07 -2.27 -8.67
CA ILE A 60 2.60 -2.05 -8.60
C ILE A 60 2.11 -1.47 -9.93
N GLN A 61 0.95 -1.88 -10.40
CA GLN A 61 0.48 -1.43 -11.75
C GLN A 61 -0.69 -0.45 -11.60
N ILE A 62 -0.67 0.61 -12.36
CA ILE A 62 -1.87 1.49 -12.47
C ILE A 62 -2.72 1.09 -13.68
N LYS A 63 -4.02 1.00 -13.52
CA LYS A 63 -4.89 0.70 -14.69
C LYS A 63 -5.86 1.86 -14.94
N VAL A 64 -5.93 2.33 -16.16
CA VAL A 64 -6.91 3.40 -16.51
C VAL A 64 -7.58 3.08 -17.85
N MET A 65 -8.72 3.67 -18.10
CA MET A 65 -9.43 3.44 -19.40
C MET A 65 -8.76 4.27 -20.51
N THR A 66 -8.38 5.49 -20.19
CA THR A 66 -7.66 6.34 -21.18
C THR A 66 -6.48 7.04 -20.51
N PRO A 67 -5.39 7.18 -21.24
CA PRO A 67 -4.14 7.69 -20.62
C PRO A 67 -4.37 9.04 -19.92
N PRO A 68 -3.77 9.22 -18.76
CA PRO A 68 -3.91 10.52 -18.04
C PRO A 68 -3.19 11.63 -18.83
N PRO A 69 -3.41 12.87 -18.40
CA PRO A 69 -2.79 14.02 -19.12
C PRO A 69 -1.26 13.92 -19.08
N GLN A 70 -0.60 14.53 -20.04
CA GLN A 70 0.89 14.56 -20.02
C GLN A 70 1.39 15.59 -19.01
N GLY A 71 2.43 15.29 -18.29
CA GLY A 71 2.89 16.21 -17.21
C GLY A 71 2.35 15.73 -15.86
N ALA A 72 1.26 15.01 -15.86
CA ALA A 72 0.68 14.46 -14.59
C ALA A 72 1.74 13.74 -13.76
N VAL A 73 1.56 13.70 -12.47
CA VAL A 73 2.51 12.95 -11.59
C VAL A 73 1.73 12.03 -10.66
N ILE A 74 2.35 10.99 -10.19
CA ILE A 74 1.67 10.08 -9.21
C ILE A 74 2.30 10.26 -7.83
N ARG A 75 1.49 10.29 -6.81
CA ARG A 75 2.02 10.55 -5.43
C ARG A 75 1.80 9.31 -4.57
N ALA A 76 2.68 9.03 -3.65
CA ALA A 76 2.45 7.88 -2.71
C ALA A 76 2.88 8.27 -1.29
N MET A 77 2.02 8.08 -0.33
CA MET A 77 2.34 8.50 1.07
C MET A 77 1.90 7.42 2.08
N PRO A 78 2.75 7.14 3.06
CA PRO A 78 2.40 6.15 4.10
C PRO A 78 1.76 6.85 5.31
N VAL A 79 0.71 6.28 5.85
CA VAL A 79 0.11 6.83 7.11
C VAL A 79 -0.47 5.70 7.95
N TYR A 80 -0.58 5.89 9.25
CA TYR A 80 -1.11 4.80 10.13
C TYR A 80 -2.54 4.44 9.72
N LYS A 81 -3.03 3.31 10.17
CA LYS A 81 -4.37 2.84 9.71
C LYS A 81 -5.49 3.55 10.48
N LYS A 82 -5.51 3.41 11.79
CA LYS A 82 -6.62 3.99 12.59
C LYS A 82 -6.39 5.48 12.81
N ALA A 83 -7.45 6.25 12.95
CA ALA A 83 -7.31 7.73 13.05
C ALA A 83 -6.38 8.11 14.22
N GLU A 84 -6.48 7.40 15.30
CA GLU A 84 -5.68 7.75 16.52
C GLU A 84 -4.18 7.79 16.18
N HIS A 85 -3.77 7.08 15.17
CA HIS A 85 -2.32 7.07 14.81
C HIS A 85 -2.07 7.81 13.49
N VAL A 86 -3.08 7.98 12.66
CA VAL A 86 -2.85 8.62 11.33
C VAL A 86 -2.46 10.10 11.50
N THR A 87 -2.77 10.68 12.63
CA THR A 87 -2.32 12.08 12.90
C THR A 87 -0.85 12.11 13.33
N GLU A 88 -0.31 10.99 13.74
CA GLU A 88 1.15 10.92 14.03
C GLU A 88 1.93 10.56 12.75
N VAL A 89 3.05 11.20 12.53
CA VAL A 89 3.90 10.86 11.35
C VAL A 89 4.59 9.51 11.56
N VAL A 90 4.72 8.72 10.52
CA VAL A 90 5.55 7.49 10.61
C VAL A 90 7.02 7.84 10.34
N LYS A 91 7.93 7.24 11.07
CA LYS A 91 9.35 7.69 11.03
C LYS A 91 10.31 6.50 10.92
N ARG A 92 11.58 6.75 11.07
CA ARG A 92 12.58 5.64 11.01
C ARG A 92 12.91 5.14 12.43
N CYS A 93 13.37 3.92 12.53
CA CYS A 93 13.87 3.41 13.85
C CYS A 93 15.23 4.07 14.15
N PRO A 94 15.67 4.02 15.38
CA PRO A 94 16.99 4.60 15.72
C PRO A 94 18.10 3.83 14.99
N ASN A 95 18.06 2.54 15.03
CA ASN A 95 19.09 1.71 14.33
C ASN A 95 18.98 1.89 12.80
N HIS A 96 17.78 1.87 12.28
CA HIS A 96 17.60 1.93 10.80
C HIS A 96 17.74 3.37 10.28
N GLU A 97 17.41 4.34 11.09
CA GLU A 97 17.62 5.77 10.67
C GLU A 97 19.13 6.07 10.56
N LEU A 98 19.92 5.48 11.42
CA LEU A 98 21.41 5.68 11.34
C LEU A 98 21.92 5.35 9.93
N SER A 99 21.31 4.40 9.27
CA SER A 99 21.67 4.08 7.85
C SER A 99 21.73 5.36 6.99
N ARG A 100 20.99 6.38 7.36
CA ARG A 100 20.98 7.65 6.57
C ARG A 100 22.41 8.17 6.37
N GLU A 101 23.26 7.99 7.35
CA GLU A 101 24.67 8.50 7.23
C GLU A 101 25.36 7.84 6.03
N PHE A 102 26.32 8.52 5.44
CA PHE A 102 27.02 7.98 4.23
C PHE A 102 26.02 7.57 3.15
N ASN A 103 25.20 8.50 2.72
CA ASN A 103 24.24 8.20 1.60
C ASN A 103 25.00 7.95 0.29
N GLU A 104 26.29 8.21 0.25
CA GLU A 104 27.10 7.84 -0.95
C GLU A 104 27.00 6.33 -1.21
N GLY A 105 26.60 5.95 -2.40
CA GLY A 105 26.46 4.51 -2.72
C GLY A 105 25.02 4.03 -2.52
N GLN A 106 24.10 4.92 -2.16
CA GLN A 106 22.66 4.54 -2.16
C GLN A 106 21.90 5.35 -3.21
N ILE A 107 20.98 4.73 -3.89
CA ILE A 107 20.25 5.42 -4.99
C ILE A 107 18.98 6.12 -4.45
N ALA A 108 18.45 5.62 -3.35
CA ALA A 108 17.17 6.18 -2.82
C ALA A 108 17.35 6.63 -1.37
N PRO A 109 16.94 7.85 -1.06
CA PRO A 109 17.22 8.40 0.30
C PRO A 109 16.46 7.62 1.37
N PRO A 110 17.16 6.86 2.18
CA PRO A 110 16.49 6.03 3.23
C PRO A 110 15.70 6.91 4.21
N SER A 111 15.94 8.20 4.22
CA SER A 111 15.19 9.11 5.16
C SER A 111 13.67 8.88 5.08
N HIS A 112 13.18 8.45 3.95
CA HIS A 112 11.72 8.20 3.81
C HIS A 112 11.42 6.70 3.76
N LEU A 113 10.38 6.27 4.42
CA LEU A 113 10.03 4.80 4.44
C LEU A 113 9.82 4.29 3.01
N ILE A 114 9.21 5.09 2.18
CA ILE A 114 8.89 4.63 0.79
C ILE A 114 9.80 5.33 -0.22
N ARG A 115 10.31 4.59 -1.18
CA ARG A 115 11.16 5.20 -2.24
C ARG A 115 10.84 4.56 -3.60
N VAL A 116 11.32 5.15 -4.66
CA VAL A 116 11.05 4.61 -6.02
C VAL A 116 12.30 3.91 -6.58
N GLU A 117 12.09 2.86 -7.35
CA GLU A 117 13.22 2.27 -8.11
C GLU A 117 12.97 2.39 -9.62
N GLY A 118 13.93 2.88 -10.35
CA GLY A 118 13.87 2.79 -11.84
C GLY A 118 13.28 4.09 -12.42
N ASN A 119 13.38 5.18 -11.72
CA ASN A 119 12.91 6.48 -12.28
C ASN A 119 13.88 7.60 -11.89
N SER A 120 14.65 8.09 -12.82
CA SER A 120 15.67 9.14 -12.51
C SER A 120 14.98 10.42 -12.01
N HIS A 121 13.70 10.57 -12.21
CA HIS A 121 13.01 11.83 -11.79
C HIS A 121 12.28 11.67 -10.45
N ALA A 122 12.44 10.54 -9.78
CA ALA A 122 11.81 10.38 -8.44
C ALA A 122 12.35 11.43 -7.46
N GLN A 123 11.47 12.15 -6.81
CA GLN A 123 11.91 13.15 -5.81
C GLN A 123 10.99 13.11 -4.59
N TYR A 124 11.45 13.58 -3.46
CA TYR A 124 10.62 13.50 -2.21
C TYR A 124 10.26 14.89 -1.70
N VAL A 125 9.14 15.01 -1.04
CA VAL A 125 8.75 16.32 -0.45
C VAL A 125 8.34 16.15 1.00
N GLU A 126 8.35 17.22 1.76
CA GLU A 126 7.89 17.14 3.19
C GLU A 126 6.72 18.09 3.40
N ASP A 127 5.65 17.61 3.99
CA ASP A 127 4.48 18.49 4.28
C ASP A 127 4.87 19.55 5.31
N PRO A 128 4.58 20.81 5.03
CA PRO A 128 5.10 21.91 5.87
C PRO A 128 4.49 21.86 7.28
N ILE A 129 3.29 21.32 7.41
CA ILE A 129 2.54 21.48 8.69
C ILE A 129 2.65 20.22 9.55
N THR A 130 2.39 19.06 9.00
CA THR A 130 2.39 17.82 9.84
C THR A 130 3.64 16.97 9.59
N GLY A 131 4.63 17.50 8.90
CA GLY A 131 5.92 16.75 8.74
C GLY A 131 5.77 15.55 7.78
N ARG A 132 4.57 15.24 7.31
CA ARG A 132 4.35 14.01 6.48
C ARG A 132 5.41 13.84 5.38
N GLN A 133 5.83 12.64 5.12
CA GLN A 133 6.79 12.39 4.01
C GLN A 133 6.07 11.75 2.82
N SER A 134 6.47 12.08 1.62
CA SER A 134 5.87 11.43 0.42
C SER A 134 6.86 11.46 -0.76
N VAL A 135 6.65 10.61 -1.72
CA VAL A 135 7.54 10.59 -2.93
C VAL A 135 6.70 10.76 -4.19
N LEU A 136 7.25 11.39 -5.20
CA LEU A 136 6.45 11.67 -6.43
C LEU A 136 7.22 11.20 -7.67
N VAL A 137 6.53 10.89 -8.73
CA VAL A 137 7.21 10.54 -10.01
C VAL A 137 6.31 10.92 -11.20
N PRO A 138 6.92 11.22 -12.33
CA PRO A 138 6.13 11.54 -13.54
C PRO A 138 5.45 10.28 -14.07
N TYR A 139 4.23 10.39 -14.53
CA TYR A 139 3.57 9.22 -15.16
C TYR A 139 4.09 9.02 -16.59
N GLU A 140 4.56 7.84 -16.90
CA GLU A 140 4.98 7.53 -18.30
C GLU A 140 3.88 6.74 -19.01
N PRO A 141 3.91 6.74 -20.33
CA PRO A 141 2.89 5.98 -21.10
C PRO A 141 2.93 4.48 -20.73
N PRO A 142 1.86 3.77 -20.99
CA PRO A 142 1.79 2.34 -20.62
C PRO A 142 2.93 1.56 -21.29
N GLN A 143 3.40 0.51 -20.66
CA GLN A 143 4.52 -0.28 -21.24
C GLN A 143 4.12 -0.86 -22.60
N VAL A 144 5.06 -0.98 -23.51
CA VAL A 144 4.70 -1.34 -24.91
C VAL A 144 4.24 -2.80 -24.97
N GLY A 145 3.08 -3.03 -25.55
CA GLY A 145 2.55 -4.42 -25.66
C GLY A 145 1.46 -4.68 -24.62
N THR A 146 1.28 -3.78 -23.67
CA THR A 146 0.18 -3.95 -22.68
C THR A 146 -0.43 -2.59 -22.31
N GLU A 147 -1.48 -2.59 -21.53
CA GLU A 147 -2.28 -1.34 -21.37
C GLU A 147 -2.11 -0.74 -19.97
N PHE A 148 -1.13 -1.18 -19.21
CA PHE A 148 -0.98 -0.65 -17.81
C PHE A 148 0.38 -0.01 -17.60
N THR A 149 0.55 0.69 -16.51
CA THR A 149 1.86 1.36 -16.22
C THR A 149 2.46 0.79 -14.94
N THR A 150 3.77 0.70 -14.87
CA THR A 150 4.41 0.03 -13.70
C THR A 150 5.26 1.03 -12.90
N VAL A 151 5.16 0.98 -11.60
CA VAL A 151 6.04 1.80 -10.73
C VAL A 151 6.61 0.92 -9.62
N LEU A 152 7.88 1.05 -9.32
CA LEU A 152 8.54 0.08 -8.40
C LEU A 152 8.74 0.72 -7.02
N TYR A 153 8.20 0.13 -6.00
CA TYR A 153 8.28 0.74 -4.63
C TYR A 153 9.24 -0.06 -3.75
N ASN A 154 9.89 0.61 -2.83
CA ASN A 154 10.84 -0.09 -1.91
C ASN A 154 10.64 0.41 -0.48
N PHE A 155 10.75 -0.46 0.50
CA PHE A 155 10.57 -0.04 1.92
C PHE A 155 11.85 -0.32 2.72
N MET A 156 12.25 0.62 3.56
CA MET A 156 13.53 0.45 4.31
C MET A 156 13.29 0.10 5.79
N CYS A 157 12.09 -0.25 6.16
CA CYS A 157 11.83 -0.68 7.57
C CYS A 157 10.78 -1.79 7.59
N ASN A 158 10.73 -2.56 8.65
CA ASN A 158 9.76 -3.70 8.72
C ASN A 158 8.82 -3.53 9.91
N SER A 159 7.73 -4.24 9.91
CA SER A 159 6.61 -3.90 10.84
C SER A 159 7.08 -3.91 12.30
N SER A 160 8.00 -4.76 12.63
CA SER A 160 8.26 -5.05 14.07
C SER A 160 9.55 -4.39 14.57
N CYS A 161 10.10 -3.45 13.84
CA CYS A 161 11.33 -2.76 14.33
C CYS A 161 10.98 -1.49 15.09
N VAL A 162 11.32 -1.45 16.35
CA VAL A 162 10.81 -0.35 17.25
C VAL A 162 11.33 1.01 16.77
N GLY A 163 10.49 2.01 16.81
CA GLY A 163 10.92 3.39 16.42
C GLY A 163 10.51 3.69 14.97
N GLY A 164 9.96 2.74 14.26
CA GLY A 164 9.42 3.03 12.90
C GLY A 164 8.00 2.49 12.79
N MET A 165 7.84 1.34 12.18
CA MET A 165 6.49 0.71 12.08
C MET A 165 5.93 0.43 13.48
N ASN A 166 6.80 0.13 14.42
CA ASN A 166 6.40 -0.05 15.85
C ASN A 166 5.11 -0.86 16.01
N ARG A 167 4.99 -1.96 15.31
CA ARG A 167 3.80 -2.86 15.46
C ARG A 167 2.49 -2.09 15.23
N ARG A 168 2.52 -1.09 14.38
CA ARG A 168 1.27 -0.38 14.00
C ARG A 168 1.05 -0.49 12.48
N PRO A 169 0.12 -1.33 12.06
CA PRO A 169 -0.13 -1.50 10.61
C PRO A 169 -0.56 -0.16 9.99
N ILE A 170 -0.23 0.05 8.74
CA ILE A 170 -0.52 1.37 8.10
C ILE A 170 -1.18 1.18 6.73
N LEU A 171 -1.54 2.26 6.11
CA LEU A 171 -2.16 2.22 4.76
C LEU A 171 -1.34 3.09 3.81
N ILE A 172 -1.31 2.75 2.55
CA ILE A 172 -0.55 3.58 1.58
C ILE A 172 -1.52 4.15 0.55
N ILE A 173 -1.44 5.44 0.31
CA ILE A 173 -2.39 6.08 -0.64
C ILE A 173 -1.64 6.48 -1.90
N VAL A 174 -2.13 6.07 -3.05
CA VAL A 174 -1.47 6.46 -4.33
C VAL A 174 -2.48 7.24 -5.18
N THR A 175 -2.11 8.41 -5.63
CA THR A 175 -3.09 9.29 -6.33
C THR A 175 -2.56 9.69 -7.70
N LEU A 176 -3.43 9.99 -8.63
CA LEU A 176 -3.00 10.62 -9.90
C LEU A 176 -3.37 12.10 -9.88
N GLU A 177 -2.41 12.97 -10.13
CA GLU A 177 -2.64 14.43 -9.98
C GLU A 177 -2.17 15.17 -11.23
N THR A 178 -2.78 16.27 -11.55
CA THR A 178 -2.34 17.07 -12.73
C THR A 178 -1.28 18.08 -12.30
N ARG A 179 -0.53 18.60 -13.24
CA ARG A 179 0.59 19.53 -12.89
C ARG A 179 0.08 20.73 -12.06
N ASP A 180 -1.17 21.07 -12.21
CA ASP A 180 -1.69 22.31 -11.55
C ASP A 180 -2.24 22.03 -10.14
N GLY A 181 -2.04 20.84 -9.62
CA GLY A 181 -2.38 20.57 -8.20
C GLY A 181 -3.83 20.09 -8.06
N GLN A 182 -4.41 19.59 -9.13
CA GLN A 182 -5.83 19.13 -9.06
C GLN A 182 -5.90 17.60 -9.09
N VAL A 183 -6.77 17.02 -8.31
CA VAL A 183 -6.80 15.52 -8.19
C VAL A 183 -7.66 14.92 -9.31
N LEU A 184 -7.15 13.91 -9.96
CA LEU A 184 -7.95 13.22 -11.02
C LEU A 184 -8.57 11.93 -10.47
N GLY A 185 -7.83 11.20 -9.67
CA GLY A 185 -8.38 9.92 -9.12
C GLY A 185 -7.54 9.46 -7.92
N ARG A 186 -8.12 8.71 -7.02
CA ARG A 186 -7.37 8.25 -5.81
C ARG A 186 -7.62 6.76 -5.56
N ARG A 187 -6.59 6.02 -5.26
CA ARG A 187 -6.76 4.60 -4.83
C ARG A 187 -5.89 4.31 -3.60
N CYS A 188 -6.23 3.31 -2.83
CA CYS A 188 -5.47 3.02 -1.59
C CYS A 188 -5.35 1.50 -1.36
N PHE A 189 -4.32 1.07 -0.68
CA PHE A 189 -4.18 -0.37 -0.35
C PHE A 189 -3.53 -0.54 1.04
N GLU A 190 -3.66 -1.70 1.62
CA GLU A 190 -3.12 -1.91 3.00
C GLU A 190 -1.83 -2.74 2.95
N ALA A 191 -0.83 -2.33 3.68
CA ALA A 191 0.52 -2.94 3.51
C ALA A 191 0.99 -3.59 4.82
N ARG A 192 1.67 -4.70 4.72
CA ARG A 192 2.30 -5.32 5.92
C ARG A 192 3.70 -5.83 5.58
N ILE A 193 4.65 -5.62 6.45
CA ILE A 193 6.02 -6.16 6.19
C ILE A 193 6.30 -7.32 7.16
N CYS A 194 6.62 -8.48 6.64
CA CYS A 194 6.73 -9.69 7.51
C CYS A 194 7.85 -10.62 7.01
N ALA A 195 8.17 -11.63 7.77
CA ALA A 195 9.27 -12.57 7.35
C ALA A 195 8.80 -13.42 6.17
N CYS A 196 7.57 -13.87 6.18
CA CYS A 196 7.05 -14.71 5.07
C CYS A 196 5.69 -14.16 4.58
N PRO A 197 5.73 -13.24 3.64
CA PRO A 197 4.47 -12.77 3.00
C PRO A 197 3.66 -13.94 2.44
N GLY A 198 4.33 -15.00 2.05
CA GLY A 198 3.59 -16.20 1.55
C GLY A 198 2.79 -16.80 2.70
N ARG A 199 3.34 -16.79 3.89
CA ARG A 199 2.70 -17.49 5.03
C ARG A 199 1.46 -16.72 5.49
N ASP A 200 1.57 -15.41 5.56
CA ASP A 200 0.42 -14.59 6.03
C ASP A 200 -0.71 -14.61 5.00
N ARG A 201 -0.38 -14.54 3.73
CA ARG A 201 -1.44 -14.62 2.67
C ARG A 201 -2.20 -15.94 2.76
N LYS A 202 -1.50 -17.02 2.96
CA LYS A 202 -2.18 -18.36 3.06
C LYS A 202 -3.07 -18.41 4.31
N ALA A 203 -2.60 -17.87 5.41
CA ALA A 203 -3.35 -18.01 6.69
C ALA A 203 -4.75 -17.37 6.57
N ASP A 204 -4.81 -16.15 6.10
CA ASP A 204 -6.13 -15.46 5.98
C ASP A 204 -7.04 -16.23 5.02
N GLU A 205 -6.48 -16.77 3.96
CA GLU A 205 -7.31 -17.57 3.00
C GLU A 205 -7.89 -18.79 3.71
N ASP A 206 -7.11 -19.44 4.53
CA ASP A 206 -7.63 -20.63 5.28
C ASP A 206 -8.78 -20.21 6.20
N SER A 207 -8.69 -19.03 6.77
CA SER A 207 -9.77 -18.56 7.68
C SER A 207 -11.09 -18.41 6.92
N ILE A 208 -11.02 -18.05 5.67
CA ILE A 208 -12.27 -17.81 4.88
C ILE A 208 -12.87 -19.15 4.43
N ARG A 209 -12.05 -20.04 3.94
CA ARG A 209 -12.57 -21.36 3.46
C ARG A 209 -13.24 -22.12 4.61
N LYS A 210 -12.66 -22.09 5.78
CA LYS A 210 -13.29 -22.79 6.95
C LYS A 210 -14.63 -22.16 7.30
N GLN A 211 -14.68 -20.86 7.37
CA GLN A 211 -15.96 -20.17 7.70
C GLN A 211 -16.98 -20.36 6.57
N GLN A 212 -16.51 -20.39 5.34
CA GLN A 212 -17.45 -20.48 4.18
C GLN A 212 -17.57 -21.93 3.70
N VAL A 213 -18.77 -22.44 3.63
CA VAL A 213 -18.98 -23.82 3.11
C VAL A 213 -19.75 -23.76 1.79
N SER A 214 -19.25 -24.43 0.77
CA SER A 214 -19.91 -24.37 -0.57
C SER A 214 -20.94 -25.49 -0.71
N ASP A 215 -22.06 -25.19 -1.31
CA ASP A 215 -23.12 -26.23 -1.50
C ASP A 215 -22.86 -27.04 -2.76
N SER A 216 -22.72 -28.34 -2.62
CA SER A 216 -22.46 -29.20 -3.81
C SER A 216 -23.68 -29.22 -4.73
N THR A 217 -23.49 -29.44 -6.00
CA THR A 217 -24.63 -29.46 -6.96
C THR A 217 -25.17 -30.88 -7.13
N LYS A 218 -24.37 -31.88 -6.84
CA LYS A 218 -24.85 -33.29 -6.93
C LYS A 218 -26.04 -33.51 -6.00
N ASN A 219 -26.05 -32.85 -4.87
CA ASN A 219 -27.19 -33.00 -3.91
C ASN A 219 -28.14 -31.81 -4.03
N GLY A 220 -29.31 -32.04 -4.58
CA GLY A 220 -30.31 -30.94 -4.72
C GLY A 220 -30.69 -30.40 -3.33
N ASP A 221 -30.75 -31.27 -2.36
CA ASP A 221 -31.13 -30.83 -0.98
C ASP A 221 -30.54 -31.80 0.07
N ALA A 222 -30.43 -31.36 1.29
CA ALA A 222 -29.88 -32.25 2.36
C ALA A 222 -30.75 -33.48 2.54
N PHE A 223 -30.16 -34.61 2.79
CA PHE A 223 -30.96 -35.87 2.97
C PHE A 223 -30.38 -36.71 4.12
N ARG A 224 -31.16 -37.59 4.67
CA ARG A 224 -30.70 -38.44 5.81
C ARG A 224 -30.18 -37.58 6.97
N GLN A 225 -28.93 -37.19 6.95
CA GLN A 225 -28.35 -36.45 8.10
C GLN A 225 -28.81 -35.00 8.09
N ASN A 226 -29.24 -34.48 9.22
CA ASN A 226 -29.70 -33.07 9.28
C ASN A 226 -28.87 -32.28 10.30
N THR A 227 -28.76 -30.99 10.12
CA THR A 227 -27.99 -30.16 11.07
C THR A 227 -28.79 -28.92 11.48
N HIS A 228 -28.49 -28.36 12.63
CA HIS A 228 -29.25 -27.16 13.10
C HIS A 228 -28.26 -26.03 13.44
N GLY A 229 -28.65 -24.80 13.20
CA GLY A 229 -27.75 -23.65 13.51
C GLY A 229 -27.93 -23.26 14.99
N ILE A 230 -27.20 -22.26 15.43
CA ILE A 230 -27.31 -21.83 16.86
C ILE A 230 -28.30 -20.67 16.98
N GLN A 231 -29.18 -20.73 17.94
CA GLN A 231 -30.17 -19.62 18.17
C GLN A 231 -30.96 -19.32 16.89
N MET A 232 -31.46 -20.34 16.24
CA MET A 232 -32.30 -20.12 15.02
C MET A 232 -33.67 -20.78 15.20
N THR A 233 -34.66 -20.30 14.50
CA THR A 233 -36.04 -20.89 14.62
C THR A 233 -36.66 -21.08 13.23
ZN ZN B . 12.84 0.13 11.26
N GLY A 1 4.35 33.05 14.58
CA GLY A 1 5.67 32.39 14.79
C GLY A 1 5.45 30.90 15.12
N SER A 2 5.42 30.57 16.38
CA SER A 2 5.20 29.15 16.78
C SER A 2 3.72 28.82 16.84
N SER A 3 3.36 27.57 16.70
CA SER A 3 1.92 27.18 16.74
C SER A 3 1.77 25.84 17.48
N THR A 4 0.57 25.52 17.87
CA THR A 4 0.34 24.24 18.62
C THR A 4 -0.41 23.24 17.74
N PHE A 5 0.08 22.03 17.66
CA PHE A 5 -0.61 20.99 16.84
C PHE A 5 -2.00 20.70 17.39
N ASP A 6 -2.13 20.67 18.70
CA ASP A 6 -3.44 20.32 19.31
C ASP A 6 -4.35 21.54 19.38
N ALA A 7 -5.62 21.37 19.09
CA ALA A 7 -6.59 22.50 19.14
C ALA A 7 -6.09 23.68 18.28
N LEU A 8 -6.53 24.88 18.57
CA LEU A 8 -6.14 26.08 17.75
C LEU A 8 -6.46 25.84 16.26
N SER A 9 -7.65 26.19 15.84
CA SER A 9 -8.02 26.01 14.41
C SER A 9 -7.08 26.82 13.50
N PRO A 10 -7.04 26.51 12.22
CA PRO A 10 -7.61 25.25 11.66
C PRO A 10 -6.80 24.04 12.15
N SER A 11 -7.43 22.89 12.20
CA SER A 11 -6.70 21.66 12.62
C SER A 11 -5.95 21.05 11.44
N PRO A 12 -5.02 20.15 11.72
CA PRO A 12 -4.23 19.52 10.62
C PRO A 12 -5.16 18.80 9.63
N ALA A 13 -4.78 18.76 8.38
CA ALA A 13 -5.64 18.09 7.36
C ALA A 13 -5.52 16.57 7.48
N ILE A 14 -6.61 15.87 7.27
CA ILE A 14 -6.58 14.38 7.38
C ILE A 14 -7.08 13.74 6.07
N PRO A 15 -6.18 13.31 5.23
CA PRO A 15 -6.59 12.69 3.93
C PRO A 15 -7.47 11.46 4.18
N SER A 16 -8.34 11.16 3.26
CA SER A 16 -9.26 10.00 3.44
C SER A 16 -8.92 8.88 2.45
N ASN A 17 -9.19 7.65 2.81
CA ASN A 17 -8.86 6.51 1.92
C ASN A 17 -10.05 6.13 1.05
N THR A 18 -10.97 7.04 0.82
CA THR A 18 -12.16 6.74 -0.01
C THR A 18 -11.76 6.61 -1.48
N ASP A 19 -12.08 5.50 -2.11
CA ASP A 19 -11.67 5.29 -3.53
C ASP A 19 -12.46 6.21 -4.46
N TYR A 20 -11.83 6.68 -5.51
CA TYR A 20 -12.54 7.55 -6.49
C TYR A 20 -11.86 7.46 -7.87
N PRO A 21 -12.44 6.70 -8.77
CA PRO A 21 -11.78 6.46 -10.09
C PRO A 21 -11.54 7.78 -10.83
N GLY A 22 -12.48 8.68 -10.76
CA GLY A 22 -12.30 10.01 -11.41
C GLY A 22 -12.63 9.91 -12.90
N PRO A 23 -12.05 10.80 -13.69
CA PRO A 23 -12.39 10.85 -15.14
C PRO A 23 -11.74 9.68 -15.89
N HIS A 24 -10.47 9.47 -15.69
CA HIS A 24 -9.75 8.43 -16.48
C HIS A 24 -9.85 7.05 -15.84
N SER A 25 -10.69 6.88 -14.83
CA SER A 25 -10.80 5.57 -14.13
C SER A 25 -9.42 5.09 -13.66
N PHE A 26 -8.78 5.83 -12.79
CA PHE A 26 -7.43 5.44 -12.31
C PHE A 26 -7.55 4.36 -11.24
N ASP A 27 -6.98 3.21 -11.47
CA ASP A 27 -7.13 2.07 -10.53
C ASP A 27 -5.76 1.47 -10.21
N VAL A 28 -5.67 0.75 -9.12
CA VAL A 28 -4.39 0.09 -8.75
C VAL A 28 -4.61 -1.40 -8.54
N SER A 29 -3.63 -2.21 -8.87
CA SER A 29 -3.75 -3.68 -8.63
C SER A 29 -2.36 -4.30 -8.50
N PHE A 30 -2.29 -5.48 -7.94
CA PHE A 30 -0.97 -6.12 -7.69
C PHE A 30 -0.96 -7.53 -8.29
N GLN A 31 0.01 -7.82 -9.13
CA GLN A 31 0.03 -9.15 -9.83
C GLN A 31 0.12 -10.28 -8.80
N GLN A 32 -0.63 -11.32 -8.98
CA GLN A 32 -0.69 -12.40 -7.96
C GLN A 32 0.02 -13.67 -8.48
N SER A 33 0.74 -14.33 -7.62
CA SER A 33 1.43 -15.59 -8.03
C SER A 33 1.15 -16.70 -7.01
N SER A 34 1.33 -17.94 -7.39
CA SER A 34 1.08 -19.07 -6.45
C SER A 34 2.06 -19.00 -5.26
N THR A 35 1.77 -19.72 -4.21
CA THR A 35 2.67 -19.69 -3.02
C THR A 35 4.06 -20.23 -3.37
N ALA A 36 4.91 -19.40 -3.91
CA ALA A 36 6.29 -19.85 -4.29
C ALA A 36 7.24 -19.65 -3.11
N LYS A 37 8.37 -20.31 -3.12
CA LYS A 37 9.35 -20.17 -2.01
C LYS A 37 10.04 -18.80 -2.08
N SER A 38 10.29 -18.19 -0.95
CA SER A 38 10.94 -16.83 -0.93
C SER A 38 10.19 -15.85 -1.84
N ALA A 39 8.95 -15.56 -1.53
CA ALA A 39 8.17 -14.59 -2.34
C ALA A 39 8.48 -13.16 -1.88
N THR A 40 8.97 -12.33 -2.76
CA THR A 40 9.25 -10.91 -2.41
C THR A 40 7.98 -10.21 -1.94
N TRP A 41 6.85 -10.56 -2.51
CA TRP A 41 5.56 -9.93 -2.11
C TRP A 41 4.39 -10.66 -2.76
N THR A 42 3.29 -10.76 -2.06
CA THR A 42 2.12 -11.53 -2.57
C THR A 42 0.82 -10.81 -2.19
N TYR A 43 -0.16 -10.82 -3.05
CA TYR A 43 -1.39 -10.03 -2.81
C TYR A 43 -2.63 -10.92 -2.89
N SER A 44 -3.58 -10.71 -2.01
CA SER A 44 -4.85 -11.48 -2.08
C SER A 44 -6.00 -10.55 -2.48
N THR A 45 -6.69 -10.89 -3.54
CA THR A 45 -7.78 -10.01 -4.03
C THR A 45 -8.98 -10.03 -3.07
N GLU A 46 -9.26 -11.18 -2.50
CA GLU A 46 -10.42 -11.29 -1.57
C GLU A 46 -10.26 -10.34 -0.39
N LEU A 47 -9.04 -10.11 0.04
CA LEU A 47 -8.82 -9.27 1.25
C LEU A 47 -8.29 -7.88 0.87
N LYS A 48 -7.90 -7.69 -0.38
CA LYS A 48 -7.45 -6.33 -0.84
C LYS A 48 -6.25 -5.89 -0.01
N LYS A 49 -5.26 -6.74 0.12
CA LYS A 49 -4.11 -6.42 1.01
C LYS A 49 -2.80 -7.02 0.45
N LEU A 50 -1.69 -6.41 0.76
CA LEU A 50 -0.39 -6.86 0.18
C LEU A 50 0.63 -7.14 1.30
N TYR A 51 1.37 -8.20 1.18
CA TYR A 51 2.44 -8.49 2.17
C TYR A 51 3.80 -8.49 1.47
N CYS A 52 4.79 -7.83 2.04
CA CYS A 52 6.10 -7.70 1.35
C CYS A 52 7.26 -7.89 2.33
N GLN A 53 8.42 -8.24 1.82
CA GLN A 53 9.63 -8.28 2.68
C GLN A 53 10.54 -7.07 2.41
N ILE A 54 11.12 -6.52 3.45
CA ILE A 54 11.93 -5.27 3.29
C ILE A 54 13.03 -5.44 2.22
N ALA A 55 13.38 -4.36 1.56
CA ALA A 55 14.46 -4.38 0.52
C ALA A 55 14.10 -5.25 -0.69
N LYS A 56 12.87 -5.69 -0.81
CA LYS A 56 12.45 -6.40 -2.06
C LYS A 56 11.75 -5.45 -3.02
N THR A 57 11.77 -5.76 -4.29
CA THR A 57 11.08 -4.89 -5.29
C THR A 57 9.58 -5.21 -5.32
N CYS A 58 8.75 -4.21 -5.15
CA CYS A 58 7.28 -4.43 -5.25
C CYS A 58 6.70 -3.66 -6.44
N PRO A 59 6.68 -4.28 -7.60
CA PRO A 59 6.01 -3.66 -8.78
C PRO A 59 4.51 -3.55 -8.54
N ILE A 60 3.97 -2.36 -8.67
CA ILE A 60 2.49 -2.17 -8.63
C ILE A 60 2.02 -1.55 -9.95
N GLN A 61 0.90 -1.99 -10.46
CA GLN A 61 0.44 -1.51 -11.80
C GLN A 61 -0.72 -0.53 -11.67
N ILE A 62 -0.68 0.55 -12.40
CA ILE A 62 -1.86 1.46 -12.48
C ILE A 62 -2.69 1.11 -13.72
N LYS A 63 -3.99 1.04 -13.59
CA LYS A 63 -4.86 0.77 -14.78
C LYS A 63 -5.80 1.96 -15.02
N VAL A 64 -5.86 2.45 -16.24
CA VAL A 64 -6.84 3.53 -16.57
C VAL A 64 -7.51 3.23 -17.91
N MET A 65 -8.65 3.82 -18.16
CA MET A 65 -9.35 3.62 -19.46
C MET A 65 -8.69 4.48 -20.55
N THR A 66 -8.33 5.69 -20.21
CA THR A 66 -7.64 6.57 -21.20
C THR A 66 -6.44 7.26 -20.52
N PRO A 67 -5.36 7.43 -21.25
CA PRO A 67 -4.11 7.93 -20.62
C PRO A 67 -4.34 9.28 -19.90
N PRO A 68 -3.75 9.46 -18.75
CA PRO A 68 -3.88 10.74 -18.02
C PRO A 68 -3.18 11.87 -18.79
N PRO A 69 -3.39 13.10 -18.37
CA PRO A 69 -2.78 14.25 -19.07
C PRO A 69 -1.25 14.15 -19.04
N GLN A 70 -0.59 14.80 -19.96
CA GLN A 70 0.91 14.83 -19.94
C GLN A 70 1.40 15.87 -18.93
N GLY A 71 2.44 15.57 -18.20
CA GLY A 71 2.89 16.48 -17.12
C GLY A 71 2.36 15.99 -15.77
N ALA A 72 1.27 15.26 -15.78
CA ALA A 72 0.70 14.70 -14.51
C ALA A 72 1.78 13.97 -13.69
N VAL A 73 1.60 13.90 -12.40
CA VAL A 73 2.56 13.15 -11.54
C VAL A 73 1.79 12.18 -10.64
N ILE A 74 2.44 11.14 -10.19
CA ILE A 74 1.78 10.17 -9.27
C ILE A 74 2.37 10.33 -7.87
N ARG A 75 1.54 10.35 -6.86
CA ARG A 75 2.04 10.59 -5.47
C ARG A 75 1.82 9.33 -4.63
N ALA A 76 2.72 9.01 -3.74
CA ALA A 76 2.52 7.83 -2.86
C ALA A 76 2.96 8.14 -1.42
N MET A 77 2.07 7.98 -0.47
CA MET A 77 2.40 8.35 0.94
C MET A 77 1.90 7.29 1.93
N PRO A 78 2.71 6.98 2.92
CA PRO A 78 2.29 6.02 3.97
C PRO A 78 1.63 6.75 5.14
N VAL A 79 0.56 6.21 5.67
CA VAL A 79 -0.04 6.79 6.91
C VAL A 79 -0.67 5.69 7.76
N TYR A 80 -0.78 5.91 9.06
CA TYR A 80 -1.37 4.86 9.95
C TYR A 80 -2.80 4.51 9.50
N LYS A 81 -3.35 3.45 10.02
CA LYS A 81 -4.69 2.98 9.55
C LYS A 81 -5.82 3.72 10.28
N LYS A 82 -5.87 3.60 11.58
CA LYS A 82 -6.99 4.21 12.35
C LYS A 82 -6.74 5.70 12.56
N ALA A 83 -7.78 6.48 12.69
CA ALA A 83 -7.62 7.97 12.82
C ALA A 83 -6.70 8.31 14.00
N GLU A 84 -6.82 7.58 15.08
CA GLU A 84 -6.01 7.89 16.29
C GLU A 84 -4.51 7.88 15.97
N HIS A 85 -4.13 7.16 14.94
CA HIS A 85 -2.68 7.09 14.57
C HIS A 85 -2.39 7.86 13.28
N VAL A 86 -3.38 8.10 12.45
CA VAL A 86 -3.12 8.77 11.14
C VAL A 86 -2.69 10.24 11.36
N THR A 87 -3.00 10.79 12.52
CA THR A 87 -2.51 12.17 12.84
C THR A 87 -1.04 12.13 13.28
N GLU A 88 -0.54 10.98 13.66
CA GLU A 88 0.91 10.85 13.98
C GLU A 88 1.70 10.52 12.72
N VAL A 89 2.82 11.16 12.52
CA VAL A 89 3.69 10.81 11.35
C VAL A 89 4.39 9.47 11.58
N VAL A 90 4.56 8.69 10.55
CA VAL A 90 5.39 7.46 10.65
C VAL A 90 6.87 7.82 10.44
N LYS A 91 7.75 7.25 11.21
CA LYS A 91 9.14 7.78 11.29
C LYS A 91 10.17 6.66 11.22
N ARG A 92 11.41 6.97 11.47
CA ARG A 92 12.50 5.94 11.34
C ARG A 92 12.79 5.30 12.70
N CYS A 93 13.27 4.09 12.69
CA CYS A 93 13.73 3.45 13.97
C CYS A 93 15.10 4.03 14.35
N PRO A 94 15.45 3.95 15.62
CA PRO A 94 16.79 4.45 16.03
C PRO A 94 17.88 3.62 15.36
N ASN A 95 17.76 2.31 15.40
CA ASN A 95 18.80 1.43 14.76
C ASN A 95 18.82 1.61 13.24
N HIS A 96 17.67 1.67 12.61
CA HIS A 96 17.64 1.71 11.12
C HIS A 96 17.85 3.14 10.61
N GLU A 97 17.50 4.14 11.38
CA GLU A 97 17.84 5.54 11.01
C GLU A 97 19.35 5.76 11.09
N LEU A 98 19.98 5.20 12.09
CA LEU A 98 21.46 5.38 12.26
C LEU A 98 22.21 4.87 11.02
N SER A 99 21.67 3.88 10.36
CA SER A 99 22.34 3.29 9.15
C SER A 99 22.79 4.39 8.18
N ARG A 100 23.93 4.20 7.55
CA ARG A 100 24.49 5.27 6.67
C ARG A 100 23.50 5.63 5.56
N GLU A 101 23.35 6.91 5.29
CA GLU A 101 22.43 7.34 4.19
C GLU A 101 23.25 7.73 2.95
N PHE A 102 23.97 8.82 3.01
CA PHE A 102 24.81 9.26 1.85
C PHE A 102 23.99 9.29 0.55
N ASN A 103 23.13 10.27 0.42
CA ASN A 103 22.32 10.40 -0.84
C ASN A 103 23.22 10.75 -2.03
N GLU A 104 24.46 11.11 -1.79
CA GLU A 104 25.39 11.37 -2.93
C GLU A 104 25.53 10.12 -3.81
N GLY A 105 25.20 10.24 -5.07
CA GLY A 105 25.33 9.08 -6.00
C GLY A 105 24.13 8.13 -5.85
N GLN A 106 23.05 8.59 -5.27
CA GLN A 106 21.82 7.74 -5.19
C GLN A 106 20.57 8.60 -5.35
N ILE A 107 19.59 8.13 -6.07
CA ILE A 107 18.36 8.92 -6.29
C ILE A 107 17.37 8.72 -5.13
N ALA A 108 17.46 7.60 -4.45
CA ALA A 108 16.50 7.31 -3.34
C ALA A 108 17.25 7.03 -2.03
N PRO A 109 17.52 8.05 -1.26
CA PRO A 109 18.24 7.85 0.02
C PRO A 109 17.39 7.05 1.00
N PRO A 110 18.02 6.17 1.77
CA PRO A 110 17.25 5.31 2.70
C PRO A 110 16.42 6.13 3.68
N SER A 111 16.76 7.38 3.89
CA SER A 111 16.06 8.21 4.92
C SER A 111 14.55 8.20 4.71
N HIS A 112 14.10 7.92 3.51
CA HIS A 112 12.63 7.88 3.24
C HIS A 112 12.11 6.45 3.41
N LEU A 113 11.03 6.28 4.13
CA LEU A 113 10.47 4.90 4.34
C LEU A 113 10.10 4.29 2.99
N ILE A 114 9.53 5.07 2.10
CA ILE A 114 9.21 4.57 0.74
C ILE A 114 10.20 5.15 -0.27
N ARG A 115 10.69 4.34 -1.18
CA ARG A 115 11.59 4.86 -2.24
C ARG A 115 11.16 4.30 -3.61
N VAL A 116 11.53 4.97 -4.66
CA VAL A 116 11.15 4.49 -6.03
C VAL A 116 12.35 3.81 -6.70
N GLU A 117 12.10 2.80 -7.50
CA GLU A 117 13.17 2.21 -8.34
C GLU A 117 12.80 2.31 -9.83
N GLY A 118 13.70 2.81 -10.63
CA GLY A 118 13.51 2.73 -12.11
C GLY A 118 12.95 4.05 -12.65
N ASN A 119 13.11 5.13 -11.92
CA ASN A 119 12.70 6.46 -12.44
C ASN A 119 13.71 7.53 -12.04
N SER A 120 14.49 8.00 -12.97
CA SER A 120 15.58 8.97 -12.62
C SER A 120 15.00 10.28 -12.08
N HIS A 121 13.71 10.52 -12.26
CA HIS A 121 13.12 11.81 -11.80
C HIS A 121 12.39 11.66 -10.46
N ALA A 122 12.51 10.52 -9.80
CA ALA A 122 11.86 10.35 -8.46
C ALA A 122 12.43 11.36 -7.48
N GLN A 123 11.57 12.07 -6.79
CA GLN A 123 12.04 13.04 -5.76
C GLN A 123 11.12 12.99 -4.54
N TYR A 124 11.59 13.42 -3.40
CA TYR A 124 10.75 13.33 -2.16
C TYR A 124 10.36 14.72 -1.68
N VAL A 125 9.22 14.83 -1.04
CA VAL A 125 8.79 16.14 -0.47
C VAL A 125 8.37 15.97 0.99
N GLU A 126 8.35 17.03 1.74
CA GLU A 126 7.87 16.96 3.16
C GLU A 126 6.71 17.94 3.36
N ASP A 127 5.62 17.47 3.93
CA ASP A 127 4.46 18.37 4.21
C ASP A 127 4.86 19.43 5.24
N PRO A 128 4.59 20.69 4.95
CA PRO A 128 5.11 21.78 5.80
C PRO A 128 4.48 21.74 7.20
N ILE A 129 3.28 21.23 7.31
CA ILE A 129 2.50 21.40 8.58
C ILE A 129 2.58 20.14 9.45
N THR A 130 2.30 18.99 8.89
CA THR A 130 2.25 17.76 9.72
C THR A 130 3.48 16.87 9.49
N GLY A 131 4.50 17.36 8.84
CA GLY A 131 5.77 16.59 8.72
C GLY A 131 5.64 15.38 7.77
N ARG A 132 4.45 15.11 7.26
CA ARG A 132 4.21 13.87 6.42
C ARG A 132 5.30 13.69 5.36
N GLN A 133 5.69 12.46 5.12
CA GLN A 133 6.70 12.19 4.04
C GLN A 133 6.01 11.56 2.83
N SER A 134 6.43 11.92 1.64
CA SER A 134 5.84 11.30 0.42
C SER A 134 6.83 11.38 -0.75
N VAL A 135 6.65 10.55 -1.74
CA VAL A 135 7.54 10.59 -2.94
C VAL A 135 6.70 10.80 -4.21
N LEU A 136 7.25 11.47 -5.19
CA LEU A 136 6.46 11.78 -6.41
C LEU A 136 7.23 11.36 -7.66
N VAL A 137 6.53 11.08 -8.73
CA VAL A 137 7.21 10.72 -10.01
C VAL A 137 6.34 11.13 -11.21
N PRO A 138 6.96 11.41 -12.34
CA PRO A 138 6.18 11.75 -13.55
C PRO A 138 5.48 10.50 -14.09
N TYR A 139 4.26 10.62 -14.53
CA TYR A 139 3.56 9.45 -15.14
C TYR A 139 4.10 9.19 -16.55
N GLU A 140 4.57 7.99 -16.81
CA GLU A 140 5.06 7.64 -18.17
C GLU A 140 3.99 6.85 -18.92
N PRO A 141 4.09 6.81 -20.24
CA PRO A 141 3.10 6.05 -21.04
C PRO A 141 3.12 4.56 -20.64
N PRO A 142 2.06 3.85 -20.96
CA PRO A 142 1.98 2.41 -20.58
C PRO A 142 3.13 1.64 -21.21
N GLN A 143 3.57 0.58 -20.56
CA GLN A 143 4.71 -0.21 -21.10
C GLN A 143 4.35 -0.79 -22.47
N VAL A 144 5.32 -0.93 -23.34
CA VAL A 144 5.01 -1.29 -24.76
C VAL A 144 4.52 -2.74 -24.84
N GLY A 145 3.38 -2.95 -25.46
CA GLY A 145 2.83 -4.34 -25.59
C GLY A 145 1.69 -4.56 -24.59
N THR A 146 1.49 -3.65 -23.65
CA THR A 146 0.33 -3.79 -22.72
C THR A 146 -0.24 -2.41 -22.38
N GLU A 147 -1.34 -2.38 -21.66
CA GLU A 147 -2.10 -1.11 -21.50
C GLU A 147 -1.94 -0.52 -20.08
N PHE A 148 -1.01 -1.01 -19.30
CA PHE A 148 -0.89 -0.54 -17.89
C PHE A 148 0.48 0.11 -17.64
N THR A 149 0.62 0.76 -16.51
CA THR A 149 1.91 1.42 -16.16
C THR A 149 2.47 0.79 -14.88
N THR A 150 3.78 0.71 -14.77
CA THR A 150 4.39 0.03 -13.59
C THR A 150 5.21 1.01 -12.75
N VAL A 151 5.07 0.94 -11.45
CA VAL A 151 5.95 1.73 -10.54
C VAL A 151 6.56 0.80 -9.50
N LEU A 152 7.83 0.93 -9.22
CA LEU A 152 8.52 -0.04 -8.31
C LEU A 152 8.76 0.63 -6.95
N TYR A 153 8.22 0.05 -5.90
CA TYR A 153 8.47 0.60 -4.53
C TYR A 153 9.63 -0.14 -3.86
N ASN A 154 10.25 0.48 -2.90
CA ASN A 154 11.21 -0.24 -2.01
C ASN A 154 10.96 0.19 -0.56
N PHE A 155 11.08 -0.72 0.38
CA PHE A 155 10.81 -0.37 1.81
C PHE A 155 12.08 -0.46 2.64
N MET A 156 12.35 0.52 3.45
CA MET A 156 13.60 0.52 4.27
C MET A 156 13.33 0.14 5.74
N CYS A 157 12.11 -0.18 6.09
CA CYS A 157 11.82 -0.66 7.48
C CYS A 157 10.72 -1.72 7.44
N ASN A 158 10.63 -2.52 8.47
CA ASN A 158 9.60 -3.60 8.50
C ASN A 158 8.66 -3.40 9.69
N SER A 159 7.52 -4.06 9.66
CA SER A 159 6.41 -3.68 10.59
C SER A 159 6.85 -3.77 12.05
N SER A 160 7.73 -4.69 12.35
CA SER A 160 7.95 -5.06 13.78
C SER A 160 9.22 -4.42 14.35
N CYS A 161 9.80 -3.45 13.67
CA CYS A 161 11.02 -2.80 14.24
C CYS A 161 10.64 -1.53 15.02
N VAL A 162 10.93 -1.52 16.29
CA VAL A 162 10.41 -0.43 17.18
C VAL A 162 10.98 0.92 16.76
N GLY A 163 10.17 1.94 16.79
CA GLY A 163 10.66 3.31 16.44
C GLY A 163 10.27 3.67 15.01
N GLY A 164 9.70 2.77 14.27
CA GLY A 164 9.14 3.13 12.93
C GLY A 164 7.70 2.62 12.82
N MET A 165 7.52 1.50 12.17
CA MET A 165 6.14 0.91 12.05
C MET A 165 5.59 0.55 13.43
N ASN A 166 6.47 0.17 14.34
CA ASN A 166 6.08 -0.10 15.77
C ASN A 166 4.79 -0.93 15.87
N ARG A 167 4.70 -2.01 15.15
CA ARG A 167 3.53 -2.94 15.27
C ARG A 167 2.21 -2.18 15.04
N ARG A 168 2.24 -1.13 14.26
CA ARG A 168 0.98 -0.43 13.89
C ARG A 168 0.76 -0.52 12.37
N PRO A 169 -0.18 -1.34 11.94
CA PRO A 169 -0.44 -1.49 10.48
C PRO A 169 -0.83 -0.14 9.86
N ILE A 170 -0.47 0.06 8.63
CA ILE A 170 -0.75 1.37 7.96
C ILE A 170 -1.38 1.16 6.58
N LEU A 171 -1.72 2.23 5.93
CA LEU A 171 -2.30 2.15 4.55
C LEU A 171 -1.45 3.00 3.62
N ILE A 172 -1.38 2.63 2.37
CA ILE A 172 -0.61 3.45 1.39
C ILE A 172 -1.59 4.08 0.39
N ILE A 173 -1.47 5.36 0.19
CA ILE A 173 -2.41 6.05 -0.75
C ILE A 173 -1.64 6.46 -2.00
N VAL A 174 -2.12 6.06 -3.16
CA VAL A 174 -1.46 6.48 -4.42
C VAL A 174 -2.46 7.27 -5.27
N THR A 175 -2.09 8.45 -5.69
CA THR A 175 -3.06 9.33 -6.39
C THR A 175 -2.52 9.76 -7.75
N LEU A 176 -3.39 10.04 -8.69
CA LEU A 176 -2.96 10.72 -9.94
C LEU A 176 -3.32 12.22 -9.85
N GLU A 177 -2.36 13.08 -10.09
CA GLU A 177 -2.60 14.53 -9.89
C GLU A 177 -2.13 15.30 -11.12
N THR A 178 -2.75 16.43 -11.41
CA THR A 178 -2.31 17.25 -12.57
C THR A 178 -1.25 18.27 -12.12
N ARG A 179 -0.50 18.80 -13.04
CA ARG A 179 0.60 19.74 -12.67
C ARG A 179 0.06 20.92 -11.84
N ASP A 180 -1.19 21.26 -12.01
CA ASP A 180 -1.74 22.47 -11.33
C ASP A 180 -2.26 22.16 -9.91
N GLY A 181 -2.02 20.97 -9.41
CA GLY A 181 -2.35 20.69 -7.99
C GLY A 181 -3.80 20.19 -7.84
N GLN A 182 -4.39 19.71 -8.91
CA GLN A 182 -5.81 19.25 -8.84
C GLN A 182 -5.87 17.72 -8.91
N VAL A 183 -6.73 17.11 -8.13
CA VAL A 183 -6.76 15.62 -8.05
C VAL A 183 -7.59 15.05 -9.20
N LEU A 184 -7.08 14.04 -9.87
CA LEU A 184 -7.87 13.37 -10.94
C LEU A 184 -8.50 12.08 -10.43
N GLY A 185 -7.79 11.34 -9.63
CA GLY A 185 -8.37 10.06 -9.08
C GLY A 185 -7.49 9.54 -7.94
N ARG A 186 -8.07 8.85 -6.99
CA ARG A 186 -7.28 8.33 -5.84
C ARG A 186 -7.63 6.87 -5.56
N ARG A 187 -6.62 6.06 -5.30
CA ARG A 187 -6.89 4.66 -4.85
C ARG A 187 -6.06 4.33 -3.60
N CYS A 188 -6.50 3.39 -2.81
CA CYS A 188 -5.81 3.12 -1.51
C CYS A 188 -5.71 1.61 -1.25
N PHE A 189 -4.65 1.18 -0.62
CA PHE A 189 -4.50 -0.26 -0.28
C PHE A 189 -3.73 -0.42 1.04
N GLU A 190 -3.82 -1.56 1.67
CA GLU A 190 -3.17 -1.74 3.00
C GLU A 190 -1.90 -2.58 2.86
N ALA A 191 -0.85 -2.19 3.55
CA ALA A 191 0.48 -2.83 3.32
C ALA A 191 1.04 -3.38 4.64
N ARG A 192 1.71 -4.50 4.57
CA ARG A 192 2.40 -5.05 5.77
C ARG A 192 3.77 -5.58 5.39
N ILE A 193 4.76 -5.37 6.21
CA ILE A 193 6.12 -5.95 5.92
C ILE A 193 6.41 -7.08 6.90
N CYS A 194 6.69 -8.26 6.39
CA CYS A 194 6.82 -9.45 7.28
C CYS A 194 7.89 -10.41 6.75
N ALA A 195 8.27 -11.38 7.54
CA ALA A 195 9.34 -12.33 7.10
C ALA A 195 8.83 -13.24 5.98
N CYS A 196 7.61 -13.69 6.07
CA CYS A 196 7.04 -14.58 5.01
C CYS A 196 5.70 -14.04 4.52
N PRO A 197 5.74 -13.15 3.55
CA PRO A 197 4.49 -12.65 2.92
C PRO A 197 3.66 -13.82 2.37
N GLY A 198 4.32 -14.89 2.00
CA GLY A 198 3.57 -16.09 1.52
C GLY A 198 2.79 -16.71 2.67
N ARG A 199 3.37 -16.68 3.86
CA ARG A 199 2.74 -17.39 5.01
C ARG A 199 1.49 -16.63 5.47
N ASP A 200 1.57 -15.32 5.48
CA ASP A 200 0.41 -14.51 5.94
C ASP A 200 -0.73 -14.60 4.94
N ARG A 201 -0.43 -14.60 3.66
CA ARG A 201 -1.51 -14.73 2.63
C ARG A 201 -2.23 -16.07 2.78
N LYS A 202 -1.50 -17.13 2.99
CA LYS A 202 -2.14 -18.47 3.19
C LYS A 202 -2.96 -18.48 4.48
N ALA A 203 -2.45 -17.86 5.52
CA ALA A 203 -3.13 -17.95 6.86
C ALA A 203 -4.54 -17.38 6.79
N ASP A 204 -4.67 -16.18 6.25
CA ASP A 204 -6.03 -15.54 6.18
C ASP A 204 -6.97 -16.40 5.33
N GLU A 205 -6.47 -16.99 4.28
CA GLU A 205 -7.32 -17.87 3.43
C GLU A 205 -7.80 -19.07 4.25
N ASP A 206 -6.94 -19.63 5.06
CA ASP A 206 -7.36 -20.78 5.91
C ASP A 206 -8.46 -20.34 6.89
N SER A 207 -8.39 -19.13 7.35
CA SER A 207 -9.42 -18.63 8.32
C SER A 207 -10.80 -18.60 7.64
N ILE A 208 -10.84 -18.34 6.36
CA ILE A 208 -12.15 -18.24 5.65
C ILE A 208 -12.72 -19.64 5.40
N ARG A 209 -11.90 -20.54 4.91
CA ARG A 209 -12.39 -21.93 4.63
C ARG A 209 -12.88 -22.59 5.93
N LYS A 210 -12.16 -22.40 7.00
CA LYS A 210 -12.59 -22.99 8.31
C LYS A 210 -13.90 -22.36 8.77
N GLN A 211 -14.02 -21.07 8.64
CA GLN A 211 -15.29 -20.38 9.04
C GLN A 211 -16.47 -20.92 8.22
N GLN A 212 -16.22 -21.25 6.97
CA GLN A 212 -17.33 -21.75 6.10
C GLN A 212 -17.35 -23.27 6.08
N VAL A 213 -18.28 -23.87 6.78
CA VAL A 213 -18.40 -25.36 6.75
C VAL A 213 -19.83 -25.76 6.35
N SER A 214 -19.96 -26.64 5.40
CA SER A 214 -21.32 -27.10 4.97
C SER A 214 -21.70 -28.38 5.71
N ASP A 215 -22.88 -28.43 6.26
CA ASP A 215 -23.33 -29.66 6.99
C ASP A 215 -24.07 -30.59 6.03
N SER A 216 -23.52 -31.75 5.76
CA SER A 216 -24.20 -32.73 4.86
C SER A 216 -25.04 -33.72 5.69
N THR A 217 -26.23 -34.02 5.24
CA THR A 217 -27.09 -34.99 5.97
C THR A 217 -27.77 -35.94 4.98
N LYS A 218 -27.78 -37.21 5.27
CA LYS A 218 -28.42 -38.20 4.36
C LYS A 218 -29.91 -37.88 4.20
N ASN A 219 -30.56 -37.45 5.25
CA ASN A 219 -32.01 -37.13 5.18
C ASN A 219 -32.22 -35.62 5.33
N GLY A 220 -33.22 -35.09 4.67
CA GLY A 220 -33.50 -33.62 4.79
C GLY A 220 -33.79 -33.27 6.25
N ASP A 221 -34.42 -34.16 6.98
CA ASP A 221 -34.70 -33.89 8.41
C ASP A 221 -33.78 -34.74 9.30
N ALA A 222 -33.61 -34.36 10.54
CA ALA A 222 -32.72 -35.13 11.46
C ALA A 222 -33.32 -35.18 12.86
N PHE A 223 -33.00 -36.21 13.60
CA PHE A 223 -33.53 -36.32 15.00
C PHE A 223 -33.06 -35.13 15.84
N ARG A 224 -31.83 -34.71 15.65
CA ARG A 224 -31.26 -33.59 16.47
C ARG A 224 -31.40 -33.88 17.97
N GLN A 225 -30.32 -34.31 18.60
CA GLN A 225 -30.37 -34.64 20.05
C GLN A 225 -30.03 -33.40 20.89
N ASN A 226 -30.80 -33.14 21.91
CA ASN A 226 -30.55 -31.94 22.76
C ASN A 226 -29.83 -32.36 24.05
N THR A 227 -28.86 -31.58 24.48
CA THR A 227 -28.12 -31.92 25.72
C THR A 227 -28.21 -30.76 26.73
N HIS A 228 -27.85 -31.00 27.96
CA HIS A 228 -27.94 -29.93 29.00
C HIS A 228 -27.07 -28.73 28.60
N GLY A 229 -25.97 -28.98 27.93
CA GLY A 229 -25.12 -27.86 27.41
C GLY A 229 -24.24 -27.33 28.54
N ILE A 230 -23.68 -26.16 28.35
CA ILE A 230 -22.79 -25.56 29.40
C ILE A 230 -22.92 -24.04 29.39
N GLN A 231 -22.65 -23.41 30.51
CA GLN A 231 -22.77 -21.92 30.59
C GLN A 231 -21.44 -21.26 30.25
N MET A 232 -21.44 -20.37 29.28
CA MET A 232 -20.18 -19.69 28.85
C MET A 232 -19.10 -20.71 28.47
N THR A 233 -18.33 -21.19 29.43
CA THR A 233 -17.23 -22.15 29.10
C THR A 233 -17.55 -23.54 29.65
ZN ZN B . 12.76 0.11 11.23
N GLY A 1 -5.11 38.24 7.30
CA GLY A 1 -4.66 39.62 7.56
C GLY A 1 -3.62 39.61 8.69
N SER A 2 -4.05 39.84 9.89
CA SER A 2 -3.10 39.85 11.05
C SER A 2 -2.88 38.44 11.61
N SER A 3 -3.37 37.42 10.93
CA SER A 3 -3.20 36.02 11.45
C SER A 3 -1.75 35.56 11.28
N THR A 4 -1.35 34.55 12.01
CA THR A 4 0.05 34.05 11.90
C THR A 4 0.06 32.57 11.54
N PHE A 5 0.94 32.16 10.67
CA PHE A 5 1.01 30.72 10.27
C PHE A 5 1.44 29.85 11.46
N ASP A 6 2.16 30.43 12.39
CA ASP A 6 2.60 29.64 13.59
C ASP A 6 1.50 29.64 14.65
N ALA A 7 1.03 28.46 15.03
CA ALA A 7 -0.07 28.35 16.05
C ALA A 7 -1.26 29.24 15.66
N LEU A 8 -2.29 29.23 16.46
CA LEU A 8 -3.51 30.07 16.17
C LEU A 8 -4.02 29.79 14.75
N SER A 9 -3.79 28.61 14.24
CA SER A 9 -4.22 28.27 12.85
C SER A 9 -5.14 27.03 12.87
N PRO A 10 -5.75 26.75 11.73
CA PRO A 10 -6.65 25.57 11.66
C PRO A 10 -5.90 24.28 12.02
N SER A 11 -6.61 23.22 12.31
CA SER A 11 -5.95 21.95 12.73
C SER A 11 -5.46 21.19 11.49
N PRO A 12 -4.53 20.28 11.68
CA PRO A 12 -3.94 19.54 10.52
C PRO A 12 -5.02 18.81 9.74
N ALA A 13 -4.87 18.73 8.44
CA ALA A 13 -5.88 18.01 7.61
C ALA A 13 -5.69 16.49 7.72
N ILE A 14 -6.75 15.74 7.62
CA ILE A 14 -6.64 14.25 7.70
C ILE A 14 -7.15 13.62 6.39
N PRO A 15 -6.24 13.24 5.52
CA PRO A 15 -6.66 12.65 4.22
C PRO A 15 -7.48 11.38 4.44
N SER A 16 -8.36 11.07 3.52
CA SER A 16 -9.23 9.87 3.66
C SER A 16 -8.87 8.83 2.60
N ASN A 17 -9.10 7.57 2.89
CA ASN A 17 -8.74 6.49 1.92
C ASN A 17 -9.95 6.12 1.05
N THR A 18 -10.88 7.02 0.89
CA THR A 18 -12.09 6.72 0.05
C THR A 18 -11.70 6.61 -1.43
N ASP A 19 -12.02 5.51 -2.05
CA ASP A 19 -11.64 5.31 -3.48
C ASP A 19 -12.43 6.25 -4.39
N TYR A 20 -11.81 6.73 -5.44
CA TYR A 20 -12.52 7.62 -6.40
C TYR A 20 -11.85 7.56 -7.79
N PRO A 21 -12.44 6.82 -8.70
CA PRO A 21 -11.78 6.57 -10.01
C PRO A 21 -11.52 7.89 -10.73
N GLY A 22 -12.45 8.82 -10.67
CA GLY A 22 -12.25 10.14 -11.33
C GLY A 22 -12.61 10.04 -12.82
N PRO A 23 -12.04 10.91 -13.63
CA PRO A 23 -12.42 10.96 -15.07
C PRO A 23 -11.82 9.77 -15.82
N HIS A 24 -10.55 9.53 -15.66
CA HIS A 24 -9.88 8.46 -16.47
C HIS A 24 -9.97 7.10 -15.80
N SER A 25 -10.77 6.97 -14.75
CA SER A 25 -10.86 5.67 -14.01
C SER A 25 -9.46 5.20 -13.58
N PHE A 26 -8.80 5.96 -12.76
CA PHE A 26 -7.42 5.59 -12.32
C PHE A 26 -7.50 4.56 -11.19
N ASP A 27 -6.96 3.39 -11.41
CA ASP A 27 -7.09 2.30 -10.42
C ASP A 27 -5.72 1.68 -10.11
N VAL A 28 -5.63 0.95 -9.04
CA VAL A 28 -4.34 0.28 -8.69
C VAL A 28 -4.58 -1.22 -8.49
N SER A 29 -3.61 -2.03 -8.82
CA SER A 29 -3.73 -3.49 -8.61
C SER A 29 -2.34 -4.13 -8.47
N PHE A 30 -2.28 -5.32 -7.94
CA PHE A 30 -0.96 -5.97 -7.70
C PHE A 30 -0.94 -7.35 -8.35
N GLN A 31 0.04 -7.59 -9.18
CA GLN A 31 0.06 -8.89 -9.96
C GLN A 31 0.02 -10.09 -9.00
N GLN A 32 -0.65 -11.13 -9.38
CA GLN A 32 -0.86 -12.28 -8.44
C GLN A 32 0.20 -13.35 -8.63
N SER A 33 0.82 -13.78 -7.56
CA SER A 33 1.84 -14.86 -7.66
C SER A 33 1.47 -16.01 -6.71
N SER A 34 1.79 -17.22 -7.09
CA SER A 34 1.45 -18.39 -6.22
C SER A 34 2.22 -18.31 -4.91
N THR A 35 1.84 -19.09 -3.92
CA THR A 35 2.54 -19.06 -2.61
C THR A 35 3.93 -19.70 -2.74
N ALA A 36 4.80 -19.11 -3.51
CA ALA A 36 6.17 -19.67 -3.65
C ALA A 36 7.00 -19.39 -2.40
N LYS A 37 8.04 -20.17 -2.18
CA LYS A 37 8.89 -19.95 -0.97
C LYS A 37 9.75 -18.70 -1.16
N SER A 38 10.09 -18.03 -0.08
CA SER A 38 10.91 -16.77 -0.18
C SER A 38 10.26 -15.78 -1.15
N ALA A 39 8.99 -15.55 -1.01
CA ALA A 39 8.29 -14.57 -1.91
C ALA A 39 8.58 -13.14 -1.43
N THR A 40 9.05 -12.32 -2.33
CA THR A 40 9.30 -10.88 -1.97
C THR A 40 8.00 -10.21 -1.53
N TRP A 41 6.89 -10.60 -2.11
CA TRP A 41 5.58 -10.00 -1.75
C TRP A 41 4.44 -10.78 -2.42
N THR A 42 3.32 -10.87 -1.75
CA THR A 42 2.16 -11.62 -2.33
C THR A 42 0.85 -10.90 -1.98
N TYR A 43 -0.09 -10.89 -2.89
CA TYR A 43 -1.32 -10.08 -2.69
C TYR A 43 -2.57 -10.95 -2.83
N SER A 44 -3.55 -10.73 -1.99
CA SER A 44 -4.84 -11.47 -2.12
C SER A 44 -5.94 -10.52 -2.60
N THR A 45 -6.58 -10.85 -3.69
CA THR A 45 -7.64 -9.96 -4.24
C THR A 45 -8.88 -9.98 -3.35
N GLU A 46 -9.21 -11.12 -2.80
CA GLU A 46 -10.40 -11.22 -1.91
C GLU A 46 -10.23 -10.31 -0.69
N LEU A 47 -9.02 -10.11 -0.25
CA LEU A 47 -8.79 -9.33 1.00
C LEU A 47 -8.27 -7.93 0.68
N LYS A 48 -7.86 -7.68 -0.54
CA LYS A 48 -7.42 -6.30 -0.94
C LYS A 48 -6.23 -5.88 -0.09
N LYS A 49 -5.26 -6.73 0.06
CA LYS A 49 -4.13 -6.44 0.99
C LYS A 49 -2.82 -7.05 0.48
N LEU A 50 -1.71 -6.46 0.85
CA LEU A 50 -0.39 -6.95 0.34
C LEU A 50 0.56 -7.24 1.50
N TYR A 51 1.29 -8.32 1.43
CA TYR A 51 2.34 -8.61 2.45
C TYR A 51 3.71 -8.59 1.78
N CYS A 52 4.66 -7.93 2.38
CA CYS A 52 5.99 -7.76 1.72
C CYS A 52 7.13 -7.93 2.73
N GLN A 53 8.30 -8.24 2.24
CA GLN A 53 9.50 -8.28 3.13
C GLN A 53 10.38 -7.05 2.90
N ILE A 54 10.98 -6.55 3.95
CA ILE A 54 11.76 -5.27 3.84
C ILE A 54 12.78 -5.32 2.70
N ALA A 55 13.04 -4.19 2.08
CA ALA A 55 14.09 -4.08 1.01
C ALA A 55 13.77 -4.92 -0.23
N LYS A 56 12.58 -5.48 -0.33
CA LYS A 56 12.21 -6.21 -1.58
C LYS A 56 11.44 -5.30 -2.54
N THR A 57 11.48 -5.61 -3.81
CA THR A 57 10.78 -4.77 -4.82
C THR A 57 9.29 -5.16 -4.91
N CYS A 58 8.41 -4.20 -4.76
CA CYS A 58 6.96 -4.48 -4.94
C CYS A 58 6.42 -3.68 -6.15
N PRO A 59 6.47 -4.29 -7.32
CA PRO A 59 5.90 -3.62 -8.53
C PRO A 59 4.39 -3.43 -8.38
N ILE A 60 3.91 -2.25 -8.64
CA ILE A 60 2.44 -1.99 -8.57
C ILE A 60 1.95 -1.45 -9.91
N GLN A 61 0.78 -1.85 -10.35
CA GLN A 61 0.32 -1.46 -11.72
C GLN A 61 -0.82 -0.46 -11.63
N ILE A 62 -0.76 0.60 -12.41
CA ILE A 62 -1.92 1.54 -12.51
C ILE A 62 -2.77 1.16 -13.71
N LYS A 63 -4.08 1.13 -13.55
CA LYS A 63 -4.98 0.84 -14.71
C LYS A 63 -5.93 2.02 -14.97
N VAL A 64 -6.03 2.46 -16.19
CA VAL A 64 -7.01 3.53 -16.53
C VAL A 64 -7.72 3.19 -17.84
N MET A 65 -8.87 3.79 -18.07
CA MET A 65 -9.60 3.56 -19.36
C MET A 65 -8.97 4.40 -20.47
N THR A 66 -8.58 5.60 -20.16
CA THR A 66 -7.90 6.46 -21.17
C THR A 66 -6.67 7.13 -20.53
N PRO A 67 -5.60 7.27 -21.28
CA PRO A 67 -4.32 7.75 -20.69
C PRO A 67 -4.51 9.09 -19.97
N PRO A 68 -3.87 9.25 -18.83
CA PRO A 68 -3.99 10.52 -18.07
C PRO A 68 -3.30 11.66 -18.82
N PRO A 69 -3.50 12.89 -18.36
CA PRO A 69 -2.90 14.05 -19.06
C PRO A 69 -1.37 13.94 -19.08
N GLN A 70 -0.73 14.58 -20.02
CA GLN A 70 0.76 14.60 -20.05
C GLN A 70 1.30 15.61 -19.04
N GLY A 71 2.34 15.27 -18.32
CA GLY A 71 2.83 16.17 -17.24
C GLY A 71 2.32 15.67 -15.88
N ALA A 72 1.21 14.95 -15.87
CA ALA A 72 0.65 14.43 -14.59
C ALA A 72 1.72 13.70 -13.76
N VAL A 73 1.57 13.69 -12.47
CA VAL A 73 2.51 12.93 -11.59
C VAL A 73 1.73 12.04 -10.64
N ILE A 74 2.33 10.98 -10.16
CA ILE A 74 1.65 10.11 -9.16
C ILE A 74 2.30 10.30 -7.79
N ARG A 75 1.50 10.34 -6.76
CA ARG A 75 2.05 10.59 -5.38
C ARG A 75 1.82 9.34 -4.53
N ALA A 76 2.71 9.05 -3.62
CA ALA A 76 2.47 7.91 -2.68
C ALA A 76 2.94 8.27 -1.26
N MET A 77 2.07 8.11 -0.29
CA MET A 77 2.44 8.48 1.11
C MET A 77 1.96 7.42 2.11
N PRO A 78 2.79 7.10 3.09
CA PRO A 78 2.39 6.13 4.15
C PRO A 78 1.74 6.86 5.34
N VAL A 79 0.69 6.31 5.88
CA VAL A 79 0.08 6.89 7.11
C VAL A 79 -0.53 5.79 7.98
N TYR A 80 -0.64 6.01 9.26
CA TYR A 80 -1.23 4.98 10.16
C TYR A 80 -2.67 4.66 9.74
N LYS A 81 -3.22 3.58 10.24
CA LYS A 81 -4.59 3.15 9.78
C LYS A 81 -5.68 3.91 10.54
N LYS A 82 -5.72 3.78 11.85
CA LYS A 82 -6.81 4.41 12.63
C LYS A 82 -6.53 5.90 12.85
N ALA A 83 -7.57 6.69 12.99
CA ALA A 83 -7.37 8.17 13.09
C ALA A 83 -6.43 8.52 14.25
N GLU A 84 -6.54 7.81 15.34
CA GLU A 84 -5.70 8.12 16.54
C GLU A 84 -4.22 8.10 16.19
N HIS A 85 -3.84 7.37 15.17
CA HIS A 85 -2.40 7.29 14.80
C HIS A 85 -2.14 8.03 13.48
N VAL A 86 -3.14 8.26 12.67
CA VAL A 86 -2.89 8.90 11.34
C VAL A 86 -2.45 10.35 11.51
N THR A 87 -2.73 10.94 12.65
CA THR A 87 -2.22 12.32 12.92
C THR A 87 -0.75 12.28 13.35
N GLU A 88 -0.25 11.14 13.75
CA GLU A 88 1.22 11.00 14.04
C GLU A 88 1.97 10.63 12.76
N VAL A 89 3.10 11.24 12.54
CA VAL A 89 3.94 10.88 11.34
C VAL A 89 4.62 9.52 11.57
N VAL A 90 4.72 8.73 10.53
CA VAL A 90 5.56 7.50 10.61
C VAL A 90 7.02 7.86 10.28
N LYS A 91 7.96 7.30 11.00
CA LYS A 91 9.36 7.80 10.91
C LYS A 91 10.36 6.63 10.80
N ARG A 92 11.62 6.92 10.92
CA ARG A 92 12.66 5.85 10.83
C ARG A 92 13.04 5.36 12.23
N CYS A 93 13.51 4.14 12.33
CA CYS A 93 14.02 3.63 13.64
C CYS A 93 15.40 4.22 13.90
N PRO A 94 15.83 4.21 15.14
CA PRO A 94 17.19 4.70 15.46
C PRO A 94 18.24 3.82 14.78
N ASN A 95 18.10 2.52 14.91
CA ASN A 95 19.08 1.58 14.28
C ASN A 95 19.01 1.66 12.75
N HIS A 96 17.83 1.69 12.19
CA HIS A 96 17.70 1.66 10.69
C HIS A 96 17.93 3.05 10.09
N GLU A 97 17.65 4.09 10.82
CA GLU A 97 18.01 5.46 10.33
C GLU A 97 19.54 5.61 10.28
N LEU A 98 20.23 5.12 11.27
CA LEU A 98 21.72 5.12 11.24
C LEU A 98 22.22 4.11 10.20
N SER A 99 21.52 3.02 10.04
CA SER A 99 21.99 1.93 9.12
C SER A 99 22.41 2.48 7.74
N ARG A 100 21.71 3.47 7.25
CA ARG A 100 22.05 4.05 5.92
C ARG A 100 22.20 5.57 6.02
N GLU A 101 23.20 6.12 5.39
CA GLU A 101 23.43 7.58 5.48
C GLU A 101 24.11 8.09 4.20
N PHE A 102 24.74 9.25 4.27
CA PHE A 102 25.40 9.84 3.06
C PHE A 102 24.42 9.93 1.88
N ASN A 103 23.47 10.82 1.97
CA ASN A 103 22.50 11.00 0.84
C ASN A 103 23.19 11.62 -0.38
N GLU A 104 24.41 12.09 -0.24
CA GLU A 104 25.13 12.66 -1.41
C GLU A 104 25.29 11.60 -2.51
N GLY A 105 24.71 11.85 -3.66
CA GLY A 105 24.87 10.90 -4.80
C GLY A 105 23.91 9.71 -4.65
N GLN A 106 22.86 9.86 -3.86
CA GLN A 106 21.87 8.76 -3.73
C GLN A 106 20.51 9.19 -4.30
N ILE A 107 19.84 8.31 -4.99
CA ILE A 107 18.52 8.66 -5.61
C ILE A 107 17.40 8.49 -4.59
N ALA A 108 17.58 7.64 -3.60
CA ALA A 108 16.50 7.40 -2.61
C ALA A 108 17.03 7.64 -1.19
N PRO A 109 16.91 8.87 -0.71
CA PRO A 109 17.44 9.20 0.63
C PRO A 109 16.72 8.38 1.71
N PRO A 110 17.48 7.85 2.66
CA PRO A 110 16.87 6.97 3.70
C PRO A 110 15.75 7.70 4.47
N SER A 111 15.78 9.01 4.47
CA SER A 111 14.81 9.80 5.30
C SER A 111 13.36 9.37 5.02
N HIS A 112 13.08 8.90 3.83
CA HIS A 112 11.67 8.59 3.45
C HIS A 112 11.40 7.09 3.57
N LEU A 113 10.35 6.72 4.26
CA LEU A 113 10.02 5.27 4.41
C LEU A 113 9.77 4.63 3.04
N ILE A 114 9.14 5.36 2.14
CA ILE A 114 8.85 4.81 0.79
C ILE A 114 9.86 5.34 -0.22
N ARG A 115 10.35 4.49 -1.08
CA ARG A 115 11.32 4.93 -2.12
C ARG A 115 10.92 4.37 -3.49
N VAL A 116 11.39 4.99 -4.55
CA VAL A 116 11.06 4.49 -5.92
C VAL A 116 12.28 3.76 -6.52
N GLU A 117 12.03 2.75 -7.31
CA GLU A 117 13.13 2.11 -8.09
C GLU A 117 12.86 2.24 -9.59
N GLY A 118 13.83 2.71 -10.33
CA GLY A 118 13.76 2.59 -11.83
C GLY A 118 13.14 3.86 -12.42
N ASN A 119 13.22 4.97 -11.74
CA ASN A 119 12.75 6.25 -12.33
C ASN A 119 13.72 7.38 -11.99
N SER A 120 14.47 7.84 -12.97
CA SER A 120 15.49 8.90 -12.69
C SER A 120 14.84 10.20 -12.21
N HIS A 121 13.53 10.34 -12.38
CA HIS A 121 12.86 11.59 -11.93
C HIS A 121 12.22 11.41 -10.55
N ALA A 122 12.49 10.31 -9.87
CA ALA A 122 11.94 10.14 -8.49
C ALA A 122 12.48 11.23 -7.57
N GLN A 123 11.60 11.94 -6.92
CA GLN A 123 12.03 12.97 -5.93
C GLN A 123 11.11 12.94 -4.71
N TYR A 124 11.61 13.37 -3.58
CA TYR A 124 10.79 13.28 -2.33
C TYR A 124 10.50 14.68 -1.78
N VAL A 125 9.39 14.83 -1.09
CA VAL A 125 9.04 16.15 -0.50
C VAL A 125 8.64 15.97 0.97
N GLU A 126 8.70 17.04 1.72
CA GLU A 126 8.22 16.99 3.14
C GLU A 126 6.99 17.89 3.31
N ASP A 127 5.94 17.37 3.90
CA ASP A 127 4.72 18.20 4.12
C ASP A 127 5.04 19.36 5.07
N PRO A 128 4.68 20.56 4.71
CA PRO A 128 5.14 21.75 5.46
C PRO A 128 4.57 21.75 6.89
N ILE A 129 3.41 21.16 7.08
CA ILE A 129 2.68 21.37 8.37
C ILE A 129 2.84 20.14 9.29
N THR A 130 2.59 18.96 8.79
CA THR A 130 2.65 17.75 9.67
C THR A 130 3.91 16.91 9.40
N GLY A 131 4.87 17.43 8.67
CA GLY A 131 6.19 16.73 8.54
C GLY A 131 6.09 15.47 7.66
N ARG A 132 4.90 15.08 7.22
CA ARG A 132 4.72 13.80 6.45
C ARG A 132 5.79 13.62 5.36
N GLN A 133 6.24 12.41 5.17
CA GLN A 133 7.16 12.13 4.02
C GLN A 133 6.35 11.57 2.84
N SER A 134 6.73 11.94 1.63
CA SER A 134 6.06 11.34 0.43
C SER A 134 7.00 11.38 -0.77
N VAL A 135 6.74 10.57 -1.76
CA VAL A 135 7.59 10.56 -2.99
C VAL A 135 6.72 10.77 -4.23
N LEU A 136 7.26 11.41 -5.24
CA LEU A 136 6.45 11.68 -6.46
C LEU A 136 7.20 11.23 -7.71
N VAL A 137 6.48 10.92 -8.75
CA VAL A 137 7.16 10.53 -10.04
C VAL A 137 6.26 10.91 -11.23
N PRO A 138 6.88 11.18 -12.37
CA PRO A 138 6.08 11.48 -13.58
C PRO A 138 5.38 10.21 -14.09
N TYR A 139 4.15 10.31 -14.51
CA TYR A 139 3.47 9.14 -15.13
C TYR A 139 3.98 8.93 -16.56
N GLU A 140 4.45 7.75 -16.85
CA GLU A 140 4.92 7.43 -18.23
C GLU A 140 3.84 6.66 -18.99
N PRO A 141 3.92 6.67 -20.31
CA PRO A 141 2.93 5.91 -21.12
C PRO A 141 2.96 4.41 -20.75
N PRO A 142 1.90 3.70 -21.07
CA PRO A 142 1.82 2.26 -20.69
C PRO A 142 2.99 1.48 -21.32
N GLN A 143 3.42 0.44 -20.66
CA GLN A 143 4.56 -0.37 -21.21
C GLN A 143 4.18 -0.97 -22.56
N VAL A 144 5.14 -1.14 -23.43
CA VAL A 144 4.83 -1.53 -24.83
C VAL A 144 4.32 -2.98 -24.88
N GLY A 145 3.17 -3.18 -25.48
CA GLY A 145 2.62 -4.56 -25.58
C GLY A 145 1.48 -4.76 -24.57
N THR A 146 1.29 -3.84 -23.65
CA THR A 146 0.14 -3.94 -22.71
C THR A 146 -0.41 -2.54 -22.38
N GLU A 147 -1.50 -2.49 -21.66
CA GLU A 147 -2.25 -1.21 -21.51
C GLU A 147 -2.07 -0.60 -20.12
N PHE A 148 -1.13 -1.08 -19.33
CA PHE A 148 -1.01 -0.59 -17.92
C PHE A 148 0.36 0.04 -17.68
N THR A 149 0.50 0.72 -16.57
CA THR A 149 1.80 1.40 -16.24
C THR A 149 2.39 0.80 -14.96
N THR A 150 3.69 0.75 -14.86
CA THR A 150 4.33 0.06 -13.69
C THR A 150 5.17 1.05 -12.88
N VAL A 151 5.06 0.98 -11.58
CA VAL A 151 5.95 1.78 -10.69
C VAL A 151 6.52 0.87 -9.59
N LEU A 152 7.78 0.99 -9.29
CA LEU A 152 8.42 0.01 -8.36
C LEU A 152 8.64 0.66 -7.00
N TYR A 153 8.06 0.10 -5.96
CA TYR A 153 8.17 0.71 -4.60
C TYR A 153 9.14 -0.10 -3.73
N ASN A 154 9.78 0.54 -2.80
CA ASN A 154 10.71 -0.17 -1.87
C ASN A 154 10.50 0.32 -0.45
N PHE A 155 10.59 -0.55 0.53
CA PHE A 155 10.35 -0.14 1.94
C PHE A 155 11.65 -0.21 2.74
N MET A 156 11.97 0.84 3.46
CA MET A 156 13.27 0.88 4.21
C MET A 156 13.10 0.46 5.68
N CYS A 157 11.92 0.07 6.09
CA CYS A 157 11.74 -0.43 7.49
C CYS A 157 10.70 -1.55 7.51
N ASN A 158 10.64 -2.30 8.60
CA ASN A 158 9.67 -3.43 8.68
C ASN A 158 8.74 -3.25 9.88
N SER A 159 7.64 -3.96 9.89
CA SER A 159 6.52 -3.59 10.81
C SER A 159 6.98 -3.58 12.27
N SER A 160 7.87 -4.47 12.63
CA SER A 160 8.08 -4.76 14.07
C SER A 160 9.37 -4.11 14.60
N CYS A 161 9.94 -3.16 13.89
CA CYS A 161 11.18 -2.50 14.40
C CYS A 161 10.83 -1.22 15.16
N VAL A 162 11.15 -1.17 16.43
CA VAL A 162 10.69 -0.05 17.30
C VAL A 162 11.26 1.27 16.81
N GLY A 163 10.47 2.31 16.81
CA GLY A 163 10.95 3.65 16.40
C GLY A 163 10.57 3.93 14.94
N GLY A 164 9.99 2.98 14.25
CA GLY A 164 9.45 3.26 12.88
C GLY A 164 8.02 2.74 12.79
N MET A 165 7.83 1.60 12.16
CA MET A 165 6.46 1.01 12.06
C MET A 165 5.90 0.73 13.45
N ASN A 166 6.77 0.44 14.39
CA ASN A 166 6.36 0.28 15.83
C ASN A 166 5.06 -0.53 16.00
N ARG A 167 4.94 -1.62 15.29
CA ARG A 167 3.75 -2.52 15.46
C ARG A 167 2.43 -1.75 15.26
N ARG A 168 2.43 -0.79 14.39
CA ARG A 168 1.16 -0.09 14.03
C ARG A 168 0.87 -0.25 12.53
N PRO A 169 -0.08 -1.10 12.19
CA PRO A 169 -0.39 -1.32 10.74
C PRO A 169 -0.80 -0.01 10.07
N ILE A 170 -0.44 0.16 8.83
CA ILE A 170 -0.68 1.47 8.15
C ILE A 170 -1.33 1.28 6.78
N LEU A 171 -1.67 2.36 6.14
CA LEU A 171 -2.29 2.31 4.79
C LEU A 171 -1.44 3.16 3.84
N ILE A 172 -1.40 2.80 2.59
CA ILE A 172 -0.62 3.62 1.61
C ILE A 172 -1.56 4.22 0.59
N ILE A 173 -1.46 5.51 0.37
CA ILE A 173 -2.40 6.19 -0.56
C ILE A 173 -1.67 6.61 -1.83
N VAL A 174 -2.16 6.19 -2.96
CA VAL A 174 -1.51 6.59 -4.24
C VAL A 174 -2.52 7.40 -5.08
N THR A 175 -2.13 8.57 -5.52
CA THR A 175 -3.10 9.46 -6.20
C THR A 175 -2.57 9.88 -7.58
N LEU A 176 -3.46 10.23 -8.48
CA LEU A 176 -3.03 10.84 -9.77
C LEU A 176 -3.38 12.33 -9.76
N GLU A 177 -2.40 13.17 -10.01
CA GLU A 177 -2.62 14.65 -9.92
C GLU A 177 -2.07 15.33 -11.17
N THR A 178 -2.63 16.46 -11.54
CA THR A 178 -2.13 17.20 -12.73
C THR A 178 -1.05 18.19 -12.30
N ARG A 179 -0.20 18.60 -13.21
CA ARG A 179 0.89 19.56 -12.86
C ARG A 179 0.31 20.84 -12.25
N ASP A 180 -0.93 21.16 -12.57
CA ASP A 180 -1.52 22.45 -12.11
C ASP A 180 -2.16 22.32 -10.72
N GLY A 181 -1.97 21.21 -10.04
CA GLY A 181 -2.40 21.12 -8.62
C GLY A 181 -3.86 20.65 -8.52
N GLN A 182 -4.38 20.03 -9.55
CA GLN A 182 -5.80 19.56 -9.52
C GLN A 182 -5.85 18.03 -9.42
N VAL A 183 -6.76 17.51 -8.63
CA VAL A 183 -6.77 16.04 -8.37
C VAL A 183 -7.59 15.32 -9.46
N LEU A 184 -7.06 14.23 -9.95
CA LEU A 184 -7.80 13.45 -11.00
C LEU A 184 -8.50 12.25 -10.38
N GLY A 185 -7.86 11.59 -9.45
CA GLY A 185 -8.53 10.44 -8.76
C GLY A 185 -7.63 9.89 -7.64
N ARG A 186 -8.21 9.14 -6.73
CA ARG A 186 -7.41 8.59 -5.59
C ARG A 186 -7.65 7.09 -5.43
N ARG A 187 -6.63 6.33 -5.15
CA ARG A 187 -6.82 4.89 -4.78
C ARG A 187 -5.93 4.54 -3.59
N CYS A 188 -6.29 3.54 -2.83
CA CYS A 188 -5.52 3.22 -1.59
C CYS A 188 -5.45 1.70 -1.36
N PHE A 189 -4.44 1.25 -0.66
CA PHE A 189 -4.34 -0.21 -0.33
C PHE A 189 -3.71 -0.39 1.04
N GLU A 190 -3.85 -1.56 1.63
CA GLU A 190 -3.30 -1.79 3.00
C GLU A 190 -2.02 -2.62 2.94
N ALA A 191 -1.01 -2.24 3.68
CA ALA A 191 0.32 -2.88 3.52
C ALA A 191 0.81 -3.46 4.84
N ARG A 192 1.49 -4.58 4.79
CA ARG A 192 2.12 -5.15 6.02
C ARG A 192 3.51 -5.68 5.67
N ILE A 193 4.48 -5.41 6.51
CA ILE A 193 5.85 -5.98 6.29
C ILE A 193 6.11 -7.11 7.27
N CYS A 194 6.42 -8.29 6.79
CA CYS A 194 6.47 -9.49 7.68
C CYS A 194 7.58 -10.45 7.26
N ALA A 195 7.93 -11.37 8.11
CA ALA A 195 9.04 -12.33 7.79
C ALA A 195 8.64 -13.24 6.63
N CYS A 196 7.42 -13.69 6.60
CA CYS A 196 6.96 -14.57 5.48
C CYS A 196 5.62 -14.06 4.91
N PRO A 197 5.69 -13.18 3.94
CA PRO A 197 4.46 -12.75 3.24
C PRO A 197 3.73 -13.96 2.64
N GLY A 198 4.47 -14.99 2.30
CA GLY A 198 3.82 -16.24 1.78
C GLY A 198 3.00 -16.88 2.90
N ARG A 199 3.49 -16.84 4.11
CA ARG A 199 2.79 -17.54 5.23
C ARG A 199 1.49 -16.82 5.56
N ASP A 200 1.51 -15.51 5.51
CA ASP A 200 0.26 -14.74 5.80
C ASP A 200 -0.76 -14.94 4.66
N ARG A 201 -0.29 -15.05 3.45
CA ARG A 201 -1.21 -15.36 2.31
C ARG A 201 -1.98 -16.67 2.57
N LYS A 202 -1.26 -17.70 2.95
CA LYS A 202 -1.93 -19.02 3.22
C LYS A 202 -2.88 -18.90 4.41
N ALA A 203 -2.49 -18.16 5.41
CA ALA A 203 -3.29 -18.12 6.67
C ALA A 203 -4.70 -17.57 6.40
N ASP A 204 -4.78 -16.43 5.77
CA ASP A 204 -6.12 -15.81 5.53
C ASP A 204 -6.98 -16.73 4.67
N GLU A 205 -6.38 -17.38 3.70
CA GLU A 205 -7.16 -18.32 2.83
C GLU A 205 -7.67 -19.51 3.64
N ASP A 206 -6.86 -20.00 4.55
CA ASP A 206 -7.29 -21.17 5.38
C ASP A 206 -8.52 -20.81 6.20
N SER A 207 -8.59 -19.59 6.66
CA SER A 207 -9.76 -19.15 7.49
C SER A 207 -11.06 -19.27 6.68
N ILE A 208 -10.98 -19.03 5.39
CA ILE A 208 -12.20 -19.11 4.53
C ILE A 208 -12.52 -20.58 4.20
N ARG A 209 -11.52 -21.33 3.83
CA ARG A 209 -11.75 -22.76 3.46
C ARG A 209 -12.39 -23.53 4.63
N LYS A 210 -11.96 -23.24 5.83
CA LYS A 210 -12.51 -23.96 7.02
C LYS A 210 -14.03 -23.74 7.12
N GLN A 211 -14.46 -22.52 7.02
CA GLN A 211 -15.93 -22.23 7.06
C GLN A 211 -16.58 -22.65 5.74
N GLN A 212 -15.96 -22.35 4.63
CA GLN A 212 -16.57 -22.66 3.31
C GLN A 212 -15.90 -23.87 2.67
N VAL A 213 -16.67 -24.86 2.31
CA VAL A 213 -16.10 -26.07 1.64
C VAL A 213 -16.51 -26.08 0.16
N SER A 214 -15.55 -26.25 -0.73
CA SER A 214 -15.88 -26.23 -2.19
C SER A 214 -16.10 -27.64 -2.71
N ASP A 215 -17.07 -27.82 -3.57
CA ASP A 215 -17.31 -29.17 -4.18
C ASP A 215 -16.52 -29.29 -5.49
N SER A 216 -15.72 -30.31 -5.61
CA SER A 216 -14.92 -30.49 -6.86
C SER A 216 -15.85 -30.67 -8.07
N THR A 217 -15.37 -30.39 -9.25
CA THR A 217 -16.24 -30.48 -10.46
C THR A 217 -15.93 -31.74 -11.26
N LYS A 218 -16.94 -32.47 -11.66
CA LYS A 218 -16.73 -33.67 -12.52
C LYS A 218 -17.02 -33.32 -13.98
N ASN A 219 -16.35 -33.97 -14.90
CA ASN A 219 -16.57 -33.68 -16.35
C ASN A 219 -18.03 -33.95 -16.73
N GLY A 220 -18.83 -32.91 -16.84
CA GLY A 220 -20.27 -33.09 -17.17
C GLY A 220 -21.07 -33.34 -15.89
N ASP A 221 -22.37 -33.48 -16.00
CA ASP A 221 -23.22 -33.80 -14.81
C ASP A 221 -23.08 -32.71 -13.74
N ALA A 222 -23.77 -31.61 -13.92
CA ALA A 222 -23.69 -30.51 -12.91
C ALA A 222 -24.29 -30.95 -11.58
N PHE A 223 -23.75 -30.47 -10.49
CA PHE A 223 -24.30 -30.85 -9.14
C PHE A 223 -24.79 -29.60 -8.41
N ARG A 224 -25.71 -29.77 -7.49
CA ARG A 224 -26.26 -28.62 -6.71
C ARG A 224 -26.83 -27.54 -7.65
N GLN A 225 -26.01 -26.63 -8.13
CA GLN A 225 -26.51 -25.49 -8.97
C GLN A 225 -27.62 -24.71 -8.23
N ASN A 226 -28.86 -25.13 -8.33
CA ASN A 226 -29.96 -24.41 -7.63
C ASN A 226 -30.58 -25.31 -6.55
N THR A 227 -30.36 -24.98 -5.30
CA THR A 227 -30.94 -25.81 -4.19
C THR A 227 -31.79 -24.93 -3.27
N HIS A 228 -32.71 -25.52 -2.55
CA HIS A 228 -33.56 -24.73 -1.61
C HIS A 228 -33.81 -25.54 -0.33
N GLY A 229 -33.89 -24.88 0.80
CA GLY A 229 -34.18 -25.58 2.08
C GLY A 229 -32.91 -26.28 2.57
N ILE A 230 -31.78 -25.63 2.48
CA ILE A 230 -30.51 -26.23 2.96
C ILE A 230 -29.62 -25.17 3.59
N GLN A 231 -29.02 -25.48 4.72
CA GLN A 231 -28.14 -24.49 5.41
C GLN A 231 -26.68 -24.70 4.99
N MET A 232 -25.92 -23.64 4.90
CA MET A 232 -24.47 -23.75 4.52
C MET A 232 -24.30 -24.57 3.23
N THR A 233 -24.29 -23.92 2.10
CA THR A 233 -24.13 -24.64 0.81
C THR A 233 -22.75 -24.36 0.21
ZN ZN B . 12.80 0.24 11.21
N GLY A 1 13.41 17.27 14.81
CA GLY A 1 12.07 17.73 15.30
C GLY A 1 11.06 17.65 14.15
N SER A 2 10.31 16.57 14.10
CA SER A 2 9.30 16.41 13.00
C SER A 2 7.97 17.06 13.42
N SER A 3 7.28 17.66 12.47
CA SER A 3 5.97 18.31 12.77
C SER A 3 6.10 19.30 13.94
N THR A 4 6.41 20.53 13.66
CA THR A 4 6.56 21.54 14.75
C THR A 4 5.20 21.86 15.37
N PHE A 5 4.15 21.71 14.61
CA PHE A 5 2.77 21.96 15.15
C PHE A 5 2.02 20.64 15.32
N ASP A 6 1.33 20.47 16.42
CA ASP A 6 0.57 19.20 16.64
C ASP A 6 -0.55 19.44 17.66
N ALA A 7 -1.59 18.64 17.62
CA ALA A 7 -2.71 18.78 18.61
C ALA A 7 -3.22 20.23 18.66
N LEU A 8 -4.05 20.53 19.63
CA LEU A 8 -4.68 21.89 19.71
C LEU A 8 -5.43 22.23 18.42
N SER A 9 -6.36 23.16 18.49
CA SER A 9 -7.12 23.56 17.27
C SER A 9 -6.37 24.65 16.51
N PRO A 10 -6.67 24.84 15.23
CA PRO A 10 -7.42 23.84 14.42
C PRO A 10 -6.59 22.56 14.25
N SER A 11 -7.25 21.43 14.08
CA SER A 11 -6.50 20.14 13.93
C SER A 11 -6.01 19.98 12.49
N PRO A 12 -4.85 19.38 12.32
CA PRO A 12 -4.31 19.17 10.94
C PRO A 12 -5.27 18.33 10.11
N ALA A 13 -5.28 18.54 8.82
CA ALA A 13 -6.17 17.73 7.92
C ALA A 13 -5.59 16.33 7.74
N ILE A 14 -6.43 15.35 7.54
CA ILE A 14 -5.96 13.95 7.42
C ILE A 14 -6.34 13.37 6.04
N PRO A 15 -5.44 12.63 5.43
CA PRO A 15 -5.76 12.04 4.10
C PRO A 15 -6.91 11.05 4.20
N SER A 16 -7.65 10.88 3.14
CA SER A 16 -8.80 9.92 3.16
C SER A 16 -8.52 8.74 2.23
N ASN A 17 -8.91 7.55 2.61
CA ASN A 17 -8.66 6.35 1.76
C ASN A 17 -9.89 6.03 0.90
N THR A 18 -10.72 7.02 0.63
CA THR A 18 -11.94 6.77 -0.19
C THR A 18 -11.57 6.64 -1.67
N ASP A 19 -11.95 5.56 -2.29
CA ASP A 19 -11.59 5.35 -3.72
C ASP A 19 -12.36 6.32 -4.63
N TYR A 20 -11.73 6.78 -5.68
CA TYR A 20 -12.43 7.71 -6.62
C TYR A 20 -11.81 7.60 -8.02
N PRO A 21 -12.45 6.86 -8.90
CA PRO A 21 -11.88 6.64 -10.26
C PRO A 21 -11.67 7.96 -10.98
N GLY A 22 -12.61 8.87 -10.84
CA GLY A 22 -12.47 10.21 -11.50
C GLY A 22 -12.72 10.08 -13.01
N PRO A 23 -12.17 10.99 -13.79
CA PRO A 23 -12.47 11.01 -15.24
C PRO A 23 -11.77 9.86 -15.96
N HIS A 24 -10.51 9.65 -15.68
CA HIS A 24 -9.73 8.63 -16.45
C HIS A 24 -9.90 7.22 -15.86
N SER A 25 -10.78 7.05 -14.89
CA SER A 25 -10.92 5.73 -14.21
C SER A 25 -9.57 5.23 -13.68
N PHE A 26 -8.97 5.99 -12.80
CA PHE A 26 -7.63 5.60 -12.25
C PHE A 26 -7.79 4.50 -11.21
N ASP A 27 -7.20 3.35 -11.46
CA ASP A 27 -7.33 2.20 -10.51
C ASP A 27 -5.94 1.64 -10.19
N VAL A 28 -5.84 0.92 -9.10
CA VAL A 28 -4.55 0.26 -8.75
C VAL A 28 -4.78 -1.24 -8.56
N SER A 29 -3.79 -2.04 -8.89
CA SER A 29 -3.91 -3.51 -8.67
C SER A 29 -2.51 -4.13 -8.54
N PHE A 30 -2.45 -5.33 -8.04
CA PHE A 30 -1.13 -5.99 -7.80
C PHE A 30 -1.10 -7.36 -8.48
N GLN A 31 -0.11 -7.59 -9.31
CA GLN A 31 -0.09 -8.84 -10.13
C GLN A 31 -0.15 -10.08 -9.23
N GLN A 32 -0.77 -11.13 -9.70
CA GLN A 32 -0.98 -12.34 -8.84
C GLN A 32 0.01 -13.44 -9.23
N SER A 33 0.45 -14.22 -8.27
CA SER A 33 1.36 -15.37 -8.58
C SER A 33 1.06 -16.54 -7.65
N SER A 34 1.48 -17.72 -8.03
CA SER A 34 1.24 -18.92 -7.16
C SER A 34 1.94 -18.73 -5.81
N THR A 35 1.47 -19.41 -4.80
CA THR A 35 2.10 -19.26 -3.44
C THR A 35 3.56 -19.71 -3.48
N ALA A 36 4.46 -18.78 -3.73
CA ALA A 36 5.91 -19.15 -3.83
C ALA A 36 6.56 -19.05 -2.45
N LYS A 37 7.54 -19.89 -2.19
CA LYS A 37 8.26 -19.82 -0.88
C LYS A 37 9.15 -18.58 -0.82
N SER A 38 9.18 -17.92 0.32
CA SER A 38 10.01 -16.68 0.47
C SER A 38 9.69 -15.67 -0.65
N ALA A 39 8.43 -15.49 -0.95
CA ALA A 39 8.04 -14.49 -1.98
C ALA A 39 8.45 -13.08 -1.54
N THR A 40 9.01 -12.31 -2.44
CA THR A 40 9.33 -10.89 -2.13
C THR A 40 8.04 -10.14 -1.76
N TRP A 41 6.94 -10.52 -2.36
CA TRP A 41 5.63 -9.89 -2.01
C TRP A 41 4.48 -10.66 -2.67
N THR A 42 3.38 -10.79 -1.99
CA THR A 42 2.23 -11.57 -2.53
C THR A 42 0.92 -10.88 -2.16
N TYR A 43 -0.06 -10.89 -3.03
CA TYR A 43 -1.30 -10.11 -2.79
C TYR A 43 -2.53 -11.01 -2.90
N SER A 44 -3.49 -10.80 -2.03
CA SER A 44 -4.75 -11.58 -2.10
C SER A 44 -5.90 -10.64 -2.50
N THR A 45 -6.60 -10.97 -3.56
CA THR A 45 -7.71 -10.09 -4.04
C THR A 45 -8.89 -10.13 -3.07
N GLU A 46 -9.17 -11.29 -2.51
CA GLU A 46 -10.33 -11.42 -1.58
C GLU A 46 -10.18 -10.48 -0.39
N LEU A 47 -8.96 -10.23 0.03
CA LEU A 47 -8.73 -9.39 1.24
C LEU A 47 -8.24 -7.99 0.85
N LYS A 48 -7.85 -7.79 -0.39
CA LYS A 48 -7.41 -6.43 -0.85
C LYS A 48 -6.20 -5.98 -0.02
N LYS A 49 -5.22 -6.83 0.11
CA LYS A 49 -4.06 -6.51 1.00
C LYS A 49 -2.77 -7.10 0.44
N LEU A 50 -1.65 -6.50 0.78
CA LEU A 50 -0.35 -6.96 0.22
C LEU A 50 0.64 -7.23 1.36
N TYR A 51 1.37 -8.31 1.27
CA TYR A 51 2.44 -8.58 2.26
C TYR A 51 3.80 -8.55 1.57
N CYS A 52 4.77 -7.89 2.16
CA CYS A 52 6.08 -7.70 1.47
C CYS A 52 7.25 -7.89 2.44
N GLN A 53 8.41 -8.19 1.92
CA GLN A 53 9.63 -8.25 2.78
C GLN A 53 10.50 -7.01 2.58
N ILE A 54 11.09 -6.51 3.63
CA ILE A 54 11.80 -5.20 3.56
C ILE A 54 12.86 -5.20 2.45
N ALA A 55 13.06 -4.06 1.82
CA ALA A 55 14.12 -3.91 0.76
C ALA A 55 13.83 -4.77 -0.48
N LYS A 56 12.67 -5.37 -0.58
CA LYS A 56 12.33 -6.14 -1.82
C LYS A 56 11.51 -5.26 -2.78
N THR A 57 11.55 -5.57 -4.05
CA THR A 57 10.83 -4.75 -5.06
C THR A 57 9.35 -5.13 -5.11
N CYS A 58 8.47 -4.17 -4.96
CA CYS A 58 7.02 -4.44 -5.16
C CYS A 58 6.49 -3.64 -6.35
N PRO A 59 6.55 -4.22 -7.53
CA PRO A 59 5.94 -3.57 -8.72
C PRO A 59 4.43 -3.41 -8.53
N ILE A 60 3.92 -2.23 -8.79
CA ILE A 60 2.44 -2.01 -8.72
C ILE A 60 1.96 -1.41 -10.05
N GLN A 61 0.80 -1.79 -10.51
CA GLN A 61 0.32 -1.30 -11.84
C GLN A 61 -0.83 -0.31 -11.68
N ILE A 62 -0.80 0.77 -12.41
CA ILE A 62 -1.99 1.68 -12.49
C ILE A 62 -2.83 1.32 -13.71
N LYS A 63 -4.13 1.16 -13.54
CA LYS A 63 -5.01 0.90 -14.72
C LYS A 63 -5.94 2.09 -14.97
N VAL A 64 -5.97 2.58 -16.18
CA VAL A 64 -6.94 3.66 -16.53
C VAL A 64 -7.58 3.37 -17.89
N MET A 65 -8.71 3.98 -18.16
CA MET A 65 -9.38 3.77 -19.48
C MET A 65 -8.68 4.56 -20.57
N THR A 66 -8.28 5.77 -20.26
CA THR A 66 -7.54 6.61 -21.25
C THR A 66 -6.34 7.28 -20.56
N PRO A 67 -5.24 7.41 -21.27
CA PRO A 67 -3.98 7.87 -20.62
C PRO A 67 -4.19 9.23 -19.92
N PRO A 68 -3.60 9.39 -18.75
CA PRO A 68 -3.73 10.67 -18.02
C PRO A 68 -3.02 11.80 -18.78
N PRO A 69 -3.23 13.03 -18.36
CA PRO A 69 -2.61 14.19 -19.06
C PRO A 69 -1.09 14.08 -19.02
N GLN A 70 -0.42 14.71 -19.96
CA GLN A 70 1.07 14.73 -19.95
C GLN A 70 1.57 15.76 -18.93
N GLY A 71 2.61 15.43 -18.20
CA GLY A 71 3.07 16.33 -17.10
C GLY A 71 2.52 15.84 -15.76
N ALA A 72 1.41 15.12 -15.78
CA ALA A 72 0.84 14.55 -14.52
C ALA A 72 1.90 13.81 -13.70
N VAL A 73 1.72 13.75 -12.41
CA VAL A 73 2.66 12.98 -11.55
C VAL A 73 1.87 12.05 -10.63
N ILE A 74 2.47 10.99 -10.18
CA ILE A 74 1.79 10.08 -9.21
C ILE A 74 2.42 10.22 -7.83
N ARG A 75 1.62 10.23 -6.81
CA ARG A 75 2.15 10.47 -5.43
C ARG A 75 1.92 9.21 -4.59
N ALA A 76 2.81 8.91 -3.67
CA ALA A 76 2.55 7.77 -2.72
C ALA A 76 2.99 8.14 -1.31
N MET A 77 2.12 7.99 -0.34
CA MET A 77 2.47 8.40 1.05
C MET A 77 1.98 7.34 2.06
N PRO A 78 2.80 7.05 3.05
CA PRO A 78 2.40 6.09 4.11
C PRO A 78 1.75 6.81 5.29
N VAL A 79 0.69 6.25 5.82
CA VAL A 79 0.07 6.83 7.07
C VAL A 79 -0.54 5.72 7.93
N TYR A 80 -0.65 5.93 9.21
CA TYR A 80 -1.22 4.86 10.10
C TYR A 80 -2.64 4.51 9.67
N LYS A 81 -3.14 3.38 10.10
CA LYS A 81 -4.46 2.89 9.60
C LYS A 81 -5.61 3.60 10.31
N LYS A 82 -5.69 3.48 11.62
CA LYS A 82 -6.84 4.07 12.37
C LYS A 82 -6.63 5.58 12.59
N ALA A 83 -7.69 6.32 12.69
CA ALA A 83 -7.56 7.81 12.84
C ALA A 83 -6.69 8.16 14.06
N GLU A 84 -6.82 7.41 15.12
CA GLU A 84 -6.04 7.72 16.36
C GLU A 84 -4.54 7.74 16.07
N HIS A 85 -4.11 7.04 15.04
CA HIS A 85 -2.66 7.00 14.72
C HIS A 85 -2.35 7.80 13.44
N VAL A 86 -3.33 8.04 12.60
CA VAL A 86 -3.04 8.72 11.30
C VAL A 86 -2.65 10.19 11.54
N THR A 87 -2.99 10.73 12.69
CA THR A 87 -2.53 12.11 13.03
C THR A 87 -1.08 12.08 13.53
N GLU A 88 -0.58 10.93 13.91
CA GLU A 88 0.87 10.81 14.26
C GLU A 88 1.69 10.49 13.02
N VAL A 89 2.81 11.13 12.85
CA VAL A 89 3.69 10.84 11.67
C VAL A 89 4.38 9.48 11.84
N VAL A 90 4.58 8.76 10.77
CA VAL A 90 5.42 7.53 10.83
C VAL A 90 6.90 7.92 10.66
N LYS A 91 7.77 7.30 11.41
CA LYS A 91 9.18 7.80 11.47
C LYS A 91 10.18 6.66 11.35
N ARG A 92 11.44 6.92 11.57
CA ARG A 92 12.49 5.89 11.39
C ARG A 92 12.81 5.21 12.72
N CYS A 93 13.23 3.97 12.68
CA CYS A 93 13.76 3.30 13.91
C CYS A 93 15.15 3.87 14.21
N PRO A 94 15.63 3.67 15.42
CA PRO A 94 16.99 4.17 15.76
C PRO A 94 18.04 3.44 14.90
N ASN A 95 17.95 2.14 14.81
CA ASN A 95 18.91 1.36 13.98
C ASN A 95 18.75 1.69 12.50
N HIS A 96 17.53 1.77 12.02
CA HIS A 96 17.29 1.97 10.56
C HIS A 96 17.45 3.44 10.16
N GLU A 97 17.20 4.35 11.07
CA GLU A 97 17.46 5.79 10.78
C GLU A 97 18.96 6.03 10.61
N LEU A 98 19.77 5.35 11.38
CA LEU A 98 21.26 5.50 11.24
C LEU A 98 21.69 5.20 9.80
N SER A 99 21.03 4.29 9.14
CA SER A 99 21.37 3.97 7.71
C SER A 99 21.46 5.24 6.86
N ARG A 100 20.76 6.28 7.24
CA ARG A 100 20.75 7.55 6.44
C ARG A 100 22.19 8.06 6.22
N GLU A 101 23.09 7.72 7.10
CA GLU A 101 24.50 8.25 7.00
C GLU A 101 25.09 7.92 5.62
N PHE A 102 25.97 8.75 5.13
CA PHE A 102 26.62 8.52 3.79
C PHE A 102 25.56 8.30 2.71
N ASN A 103 24.86 9.34 2.34
CA ASN A 103 23.87 9.23 1.23
C ASN A 103 24.55 9.38 -0.14
N GLU A 104 25.81 9.78 -0.17
CA GLU A 104 26.54 9.87 -1.47
C GLU A 104 26.58 8.50 -2.16
N GLY A 105 26.12 8.42 -3.38
CA GLY A 105 26.14 7.13 -4.11
C GLY A 105 24.81 6.39 -3.98
N GLN A 106 23.86 6.93 -3.25
CA GLN A 106 22.49 6.31 -3.21
C GLN A 106 21.47 7.25 -3.84
N ILE A 107 20.54 6.71 -4.59
CA ILE A 107 19.50 7.57 -5.24
C ILE A 107 18.30 7.74 -4.31
N ALA A 108 18.08 6.82 -3.41
CA ALA A 108 16.90 6.91 -2.50
C ALA A 108 17.35 6.86 -1.03
N PRO A 109 17.52 8.01 -0.42
CA PRO A 109 18.05 8.05 0.96
C PRO A 109 17.06 7.39 1.95
N PRO A 110 17.58 6.70 2.94
CA PRO A 110 16.69 6.02 3.92
C PRO A 110 15.74 7.01 4.61
N SER A 111 16.06 8.29 4.58
CA SER A 111 15.19 9.31 5.26
C SER A 111 13.73 9.20 4.81
N HIS A 112 13.50 8.63 3.65
CA HIS A 112 12.09 8.46 3.17
C HIS A 112 11.66 7.00 3.33
N LEU A 113 10.53 6.76 3.95
CA LEU A 113 10.08 5.35 4.18
C LEU A 113 9.75 4.68 2.85
N ILE A 114 9.16 5.41 1.94
CA ILE A 114 8.83 4.84 0.60
C ILE A 114 9.82 5.37 -0.44
N ARG A 115 10.30 4.51 -1.30
CA ARG A 115 11.29 4.93 -2.32
C ARG A 115 10.91 4.37 -3.70
N VAL A 116 11.42 4.97 -4.75
CA VAL A 116 11.11 4.46 -6.12
C VAL A 116 12.32 3.70 -6.68
N GLU A 117 12.08 2.69 -7.48
CA GLU A 117 13.19 2.01 -8.20
C GLU A 117 12.98 2.13 -9.71
N GLY A 118 13.96 2.66 -10.40
CA GLY A 118 13.95 2.60 -11.90
C GLY A 118 13.40 3.90 -12.48
N ASN A 119 13.48 4.98 -11.75
CA ASN A 119 13.08 6.31 -12.31
C ASN A 119 14.08 7.38 -11.91
N SER A 120 14.87 7.84 -12.85
CA SER A 120 15.92 8.86 -12.52
C SER A 120 15.28 10.17 -12.03
N HIS A 121 13.99 10.35 -12.24
CA HIS A 121 13.35 11.63 -11.84
C HIS A 121 12.60 11.48 -10.50
N ALA A 122 12.73 10.37 -9.83
CA ALA A 122 12.07 10.21 -8.50
C ALA A 122 12.59 11.27 -7.52
N GLN A 123 11.70 11.95 -6.85
CA GLN A 123 12.12 12.97 -5.84
C GLN A 123 11.21 12.90 -4.62
N TYR A 124 11.66 13.38 -3.49
CA TYR A 124 10.84 13.26 -2.25
C TYR A 124 10.43 14.64 -1.74
N VAL A 125 9.31 14.71 -1.08
CA VAL A 125 8.86 16.01 -0.48
C VAL A 125 8.47 15.80 0.98
N GLU A 126 8.45 16.86 1.75
CA GLU A 126 8.06 16.74 3.19
C GLU A 126 6.85 17.64 3.48
N ASP A 127 5.84 17.10 4.11
CA ASP A 127 4.66 17.92 4.49
C ASP A 127 5.08 18.98 5.53
N PRO A 128 5.08 20.24 5.12
CA PRO A 128 5.65 21.29 6.01
C PRO A 128 4.90 21.35 7.34
N ILE A 129 3.66 20.93 7.37
CA ILE A 129 2.82 21.12 8.59
C ILE A 129 2.75 19.85 9.42
N THR A 130 2.42 18.74 8.82
CA THR A 130 2.19 17.49 9.60
C THR A 130 3.36 16.50 9.48
N GLY A 131 4.48 16.91 8.92
CA GLY A 131 5.71 16.07 9.00
C GLY A 131 5.73 14.99 7.91
N ARG A 132 4.58 14.57 7.41
CA ARG A 132 4.48 13.35 6.53
C ARG A 132 5.57 13.32 5.44
N GLN A 133 6.09 12.15 5.16
CA GLN A 133 7.04 12.02 4.02
C GLN A 133 6.35 11.35 2.83
N SER A 134 6.71 11.73 1.63
CA SER A 134 6.10 11.10 0.42
C SER A 134 7.04 11.20 -0.78
N VAL A 135 6.84 10.38 -1.77
CA VAL A 135 7.71 10.41 -2.98
C VAL A 135 6.85 10.63 -4.22
N LEU A 136 7.39 11.29 -5.22
CA LEU A 136 6.58 11.60 -6.43
C LEU A 136 7.35 11.18 -7.69
N VAL A 137 6.64 10.90 -8.75
CA VAL A 137 7.33 10.57 -10.04
C VAL A 137 6.43 10.97 -11.22
N PRO A 138 7.05 11.29 -12.35
CA PRO A 138 6.25 11.63 -13.56
C PRO A 138 5.59 10.37 -14.11
N TYR A 139 4.34 10.47 -14.54
CA TYR A 139 3.68 9.29 -15.18
C TYR A 139 4.24 9.09 -16.59
N GLU A 140 4.68 7.90 -16.90
CA GLU A 140 5.13 7.59 -18.28
C GLU A 140 4.03 6.83 -19.03
N PRO A 141 4.09 6.84 -20.35
CA PRO A 141 3.06 6.13 -21.15
C PRO A 141 3.02 4.64 -20.78
N PRO A 142 1.90 4.00 -21.05
CA PRO A 142 1.75 2.56 -20.68
C PRO A 142 2.84 1.72 -21.36
N GLN A 143 3.25 0.64 -20.74
CA GLN A 143 4.33 -0.22 -21.33
C GLN A 143 3.88 -0.76 -22.69
N VAL A 144 4.81 -0.95 -23.59
CA VAL A 144 4.45 -1.27 -25.00
C VAL A 144 3.87 -2.69 -25.07
N GLY A 145 2.70 -2.82 -25.66
CA GLY A 145 2.07 -4.17 -25.78
C GLY A 145 0.95 -4.34 -24.75
N THR A 146 0.83 -3.44 -23.80
CA THR A 146 -0.30 -3.52 -22.82
C THR A 146 -0.79 -2.12 -22.45
N GLU A 147 -1.85 -2.04 -21.70
CA GLU A 147 -2.55 -0.74 -21.50
C GLU A 147 -2.31 -0.16 -20.09
N PHE A 148 -1.37 -0.71 -19.35
CA PHE A 148 -1.19 -0.25 -17.94
C PHE A 148 0.22 0.33 -17.71
N THR A 149 0.41 0.97 -16.60
CA THR A 149 1.75 1.57 -16.28
C THR A 149 2.31 0.92 -15.01
N THR A 150 3.61 0.75 -14.96
CA THR A 150 4.23 0.06 -13.79
C THR A 150 5.15 1.00 -13.01
N VAL A 151 5.06 0.98 -11.71
CA VAL A 151 5.97 1.78 -10.85
C VAL A 151 6.52 0.89 -9.73
N LEU A 152 7.80 0.99 -9.45
CA LEU A 152 8.44 0.01 -8.52
C LEU A 152 8.67 0.67 -7.16
N TYR A 153 8.10 0.12 -6.12
CA TYR A 153 8.22 0.73 -4.76
C TYR A 153 9.20 -0.05 -3.89
N ASN A 154 9.81 0.61 -2.94
CA ASN A 154 10.72 -0.09 -1.98
C ASN A 154 10.44 0.42 -0.56
N PHE A 155 10.50 -0.44 0.43
CA PHE A 155 10.23 -0.01 1.82
C PHE A 155 11.50 -0.15 2.69
N MET A 156 11.81 0.85 3.46
CA MET A 156 13.08 0.82 4.26
C MET A 156 12.83 0.49 5.74
N CYS A 157 11.63 0.08 6.10
CA CYS A 157 11.39 -0.41 7.49
C CYS A 157 10.37 -1.55 7.47
N ASN A 158 10.36 -2.36 8.51
CA ASN A 158 9.41 -3.49 8.57
C ASN A 158 8.48 -3.35 9.78
N SER A 159 7.39 -4.06 9.79
CA SER A 159 6.30 -3.77 10.78
C SER A 159 6.82 -3.86 12.21
N SER A 160 7.78 -4.72 12.45
CA SER A 160 8.11 -5.10 13.85
C SER A 160 9.42 -4.45 14.33
N CYS A 161 9.93 -3.46 13.64
CA CYS A 161 11.17 -2.79 14.13
C CYS A 161 10.82 -1.55 14.97
N VAL A 162 11.20 -1.58 16.22
CA VAL A 162 10.74 -0.52 17.18
C VAL A 162 11.27 0.85 16.76
N GLY A 163 10.45 1.86 16.87
CA GLY A 163 10.89 3.24 16.52
C GLY A 163 10.43 3.60 15.10
N GLY A 164 9.83 2.68 14.38
CA GLY A 164 9.25 3.04 13.05
C GLY A 164 7.82 2.51 12.97
N MET A 165 7.62 1.38 12.35
CA MET A 165 6.25 0.79 12.27
C MET A 165 5.73 0.44 13.66
N ASN A 166 6.61 0.04 14.55
CA ASN A 166 6.23 -0.24 15.97
C ASN A 166 4.92 -1.03 16.10
N ARG A 167 4.79 -2.12 15.39
CA ARG A 167 3.58 -2.99 15.50
C ARG A 167 2.30 -2.18 15.26
N ARG A 168 2.37 -1.18 14.41
CA ARG A 168 1.14 -0.44 14.02
C ARG A 168 0.93 -0.53 12.50
N PRO A 169 -0.02 -1.34 12.07
CA PRO A 169 -0.28 -1.49 10.61
C PRO A 169 -0.67 -0.14 10.00
N ILE A 170 -0.32 0.07 8.76
CA ILE A 170 -0.60 1.38 8.10
C ILE A 170 -1.25 1.19 6.72
N LEU A 171 -1.58 2.28 6.09
CA LEU A 171 -2.19 2.21 4.73
C LEU A 171 -1.35 3.06 3.78
N ILE A 172 -1.30 2.72 2.53
CA ILE A 172 -0.54 3.54 1.55
C ILE A 172 -1.50 4.13 0.52
N ILE A 173 -1.41 5.40 0.29
CA ILE A 173 -2.36 6.06 -0.65
C ILE A 173 -1.60 6.48 -1.92
N VAL A 174 -2.08 6.06 -3.06
CA VAL A 174 -1.42 6.44 -4.34
C VAL A 174 -2.40 7.23 -5.20
N THR A 175 -2.01 8.40 -5.65
CA THR A 175 -2.97 9.29 -6.38
C THR A 175 -2.42 9.69 -7.74
N LEU A 176 -3.29 9.94 -8.68
CA LEU A 176 -2.86 10.60 -9.95
C LEU A 176 -3.22 12.09 -9.90
N GLU A 177 -2.26 12.95 -10.12
CA GLU A 177 -2.49 14.41 -9.93
C GLU A 177 -2.00 15.18 -11.15
N THR A 178 -2.61 16.30 -11.43
CA THR A 178 -2.16 17.14 -12.59
C THR A 178 -1.10 18.13 -12.12
N ARG A 179 -0.33 18.66 -13.04
CA ARG A 179 0.78 19.59 -12.65
C ARG A 179 0.24 20.78 -11.82
N ASP A 180 -1.01 21.12 -11.99
CA ASP A 180 -1.55 22.34 -11.31
C ASP A 180 -2.12 22.03 -9.93
N GLY A 181 -1.93 20.83 -9.43
CA GLY A 181 -2.30 20.54 -8.01
C GLY A 181 -3.75 20.06 -7.91
N GLN A 182 -4.32 19.58 -8.99
CA GLN A 182 -5.74 19.10 -8.95
C GLN A 182 -5.77 17.57 -9.02
N VAL A 183 -6.64 16.95 -8.27
CA VAL A 183 -6.64 15.46 -8.17
C VAL A 183 -7.51 14.86 -9.28
N LEU A 184 -6.99 13.88 -9.98
CA LEU A 184 -7.79 13.21 -11.05
C LEU A 184 -8.38 11.90 -10.54
N GLY A 185 -7.63 11.15 -9.78
CA GLY A 185 -8.13 9.83 -9.29
C GLY A 185 -7.33 9.39 -8.06
N ARG A 186 -7.95 8.68 -7.15
CA ARG A 186 -7.24 8.23 -5.92
C ARG A 186 -7.55 6.76 -5.62
N ARG A 187 -6.53 5.99 -5.33
CA ARG A 187 -6.76 4.58 -4.87
C ARG A 187 -5.86 4.28 -3.67
N CYS A 188 -6.24 3.32 -2.85
CA CYS A 188 -5.45 3.04 -1.61
C CYS A 188 -5.39 1.53 -1.35
N PHE A 189 -4.37 1.09 -0.66
CA PHE A 189 -4.28 -0.36 -0.31
C PHE A 189 -3.64 -0.53 1.07
N GLU A 190 -3.76 -1.70 1.65
CA GLU A 190 -3.22 -1.92 3.02
C GLU A 190 -1.94 -2.75 2.95
N ALA A 191 -0.92 -2.34 3.67
CA ALA A 191 0.43 -2.95 3.48
C ALA A 191 0.93 -3.56 4.79
N ARG A 192 1.62 -4.67 4.71
CA ARG A 192 2.28 -5.25 5.92
C ARG A 192 3.66 -5.79 5.54
N ILE A 193 4.66 -5.51 6.34
CA ILE A 193 6.02 -6.04 6.04
C ILE A 193 6.36 -7.16 7.03
N CYS A 194 6.67 -8.33 6.51
CA CYS A 194 6.80 -9.53 7.41
C CYS A 194 7.90 -10.46 6.92
N ALA A 195 8.24 -11.46 7.70
CA ALA A 195 9.34 -12.40 7.31
C ALA A 195 8.89 -13.28 6.14
N CYS A 196 7.67 -13.74 6.15
CA CYS A 196 7.16 -14.59 5.03
C CYS A 196 5.81 -14.07 4.53
N PRO A 197 5.84 -13.16 3.58
CA PRO A 197 4.58 -12.70 2.94
C PRO A 197 3.79 -13.87 2.37
N GLY A 198 4.47 -14.92 1.97
CA GLY A 198 3.76 -16.13 1.46
C GLY A 198 2.98 -16.77 2.61
N ARG A 199 3.54 -16.76 3.79
CA ARG A 199 2.91 -17.51 4.93
C ARG A 199 1.67 -16.76 5.40
N ASP A 200 1.74 -15.46 5.44
CA ASP A 200 0.56 -14.67 5.93
C ASP A 200 -0.59 -14.74 4.92
N ARG A 201 -0.28 -14.72 3.65
CA ARG A 201 -1.35 -14.83 2.61
C ARG A 201 -2.09 -16.17 2.76
N LYS A 202 -1.36 -17.24 2.95
CA LYS A 202 -2.00 -18.57 3.15
C LYS A 202 -2.83 -18.58 4.44
N ALA A 203 -2.32 -17.97 5.49
CA ALA A 203 -3.00 -18.06 6.82
C ALA A 203 -4.40 -17.48 6.75
N ASP A 204 -4.54 -16.29 6.22
CA ASP A 204 -5.89 -15.64 6.15
C ASP A 204 -6.83 -16.49 5.30
N GLU A 205 -6.33 -17.07 4.24
CA GLU A 205 -7.19 -17.95 3.39
C GLU A 205 -7.69 -19.14 4.21
N ASP A 206 -6.84 -19.72 5.02
CA ASP A 206 -7.27 -20.86 5.88
C ASP A 206 -8.36 -20.41 6.85
N SER A 207 -8.27 -19.19 7.31
CA SER A 207 -9.30 -18.67 8.28
C SER A 207 -10.67 -18.63 7.61
N ILE A 208 -10.72 -18.37 6.32
CA ILE A 208 -12.02 -18.27 5.62
C ILE A 208 -12.60 -19.66 5.36
N ARG A 209 -11.78 -20.58 4.90
CA ARG A 209 -12.28 -21.96 4.63
C ARG A 209 -12.80 -22.60 5.93
N LYS A 210 -12.13 -22.37 7.02
CA LYS A 210 -12.59 -22.93 8.33
C LYS A 210 -13.97 -22.37 8.68
N GLN A 211 -14.17 -21.10 8.46
CA GLN A 211 -15.51 -20.49 8.72
C GLN A 211 -16.58 -21.17 7.86
N GLN A 212 -16.22 -21.57 6.67
CA GLN A 212 -17.22 -22.20 5.76
C GLN A 212 -17.12 -23.73 5.84
N VAL A 213 -18.21 -24.38 6.12
CA VAL A 213 -18.20 -25.87 6.20
C VAL A 213 -19.20 -26.46 5.19
N SER A 214 -18.76 -27.41 4.40
CA SER A 214 -19.68 -28.04 3.40
C SER A 214 -20.80 -28.80 4.12
N ASP A 215 -22.00 -28.73 3.61
CA ASP A 215 -23.14 -29.45 4.25
C ASP A 215 -23.17 -30.90 3.78
N SER A 216 -22.98 -31.83 4.68
CA SER A 216 -22.97 -33.27 4.31
C SER A 216 -24.37 -33.88 4.50
N THR A 217 -24.68 -34.89 3.73
CA THR A 217 -26.02 -35.54 3.87
C THR A 217 -25.93 -36.76 4.81
N LYS A 218 -24.75 -37.28 5.03
CA LYS A 218 -24.59 -38.46 5.96
C LYS A 218 -25.12 -38.11 7.35
N ASN A 219 -24.97 -36.88 7.76
CA ASN A 219 -25.44 -36.47 9.12
C ASN A 219 -26.93 -36.76 9.29
N GLY A 220 -27.69 -36.64 8.24
CA GLY A 220 -29.15 -36.93 8.32
C GLY A 220 -29.82 -35.90 9.24
N ASP A 221 -30.45 -36.36 10.29
CA ASP A 221 -31.16 -35.42 11.22
C ASP A 221 -30.15 -34.78 12.18
N ALA A 222 -30.03 -33.49 12.14
CA ALA A 222 -29.06 -32.79 13.04
C ALA A 222 -29.46 -32.97 14.50
N PHE A 223 -28.50 -33.03 15.39
CA PHE A 223 -28.82 -33.20 16.84
C PHE A 223 -28.31 -31.98 17.62
N ARG A 224 -28.90 -31.73 18.77
CA ARG A 224 -28.53 -30.53 19.59
C ARG A 224 -28.67 -29.23 18.77
N GLN A 225 -27.66 -28.88 18.00
CA GLN A 225 -27.73 -27.61 17.22
C GLN A 225 -27.22 -27.83 15.79
N ASN A 226 -27.55 -26.94 14.89
CA ASN A 226 -27.15 -27.13 13.46
C ASN A 226 -25.76 -26.54 13.18
N THR A 227 -25.01 -26.20 14.21
CA THR A 227 -23.65 -25.63 13.99
C THR A 227 -22.64 -26.75 13.76
N HIS A 228 -21.75 -26.57 12.81
CA HIS A 228 -20.74 -27.63 12.52
C HIS A 228 -19.33 -27.10 12.76
N GLY A 229 -18.47 -27.90 13.34
CA GLY A 229 -17.08 -27.45 13.62
C GLY A 229 -16.37 -28.49 14.48
N ILE A 230 -15.80 -28.08 15.59
CA ILE A 230 -15.11 -29.04 16.49
C ILE A 230 -16.05 -29.52 17.61
N GLN A 231 -15.85 -30.72 18.08
CA GLN A 231 -16.74 -31.25 19.16
C GLN A 231 -16.13 -30.95 20.53
N MET A 232 -16.90 -30.32 21.40
CA MET A 232 -16.39 -29.99 22.76
C MET A 232 -16.88 -31.00 23.78
N THR A 233 -16.02 -31.48 24.64
CA THR A 233 -16.43 -32.48 25.67
C THR A 233 -16.45 -31.83 27.06
ZN ZN B . 12.50 0.26 11.10
#